data_8H07
#
_entry.id   8H07
#
_cell.length_a   1.00
_cell.length_b   1.00
_cell.length_c   1.00
_cell.angle_alpha   90.00
_cell.angle_beta   90.00
_cell.angle_gamma   90.00
#
_symmetry.space_group_name_H-M   'P 1'
#
loop_
_entity.id
_entity.type
_entity.pdbx_description
1 polymer 'Spike glycoprotein'
2 polymer '10-5B H chain'
3 polymer '10-5B L chain'
4 polymer '6-2C H chain'
5 polymer '6-2C L chain'
6 non-polymer 2-acetamido-2-deoxy-beta-D-glucopyranose
#
loop_
_entity_poly.entity_id
_entity_poly.type
_entity_poly.pdbx_seq_one_letter_code
_entity_poly.pdbx_strand_id
1 'polypeptide(L)'
;MFVFLVLLPLVSSQCVNLITRTQSYTNSFTRGVYYPDKVFRSSVLHSTQDLFLPFFSNVTWFHAISGTNGTKRFDNPVLP
FNDGVYFASTEKSNIIRGWIFGTTLDSKTQSLLIVNNATNVVIKVCEFQFCNDPFLDVYYHKNNKSWMESEFRVYSSANN
CTFEYVSQPFLMDLEGKQGNFKNLREFVFKNIDGYFKIYSKHTPINLGREPEDLPQGFSALEPLVDLPIGINITRFQTLL
ALHRSYLTPGDSSSGWTAGAAAYYVGYLQPRTFLLKYNENGTITDAVDCALDPLSETKCTLKSFTVEKGIYQTSNFRVQP
TESIVRFPNITNLCPFDEVFNATRFASVYAWNRKRISNCVADYSVLYNFAPFFAFKCYGVSPTKLNDLCFTNVYADSFVI
RGNEVSQIAPGQTGNIADYNYKLPDDFTGCVIAWNSNKLDSKVGGNYNYRYRLFRKSNLKPFERDISTEIYQAGNKPCNG
VAGVNCYFPLQSYGFRPTYGVGHQPYRVVVLSFELLHAPATVCGPKKSTNLVKNKCVNFNFNGLTGTGVLTESNKKFLPF
QQFGRDIADTTDAVRDPQTLEILDITPCSFGGVSVITPGTNTSNQVAVLYQGVNCTEVPVAIHADQLTPTWRVYSTGSNV
FQTRAGCLIGAEYVNNSYECDIPIGAGICASYQTQTKSHGSASSVASQSIIAYTMSLGAENSVAYSNNSIAIPTNFTISV
TTEILPVSMTKTSVDCTMYICGDSTECSNLLLQYGSFCTQLKRALTGIAVEQDKNTQEVFAQVKQIYKTPPIKYFGGFNF
SQILPDPSKPSKRSPIEDLLFNKVTLADAGFIKQYGDCLGDIAARDLICAQKFNGLTVLPPLLTDEMIAQYTSALLAGTI
TSGWTFGAGPALQIPFPMQMAYRFNGIGVTQNVLYENQKLIANQFNSAIGKIQDSLSSTPSALGKLQDVVNHNAQALNTL
VKQLSSKFGAISSVLNDILSRLDPPEAEVQIDRLITGRLQSLQTYVTQQLIRAAEIRASANLAATKMSECVLGQSKRVDF
CGKGYHLMSFPQSAPHGVVFLHVTYVPAQEKNFTTAPAICHDGKAHFPREGVFVSNGTHWFVTQRNFYEPQIITTDNTFV
SGNCDVVIGIVNNTVYDPLQPELDSFKEELDKYFKNHTSPDVDLGDISGINASVVNIQKEIDRLNEVAKNLNESLIDLQE
LGKYEQGSGYIPEAPRDGQAYVRKDGEWVLLSTFLGRSLEVLFQGPGHHHHHHHHSAWSHPQFEKGGGSGGGGSGGSAWS
HPQFEK
;
A,B,C
2 'polypeptide(L)'
;EVQLVESGGGLIQPGGSLRLSCAVSGFTVSRMSWVRQAPGKGLECVSVIYTGGNTDYADSVKGRFTISRDNSKNTLYLQM
NSLRAEDTALYYCVRGSGGIHDAFDIWGQGTMVTVSS
;
E,G,M
3 'polypeptide(L)'
;DIQMTQSPSSVSASVGDRVTITCRASQGISTWLAWYQQKPGKAPKVLINAASGLQSGVPSRFSGSGSGTDFTLTISSLQP
EDFATYYCQQAHSFPPTFGPGTKLEIK
;
J,H,P
4 'polypeptide(L)'
;QVQLVESGGGVVQPGRSLRLSCASSGFTFSTYHMHWVRQPPGKGLEWVAFISYDGSNYYYSDSVKGRFTISRDNSKNTVY
LQMNSLRAEDTALYYCARDSSGWHWGVPFDYWGQGTLVTVSS
;
N,I,Q
5 'polypeptide(L)'
;EIVLTQSPSSLSASVQDRVTITCRASQVISNYLAWFQQKPGKAPKLLIYAASNLQSGVPSRFRGSGSGTDFTLTISSLQP
EDFATYYCQQYNIYPLTFGGGTKVDIK
;
O,K,R
#
loop_
_chem_comp.id
_chem_comp.type
_chem_comp.name
_chem_comp.formula
NAG D-saccharide, beta linking 2-acetamido-2-deoxy-beta-D-glucopyranose 'C8 H15 N O6'
#
# COMPACT_ATOMS: atom_id res chain seq x y z
N SER A 24 5.89 -47.96 -30.58
CA SER A 24 7.31 -47.72 -30.94
C SER A 24 7.76 -46.40 -30.31
N TYR A 25 9.05 -46.10 -30.34
CA TYR A 25 9.58 -44.82 -29.80
C TYR A 25 10.82 -44.41 -30.58
N THR A 26 11.02 -43.13 -30.81
CA THR A 26 12.15 -42.62 -31.63
C THR A 26 12.80 -41.47 -30.87
N ASN A 27 14.03 -41.10 -31.21
CA ASN A 27 14.75 -40.04 -30.45
C ASN A 27 14.76 -38.76 -31.28
N SER A 28 14.26 -37.66 -30.73
CA SER A 28 14.29 -36.36 -31.45
C SER A 28 15.66 -35.70 -31.25
N PHE A 29 16.44 -35.59 -32.33
CA PHE A 29 17.80 -35.01 -32.21
C PHE A 29 17.74 -33.51 -32.52
N THR A 30 17.97 -32.67 -31.51
CA THR A 30 17.93 -31.19 -31.69
C THR A 30 16.81 -30.78 -32.66
N ARG A 31 15.60 -31.33 -32.46
CA ARG A 31 14.46 -30.99 -33.35
C ARG A 31 13.41 -30.29 -32.50
N GLY A 32 12.58 -29.45 -33.10
CA GLY A 32 11.48 -28.82 -32.32
C GLY A 32 11.79 -27.41 -31.87
N VAL A 33 12.86 -26.81 -32.39
CA VAL A 33 13.16 -25.38 -32.06
C VAL A 33 12.38 -24.50 -33.02
N TYR A 34 11.86 -23.37 -32.55
CA TYR A 34 11.08 -22.44 -33.39
C TYR A 34 11.60 -21.01 -33.11
N TYR A 35 11.40 -20.06 -34.03
CA TYR A 35 11.77 -18.67 -33.71
C TYR A 35 10.87 -18.25 -32.56
N PRO A 36 11.42 -17.84 -31.41
CA PRO A 36 10.60 -17.53 -30.24
C PRO A 36 9.66 -16.33 -30.44
N ASP A 37 10.12 -15.29 -31.15
CA ASP A 37 9.30 -14.05 -31.33
C ASP A 37 9.61 -13.41 -32.68
N LYS A 38 9.06 -12.24 -32.94
CA LYS A 38 9.20 -11.59 -34.27
C LYS A 38 10.36 -10.59 -34.27
N VAL A 39 11.11 -10.49 -33.18
CA VAL A 39 12.29 -9.59 -33.13
C VAL A 39 13.38 -10.11 -34.06
N PHE A 40 13.97 -9.23 -34.88
CA PHE A 40 15.13 -9.64 -35.71
C PHE A 40 16.33 -9.40 -34.81
N ARG A 41 16.96 -10.46 -34.35
CA ARG A 41 18.16 -10.28 -33.53
C ARG A 41 19.28 -10.72 -34.44
N SER A 42 20.41 -10.04 -34.46
CA SER A 42 21.45 -10.40 -35.43
C SER A 42 22.78 -10.76 -34.76
N SER A 43 23.37 -11.91 -35.08
CA SER A 43 24.71 -12.28 -34.55
C SER A 43 24.74 -12.18 -33.02
N VAL A 44 23.73 -12.70 -32.36
CA VAL A 44 23.66 -12.64 -30.87
C VAL A 44 23.28 -14.01 -30.36
N LEU A 45 23.70 -14.38 -29.15
CA LEU A 45 23.22 -15.65 -28.54
C LEU A 45 22.21 -15.20 -27.48
N HIS A 46 20.93 -15.52 -27.64
CA HIS A 46 19.89 -15.02 -26.72
C HIS A 46 19.25 -16.18 -25.97
N SER A 47 19.10 -16.06 -24.65
CA SER A 47 18.55 -17.14 -23.81
C SER A 47 17.07 -16.91 -23.51
N THR A 48 16.21 -17.83 -23.95
CA THR A 48 14.74 -17.68 -23.73
C THR A 48 14.21 -18.84 -22.88
N GLN A 49 13.41 -18.53 -21.86
CA GLN A 49 12.71 -19.56 -21.06
C GLN A 49 11.32 -19.76 -21.64
N ASP A 50 11.07 -20.88 -22.33
CA ASP A 50 9.78 -21.10 -23.03
C ASP A 50 9.53 -22.59 -23.13
N LEU A 51 8.35 -23.00 -23.57
CA LEU A 51 8.06 -24.45 -23.75
C LEU A 51 8.71 -24.94 -25.05
N PHE A 52 9.62 -25.91 -24.96
CA PHE A 52 10.33 -26.48 -26.14
C PHE A 52 10.44 -28.00 -25.95
N LEU A 53 10.73 -28.72 -27.03
CA LEU A 53 10.92 -30.19 -26.95
C LEU A 53 12.27 -30.47 -26.28
N PRO A 54 12.33 -31.12 -25.10
CA PRO A 54 13.60 -31.46 -24.47
C PRO A 54 14.48 -32.18 -25.49
N PHE A 55 15.73 -31.72 -25.67
CA PHE A 55 16.62 -32.33 -26.68
C PHE A 55 16.83 -33.81 -26.36
N PHE A 56 16.96 -34.64 -27.40
CA PHE A 56 17.14 -36.10 -27.22
C PHE A 56 16.02 -36.67 -26.34
N SER A 57 14.76 -36.43 -26.68
CA SER A 57 13.60 -36.99 -25.93
C SER A 57 12.98 -38.18 -26.68
N ASN A 58 11.87 -38.72 -26.16
CA ASN A 58 11.22 -39.90 -26.79
C ASN A 58 10.09 -39.45 -27.72
N VAL A 59 9.99 -40.06 -28.91
CA VAL A 59 8.98 -39.64 -29.92
C VAL A 59 8.25 -40.88 -30.45
N THR A 60 6.85 -40.96 -30.13
CA THR A 60 6.12 -42.15 -30.64
C THR A 60 6.22 -42.17 -32.17
N TRP A 61 6.12 -43.34 -32.79
CA TRP A 61 6.36 -43.42 -34.25
C TRP A 61 5.19 -44.16 -34.89
N PHE A 62 4.92 -43.91 -36.18
CA PHE A 62 3.84 -44.60 -36.93
C PHE A 62 4.16 -44.61 -38.44
N ASP A 75 -2.21 -46.18 -39.47
CA ASP A 75 -1.83 -45.84 -38.07
C ASP A 75 -2.31 -44.43 -37.74
N ASN A 76 -3.36 -44.28 -36.93
CA ASN A 76 -3.78 -42.92 -36.48
C ASN A 76 -4.61 -42.99 -35.20
N PRO A 77 -4.08 -43.35 -34.00
CA PRO A 77 -4.88 -43.32 -32.77
C PRO A 77 -5.03 -41.90 -32.23
N VAL A 78 -6.13 -41.62 -31.51
CA VAL A 78 -6.31 -40.28 -30.88
C VAL A 78 -5.21 -40.12 -29.83
N LEU A 79 -4.58 -38.94 -29.75
CA LEU A 79 -3.44 -38.77 -28.82
C LEU A 79 -3.68 -37.59 -27.87
N PRO A 80 -3.02 -37.47 -26.69
CA PRO A 80 -3.17 -36.29 -25.82
C PRO A 80 -2.42 -35.01 -26.23
N PHE A 81 -2.87 -33.85 -25.75
CA PHE A 81 -2.22 -32.54 -26.05
C PHE A 81 -2.00 -31.90 -24.68
N ASN A 82 -1.05 -32.42 -23.91
CA ASN A 82 -0.85 -31.94 -22.52
C ASN A 82 -0.47 -30.45 -22.47
N ASP A 83 0.47 -30.02 -23.31
CA ASP A 83 0.85 -28.59 -23.37
C ASP A 83 0.97 -28.20 -24.84
N GLY A 84 1.95 -28.78 -25.53
CA GLY A 84 2.14 -28.51 -26.97
C GLY A 84 2.66 -29.77 -27.63
N VAL A 85 2.50 -29.89 -28.94
CA VAL A 85 2.90 -31.17 -29.60
C VAL A 85 3.79 -30.89 -30.80
N TYR A 86 4.96 -31.52 -30.89
CA TYR A 86 5.80 -31.36 -32.10
C TYR A 86 5.37 -32.42 -33.11
N PHE A 87 4.16 -32.31 -33.63
CA PHE A 87 3.74 -33.28 -34.65
C PHE A 87 4.60 -33.13 -35.90
N ALA A 88 4.96 -34.24 -36.53
CA ALA A 88 5.72 -34.19 -37.79
C ALA A 88 5.21 -35.33 -38.66
N SER A 89 5.50 -35.32 -39.96
CA SER A 89 4.96 -36.37 -40.85
C SER A 89 5.92 -36.65 -42.01
N THR A 90 6.96 -37.46 -41.83
CA THR A 90 7.82 -37.79 -43.00
C THR A 90 6.90 -38.46 -44.02
N GLU A 91 6.99 -38.05 -45.28
CA GLU A 91 5.99 -38.55 -46.26
C GLU A 91 6.54 -38.38 -47.69
N LYS A 92 6.02 -39.13 -48.66
CA LYS A 92 6.43 -38.92 -50.08
C LYS A 92 5.19 -38.63 -50.94
N SER A 93 4.01 -39.10 -50.53
CA SER A 93 2.81 -39.00 -51.39
C SER A 93 1.74 -38.04 -50.83
N ASN A 94 2.07 -37.23 -49.82
CA ASN A 94 1.12 -36.26 -49.22
C ASN A 94 -0.10 -37.02 -48.69
N ILE A 95 0.10 -38.24 -48.18
CA ILE A 95 -1.04 -39.08 -47.71
C ILE A 95 -1.72 -38.43 -46.49
N ILE A 96 -0.96 -37.90 -45.53
CA ILE A 96 -1.59 -37.18 -44.37
C ILE A 96 -2.13 -35.85 -44.88
N ARG A 97 -3.40 -35.55 -44.62
CA ARG A 97 -3.96 -34.31 -45.23
C ARG A 97 -4.54 -33.37 -44.18
N GLY A 98 -4.59 -33.74 -42.90
CA GLY A 98 -5.09 -32.76 -41.93
C GLY A 98 -4.84 -33.11 -40.48
N TRP A 99 -4.99 -32.16 -39.57
CA TRP A 99 -4.92 -32.45 -38.12
C TRP A 99 -6.27 -32.06 -37.53
N ILE A 100 -6.93 -32.93 -36.76
CA ILE A 100 -8.21 -32.56 -36.11
C ILE A 100 -7.94 -32.34 -34.63
N PHE A 101 -8.25 -31.16 -34.09
CA PHE A 101 -7.87 -30.87 -32.69
C PHE A 101 -9.08 -30.47 -31.85
N GLY A 102 -9.31 -31.16 -30.73
CA GLY A 102 -10.38 -30.72 -29.82
C GLY A 102 -10.26 -31.36 -28.45
N LEU A 112 -11.49 -27.27 -33.06
CA LEU A 112 -10.64 -26.75 -34.15
C LEU A 112 -10.45 -27.85 -35.21
N LEU A 113 -10.39 -27.47 -36.48
CA LEU A 113 -10.14 -28.46 -37.54
C LEU A 113 -9.27 -27.80 -38.60
N ILE A 114 -8.16 -28.43 -38.96
CA ILE A 114 -7.31 -27.89 -40.05
C ILE A 114 -7.30 -28.94 -41.15
N VAL A 115 -7.66 -28.59 -42.39
CA VAL A 115 -7.54 -29.60 -43.46
C VAL A 115 -6.71 -29.04 -44.62
N VAL A 121 -8.30 -25.14 -47.89
CA VAL A 121 -7.42 -25.23 -46.68
C VAL A 121 -8.07 -24.30 -45.66
N VAL A 122 -8.49 -24.82 -44.50
CA VAL A 122 -9.26 -23.97 -43.55
C VAL A 122 -8.76 -24.21 -42.13
N ILE A 123 -9.03 -23.27 -41.23
CA ILE A 123 -8.70 -23.46 -39.79
C ILE A 123 -9.96 -23.07 -39.01
N LYS A 124 -11.04 -23.83 -39.17
CA LYS A 124 -12.34 -23.48 -38.53
C LYS A 124 -12.34 -23.86 -37.05
N VAL A 125 -13.19 -23.21 -36.24
CA VAL A 125 -13.30 -23.56 -34.79
C VAL A 125 -14.76 -23.72 -34.41
N TYR A 165 -14.16 -18.41 -37.97
CA TYR A 165 -12.71 -18.20 -38.20
C TYR A 165 -12.25 -19.12 -39.33
N VAL A 166 -12.04 -18.56 -40.53
CA VAL A 166 -11.60 -19.36 -41.70
C VAL A 166 -10.42 -18.62 -42.34
N SER A 167 -9.49 -19.33 -42.97
CA SER A 167 -8.27 -18.69 -43.54
C SER A 167 -7.93 -19.34 -44.88
N GLN A 168 -7.04 -18.73 -45.65
CA GLN A 168 -6.57 -19.32 -46.94
C GLN A 168 -6.44 -20.83 -46.79
N LYS A 182 10.00 -38.14 -49.07
CA LYS A 182 11.03 -37.07 -49.13
C LYS A 182 10.60 -35.88 -48.27
N ASN A 183 9.29 -35.66 -48.13
CA ASN A 183 8.76 -34.51 -47.35
C ASN A 183 9.04 -34.69 -45.85
N LEU A 184 9.34 -33.61 -45.13
CA LEU A 184 9.50 -33.67 -43.65
C LEU A 184 8.75 -32.49 -43.06
N ARG A 185 7.42 -32.62 -42.93
CA ARG A 185 6.63 -31.45 -42.46
C ARG A 185 6.62 -31.44 -40.93
N GLU A 186 7.31 -30.48 -40.31
CA GLU A 186 7.37 -30.39 -38.82
C GLU A 186 6.45 -29.26 -38.37
N PHE A 187 5.63 -29.49 -37.35
CA PHE A 187 4.66 -28.45 -36.92
C PHE A 187 4.57 -28.36 -35.39
N VAL A 188 5.26 -27.42 -34.77
CA VAL A 188 5.08 -27.22 -33.30
C VAL A 188 3.70 -26.58 -33.13
N PHE A 189 2.92 -26.99 -32.12
CA PHE A 189 1.64 -26.30 -31.84
C PHE A 189 1.61 -25.88 -30.38
N LYS A 190 1.44 -24.60 -30.08
CA LYS A 190 1.29 -24.20 -28.65
C LYS A 190 -0.01 -23.43 -28.49
N ASN A 191 -0.84 -23.76 -27.49
CA ASN A 191 -2.06 -22.95 -27.26
C ASN A 191 -1.89 -22.15 -25.97
N PHE A 196 -3.64 -20.37 -30.86
CA PHE A 196 -3.06 -21.70 -31.18
C PHE A 196 -1.97 -21.49 -32.24
N LYS A 197 -0.79 -21.05 -31.82
CA LYS A 197 0.29 -20.75 -32.79
C LYS A 197 0.66 -22.02 -33.53
N ILE A 198 0.96 -21.92 -34.82
CA ILE A 198 1.30 -23.13 -35.62
C ILE A 198 2.63 -22.88 -36.32
N TYR A 199 3.72 -22.86 -35.55
CA TYR A 199 5.06 -22.69 -36.16
C TYR A 199 5.28 -23.90 -37.06
N SER A 200 5.91 -23.73 -38.21
CA SER A 200 6.04 -24.89 -39.10
C SER A 200 7.25 -24.77 -40.00
N LYS A 201 7.78 -25.89 -40.49
CA LYS A 201 8.87 -25.85 -41.49
C LYS A 201 8.75 -27.12 -42.34
N HIS A 202 9.12 -27.06 -43.62
CA HIS A 202 9.11 -28.27 -44.49
C HIS A 202 10.48 -28.43 -45.14
N THR A 203 11.13 -29.57 -44.98
CA THR A 203 12.50 -29.77 -45.51
C THR A 203 12.58 -31.05 -46.34
N PRO A 204 13.17 -31.08 -47.56
CA PRO A 204 13.33 -32.32 -48.33
C PRO A 204 14.49 -33.20 -47.87
N ILE A 205 14.21 -34.43 -47.45
CA ILE A 205 15.26 -35.38 -46.97
C ILE A 205 15.09 -36.73 -47.65
N LEU A 214 13.80 -39.85 -37.21
CA LEU A 214 13.77 -38.40 -37.56
C LEU A 214 15.19 -38.01 -37.99
N PRO A 215 15.45 -37.18 -39.04
CA PRO A 215 16.84 -36.91 -39.44
C PRO A 215 17.61 -36.11 -38.38
N GLN A 216 18.93 -36.30 -38.28
CA GLN A 216 19.73 -35.52 -37.31
C GLN A 216 20.15 -34.20 -37.96
N GLY A 217 19.39 -33.13 -37.70
CA GLY A 217 19.68 -31.80 -38.27
C GLY A 217 19.03 -30.74 -37.42
N PHE A 218 19.43 -29.49 -37.56
CA PHE A 218 18.75 -28.40 -36.81
C PHE A 218 17.92 -27.57 -37.78
N SER A 219 16.59 -27.56 -37.60
CA SER A 219 15.74 -26.70 -38.45
C SER A 219 14.75 -25.91 -37.58
N ALA A 220 15.06 -24.65 -37.33
CA ALA A 220 14.18 -23.81 -36.48
C ALA A 220 12.86 -23.63 -37.22
N LEU A 221 11.74 -23.56 -36.50
CA LEU A 221 10.42 -23.50 -37.19
C LEU A 221 9.96 -22.05 -37.29
N GLU A 222 9.83 -21.53 -38.51
CA GLU A 222 9.35 -20.15 -38.73
C GLU A 222 7.88 -20.09 -38.28
N PRO A 223 7.43 -18.99 -37.64
CA PRO A 223 6.07 -18.91 -37.14
C PRO A 223 5.19 -18.54 -38.33
N LEU A 224 5.06 -19.45 -39.29
CA LEU A 224 4.33 -19.16 -40.54
C LEU A 224 2.86 -18.85 -40.29
N VAL A 225 2.19 -19.58 -39.40
CA VAL A 225 0.73 -19.33 -39.21
C VAL A 225 0.42 -19.04 -37.74
N ASP A 226 -0.34 -17.98 -37.45
CA ASP A 226 -0.76 -17.69 -36.05
C ASP A 226 -2.26 -17.39 -36.06
N LEU A 227 -3.01 -17.89 -35.07
CA LEU A 227 -4.50 -17.74 -35.12
C LEU A 227 -5.05 -17.29 -33.76
N PRO A 228 -6.07 -16.41 -33.71
CA PRO A 228 -6.73 -16.03 -32.45
C PRO A 228 -7.93 -16.95 -32.14
N ILE A 229 -7.68 -18.23 -31.82
CA ILE A 229 -8.77 -19.23 -31.61
C ILE A 229 -9.65 -18.94 -30.38
N GLY A 230 -9.05 -18.61 -29.23
CA GLY A 230 -9.81 -18.31 -28.00
C GLY A 230 -10.43 -19.51 -27.30
N ILE A 231 -9.92 -20.74 -27.53
CA ILE A 231 -10.53 -21.96 -26.93
C ILE A 231 -9.47 -22.82 -26.23
N ASN A 232 -9.87 -23.79 -25.40
CA ASN A 232 -8.92 -24.71 -24.72
C ASN A 232 -8.91 -26.07 -25.44
N ILE A 233 -7.73 -26.57 -25.81
CA ILE A 233 -7.61 -27.91 -26.47
C ILE A 233 -6.82 -28.86 -25.56
N THR A 234 -7.31 -30.08 -25.34
CA THR A 234 -6.57 -31.07 -24.51
C THR A 234 -6.29 -32.36 -25.30
N ARG A 235 -6.93 -32.56 -26.46
CA ARG A 235 -6.75 -33.84 -27.22
C ARG A 235 -6.74 -33.57 -28.72
N PHE A 236 -6.26 -34.53 -29.52
CA PHE A 236 -6.14 -34.29 -30.97
C PHE A 236 -6.05 -35.60 -31.75
N GLN A 237 -6.16 -35.55 -33.08
CA GLN A 237 -5.94 -36.76 -33.92
C GLN A 237 -5.47 -36.30 -35.29
N THR A 238 -4.78 -37.15 -36.05
CA THR A 238 -4.38 -36.76 -37.42
C THR A 238 -5.40 -37.31 -38.42
N LEU A 239 -5.96 -36.46 -39.28
CA LEU A 239 -6.86 -36.96 -40.35
C LEU A 239 -5.97 -37.50 -41.47
N LEU A 240 -6.17 -38.76 -41.89
CA LEU A 240 -5.33 -39.39 -42.93
C LEU A 240 -6.24 -39.76 -44.10
N ALA A 262 4.83 -41.69 -42.63
CA ALA A 262 5.17 -41.97 -41.22
C ALA A 262 4.82 -40.72 -40.39
N TYR A 263 4.30 -40.87 -39.16
CA TYR A 263 4.05 -39.66 -38.32
C TYR A 263 4.64 -39.84 -36.91
N TYR A 264 5.30 -38.80 -36.37
CA TYR A 264 5.96 -38.87 -35.04
C TYR A 264 5.46 -37.74 -34.16
N VAL A 265 5.03 -38.03 -32.92
CA VAL A 265 4.47 -36.99 -32.01
C VAL A 265 5.35 -36.84 -30.77
N GLY A 266 5.69 -35.62 -30.38
CA GLY A 266 6.53 -35.35 -29.19
C GLY A 266 5.84 -34.30 -28.34
N TYR A 267 6.20 -34.16 -27.06
CA TYR A 267 5.44 -33.21 -26.18
C TYR A 267 6.34 -32.08 -25.67
N LEU A 268 5.90 -30.82 -25.83
CA LEU A 268 6.71 -29.65 -25.42
C LEU A 268 6.73 -29.49 -23.90
N GLN A 269 7.88 -29.10 -23.33
CA GLN A 269 8.02 -28.99 -21.86
C GLN A 269 8.77 -27.71 -21.53
N PRO A 270 8.50 -26.99 -20.42
CA PRO A 270 9.20 -25.74 -20.15
C PRO A 270 10.70 -25.97 -19.97
N ARG A 271 11.54 -25.23 -20.71
CA ARG A 271 13.02 -25.41 -20.66
C ARG A 271 13.69 -24.07 -20.94
N THR A 272 14.97 -23.90 -20.57
CA THR A 272 15.70 -22.66 -20.92
C THR A 272 16.64 -23.02 -22.05
N PHE A 273 16.63 -22.26 -23.15
CA PHE A 273 17.47 -22.58 -24.32
C PHE A 273 18.29 -21.36 -24.71
N LEU A 274 19.58 -21.52 -25.03
CA LEU A 274 20.37 -20.38 -25.54
C LEU A 274 20.39 -20.53 -27.06
N LEU A 275 19.92 -19.52 -27.81
CA LEU A 275 19.74 -19.67 -29.28
C LEU A 275 20.73 -18.77 -30.01
N LYS A 276 21.37 -19.28 -31.05
CA LYS A 276 22.41 -18.52 -31.77
C LYS A 276 21.81 -17.98 -33.07
N TYR A 277 21.75 -16.65 -33.20
CA TYR A 277 21.25 -16.05 -34.44
C TYR A 277 22.44 -15.76 -35.34
N ASN A 278 22.28 -15.90 -36.66
CA ASN A 278 23.37 -15.52 -37.61
C ASN A 278 23.18 -14.06 -38.02
N GLU A 279 23.95 -13.59 -39.01
CA GLU A 279 23.84 -12.20 -39.52
C GLU A 279 22.46 -11.97 -40.15
N ASN A 280 21.86 -13.00 -40.73
CA ASN A 280 20.55 -12.86 -41.42
C ASN A 280 19.39 -12.98 -40.43
N GLY A 281 19.66 -13.14 -39.13
CA GLY A 281 18.60 -13.23 -38.11
C GLY A 281 17.97 -14.60 -38.00
N THR A 282 18.68 -15.65 -38.44
CA THR A 282 18.12 -17.04 -38.39
C THR A 282 18.75 -17.80 -37.23
N ILE A 283 17.96 -18.66 -36.55
CA ILE A 283 18.46 -19.41 -35.37
C ILE A 283 19.22 -20.63 -35.90
N THR A 284 20.52 -20.50 -36.13
CA THR A 284 21.35 -21.60 -36.66
C THR A 284 21.51 -22.78 -35.66
N ASP A 285 21.72 -22.52 -34.37
CA ASP A 285 21.97 -23.62 -33.39
C ASP A 285 21.40 -23.25 -32.02
N ALA A 286 21.17 -24.23 -31.12
CA ALA A 286 20.64 -23.95 -29.76
C ALA A 286 21.24 -24.90 -28.72
N VAL A 287 21.26 -24.52 -27.44
CA VAL A 287 21.72 -25.42 -26.34
C VAL A 287 20.64 -25.54 -25.24
N ASP A 288 20.29 -26.76 -24.83
CA ASP A 288 19.30 -26.97 -23.74
C ASP A 288 20.11 -26.91 -22.44
N CYS A 289 19.66 -26.19 -21.43
CA CYS A 289 20.52 -26.01 -20.23
C CYS A 289 20.26 -27.07 -19.16
N ALA A 290 19.45 -28.09 -19.44
CA ALA A 290 19.23 -29.17 -18.45
C ALA A 290 19.69 -30.53 -18.99
N LEU A 291 20.04 -30.60 -20.26
CA LEU A 291 20.36 -31.93 -20.85
C LEU A 291 21.59 -32.55 -20.20
N ASP A 292 22.65 -31.77 -19.96
CA ASP A 292 23.94 -32.34 -19.51
C ASP A 292 24.66 -31.34 -18.62
N PRO A 293 25.70 -31.74 -17.86
CA PRO A 293 26.48 -30.78 -17.09
C PRO A 293 27.17 -29.74 -18.00
N LEU A 294 27.72 -30.15 -19.15
CA LEU A 294 28.37 -29.18 -20.09
C LEU A 294 27.34 -28.20 -20.64
N SER A 295 26.15 -28.69 -20.95
CA SER A 295 25.11 -27.81 -21.54
C SER A 295 24.73 -26.72 -20.53
N GLU A 296 24.63 -27.06 -19.25
CA GLU A 296 24.38 -26.03 -18.19
C GLU A 296 25.56 -25.05 -18.11
N THR A 297 26.79 -25.55 -18.20
CA THR A 297 27.97 -24.66 -18.16
C THR A 297 27.93 -23.70 -19.34
N LYS A 298 27.60 -24.19 -20.54
CA LYS A 298 27.59 -23.33 -21.75
C LYS A 298 26.55 -22.23 -21.57
N CYS A 299 25.38 -22.54 -21.02
CA CYS A 299 24.33 -21.53 -20.77
C CYS A 299 24.77 -20.52 -19.71
N THR A 300 25.49 -20.96 -18.67
CA THR A 300 25.97 -20.06 -17.59
C THR A 300 26.96 -19.05 -18.15
N LEU A 301 27.85 -19.49 -19.03
CA LEU A 301 28.83 -18.58 -19.66
C LEU A 301 28.21 -17.90 -20.89
N LYS A 302 26.98 -18.28 -21.26
CA LYS A 302 26.26 -17.72 -22.44
C LYS A 302 27.15 -17.83 -23.67
N SER A 303 27.74 -19.00 -23.91
CA SER A 303 28.55 -19.23 -25.11
C SER A 303 28.42 -20.70 -25.50
N PHE A 304 28.64 -21.01 -26.78
CA PHE A 304 28.58 -22.42 -27.23
C PHE A 304 29.98 -23.02 -27.10
N THR A 305 30.97 -22.23 -26.66
CA THR A 305 32.35 -22.72 -26.48
C THR A 305 32.80 -22.47 -25.04
N VAL A 306 33.36 -23.48 -24.37
CA VAL A 306 33.78 -23.33 -22.94
C VAL A 306 35.29 -23.61 -22.84
N GLU A 307 36.05 -22.72 -22.21
CA GLU A 307 37.51 -22.95 -22.01
C GLU A 307 37.73 -23.87 -20.81
N LYS A 308 38.90 -24.50 -20.69
CA LYS A 308 39.16 -25.49 -19.62
C LYS A 308 39.09 -24.82 -18.25
N GLY A 309 38.41 -25.46 -17.29
CA GLY A 309 38.36 -24.92 -15.93
C GLY A 309 37.21 -25.46 -15.11
N ILE A 310 37.13 -25.05 -13.84
CA ILE A 310 36.04 -25.49 -12.93
C ILE A 310 35.06 -24.32 -12.87
N TYR A 311 33.78 -24.56 -13.11
CA TYR A 311 32.78 -23.46 -13.18
C TYR A 311 31.67 -23.80 -12.20
N GLN A 312 31.13 -22.85 -11.44
CA GLN A 312 29.99 -23.19 -10.57
C GLN A 312 28.68 -23.07 -11.34
N THR A 313 28.28 -24.14 -11.99
CA THR A 313 27.06 -24.15 -12.82
C THR A 313 25.77 -23.96 -12.01
N SER A 314 25.62 -24.60 -10.85
CA SER A 314 24.33 -24.54 -10.12
C SER A 314 24.47 -25.10 -8.70
N ASN A 315 23.34 -25.35 -8.03
CA ASN A 315 23.37 -25.84 -6.63
C ASN A 315 22.61 -27.16 -6.51
N PHE A 316 23.00 -28.03 -5.56
CA PHE A 316 22.38 -29.37 -5.39
C PHE A 316 21.59 -29.39 -4.09
N ARG A 317 20.33 -29.83 -4.13
CA ARG A 317 19.48 -29.85 -2.90
C ARG A 317 18.79 -31.21 -2.73
N VAL A 318 19.01 -31.90 -1.62
CA VAL A 318 18.28 -33.17 -1.35
C VAL A 318 16.83 -32.77 -1.07
N GLN A 319 15.87 -33.54 -1.56
CA GLN A 319 14.45 -33.13 -1.42
C GLN A 319 13.75 -33.99 -0.38
N PRO A 320 12.87 -33.44 0.46
CA PRO A 320 12.25 -34.19 1.54
C PRO A 320 11.51 -35.45 1.07
N THR A 321 11.80 -36.59 1.69
CA THR A 321 11.14 -37.88 1.32
C THR A 321 9.66 -37.94 1.73
N GLU A 322 9.29 -37.50 2.94
CA GLU A 322 7.90 -37.68 3.46
C GLU A 322 7.49 -36.51 4.35
N SER A 323 6.33 -36.61 5.02
CA SER A 323 5.85 -35.55 5.94
C SER A 323 5.37 -36.16 7.27
N ILE A 324 5.95 -35.73 8.40
CA ILE A 324 5.61 -36.31 9.73
C ILE A 324 4.95 -35.21 10.58
N VAL A 325 3.76 -35.49 11.12
CA VAL A 325 3.08 -34.52 12.04
C VAL A 325 3.00 -35.24 13.39
N ARG A 326 3.35 -34.56 14.49
CA ARG A 326 3.39 -35.21 15.82
C ARG A 326 2.74 -34.28 16.86
N PHE A 327 1.91 -34.82 17.73
CA PHE A 327 1.26 -34.01 18.80
C PHE A 327 1.37 -34.80 20.11
N PRO A 328 1.11 -34.23 21.30
CA PRO A 328 1.34 -34.95 22.57
C PRO A 328 0.51 -36.23 22.79
N ASN A 329 1.11 -37.25 23.39
CA ASN A 329 0.42 -38.55 23.61
C ASN A 329 -0.68 -38.41 24.66
N ILE A 330 -0.45 -37.58 25.68
CA ILE A 330 -1.44 -37.53 26.79
C ILE A 330 -2.80 -37.14 26.21
N THR A 331 -3.82 -37.94 26.51
CA THR A 331 -5.18 -37.73 25.97
C THR A 331 -5.80 -36.46 26.54
N ASN A 332 -5.64 -36.20 27.85
CA ASN A 332 -6.30 -35.04 28.49
C ASN A 332 -7.79 -35.14 28.16
N LEU A 333 -8.38 -36.33 28.24
CA LEU A 333 -9.77 -36.54 27.79
C LEU A 333 -10.80 -35.70 28.53
N CYS A 334 -11.60 -34.91 27.80
CA CYS A 334 -12.73 -34.16 28.40
C CYS A 334 -13.78 -35.12 28.93
N PRO A 335 -14.56 -34.73 29.95
CA PRO A 335 -15.57 -35.60 30.52
C PRO A 335 -16.88 -35.55 29.74
N PHE A 336 -16.83 -35.64 28.42
CA PHE A 336 -18.09 -35.73 27.63
C PHE A 336 -18.70 -37.09 27.96
N ASP A 337 -17.85 -38.04 28.34
CA ASP A 337 -18.31 -39.41 28.65
C ASP A 337 -19.31 -39.34 29.80
N GLU A 338 -19.06 -38.47 30.79
CA GLU A 338 -19.96 -38.45 31.97
C GLU A 338 -21.19 -37.59 31.66
N VAL A 339 -21.21 -36.81 30.57
CA VAL A 339 -22.46 -36.07 30.24
C VAL A 339 -23.26 -36.79 29.15
N PHE A 340 -22.61 -37.25 28.07
CA PHE A 340 -23.34 -37.87 26.95
C PHE A 340 -24.04 -39.15 27.42
N ASN A 341 -23.34 -39.96 28.21
CA ASN A 341 -24.01 -41.16 28.76
C ASN A 341 -23.87 -41.18 30.28
N ALA A 342 -24.99 -41.28 30.99
CA ALA A 342 -24.97 -41.31 32.45
C ALA A 342 -26.25 -42.00 32.87
N THR A 343 -26.33 -42.48 34.09
CA THR A 343 -27.54 -43.23 34.46
C THR A 343 -28.76 -42.30 34.35
N ARG A 344 -28.60 -41.03 34.75
CA ARG A 344 -29.75 -40.07 34.76
C ARG A 344 -29.36 -38.80 33.96
N PHE A 345 -30.36 -38.09 33.44
CA PHE A 345 -30.12 -36.84 32.66
C PHE A 345 -30.88 -35.70 33.35
N ALA A 346 -30.54 -34.44 33.02
CA ALA A 346 -31.26 -33.28 33.59
C ALA A 346 -32.65 -33.05 32.99
N SER A 347 -33.64 -32.62 33.79
CA SER A 347 -34.98 -32.28 33.27
C SER A 347 -34.91 -30.95 32.53
N VAL A 348 -35.90 -30.62 31.68
CA VAL A 348 -35.77 -29.36 30.87
C VAL A 348 -35.79 -28.09 31.72
N TYR A 349 -36.65 -27.96 32.74
CA TYR A 349 -36.73 -26.66 33.48
C TYR A 349 -35.38 -26.34 34.11
N ALA A 350 -34.78 -27.30 34.79
CA ALA A 350 -33.42 -27.08 35.33
C ALA A 350 -32.43 -27.62 34.32
N TRP A 351 -32.41 -27.10 33.10
CA TRP A 351 -31.48 -27.75 32.14
C TRP A 351 -30.07 -27.64 32.72
N ASN A 352 -29.33 -28.75 32.76
CA ASN A 352 -28.01 -28.70 33.44
C ASN A 352 -26.97 -28.10 32.51
N ARG A 353 -25.96 -27.44 33.08
CA ARG A 353 -24.84 -26.94 32.25
C ARG A 353 -23.54 -27.47 32.82
N LYS A 354 -22.67 -28.02 31.97
CA LYS A 354 -21.35 -28.48 32.46
C LYS A 354 -20.28 -27.70 31.71
N ARG A 355 -19.33 -27.12 32.43
CA ARG A 355 -18.20 -26.39 31.76
C ARG A 355 -17.10 -27.39 31.48
N ILE A 356 -16.61 -27.41 30.25
CA ILE A 356 -15.57 -28.40 29.87
C ILE A 356 -14.36 -27.59 29.40
N SER A 357 -13.18 -27.83 29.95
CA SER A 357 -12.04 -26.97 29.57
C SER A 357 -10.70 -27.64 29.88
N ASN A 358 -9.61 -27.11 29.34
CA ASN A 358 -8.25 -27.64 29.62
C ASN A 358 -8.22 -29.11 29.21
N CYS A 359 -9.04 -29.48 28.23
CA CYS A 359 -9.13 -30.91 27.89
C CYS A 359 -9.21 -31.15 26.38
N VAL A 360 -8.41 -32.09 25.86
CA VAL A 360 -8.51 -32.47 24.42
C VAL A 360 -9.82 -33.26 24.30
N ALA A 361 -10.57 -33.10 23.21
CA ALA A 361 -11.78 -33.94 23.03
C ALA A 361 -11.84 -34.50 21.61
N ASP A 362 -12.33 -35.72 21.43
CA ASP A 362 -12.52 -36.25 20.06
C ASP A 362 -13.99 -36.14 19.71
N TYR A 363 -14.34 -35.11 18.94
CA TYR A 363 -15.75 -34.94 18.50
C TYR A 363 -16.14 -36.09 17.57
N SER A 364 -15.20 -36.58 16.75
CA SER A 364 -15.49 -37.66 15.76
C SER A 364 -15.88 -38.95 16.49
N VAL A 365 -15.50 -39.11 17.76
CA VAL A 365 -15.99 -40.31 18.47
C VAL A 365 -17.52 -40.26 18.48
N LEU A 366 -18.11 -39.08 18.66
CA LEU A 366 -19.59 -38.96 18.56
C LEU A 366 -20.02 -39.22 17.11
N TYR A 367 -19.30 -38.68 16.13
CA TYR A 367 -19.69 -38.76 14.69
C TYR A 367 -19.69 -40.17 14.09
N ASN A 368 -18.73 -41.03 14.46
CA ASN A 368 -18.59 -42.33 13.76
C ASN A 368 -19.88 -43.16 13.82
N PHE A 369 -20.58 -43.20 14.97
CA PHE A 369 -21.76 -44.09 15.03
C PHE A 369 -22.79 -43.60 14.00
N ALA A 370 -22.99 -42.29 13.90
CA ALA A 370 -23.92 -41.70 12.91
C ALA A 370 -25.35 -42.25 12.95
N PRO A 371 -25.99 -42.56 14.10
CA PRO A 371 -27.40 -42.95 14.11
C PRO A 371 -28.23 -41.81 14.73
N PHE A 372 -27.60 -40.64 14.97
CA PHE A 372 -28.29 -39.54 15.68
C PHE A 372 -29.49 -39.01 14.91
N PHE A 373 -30.60 -38.77 15.61
CA PHE A 373 -31.81 -38.22 14.98
C PHE A 373 -31.45 -36.84 14.44
N ALA A 374 -30.44 -36.21 15.06
CA ALA A 374 -30.08 -34.85 14.64
C ALA A 374 -28.61 -34.75 14.23
N PHE A 375 -27.71 -34.38 15.15
CA PHE A 375 -26.27 -34.17 14.84
C PHE A 375 -26.11 -32.90 14.01
N LYS A 376 -27.17 -32.10 13.90
CA LYS A 376 -27.08 -30.92 13.03
C LYS A 376 -26.05 -30.00 13.68
N CYS A 377 -25.06 -29.52 12.92
CA CYS A 377 -24.15 -28.58 13.59
C CYS A 377 -24.36 -27.18 13.03
N TYR A 378 -25.08 -26.32 13.76
CA TYR A 378 -25.39 -24.96 13.28
C TYR A 378 -24.14 -24.12 13.18
N GLY A 379 -23.28 -24.18 14.19
CA GLY A 379 -22.08 -23.31 14.19
C GLY A 379 -21.03 -23.64 13.15
N VAL A 380 -20.70 -24.92 12.97
CA VAL A 380 -19.55 -25.27 12.07
C VAL A 380 -19.69 -26.74 11.62
N SER A 381 -18.94 -27.16 10.59
CA SER A 381 -19.05 -28.54 10.05
C SER A 381 -18.61 -29.59 11.07
N PRO A 382 -19.25 -30.77 11.13
CA PRO A 382 -18.85 -31.82 12.07
C PRO A 382 -17.42 -32.35 11.89
N THR A 383 -17.00 -32.57 10.64
CA THR A 383 -15.62 -33.03 10.38
C THR A 383 -14.64 -31.94 10.81
N LYS A 384 -15.00 -30.68 10.58
CA LYS A 384 -14.09 -29.54 10.89
C LYS A 384 -13.80 -29.41 12.38
N LEU A 385 -14.63 -29.99 13.26
CA LEU A 385 -14.49 -29.73 14.71
C LEU A 385 -13.14 -30.11 15.29
N ASN A 386 -12.55 -31.22 14.87
CA ASN A 386 -11.33 -31.70 15.58
C ASN A 386 -10.16 -30.71 15.59
N ASP A 387 -9.82 -30.06 14.47
CA ASP A 387 -8.60 -29.21 14.45
C ASP A 387 -8.80 -27.85 15.10
N LEU A 388 -10.05 -27.42 15.33
CA LEU A 388 -10.31 -26.04 15.84
C LEU A 388 -9.95 -25.89 17.32
N CYS A 389 -9.60 -24.69 17.76
CA CYS A 389 -9.31 -24.40 19.19
C CYS A 389 -10.38 -23.43 19.72
N PHE A 390 -11.08 -23.77 20.80
CA PHE A 390 -12.06 -22.82 21.42
C PHE A 390 -11.74 -22.75 22.91
N THR A 391 -11.88 -21.58 23.54
CA THR A 391 -11.52 -21.43 24.97
C THR A 391 -12.41 -22.26 25.89
N ASN A 392 -13.72 -22.27 25.68
CA ASN A 392 -14.52 -23.10 26.60
C ASN A 392 -15.67 -23.73 25.84
N VAL A 393 -16.02 -24.99 26.12
CA VAL A 393 -17.21 -25.63 25.48
C VAL A 393 -18.24 -25.90 26.59
N TYR A 394 -19.46 -25.42 26.42
CA TYR A 394 -20.50 -25.55 27.48
C TYR A 394 -21.51 -26.62 27.06
N ALA A 395 -21.50 -27.80 27.70
CA ALA A 395 -22.37 -28.91 27.23
C ALA A 395 -23.64 -28.92 28.08
N ASP A 396 -24.76 -28.46 27.53
CA ASP A 396 -26.02 -28.39 28.29
C ASP A 396 -26.89 -29.58 27.90
N SER A 397 -27.30 -30.41 28.85
CA SER A 397 -28.02 -31.63 28.46
C SER A 397 -29.41 -31.67 29.07
N PHE A 398 -30.43 -31.98 28.26
CA PHE A 398 -31.83 -32.09 28.77
C PHE A 398 -32.58 -33.23 28.07
N VAL A 399 -33.71 -33.66 28.61
CA VAL A 399 -34.54 -34.68 27.92
C VAL A 399 -35.84 -34.04 27.41
N ILE A 400 -36.09 -34.05 26.10
CA ILE A 400 -37.28 -33.38 25.49
C ILE A 400 -37.99 -34.37 24.57
N ARG A 401 -39.26 -34.30 24.39
CA ARG A 401 -39.99 -35.25 23.51
C ARG A 401 -39.52 -35.06 22.07
N GLY A 402 -39.81 -35.97 21.19
CA GLY A 402 -39.27 -35.99 19.82
C GLY A 402 -39.70 -34.83 18.96
N ASN A 403 -40.94 -34.37 19.13
CA ASN A 403 -41.46 -33.27 18.30
C ASN A 403 -40.63 -32.02 18.55
N GLU A 404 -40.19 -31.78 19.78
CA GLU A 404 -39.50 -30.51 20.14
C GLU A 404 -37.99 -30.60 19.94
N VAL A 405 -37.46 -31.71 19.44
CA VAL A 405 -35.98 -31.71 19.19
C VAL A 405 -35.64 -30.64 18.15
N SER A 406 -36.51 -30.41 17.17
CA SER A 406 -36.26 -29.39 16.13
C SER A 406 -36.17 -28.00 16.76
N GLN A 407 -36.97 -27.73 17.81
CA GLN A 407 -37.03 -26.38 18.41
C GLN A 407 -35.65 -25.96 18.92
N ILE A 408 -34.83 -26.90 19.37
CA ILE A 408 -33.52 -26.50 19.96
C ILE A 408 -32.61 -26.20 18.77
N ALA A 409 -32.84 -25.07 18.12
CA ALA A 409 -32.03 -24.64 16.94
C ALA A 409 -31.88 -23.12 17.00
N PRO A 410 -30.86 -22.49 16.40
CA PRO A 410 -30.69 -21.05 16.56
C PRO A 410 -31.91 -20.35 15.96
N GLY A 411 -32.42 -19.33 16.65
CA GLY A 411 -33.57 -18.57 16.12
C GLY A 411 -34.77 -19.44 15.83
N GLN A 412 -35.13 -20.34 16.74
CA GLN A 412 -36.35 -21.17 16.55
C GLN A 412 -37.35 -20.85 17.67
N THR A 413 -38.64 -20.75 17.34
CA THR A 413 -39.64 -20.33 18.35
C THR A 413 -40.66 -21.43 18.63
N GLY A 414 -40.87 -21.78 19.90
CA GLY A 414 -41.82 -22.83 20.29
C GLY A 414 -41.95 -22.87 21.81
N ASN A 415 -42.80 -23.71 22.40
CA ASN A 415 -42.96 -23.66 23.87
C ASN A 415 -41.66 -23.99 24.61
N ILE A 416 -40.92 -25.02 24.19
CA ILE A 416 -39.71 -25.43 24.94
C ILE A 416 -38.48 -24.66 24.45
N ALA A 417 -38.62 -23.93 23.36
CA ALA A 417 -37.48 -23.09 22.92
C ALA A 417 -37.75 -21.63 23.29
N ASP A 418 -38.88 -21.35 23.95
CA ASP A 418 -39.13 -19.95 24.40
C ASP A 418 -39.07 -19.87 25.92
N TYR A 419 -40.01 -20.51 26.59
CA TYR A 419 -40.04 -20.34 28.07
C TYR A 419 -38.78 -20.93 28.74
N ASN A 420 -38.30 -22.10 28.31
CA ASN A 420 -37.14 -22.76 28.95
C ASN A 420 -35.86 -22.44 28.18
N TYR A 421 -35.09 -23.45 27.79
CA TYR A 421 -33.82 -23.21 27.07
C TYR A 421 -34.11 -22.53 25.75
N LYS A 422 -33.40 -21.45 25.43
CA LYS A 422 -33.57 -20.76 24.12
C LYS A 422 -32.19 -20.42 23.55
N LEU A 423 -32.00 -20.57 22.25
CA LEU A 423 -30.67 -20.33 21.66
C LEU A 423 -30.77 -19.12 20.73
N PRO A 424 -29.78 -18.20 20.74
CA PRO A 424 -29.87 -16.97 19.94
C PRO A 424 -29.65 -17.15 18.44
N ASP A 425 -29.93 -16.10 17.65
CA ASP A 425 -29.66 -16.17 16.19
C ASP A 425 -28.16 -16.40 15.96
N ASP A 426 -27.32 -15.82 16.81
CA ASP A 426 -25.84 -15.90 16.62
C ASP A 426 -25.28 -17.15 17.32
N PHE A 427 -26.12 -18.00 17.90
CA PHE A 427 -25.60 -19.16 18.67
C PHE A 427 -24.69 -20.01 17.81
N THR A 428 -23.58 -20.45 18.38
CA THR A 428 -22.66 -21.36 17.63
C THR A 428 -22.52 -22.66 18.41
N GLY A 429 -22.78 -23.80 17.78
CA GLY A 429 -22.54 -25.10 18.44
C GLY A 429 -23.06 -26.25 17.61
N CYS A 430 -22.89 -27.48 18.08
CA CYS A 430 -23.46 -28.65 17.39
C CYS A 430 -24.53 -29.21 18.30
N VAL A 431 -25.71 -29.56 17.78
CA VAL A 431 -26.77 -30.18 18.62
C VAL A 431 -26.88 -31.67 18.28
N ILE A 432 -26.72 -32.56 19.25
CA ILE A 432 -26.78 -34.03 19.03
C ILE A 432 -28.01 -34.55 19.76
N ALA A 433 -28.74 -35.53 19.20
CA ALA A 433 -29.93 -36.13 19.85
C ALA A 433 -30.07 -37.63 19.53
N TRP A 434 -30.61 -38.45 20.43
CA TRP A 434 -30.81 -39.87 20.09
C TRP A 434 -31.99 -40.45 20.83
N ASN A 435 -32.68 -41.44 20.29
CA ASN A 435 -33.91 -41.96 20.95
C ASN A 435 -33.51 -42.66 22.24
N SER A 436 -34.45 -42.81 23.16
CA SER A 436 -34.13 -43.46 24.43
C SER A 436 -35.40 -44.04 24.99
N ASN A 437 -36.04 -44.96 24.30
CA ASN A 437 -37.33 -45.39 24.88
C ASN A 437 -37.06 -46.38 25.98
N LYS A 438 -36.01 -47.17 25.87
CA LYS A 438 -35.76 -48.22 26.88
C LYS A 438 -35.13 -47.62 28.11
N LEU A 439 -34.03 -46.90 27.92
CA LEU A 439 -33.21 -46.37 29.05
C LEU A 439 -34.01 -45.40 29.92
N ASP A 440 -34.78 -44.49 29.33
CA ASP A 440 -35.44 -43.44 30.14
C ASP A 440 -36.88 -43.79 30.50
N SER A 441 -37.67 -44.21 29.52
CA SER A 441 -39.11 -44.42 29.82
C SER A 441 -39.31 -45.68 30.68
N LYS A 442 -40.43 -45.74 31.41
CA LYS A 442 -40.74 -46.95 32.21
C LYS A 442 -42.19 -47.35 31.95
N VAL A 443 -42.52 -48.62 32.15
CA VAL A 443 -43.90 -49.11 31.84
C VAL A 443 -44.91 -48.38 32.73
N GLY A 444 -44.56 -48.16 34.00
CA GLY A 444 -45.49 -47.50 34.94
C GLY A 444 -45.81 -46.11 34.47
N GLY A 445 -44.83 -45.44 33.85
CA GLY A 445 -45.02 -44.07 33.36
C GLY A 445 -44.02 -43.13 33.98
N ASN A 446 -42.97 -42.77 33.24
CA ASN A 446 -41.93 -41.92 33.86
C ASN A 446 -42.54 -40.55 34.06
N TYR A 447 -42.53 -40.08 35.31
CA TYR A 447 -43.10 -38.76 35.62
C TYR A 447 -42.03 -37.94 36.31
N ASN A 448 -40.78 -38.18 35.93
CA ASN A 448 -39.74 -37.40 36.62
C ASN A 448 -38.95 -36.62 35.60
N TYR A 449 -39.57 -36.24 34.49
CA TYR A 449 -39.11 -35.04 33.76
C TYR A 449 -40.28 -34.04 33.64
N ARG A 450 -40.05 -32.72 33.81
CA ARG A 450 -41.14 -31.71 33.89
C ARG A 450 -40.76 -30.45 33.12
N TYR A 451 -41.70 -29.80 32.41
CA TYR A 451 -41.39 -28.74 31.38
C TYR A 451 -42.09 -27.43 31.73
N ARG A 452 -41.72 -26.28 31.11
CA ARG A 452 -42.25 -24.99 31.62
C ARG A 452 -43.29 -24.44 30.64
N LEU A 453 -44.57 -24.61 30.93
CA LEU A 453 -45.64 -24.36 29.92
C LEU A 453 -46.22 -22.95 30.09
N PHE A 454 -46.09 -22.35 31.27
CA PHE A 454 -46.57 -20.95 31.40
C PHE A 454 -45.44 -20.07 31.93
N ARG A 455 -45.00 -19.09 31.14
CA ARG A 455 -43.99 -18.13 31.68
C ARG A 455 -44.42 -16.70 31.35
N LYS A 456 -44.42 -15.82 32.34
CA LYS A 456 -44.89 -14.42 32.14
C LYS A 456 -44.01 -13.70 31.12
N SER A 457 -42.68 -13.84 31.21
CA SER A 457 -41.78 -13.05 30.33
C SER A 457 -40.87 -13.97 29.51
N ASN A 458 -40.59 -13.63 28.26
CA ASN A 458 -39.78 -14.53 27.40
C ASN A 458 -38.36 -14.59 27.94
N LEU A 459 -37.64 -15.67 27.66
CA LEU A 459 -36.30 -15.87 28.27
C LEU A 459 -35.19 -15.54 27.27
N LYS A 460 -34.20 -14.78 27.71
CA LYS A 460 -33.10 -14.36 26.83
C LYS A 460 -32.26 -15.58 26.47
N PRO A 461 -31.42 -15.54 25.43
CA PRO A 461 -30.66 -16.72 24.99
C PRO A 461 -29.76 -17.39 26.05
N PHE A 462 -29.72 -18.73 26.06
CA PHE A 462 -28.89 -19.50 27.01
C PHE A 462 -29.17 -19.02 28.43
N GLU A 463 -30.44 -18.83 28.78
CA GLU A 463 -30.76 -18.45 30.17
C GLU A 463 -31.67 -19.50 30.78
N ARG A 464 -31.48 -19.83 32.06
CA ARG A 464 -32.27 -20.89 32.73
C ARG A 464 -32.98 -20.33 33.96
N ASP A 465 -34.27 -20.65 34.15
CA ASP A 465 -34.92 -20.19 35.40
C ASP A 465 -35.40 -21.41 36.17
N ILE A 466 -34.94 -21.58 37.42
CA ILE A 466 -35.29 -22.79 38.22
C ILE A 466 -36.41 -22.44 39.20
N SER A 467 -36.95 -21.23 39.09
CA SER A 467 -37.97 -20.76 40.07
C SER A 467 -39.27 -21.53 39.96
N THR A 468 -39.96 -21.72 41.08
CA THR A 468 -41.29 -22.38 41.05
C THR A 468 -42.36 -21.31 41.26
N GLU A 469 -41.99 -20.04 41.05
CA GLU A 469 -42.91 -18.91 41.38
C GLU A 469 -44.18 -19.04 40.55
N ILE A 470 -45.30 -19.34 41.21
CA ILE A 470 -46.57 -19.41 40.46
C ILE A 470 -46.58 -18.25 39.47
N TYR A 471 -46.67 -18.54 38.16
CA TYR A 471 -47.19 -17.63 37.10
C TYR A 471 -48.72 -17.59 37.13
N GLN A 472 -49.20 -16.46 36.61
CA GLN A 472 -50.64 -16.19 36.57
C GLN A 472 -50.86 -15.00 35.66
N ALA A 473 -51.10 -15.24 34.38
CA ALA A 473 -51.56 -14.10 33.57
C ALA A 473 -52.92 -13.68 34.10
N GLY A 474 -53.07 -12.42 34.53
CA GLY A 474 -54.37 -11.89 34.98
C GLY A 474 -54.30 -11.13 36.29
N ASN A 475 -55.41 -10.49 36.68
CA ASN A 475 -55.47 -9.60 37.87
C ASN A 475 -55.51 -10.45 39.13
N LYS A 476 -56.74 -10.68 39.64
CA LYS A 476 -57.00 -11.04 41.05
C LYS A 476 -55.73 -11.62 41.66
N PRO A 477 -55.02 -10.85 42.50
CA PRO A 477 -53.77 -11.29 43.07
C PRO A 477 -53.81 -12.77 43.46
N CYS A 478 -53.23 -13.63 42.62
CA CYS A 478 -52.94 -15.01 43.06
C CYS A 478 -51.65 -15.00 43.88
N ASN A 479 -51.62 -15.76 44.98
CA ASN A 479 -50.52 -15.69 45.98
C ASN A 479 -49.38 -16.61 45.52
N GLY A 480 -48.83 -17.39 46.47
CA GLY A 480 -48.03 -18.57 46.13
C GLY A 480 -48.91 -19.79 46.03
N VAL A 481 -50.24 -19.60 46.05
CA VAL A 481 -51.22 -20.73 45.94
C VAL A 481 -52.00 -20.61 44.63
N ALA A 482 -51.90 -21.63 43.76
CA ALA A 482 -52.49 -21.57 42.40
C ALA A 482 -54.02 -21.51 42.41
N GLY A 483 -54.64 -21.23 41.24
CA GLY A 483 -56.11 -21.04 41.20
C GLY A 483 -56.65 -20.88 39.78
N VAL A 484 -57.68 -20.05 39.60
CA VAL A 484 -58.36 -19.97 38.26
C VAL A 484 -57.39 -19.56 37.15
N ASN A 485 -56.51 -18.59 37.35
CA ASN A 485 -55.53 -18.29 36.27
C ASN A 485 -54.09 -18.41 36.77
N CYS A 486 -53.88 -18.94 37.97
CA CYS A 486 -52.52 -19.07 38.56
C CYS A 486 -52.08 -20.53 38.37
N TYR A 487 -50.84 -20.81 37.96
CA TYR A 487 -50.53 -22.21 37.59
C TYR A 487 -49.09 -22.60 37.90
N PHE A 488 -48.87 -23.81 38.40
CA PHE A 488 -47.50 -24.31 38.54
C PHE A 488 -46.82 -24.09 37.21
N PRO A 489 -45.70 -23.36 37.09
CA PRO A 489 -45.14 -23.09 35.79
C PRO A 489 -44.11 -24.16 35.38
N LEU A 490 -44.52 -25.44 35.42
CA LEU A 490 -43.62 -26.61 35.37
C LEU A 490 -44.50 -27.86 35.28
N GLN A 491 -45.43 -27.88 34.33
CA GLN A 491 -46.35 -29.02 34.17
C GLN A 491 -45.55 -30.23 33.71
N SER A 492 -46.10 -31.45 33.71
CA SER A 492 -45.29 -32.70 33.81
C SER A 492 -45.14 -33.39 32.45
N TYR A 493 -43.97 -33.97 32.12
CA TYR A 493 -43.94 -34.82 30.91
C TYR A 493 -44.44 -36.20 31.31
N GLY A 494 -45.25 -36.84 30.47
CA GLY A 494 -45.63 -38.23 30.75
C GLY A 494 -44.98 -39.14 29.74
N PHE A 495 -44.15 -40.09 30.17
CA PHE A 495 -43.40 -40.92 29.20
C PHE A 495 -43.78 -42.40 29.36
N ARG A 496 -44.12 -43.08 28.27
CA ARG A 496 -44.45 -44.54 28.31
C ARG A 496 -43.82 -45.22 27.09
N PRO A 497 -43.48 -46.53 27.12
CA PRO A 497 -42.83 -47.23 26.00
C PRO A 497 -43.66 -47.38 24.71
N THR A 498 -44.95 -47.66 24.83
CA THR A 498 -45.82 -47.90 23.64
C THR A 498 -45.97 -46.62 22.80
N TYR A 499 -45.69 -45.45 23.36
CA TYR A 499 -45.93 -44.17 22.64
C TYR A 499 -45.16 -44.14 21.32
N GLY A 500 -45.77 -43.55 20.30
CA GLY A 500 -45.16 -43.54 18.95
C GLY A 500 -43.96 -42.63 18.85
N VAL A 501 -43.11 -42.86 17.84
CA VAL A 501 -41.87 -42.05 17.67
C VAL A 501 -42.31 -40.59 17.51
N GLY A 502 -41.59 -39.66 18.15
CA GLY A 502 -42.02 -38.25 18.15
C GLY A 502 -42.64 -37.88 19.48
N HIS A 503 -43.05 -38.86 20.29
CA HIS A 503 -43.53 -38.53 21.66
C HIS A 503 -42.61 -39.19 22.68
N GLN A 504 -41.82 -40.18 22.27
CA GLN A 504 -40.90 -40.93 23.18
C GLN A 504 -39.70 -40.08 23.54
N PRO A 505 -39.09 -40.23 24.74
CA PRO A 505 -38.02 -39.34 25.15
C PRO A 505 -36.81 -39.38 24.22
N TYR A 506 -36.25 -38.21 23.93
CA TYR A 506 -35.08 -38.10 23.02
C TYR A 506 -34.02 -37.24 23.68
N ARG A 507 -33.20 -37.79 24.58
CA ARG A 507 -32.23 -36.95 25.32
C ARG A 507 -31.33 -36.24 24.33
N VAL A 508 -30.96 -34.99 24.61
CA VAL A 508 -30.18 -34.16 23.64
C VAL A 508 -29.02 -33.49 24.36
N VAL A 509 -27.96 -33.16 23.64
CA VAL A 509 -26.84 -32.40 24.24
C VAL A 509 -26.78 -31.14 23.38
N VAL A 510 -26.37 -29.98 23.91
CA VAL A 510 -26.22 -28.80 23.02
C VAL A 510 -24.83 -28.24 23.25
N LEU A 511 -23.83 -28.89 22.68
CA LEU A 511 -22.45 -28.38 22.82
C LEU A 511 -22.46 -26.94 22.28
N SER A 512 -21.80 -26.01 22.98
CA SER A 512 -21.75 -24.59 22.52
C SER A 512 -20.30 -24.11 22.56
N PHE A 513 -19.48 -24.52 21.58
CA PHE A 513 -18.04 -24.14 21.59
C PHE A 513 -17.97 -22.61 21.55
N GLU A 514 -17.08 -22.02 22.34
CA GLU A 514 -17.06 -20.54 22.44
C GLU A 514 -15.62 -20.05 22.46
N LEU A 515 -15.36 -18.84 21.98
CA LEU A 515 -13.99 -18.28 22.02
C LEU A 515 -14.01 -17.04 22.92
N LEU A 516 -13.02 -16.94 23.81
CA LEU A 516 -12.88 -15.73 24.68
C LEU A 516 -11.47 -15.19 24.44
N HIS A 517 -11.18 -13.97 24.84
CA HIS A 517 -9.87 -13.35 24.50
C HIS A 517 -8.71 -14.14 25.11
N ALA A 518 -8.95 -14.83 26.22
CA ALA A 518 -7.89 -15.58 26.92
C ALA A 518 -7.47 -16.81 26.10
N PRO A 519 -6.29 -17.43 26.34
CA PRO A 519 -5.84 -18.52 25.49
C PRO A 519 -6.90 -19.63 25.50
N ALA A 520 -7.17 -20.19 24.33
CA ALA A 520 -8.14 -21.30 24.24
C ALA A 520 -7.51 -22.58 24.82
N THR A 521 -8.34 -23.44 25.39
CA THR A 521 -7.83 -24.68 25.99
C THR A 521 -8.44 -25.87 25.25
N VAL A 522 -9.75 -25.83 25.02
CA VAL A 522 -10.44 -26.98 24.42
C VAL A 522 -9.91 -27.15 23.02
N CYS A 523 -8.75 -27.75 22.77
CA CYS A 523 -8.24 -27.77 21.35
C CYS A 523 -7.89 -29.21 20.98
N GLY A 524 -8.74 -29.86 20.18
CA GLY A 524 -8.54 -31.29 19.84
C GLY A 524 -7.26 -31.54 19.07
N PRO A 525 -6.48 -32.61 19.35
CA PRO A 525 -5.21 -32.82 18.66
C PRO A 525 -5.35 -33.69 17.39
N LYS A 526 -4.39 -33.59 16.47
CA LYS A 526 -4.40 -34.46 15.27
C LYS A 526 -3.87 -35.84 15.67
N LYS A 527 -4.13 -36.86 14.86
CA LYS A 527 -3.75 -38.24 15.24
C LYS A 527 -2.23 -38.34 15.43
N SER A 528 -1.45 -37.69 14.56
CA SER A 528 0.04 -37.74 14.60
C SER A 528 0.58 -38.91 13.75
N THR A 529 1.85 -38.87 13.38
CA THR A 529 2.44 -39.91 12.50
C THR A 529 3.77 -40.36 13.10
N ASN A 530 4.14 -41.63 12.91
CA ASN A 530 5.37 -42.16 13.53
C ASN A 530 6.58 -41.34 13.06
N LEU A 531 7.50 -41.01 13.98
CA LEU A 531 8.68 -40.21 13.61
C LEU A 531 9.56 -40.99 12.63
N VAL A 532 10.08 -40.32 11.60
CA VAL A 532 11.01 -40.98 10.64
C VAL A 532 12.40 -40.44 10.92
N LYS A 533 13.36 -41.31 11.17
CA LYS A 533 14.70 -40.84 11.59
C LYS A 533 15.75 -41.17 10.54
N ASN A 534 16.69 -40.25 10.30
CA ASN A 534 17.83 -40.48 9.38
C ASN A 534 17.46 -40.23 7.91
N LYS A 535 16.27 -39.73 7.62
CA LYS A 535 15.90 -39.39 6.21
C LYS A 535 15.32 -37.98 6.16
N CYS A 536 15.68 -37.17 5.15
CA CYS A 536 15.19 -35.77 5.12
C CYS A 536 13.66 -35.85 5.03
N VAL A 537 12.96 -35.13 5.90
CA VAL A 537 11.47 -35.25 5.98
C VAL A 537 10.92 -33.88 6.32
N ASN A 538 9.64 -33.63 6.05
CA ASN A 538 9.01 -32.36 6.49
C ASN A 538 8.45 -32.67 7.87
N PHE A 539 8.88 -31.97 8.92
CA PHE A 539 8.45 -32.36 10.28
C PHE A 539 7.70 -31.24 10.99
N ASN A 540 6.56 -31.58 11.58
CA ASN A 540 5.84 -30.60 12.44
C ASN A 540 5.75 -31.29 13.80
N PHE A 541 6.21 -30.63 14.85
CA PHE A 541 6.05 -31.21 16.21
C PHE A 541 4.99 -30.38 16.92
N ASN A 542 5.22 -30.02 18.18
CA ASN A 542 4.15 -29.30 18.90
C ASN A 542 4.17 -27.84 18.44
N GLY A 543 3.71 -27.59 17.20
CA GLY A 543 3.66 -26.22 16.66
C GLY A 543 4.93 -25.77 15.95
N LEU A 544 5.99 -26.58 15.96
CA LEU A 544 7.29 -26.13 15.36
C LEU A 544 7.43 -26.77 13.97
N THR A 545 7.44 -25.97 12.91
CA THR A 545 7.47 -26.52 11.54
C THR A 545 8.84 -26.31 10.89
N GLY A 546 9.50 -27.38 10.47
CA GLY A 546 10.82 -27.29 9.82
C GLY A 546 11.05 -28.51 8.94
N THR A 547 12.03 -28.46 8.03
CA THR A 547 12.35 -29.66 7.21
C THR A 547 13.78 -30.07 7.52
N GLY A 548 14.00 -31.34 7.90
CA GLY A 548 15.36 -31.74 8.30
C GLY A 548 15.49 -33.23 8.47
N VAL A 549 16.69 -33.68 8.80
CA VAL A 549 16.92 -35.13 9.08
C VAL A 549 16.92 -35.31 10.59
N LEU A 550 15.90 -35.99 11.13
CA LEU A 550 15.83 -36.24 12.59
C LEU A 550 16.85 -37.31 12.98
N THR A 551 17.57 -37.12 14.08
CA THR A 551 18.64 -38.07 14.50
C THR A 551 18.72 -38.13 16.03
N GLU A 552 19.36 -39.17 16.59
CA GLU A 552 19.48 -39.35 18.07
C GLU A 552 20.36 -38.26 18.69
N SER A 553 19.99 -37.78 19.89
CA SER A 553 20.77 -36.68 20.54
C SER A 553 21.15 -37.05 21.98
N ASN A 554 22.39 -36.75 22.38
CA ASN A 554 22.87 -37.06 23.75
C ASN A 554 22.63 -35.87 24.68
N LYS A 555 22.04 -34.78 24.18
CA LYS A 555 21.72 -33.59 25.01
C LYS A 555 20.69 -33.98 26.06
N LYS A 556 20.83 -33.49 27.30
CA LYS A 556 19.76 -33.75 28.31
C LYS A 556 19.06 -32.42 28.62
N PHE A 557 17.86 -32.24 28.08
CA PHE A 557 17.08 -31.00 28.33
C PHE A 557 16.52 -31.02 29.74
N LEU A 558 16.39 -29.86 30.37
CA LEU A 558 15.76 -29.81 31.71
C LEU A 558 14.28 -30.16 31.50
N PRO A 559 13.55 -30.67 32.51
CA PRO A 559 12.20 -31.18 32.28
C PRO A 559 11.22 -30.18 31.65
N PHE A 560 11.29 -28.94 32.06
CA PHE A 560 10.42 -27.89 31.46
C PHE A 560 10.83 -27.65 29.99
N GLN A 561 12.13 -27.68 29.68
CA GLN A 561 12.60 -27.29 28.32
C GLN A 561 12.07 -28.20 27.22
N GLN A 562 11.69 -27.62 26.08
CA GLN A 562 11.23 -28.41 24.92
C GLN A 562 12.26 -28.31 23.79
N PHE A 563 12.20 -27.25 22.97
CA PHE A 563 13.13 -27.09 21.83
C PHE A 563 14.54 -26.72 22.30
N GLY A 564 15.55 -26.88 21.46
CA GLY A 564 16.91 -26.44 21.78
C GLY A 564 17.38 -25.55 20.65
N ARG A 565 18.11 -24.48 20.92
CA ARG A 565 18.47 -23.54 19.83
C ARG A 565 19.97 -23.25 19.87
N ASP A 566 20.66 -23.37 18.73
CA ASP A 566 22.13 -23.16 18.68
C ASP A 566 22.44 -21.67 18.62
N ILE A 567 23.72 -21.30 18.76
CA ILE A 567 24.09 -19.87 18.55
C ILE A 567 23.62 -19.54 17.14
N ALA A 568 23.20 -18.30 16.87
CA ALA A 568 22.62 -17.89 15.57
C ALA A 568 21.11 -18.16 15.57
N ASP A 569 20.54 -18.53 16.72
CA ASP A 569 19.07 -18.71 16.86
C ASP A 569 18.46 -19.65 15.81
N THR A 570 19.01 -20.85 15.63
CA THR A 570 18.40 -21.84 14.71
C THR A 570 17.96 -23.06 15.54
N THR A 571 16.75 -23.59 15.34
CA THR A 571 16.39 -24.82 16.11
C THR A 571 17.36 -25.94 15.74
N ASP A 572 17.96 -26.60 16.74
CA ASP A 572 18.98 -27.65 16.47
C ASP A 572 18.62 -28.92 17.20
N ALA A 573 17.59 -28.87 18.04
CA ALA A 573 17.14 -30.08 18.78
C ALA A 573 15.66 -29.96 19.09
N VAL A 574 15.00 -31.09 19.37
CA VAL A 574 13.55 -31.08 19.72
C VAL A 574 13.31 -32.29 20.62
N ARG A 575 12.28 -32.25 21.46
CA ARG A 575 11.94 -33.44 22.28
C ARG A 575 10.61 -33.98 21.77
N ASP A 576 10.54 -35.26 21.45
CA ASP A 576 9.28 -35.77 20.85
C ASP A 576 8.15 -35.60 21.86
N PRO A 577 6.99 -35.03 21.49
CA PRO A 577 5.96 -34.78 22.46
C PRO A 577 5.46 -36.08 23.11
N GLN A 578 5.24 -37.13 22.31
CA GLN A 578 4.72 -38.42 22.85
C GLN A 578 5.74 -39.18 23.72
N THR A 579 7.00 -39.29 23.30
CA THR A 579 7.96 -40.14 24.07
C THR A 579 8.98 -39.34 24.91
N LEU A 580 8.95 -38.00 24.88
CA LEU A 580 9.82 -37.17 25.76
C LEU A 580 11.31 -37.52 25.63
N GLU A 581 11.83 -37.66 24.40
CA GLU A 581 13.26 -38.03 24.19
C GLU A 581 13.92 -36.98 23.29
N ILE A 582 15.20 -36.66 23.53
CA ILE A 582 15.88 -35.56 22.77
C ILE A 582 16.32 -36.07 21.40
N LEU A 583 15.85 -35.43 20.33
CA LEU A 583 16.25 -35.79 18.94
C LEU A 583 16.85 -34.55 18.28
N ASP A 584 18.03 -34.69 17.68
CA ASP A 584 18.68 -33.55 16.99
C ASP A 584 17.99 -33.26 15.67
N ILE A 585 18.05 -32.01 15.19
CA ILE A 585 17.54 -31.68 13.83
C ILE A 585 18.77 -31.26 13.01
N THR A 586 19.02 -31.89 11.87
CA THR A 586 20.24 -31.61 11.08
C THR A 586 19.84 -31.16 9.68
N PRO A 587 20.57 -30.21 9.06
CA PRO A 587 20.19 -29.67 7.75
C PRO A 587 20.23 -30.76 6.65
N CYS A 588 19.26 -30.77 5.74
CA CYS A 588 19.28 -31.73 4.60
C CYS A 588 20.45 -31.39 3.69
N SER A 589 21.09 -32.38 3.06
CA SER A 589 22.34 -32.11 2.28
C SER A 589 22.09 -31.09 1.19
N PHE A 590 22.99 -30.11 1.07
CA PHE A 590 22.89 -29.07 0.01
C PHE A 590 24.32 -28.63 -0.30
N GLY A 591 24.55 -28.00 -1.44
CA GLY A 591 25.93 -27.69 -1.82
C GLY A 591 26.03 -27.06 -3.18
N GLY A 592 27.23 -26.97 -3.72
CA GLY A 592 27.45 -26.37 -5.04
C GLY A 592 27.82 -27.43 -6.04
N VAL A 593 27.40 -27.28 -7.28
CA VAL A 593 27.78 -28.24 -8.35
C VAL A 593 28.75 -27.49 -9.24
N SER A 594 30.00 -27.96 -9.35
CA SER A 594 31.02 -27.32 -10.20
C SER A 594 31.42 -28.27 -11.32
N VAL A 595 31.48 -27.80 -12.56
CA VAL A 595 31.77 -28.73 -13.69
C VAL A 595 33.21 -28.56 -14.15
N ILE A 596 33.99 -29.65 -14.10
CA ILE A 596 35.39 -29.65 -14.58
C ILE A 596 35.39 -29.99 -16.06
N THR A 597 35.80 -29.06 -16.93
CA THR A 597 35.73 -29.28 -18.39
C THR A 597 37.15 -29.25 -18.95
N PRO A 598 37.56 -30.21 -19.81
CA PRO A 598 38.87 -30.15 -20.47
C PRO A 598 38.93 -29.06 -21.55
N GLY A 599 37.79 -28.52 -21.97
CA GLY A 599 37.70 -27.51 -23.04
C GLY A 599 36.82 -28.04 -24.14
N THR A 600 35.84 -27.26 -24.62
CA THR A 600 34.89 -27.79 -25.64
C THR A 600 35.71 -28.25 -26.85
N ASN A 601 36.79 -27.53 -27.18
CA ASN A 601 37.65 -27.89 -28.33
C ASN A 601 38.30 -29.27 -28.11
N THR A 602 38.75 -29.56 -26.89
CA THR A 602 39.47 -30.84 -26.65
C THR A 602 38.47 -31.99 -26.47
N SER A 603 37.41 -31.80 -25.69
CA SER A 603 36.48 -32.93 -25.42
C SER A 603 35.12 -32.45 -24.94
N ASN A 604 34.11 -33.31 -25.00
CA ASN A 604 32.77 -32.98 -24.48
C ASN A 604 32.57 -33.74 -23.16
N GLN A 605 33.58 -34.49 -22.72
CA GLN A 605 33.52 -35.20 -21.41
C GLN A 605 33.63 -34.17 -20.29
N VAL A 606 32.96 -34.40 -19.16
CA VAL A 606 32.98 -33.46 -18.02
C VAL A 606 33.03 -34.26 -16.72
N ALA A 607 33.50 -33.66 -15.63
CA ALA A 607 33.49 -34.31 -14.31
C ALA A 607 32.78 -33.35 -13.36
N VAL A 608 32.04 -33.84 -12.37
CA VAL A 608 31.25 -32.92 -11.50
C VAL A 608 31.74 -32.99 -10.05
N LEU A 609 31.97 -31.84 -9.40
CA LEU A 609 32.34 -31.86 -7.96
C LEU A 609 31.16 -31.32 -7.16
N TYR A 610 30.64 -32.10 -6.22
CA TYR A 610 29.56 -31.62 -5.33
C TYR A 610 30.28 -31.17 -4.06
N GLN A 611 30.46 -29.86 -3.90
CA GLN A 611 31.26 -29.35 -2.78
C GLN A 611 30.56 -29.57 -1.43
N GLY A 612 31.27 -30.16 -0.47
CA GLY A 612 30.74 -30.36 0.89
C GLY A 612 29.60 -31.35 0.92
N VAL A 613 29.69 -32.47 0.21
CA VAL A 613 28.62 -33.50 0.31
C VAL A 613 29.33 -34.84 0.42
N ASN A 614 28.92 -35.69 1.34
CA ASN A 614 29.48 -37.07 1.45
C ASN A 614 29.03 -37.81 0.19
N CYS A 615 29.83 -38.72 -0.33
CA CYS A 615 29.48 -39.37 -1.62
C CYS A 615 28.22 -40.19 -1.42
N THR A 616 27.96 -40.61 -0.19
CA THR A 616 26.80 -41.47 0.12
C THR A 616 25.49 -40.74 -0.18
N GLU A 617 25.47 -39.42 -0.16
CA GLU A 617 24.19 -38.71 -0.30
C GLU A 617 23.97 -38.08 -1.68
N VAL A 618 24.88 -38.24 -2.64
CA VAL A 618 24.75 -37.53 -3.95
C VAL A 618 23.54 -37.93 -4.80
N PRO A 619 23.14 -39.20 -4.98
CA PRO A 619 22.04 -39.54 -5.91
C PRO A 619 20.71 -38.83 -5.61
N ASN A 639 34.02 -42.62 -12.25
CA ASN A 639 33.91 -43.29 -10.93
C ASN A 639 33.71 -42.25 -9.84
N VAL A 640 33.38 -42.67 -8.61
CA VAL A 640 33.03 -41.70 -7.53
C VAL A 640 34.15 -41.67 -6.48
N PHE A 641 34.70 -40.49 -6.20
CA PHE A 641 35.84 -40.31 -5.25
C PHE A 641 35.40 -39.30 -4.19
N GLN A 642 35.96 -39.34 -2.97
CA GLN A 642 35.64 -38.33 -1.92
C GLN A 642 36.89 -37.56 -1.50
N THR A 643 36.81 -36.24 -1.38
CA THR A 643 37.93 -35.33 -1.06
C THR A 643 37.36 -34.40 0.00
N ARG A 644 38.18 -33.58 0.66
CA ARG A 644 37.59 -32.64 1.64
C ARG A 644 36.78 -31.59 0.90
N ALA A 645 37.08 -31.36 -0.37
CA ALA A 645 36.28 -30.41 -1.18
C ALA A 645 34.84 -30.91 -1.35
N GLY A 646 34.65 -32.22 -1.58
CA GLY A 646 33.31 -32.82 -1.74
C GLY A 646 33.38 -34.12 -2.49
N CYS A 647 32.27 -34.55 -3.08
CA CYS A 647 32.23 -35.80 -3.89
C CYS A 647 32.46 -35.50 -5.36
N LEU A 648 33.43 -36.17 -5.98
CA LEU A 648 33.79 -35.91 -7.39
C LEU A 648 33.36 -37.13 -8.23
N ILE A 649 32.57 -36.90 -9.27
CA ILE A 649 32.08 -38.00 -10.13
C ILE A 649 32.60 -37.73 -11.54
N GLY A 650 33.06 -38.75 -12.24
CA GLY A 650 33.56 -38.60 -13.61
C GLY A 650 35.06 -38.53 -13.67
N ALA A 651 35.72 -38.47 -12.51
CA ALA A 651 37.20 -38.46 -12.46
C ALA A 651 37.70 -39.57 -11.55
N GLU A 652 38.68 -40.33 -12.02
CA GLU A 652 39.19 -41.48 -11.24
C GLU A 652 40.53 -41.09 -10.60
N TYR A 653 40.66 -41.28 -9.29
CA TYR A 653 41.90 -40.83 -8.61
C TYR A 653 43.11 -41.61 -9.13
N VAL A 654 44.23 -40.94 -9.39
CA VAL A 654 45.50 -41.61 -9.79
C VAL A 654 46.58 -41.28 -8.76
N ASN A 655 47.31 -42.29 -8.26
CA ASN A 655 48.36 -42.09 -7.22
C ASN A 655 49.52 -41.25 -7.75
N ASN A 656 49.91 -41.42 -9.00
CA ASN A 656 51.06 -40.67 -9.58
C ASN A 656 50.71 -39.19 -9.51
N SER A 657 51.68 -38.32 -9.22
CA SER A 657 51.37 -36.89 -9.02
C SER A 657 51.96 -36.04 -10.14
N TYR A 658 51.29 -34.95 -10.49
CA TYR A 658 51.72 -34.07 -11.61
C TYR A 658 51.48 -32.62 -11.19
N GLU A 659 51.72 -31.67 -12.09
CA GLU A 659 51.41 -30.24 -11.81
C GLU A 659 49.89 -30.04 -11.86
N CYS A 660 49.38 -28.95 -11.30
CA CYS A 660 47.91 -28.70 -11.25
C CYS A 660 47.42 -28.13 -12.58
N ASP A 661 46.22 -28.50 -13.02
CA ASP A 661 45.62 -27.95 -14.25
C ASP A 661 44.36 -27.22 -13.87
N ILE A 662 43.33 -27.95 -13.45
CA ILE A 662 42.09 -27.31 -12.96
C ILE A 662 42.17 -27.55 -11.47
N PRO A 663 42.38 -26.54 -10.61
CA PRO A 663 42.38 -26.79 -9.19
C PRO A 663 41.03 -27.28 -8.69
N ILE A 664 41.00 -28.36 -7.92
CA ILE A 664 39.72 -28.95 -7.40
C ILE A 664 39.56 -28.52 -5.94
N GLY A 665 40.63 -28.54 -5.15
CA GLY A 665 40.55 -28.06 -3.79
C GLY A 665 41.17 -29.02 -2.82
N ALA A 666 41.52 -28.54 -1.66
CA ALA A 666 41.98 -29.37 -0.58
C ALA A 666 43.19 -30.19 -0.97
N GLY A 667 43.90 -29.75 -2.00
CA GLY A 667 45.15 -30.35 -2.40
C GLY A 667 45.11 -31.25 -3.59
N ILE A 668 44.00 -31.31 -4.30
CA ILE A 668 43.75 -32.28 -5.35
C ILE A 668 43.35 -31.54 -6.61
N CYS A 669 43.97 -31.89 -7.73
CA CYS A 669 43.75 -31.24 -9.00
C CYS A 669 43.27 -32.26 -10.01
N ALA A 670 42.89 -31.79 -11.18
CA ALA A 670 42.29 -32.62 -12.22
C ALA A 670 42.86 -32.23 -13.56
N SER A 671 42.66 -33.10 -14.54
CA SER A 671 43.19 -32.89 -15.87
C SER A 671 42.57 -33.89 -16.81
N TYR A 672 42.92 -33.77 -18.07
CA TYR A 672 42.45 -34.67 -19.10
C TYR A 672 43.66 -35.43 -19.63
N GLN A 673 43.62 -36.75 -19.56
CA GLN A 673 44.79 -37.56 -19.90
C GLN A 673 45.26 -37.31 -21.30
N GLN A 688 42.25 -39.08 -23.09
CA GLN A 688 41.00 -39.77 -23.33
C GLN A 688 40.12 -39.87 -22.09
N SER A 689 40.61 -39.46 -20.92
CA SER A 689 39.83 -39.53 -19.70
C SER A 689 40.23 -38.41 -18.76
N ILE A 690 39.54 -38.33 -17.63
CA ILE A 690 39.75 -37.24 -16.69
C ILE A 690 40.26 -37.80 -15.37
N ILE A 691 41.52 -37.45 -15.04
CA ILE A 691 42.23 -38.00 -13.85
C ILE A 691 42.39 -36.95 -12.78
N ALA A 692 42.37 -37.34 -11.50
CA ALA A 692 42.46 -36.43 -10.34
C ALA A 692 43.63 -36.91 -9.51
N TYR A 693 44.32 -36.03 -8.81
CA TYR A 693 45.54 -36.50 -8.10
C TYR A 693 45.93 -35.51 -7.01
N THR A 694 46.94 -35.82 -6.21
CA THR A 694 47.48 -34.85 -5.23
C THR A 694 48.51 -34.02 -5.98
N MET A 695 48.37 -32.70 -6.02
CA MET A 695 49.23 -31.80 -6.80
C MET A 695 50.65 -31.99 -6.33
N SER A 696 51.61 -31.85 -7.23
CA SER A 696 53.05 -31.92 -6.85
C SER A 696 53.60 -30.50 -6.71
N LEU A 697 54.15 -30.18 -5.55
CA LEU A 697 54.68 -28.82 -5.31
C LEU A 697 55.91 -28.64 -6.18
N GLY A 698 56.50 -29.75 -6.62
CA GLY A 698 57.70 -29.69 -7.47
C GLY A 698 58.60 -30.87 -7.22
N ALA A 699 59.74 -30.91 -7.89
CA ALA A 699 60.64 -32.07 -7.80
C ALA A 699 61.65 -31.88 -6.69
N GLU A 700 61.86 -32.90 -5.88
CA GLU A 700 62.75 -32.71 -4.72
C GLU A 700 64.17 -32.52 -5.19
N ASN A 701 64.97 -31.78 -4.40
CA ASN A 701 66.41 -31.56 -4.74
C ASN A 701 67.22 -31.35 -3.47
N SER A 702 67.64 -32.42 -2.80
CA SER A 702 68.53 -32.23 -1.64
C SER A 702 69.78 -31.52 -2.13
N VAL A 703 70.24 -30.46 -1.46
CA VAL A 703 71.53 -29.84 -1.88
C VAL A 703 72.59 -30.70 -1.21
N ALA A 704 73.81 -30.71 -1.72
CA ALA A 704 74.87 -31.48 -1.05
C ALA A 704 75.49 -30.66 0.09
N TYR A 705 74.69 -30.28 1.07
CA TYR A 705 75.20 -29.42 2.17
C TYR A 705 76.42 -30.08 2.81
N SER A 706 77.49 -29.33 3.04
CA SER A 706 78.74 -29.89 3.62
C SER A 706 79.61 -28.82 4.29
N ASN A 707 80.48 -29.23 5.21
CA ASN A 707 81.32 -28.28 5.98
C ASN A 707 82.29 -27.53 5.09
N ASN A 708 82.82 -28.17 4.06
CA ASN A 708 83.91 -27.55 3.30
C ASN A 708 83.64 -27.49 1.81
N SER A 709 82.44 -27.77 1.34
CA SER A 709 82.30 -27.81 -0.13
C SER A 709 81.50 -26.67 -0.73
N ILE A 710 82.03 -26.09 -1.83
CA ILE A 710 81.38 -24.92 -2.50
C ILE A 710 80.97 -25.27 -3.92
N ALA A 711 79.99 -24.57 -4.48
CA ALA A 711 79.64 -24.73 -5.92
C ALA A 711 79.84 -23.36 -6.59
N ILE A 712 80.64 -23.22 -7.66
CA ILE A 712 80.78 -21.86 -8.26
C ILE A 712 80.32 -21.90 -9.72
N PRO A 713 79.47 -20.96 -10.19
CA PRO A 713 78.95 -20.99 -11.57
C PRO A 713 79.99 -20.63 -12.64
N THR A 714 80.27 -21.54 -13.58
CA THR A 714 81.34 -21.32 -14.59
C THR A 714 80.86 -20.69 -15.89
N ASN A 715 79.54 -20.63 -16.10
CA ASN A 715 78.97 -19.99 -17.30
C ASN A 715 77.62 -19.41 -16.90
N PHE A 716 76.91 -18.75 -17.80
CA PHE A 716 75.66 -18.04 -17.42
C PHE A 716 74.69 -17.96 -18.57
N THR A 717 73.56 -17.30 -18.34
CA THR A 717 72.60 -17.08 -19.44
C THR A 717 72.16 -15.62 -19.35
N ILE A 718 71.80 -15.00 -20.47
CA ILE A 718 71.18 -13.63 -20.45
C ILE A 718 69.71 -13.88 -20.74
N SER A 719 68.83 -13.56 -19.80
CA SER A 719 67.43 -13.94 -19.94
C SER A 719 66.53 -12.71 -20.02
N VAL A 720 65.70 -12.62 -21.06
CA VAL A 720 64.70 -11.53 -21.17
C VAL A 720 63.42 -12.15 -20.66
N THR A 721 62.75 -11.49 -19.74
CA THR A 721 61.57 -12.05 -19.07
C THR A 721 60.56 -10.93 -19.22
N THR A 722 59.28 -11.22 -19.17
CA THR A 722 58.28 -10.17 -19.45
C THR A 722 57.33 -10.07 -18.28
N GLU A 723 57.05 -8.85 -17.82
CA GLU A 723 56.03 -8.64 -16.76
C GLU A 723 55.03 -7.63 -17.30
N ILE A 724 53.74 -7.92 -17.24
CA ILE A 724 52.70 -6.97 -17.71
C ILE A 724 52.05 -6.40 -16.47
N LEU A 725 52.05 -5.09 -16.32
CA LEU A 725 51.40 -4.45 -15.16
C LEU A 725 50.36 -3.48 -15.69
N PRO A 726 49.06 -3.58 -15.32
CA PRO A 726 48.08 -2.58 -15.75
C PRO A 726 48.38 -1.17 -15.17
N VAL A 727 48.18 -0.09 -15.94
CA VAL A 727 48.50 1.30 -15.50
C VAL A 727 47.27 2.20 -15.59
N SER A 728 46.17 1.75 -16.15
CA SER A 728 45.00 2.64 -16.36
C SER A 728 43.75 1.81 -16.60
N MET A 729 42.56 2.41 -16.53
CA MET A 729 41.29 1.72 -16.82
C MET A 729 40.43 2.71 -17.58
N THR A 730 39.30 2.29 -18.13
CA THR A 730 38.49 3.18 -19.00
C THR A 730 37.83 4.30 -18.21
N LYS A 731 37.83 5.52 -18.77
CA LYS A 731 37.18 6.69 -18.13
C LYS A 731 35.75 6.68 -18.62
N THR A 732 34.80 6.53 -17.72
CA THR A 732 33.40 6.43 -18.14
C THR A 732 32.67 7.59 -17.51
N SER A 733 31.61 8.04 -18.16
CA SER A 733 30.78 9.14 -17.61
C SER A 733 29.33 8.70 -17.79
N VAL A 734 28.48 8.95 -16.82
CA VAL A 734 27.07 8.47 -16.91
C VAL A 734 26.15 9.67 -16.76
N ASP A 735 25.14 9.80 -17.61
CA ASP A 735 24.11 10.85 -17.40
C ASP A 735 23.03 10.17 -16.58
N CYS A 736 22.98 10.44 -15.29
CA CYS A 736 22.03 9.67 -14.44
C CYS A 736 20.58 9.92 -14.88
N THR A 737 20.25 11.14 -15.29
CA THR A 737 18.88 11.43 -15.76
C THR A 737 18.53 10.59 -17.00
N MET A 738 19.44 10.47 -17.96
CA MET A 738 19.18 9.60 -19.15
C MET A 738 19.12 8.12 -18.75
N TYR A 739 20.01 7.64 -17.87
CA TYR A 739 19.92 6.22 -17.43
C TYR A 739 18.68 5.93 -16.57
N ILE A 740 18.43 6.70 -15.52
CA ILE A 740 17.31 6.41 -14.58
C ILE A 740 15.94 6.67 -15.24
N CYS A 741 15.84 7.75 -15.99
CA CYS A 741 14.54 8.14 -16.61
C CYS A 741 14.67 7.92 -18.11
N GLY A 742 15.20 8.90 -18.82
CA GLY A 742 15.45 8.71 -20.26
C GLY A 742 14.27 9.12 -21.09
N ASP A 743 14.31 10.32 -21.67
CA ASP A 743 13.23 10.82 -22.56
C ASP A 743 11.86 10.79 -21.85
N SER A 744 11.82 11.01 -20.54
CA SER A 744 10.53 11.11 -19.82
C SER A 744 10.58 12.33 -18.90
N THR A 745 9.70 13.31 -19.10
CA THR A 745 9.77 14.57 -18.32
C THR A 745 9.38 14.33 -16.85
N GLU A 746 8.33 13.53 -16.61
CA GLU A 746 7.82 13.34 -15.22
C GLU A 746 8.88 12.66 -14.34
N CYS A 747 9.60 11.66 -14.87
CA CYS A 747 10.60 10.93 -14.04
C CYS A 747 11.68 11.91 -13.59
N SER A 748 12.09 12.82 -14.47
CA SER A 748 13.23 13.72 -14.14
C SER A 748 12.87 14.53 -12.90
N ASN A 749 11.62 14.97 -12.80
CA ASN A 749 11.21 15.81 -11.65
C ASN A 749 11.37 15.00 -10.36
N LEU A 750 10.94 13.73 -10.38
CA LEU A 750 11.00 12.90 -9.16
C LEU A 750 12.47 12.64 -8.77
N LEU A 751 13.34 12.48 -9.77
CA LEU A 751 14.79 12.26 -9.48
C LEU A 751 15.33 13.49 -8.75
N LEU A 752 14.90 14.70 -9.11
CA LEU A 752 15.44 15.94 -8.50
C LEU A 752 15.12 15.94 -7.01
N GLN A 753 14.09 15.21 -6.58
CA GLN A 753 13.69 15.27 -5.16
C GLN A 753 14.88 14.85 -4.29
N TYR A 754 15.57 13.76 -4.63
CA TYR A 754 16.80 13.38 -3.88
C TYR A 754 17.91 14.41 -4.15
N GLY A 755 18.15 14.76 -5.43
CA GLY A 755 19.12 15.80 -5.80
C GLY A 755 20.60 15.50 -5.58
N SER A 756 21.00 15.22 -4.35
CA SER A 756 22.43 15.03 -4.01
C SER A 756 23.05 13.82 -4.70
N PHE A 757 22.28 12.75 -4.92
CA PHE A 757 22.89 11.52 -5.47
C PHE A 757 23.52 11.76 -6.83
N CYS A 758 22.84 12.48 -7.74
CA CYS A 758 23.40 12.60 -9.10
C CYS A 758 24.76 13.31 -9.11
N THR A 759 24.92 14.40 -8.38
CA THR A 759 26.19 15.16 -8.35
C THR A 759 27.33 14.35 -7.72
N GLN A 760 27.05 13.65 -6.63
CA GLN A 760 28.06 12.82 -5.95
C GLN A 760 28.49 11.67 -6.85
N LEU A 761 27.55 11.08 -7.58
CA LEU A 761 27.89 9.98 -8.52
C LEU A 761 28.78 10.53 -9.62
N LYS A 762 28.45 11.72 -10.13
CA LYS A 762 29.23 12.35 -11.21
C LYS A 762 30.61 12.75 -10.69
N ARG A 763 30.69 13.25 -9.47
CA ARG A 763 31.98 13.71 -8.87
C ARG A 763 32.92 12.54 -8.63
N ALA A 764 32.40 11.42 -8.12
CA ALA A 764 33.22 10.22 -7.90
C ALA A 764 33.76 9.71 -9.22
N LEU A 765 32.93 9.65 -10.25
CA LEU A 765 33.35 9.22 -11.60
C LEU A 765 34.35 10.19 -12.23
N THR A 766 34.23 11.50 -12.00
CA THR A 766 35.23 12.48 -12.49
C THR A 766 36.58 12.27 -11.80
N GLY A 767 36.57 11.96 -10.51
CA GLY A 767 37.80 11.70 -9.75
C GLY A 767 38.49 10.47 -10.26
N ILE A 768 37.74 9.44 -10.61
CA ILE A 768 38.33 8.20 -11.18
C ILE A 768 39.02 8.57 -12.49
N ALA A 769 38.37 9.35 -13.36
CA ALA A 769 38.89 9.71 -14.69
C ALA A 769 40.15 10.57 -14.63
N VAL A 770 40.18 11.54 -13.74
CA VAL A 770 41.37 12.42 -13.59
C VAL A 770 42.54 11.59 -13.07
N GLU A 771 42.28 10.62 -12.19
CA GLU A 771 43.33 9.72 -11.67
C GLU A 771 43.93 8.91 -12.81
N GLN A 772 43.12 8.49 -13.77
CA GLN A 772 43.61 7.66 -14.90
C GLN A 772 44.66 8.43 -15.69
N ASP A 773 44.50 9.74 -15.83
CA ASP A 773 45.51 10.57 -16.49
C ASP A 773 46.77 10.68 -15.65
N LYS A 774 46.64 10.81 -14.33
CA LYS A 774 47.81 10.91 -13.42
C LYS A 774 48.50 9.56 -13.39
N ASN A 775 47.73 8.49 -13.40
CA ASN A 775 48.28 7.13 -13.39
C ASN A 775 49.12 6.94 -14.64
N THR A 776 48.63 7.38 -15.80
CA THR A 776 49.36 7.27 -17.09
C THR A 776 50.60 8.15 -17.13
N GLN A 777 50.54 9.34 -16.55
CA GLN A 777 51.69 10.29 -16.64
C GLN A 777 52.71 10.13 -15.50
N GLU A 778 52.45 9.27 -14.53
CA GLU A 778 53.44 9.01 -13.46
C GLU A 778 54.29 7.83 -13.87
N VAL A 779 53.87 7.11 -14.91
CA VAL A 779 54.64 5.96 -15.41
C VAL A 779 55.44 6.41 -16.62
N PHE A 780 54.81 7.07 -17.58
CA PHE A 780 55.48 7.42 -18.85
C PHE A 780 56.27 8.72 -18.79
N ALA A 781 55.73 9.76 -18.13
CA ALA A 781 56.39 11.07 -18.09
C ALA A 781 57.46 11.12 -16.99
N GLN A 782 58.47 10.26 -17.07
CA GLN A 782 59.62 10.24 -16.11
C GLN A 782 60.79 10.99 -16.74
N VAL A 783 60.90 11.01 -18.07
CA VAL A 783 61.96 11.75 -18.81
C VAL A 783 61.55 13.22 -18.86
N LYS A 784 62.50 14.13 -19.03
CA LYS A 784 62.18 15.58 -19.16
C LYS A 784 62.13 16.01 -20.63
N GLN A 785 63.12 15.62 -21.45
CA GLN A 785 63.20 16.01 -22.88
C GLN A 785 62.99 14.75 -23.71
N ILE A 786 62.62 14.87 -24.98
CA ILE A 786 62.29 13.66 -25.79
C ILE A 786 63.59 13.18 -26.41
N TYR A 787 64.22 12.16 -25.82
CA TYR A 787 65.54 11.72 -26.33
C TYR A 787 65.37 11.01 -27.67
N LYS A 788 66.40 11.06 -28.51
CA LYS A 788 66.32 10.43 -29.85
C LYS A 788 67.53 9.53 -30.03
N THR A 789 67.42 8.51 -30.88
CA THR A 789 68.52 7.54 -31.06
C THR A 789 69.37 7.98 -32.24
N PRO A 790 70.64 7.53 -32.37
CA PRO A 790 71.51 8.02 -33.43
C PRO A 790 71.11 7.45 -34.80
N PRO A 791 71.52 8.05 -35.93
CA PRO A 791 71.10 7.56 -37.23
C PRO A 791 71.58 6.11 -37.44
N ILE A 792 72.83 5.81 -37.07
CA ILE A 792 73.40 4.46 -37.28
C ILE A 792 73.22 3.65 -35.99
N LYS A 793 72.40 2.60 -36.04
CA LYS A 793 72.09 1.83 -34.80
C LYS A 793 73.06 0.67 -34.59
N TYR A 794 74.35 0.94 -34.39
CA TYR A 794 75.28 -0.16 -34.03
C TYR A 794 75.55 0.06 -32.55
N PHE A 795 75.15 -0.89 -31.70
CA PHE A 795 75.23 -0.71 -30.24
C PHE A 795 76.01 -1.86 -29.65
N GLY A 796 77.12 -2.23 -30.30
CA GLY A 796 77.99 -3.29 -29.78
C GLY A 796 77.52 -4.63 -30.27
N GLY A 797 76.55 -4.64 -31.19
CA GLY A 797 75.95 -5.89 -31.69
C GLY A 797 74.59 -6.14 -31.10
N PHE A 798 74.22 -5.36 -30.10
CA PHE A 798 72.93 -5.58 -29.43
C PHE A 798 71.89 -5.06 -30.40
N ASN A 799 70.85 -5.84 -30.64
CA ASN A 799 69.89 -5.43 -31.67
C ASN A 799 68.61 -5.03 -30.96
N PHE A 800 68.28 -3.75 -31.06
CA PHE A 800 67.09 -3.22 -30.40
C PHE A 800 66.02 -2.98 -31.46
N SER A 801 66.20 -3.49 -32.68
CA SER A 801 65.24 -3.20 -33.78
C SER A 801 63.88 -3.64 -33.29
N GLN A 802 63.86 -4.73 -32.55
CA GLN A 802 62.63 -5.27 -31.94
C GLN A 802 62.10 -4.34 -30.85
N ILE A 803 62.89 -3.40 -30.35
CA ILE A 803 62.37 -2.56 -29.23
C ILE A 803 62.30 -1.11 -29.69
N LEU A 804 63.18 -0.71 -30.61
CA LEU A 804 63.24 0.71 -31.01
C LEU A 804 62.15 0.97 -32.04
N PRO A 805 61.69 2.21 -32.21
CA PRO A 805 60.67 2.54 -33.18
C PRO A 805 60.89 2.23 -34.67
N ASP A 806 59.89 1.64 -35.33
CA ASP A 806 59.94 1.37 -36.80
C ASP A 806 58.95 2.32 -37.47
N PRO A 807 59.38 3.22 -38.40
CA PRO A 807 58.49 4.25 -38.98
C PRO A 807 57.27 3.83 -39.82
N SER A 808 57.38 2.78 -40.63
CA SER A 808 56.24 2.25 -41.42
C SER A 808 55.11 1.74 -40.51
N LYS A 809 55.44 1.19 -39.34
CA LYS A 809 54.45 0.58 -38.41
C LYS A 809 53.44 1.63 -37.95
N PRO A 810 52.19 1.25 -37.53
CA PRO A 810 51.15 2.16 -37.03
C PRO A 810 51.52 3.38 -36.16
N SER A 811 52.75 3.87 -36.22
CA SER A 811 53.25 5.06 -35.50
C SER A 811 54.75 4.79 -35.36
N LYS A 812 55.30 4.99 -34.18
CA LYS A 812 56.69 4.58 -33.91
C LYS A 812 56.53 3.21 -33.31
N ARG A 813 55.29 2.71 -33.33
CA ARG A 813 55.04 1.45 -32.61
C ARG A 813 56.11 0.47 -33.09
N SER A 814 56.84 -0.13 -32.15
CA SER A 814 57.96 -1.05 -32.47
C SER A 814 57.36 -2.37 -32.91
N PRO A 815 58.11 -3.32 -33.49
CA PRO A 815 57.55 -4.63 -33.78
C PRO A 815 56.97 -5.40 -32.58
N ILE A 816 57.61 -5.48 -31.39
CA ILE A 816 56.99 -6.13 -30.19
C ILE A 816 55.77 -5.35 -29.71
N GLU A 817 55.83 -4.03 -29.74
CA GLU A 817 54.68 -3.18 -29.36
C GLU A 817 53.56 -3.44 -30.36
N ASP A 818 53.90 -3.63 -31.63
CA ASP A 818 52.88 -3.89 -32.67
C ASP A 818 52.15 -5.19 -32.36
N LEU A 819 52.87 -6.23 -31.95
CA LEU A 819 52.23 -7.52 -31.60
C LEU A 819 51.33 -7.36 -30.38
N LEU A 820 51.82 -6.77 -29.29
CA LEU A 820 51.02 -6.55 -28.06
C LEU A 820 49.71 -5.84 -28.42
N PHE A 821 49.78 -4.80 -29.24
CA PHE A 821 48.57 -4.02 -29.60
C PHE A 821 47.60 -4.90 -30.39
N ASN A 822 48.11 -5.73 -31.30
CA ASN A 822 47.22 -6.68 -32.01
C ASN A 822 46.63 -7.71 -31.03
N LYS A 823 47.44 -8.27 -30.13
CA LYS A 823 46.97 -9.37 -29.22
C LYS A 823 45.91 -8.95 -28.21
N VAL A 824 46.00 -7.77 -27.57
CA VAL A 824 44.91 -7.32 -26.65
C VAL A 824 43.80 -6.69 -27.48
N PHE A 853 26.48 4.55 -25.70
CA PHE A 853 25.34 3.73 -25.35
C PHE A 853 24.16 4.62 -25.13
N ASN A 854 23.58 4.45 -23.96
CA ASN A 854 22.41 5.20 -23.54
C ASN A 854 22.59 5.57 -22.07
N GLY A 855 23.13 6.77 -21.87
CA GLY A 855 23.57 7.29 -20.60
C GLY A 855 25.05 7.15 -20.36
N LEU A 856 25.71 6.23 -21.05
CA LEU A 856 27.01 5.73 -20.68
C LEU A 856 28.02 6.11 -21.75
N THR A 857 29.03 6.87 -21.40
CA THR A 857 29.99 7.33 -22.39
C THR A 857 31.36 6.84 -22.01
N VAL A 858 32.31 7.08 -22.88
CA VAL A 858 33.71 6.82 -22.61
C VAL A 858 34.46 8.08 -22.97
N LEU A 859 35.24 8.60 -22.04
CA LEU A 859 36.04 9.74 -22.38
C LEU A 859 37.40 9.28 -22.84
N PRO A 860 37.99 9.97 -23.83
CA PRO A 860 39.26 9.52 -24.38
C PRO A 860 40.45 9.84 -23.48
N PRO A 861 41.49 8.99 -23.51
CA PRO A 861 42.70 9.30 -22.78
C PRO A 861 43.37 10.58 -23.32
N LEU A 862 43.85 11.44 -22.42
CA LEU A 862 44.54 12.71 -22.80
C LEU A 862 45.80 12.40 -23.57
N LEU A 863 46.55 11.40 -23.14
CA LEU A 863 47.80 11.05 -23.82
C LEU A 863 47.47 10.06 -24.93
N THR A 864 47.66 10.44 -26.18
CA THR A 864 47.29 9.59 -27.34
C THR A 864 48.24 8.41 -27.37
N ASP A 865 47.85 7.34 -28.05
CA ASP A 865 48.71 6.13 -28.13
C ASP A 865 50.02 6.52 -28.80
N GLU A 866 50.01 7.45 -29.76
CA GLU A 866 51.25 7.95 -30.41
C GLU A 866 52.18 8.65 -29.41
N MET A 867 51.67 9.50 -28.53
CA MET A 867 52.49 10.17 -27.48
C MET A 867 52.99 9.16 -26.46
N ILE A 868 52.15 8.21 -26.09
CA ILE A 868 52.56 7.15 -25.13
C ILE A 868 53.69 6.38 -25.81
N ALA A 869 53.65 6.19 -27.14
CA ALA A 869 54.78 5.57 -27.85
C ALA A 869 56.02 6.47 -27.91
N GLN A 870 55.87 7.78 -28.08
CA GLN A 870 57.02 8.74 -28.08
C GLN A 870 57.69 8.81 -26.70
N TYR A 871 56.90 8.77 -25.63
CA TYR A 871 57.46 8.74 -24.26
C TYR A 871 58.28 7.47 -24.11
N THR A 872 57.76 6.36 -24.60
CA THR A 872 58.50 5.06 -24.50
C THR A 872 59.76 5.16 -25.32
N SER A 873 59.72 5.80 -26.49
CA SER A 873 60.91 5.89 -27.38
C SER A 873 62.01 6.72 -26.72
N ALA A 874 61.69 7.81 -26.03
CA ALA A 874 62.65 8.65 -25.30
C ALA A 874 63.23 7.92 -24.09
N LEU A 875 62.40 7.19 -23.38
CA LEU A 875 62.85 6.35 -22.25
C LEU A 875 63.79 5.29 -22.78
N LEU A 876 63.49 4.70 -23.93
CA LEU A 876 64.41 3.74 -24.58
C LEU A 876 65.66 4.42 -25.14
N ALA A 877 65.56 5.60 -25.74
CA ALA A 877 66.72 6.27 -26.38
C ALA A 877 67.79 6.73 -25.40
N GLY A 878 67.39 7.25 -24.25
CA GLY A 878 68.34 7.64 -23.19
C GLY A 878 69.00 6.45 -22.56
N THR A 879 68.26 5.38 -22.33
CA THR A 879 68.83 4.19 -21.65
C THR A 879 69.89 3.60 -22.54
N ILE A 880 69.67 3.63 -23.85
CA ILE A 880 70.64 3.03 -24.80
C ILE A 880 71.94 3.84 -24.86
N THR A 881 71.90 5.17 -24.90
CA THR A 881 73.11 6.01 -25.11
C THR A 881 73.56 6.83 -23.89
N SER A 882 73.02 6.58 -22.70
CA SER A 882 73.33 7.35 -21.47
C SER A 882 73.51 6.40 -20.30
N GLY A 883 72.49 5.61 -20.04
CA GLY A 883 72.53 4.65 -18.92
C GLY A 883 71.71 5.08 -17.74
N TRP A 884 72.28 4.99 -16.54
CA TRP A 884 71.62 5.43 -15.30
C TRP A 884 71.47 6.96 -15.31
N THR A 885 72.27 7.67 -16.09
CA THR A 885 72.41 9.13 -16.05
C THR A 885 71.16 9.95 -16.33
N PHE A 886 70.30 9.57 -17.24
CA PHE A 886 69.20 10.48 -17.59
C PHE A 886 68.31 10.76 -16.38
N GLY A 887 68.01 9.78 -15.56
CA GLY A 887 67.14 9.96 -14.38
C GLY A 887 67.75 10.82 -13.27
N ALA A 888 69.07 10.72 -13.03
CA ALA A 888 69.74 11.40 -11.90
C ALA A 888 70.23 12.82 -12.21
N GLY A 889 70.11 13.31 -13.45
CA GLY A 889 70.46 14.71 -13.78
C GLY A 889 70.54 14.97 -15.27
N PRO A 890 71.56 15.68 -15.78
CA PRO A 890 71.76 15.81 -17.22
C PRO A 890 72.08 14.45 -17.85
N ALA A 891 71.53 14.15 -19.02
CA ALA A 891 71.70 12.83 -19.66
C ALA A 891 73.07 12.80 -20.29
N LEU A 892 74.00 12.07 -19.67
CA LEU A 892 75.40 12.03 -20.17
C LEU A 892 75.50 10.86 -21.13
N GLN A 893 76.63 10.69 -21.80
CA GLN A 893 76.70 9.66 -22.85
C GLN A 893 77.87 8.73 -22.63
N ILE A 894 77.66 7.42 -22.81
CA ILE A 894 78.72 6.39 -22.75
C ILE A 894 78.34 5.42 -23.85
N PRO A 895 79.25 4.74 -24.55
CA PRO A 895 78.85 3.71 -25.50
C PRO A 895 78.14 2.51 -24.87
N PHE A 896 77.19 1.83 -25.55
CA PHE A 896 76.39 0.73 -24.91
C PHE A 896 77.24 -0.42 -24.38
N PRO A 897 78.31 -0.91 -25.05
CA PRO A 897 79.18 -1.92 -24.45
C PRO A 897 79.70 -1.36 -23.10
N MET A 898 79.80 -0.07 -22.92
CA MET A 898 80.36 0.50 -21.66
C MET A 898 79.24 0.84 -20.67
N GLN A 899 77.97 0.92 -21.13
CA GLN A 899 76.90 1.07 -20.13
C GLN A 899 76.81 -0.24 -19.40
N MET A 900 76.77 -1.37 -20.13
CA MET A 900 76.82 -2.72 -19.51
C MET A 900 78.28 -2.82 -19.14
N ALA A 901 78.67 -3.68 -18.24
CA ALA A 901 80.06 -3.74 -17.74
C ALA A 901 80.06 -2.81 -16.54
N TYR A 902 79.03 -1.98 -16.46
CA TYR A 902 78.81 -1.14 -15.27
C TYR A 902 77.45 -1.61 -14.73
N ARG A 903 76.66 -2.34 -15.52
CA ARG A 903 75.44 -2.99 -15.00
C ARG A 903 75.88 -4.40 -14.56
N PHE A 904 77.02 -4.90 -15.06
CA PHE A 904 77.62 -6.17 -14.59
C PHE A 904 78.23 -5.93 -13.22
N ASN A 905 78.83 -4.77 -13.00
CA ASN A 905 79.51 -4.44 -11.72
C ASN A 905 78.48 -4.39 -10.60
N GLY A 906 77.28 -3.95 -10.91
CA GLY A 906 76.24 -3.92 -9.89
C GLY A 906 75.98 -5.30 -9.35
N ILE A 907 76.06 -6.35 -10.16
CA ILE A 907 75.66 -7.73 -9.72
C ILE A 907 76.87 -8.51 -9.22
N GLY A 908 77.97 -7.82 -8.97
CA GLY A 908 79.14 -8.49 -8.40
C GLY A 908 80.04 -9.11 -9.45
N VAL A 909 79.82 -8.83 -10.73
CA VAL A 909 80.63 -9.48 -11.80
C VAL A 909 81.61 -8.44 -12.33
N THR A 910 82.87 -8.82 -12.49
CA THR A 910 83.91 -7.85 -12.86
C THR A 910 83.68 -7.37 -14.28
N GLN A 911 84.27 -6.24 -14.66
CA GLN A 911 84.04 -5.64 -16.01
C GLN A 911 84.54 -6.60 -17.06
N ASN A 912 85.60 -7.33 -16.74
CA ASN A 912 86.27 -8.16 -17.75
C ASN A 912 85.25 -9.07 -18.41
N VAL A 913 84.24 -9.53 -17.71
CA VAL A 913 83.36 -10.55 -18.33
C VAL A 913 82.69 -10.00 -19.59
N LEU A 914 82.12 -8.79 -19.61
CA LEU A 914 81.43 -8.32 -20.86
C LEU A 914 82.44 -8.03 -21.98
N TYR A 915 83.57 -7.38 -21.68
CA TYR A 915 84.62 -7.05 -22.68
C TYR A 915 85.28 -8.32 -23.20
N GLU A 916 85.57 -9.29 -22.33
CA GLU A 916 86.13 -10.59 -22.76
C GLU A 916 85.11 -11.40 -23.56
N ASN A 917 83.84 -11.38 -23.19
CA ASN A 917 82.84 -12.25 -23.85
C ASN A 917 81.73 -11.41 -24.47
N GLN A 918 82.06 -10.33 -25.18
CA GLN A 918 81.04 -9.38 -25.69
C GLN A 918 80.07 -9.99 -26.69
N LYS A 919 80.56 -10.63 -27.75
CA LYS A 919 79.71 -11.18 -28.83
C LYS A 919 78.80 -12.32 -28.35
N LEU A 920 79.29 -13.21 -27.48
CA LEU A 920 78.39 -14.26 -26.93
C LEU A 920 77.22 -13.62 -26.21
N ILE A 921 77.46 -12.62 -25.36
CA ILE A 921 76.38 -11.94 -24.59
C ILE A 921 75.43 -11.22 -25.55
N ALA A 922 75.95 -10.58 -26.61
CA ALA A 922 75.11 -9.83 -27.57
C ALA A 922 74.15 -10.78 -28.29
N ASN A 923 74.63 -11.95 -28.74
CA ASN A 923 73.74 -12.96 -29.39
C ASN A 923 72.78 -13.60 -28.40
N GLN A 924 73.22 -13.92 -27.18
CA GLN A 924 72.29 -14.47 -26.16
C GLN A 924 71.20 -13.43 -25.96
N PHE A 925 71.58 -12.15 -25.90
CA PHE A 925 70.57 -11.06 -25.80
C PHE A 925 69.68 -11.01 -27.02
N ASN A 926 70.26 -11.06 -28.23
CA ASN A 926 69.44 -10.93 -29.48
C ASN A 926 68.48 -12.11 -29.59
N SER A 927 68.93 -13.33 -29.30
CA SER A 927 68.06 -14.53 -29.36
C SER A 927 66.94 -14.43 -28.31
N ALA A 928 67.25 -13.99 -27.10
CA ALA A 928 66.25 -13.83 -26.01
C ALA A 928 65.20 -12.82 -26.44
N ILE A 929 65.63 -11.69 -27.01
CA ILE A 929 64.67 -10.67 -27.52
C ILE A 929 63.83 -11.30 -28.65
N GLY A 930 64.46 -12.14 -29.49
CA GLY A 930 63.75 -12.81 -30.60
C GLY A 930 62.68 -13.76 -30.14
N LYS A 931 62.95 -14.58 -29.12
CA LYS A 931 61.96 -15.55 -28.57
C LYS A 931 60.75 -14.83 -27.96
N ILE A 932 60.93 -13.68 -27.33
CA ILE A 932 59.82 -12.94 -26.66
C ILE A 932 58.78 -12.63 -27.71
N GLN A 933 59.21 -12.25 -28.91
CA GLN A 933 58.15 -12.01 -29.93
C GLN A 933 57.39 -13.32 -30.12
N ASP A 934 58.09 -14.44 -30.27
CA ASP A 934 57.44 -15.78 -30.45
C ASP A 934 56.68 -16.26 -29.21
N SER A 935 57.25 -16.13 -28.02
CA SER A 935 56.62 -16.63 -26.76
C SER A 935 55.34 -15.86 -26.46
N LEU A 936 55.38 -14.55 -26.58
CA LEU A 936 54.17 -13.73 -26.39
C LEU A 936 53.31 -13.87 -27.63
N SER A 937 53.86 -14.43 -28.72
CA SER A 937 53.11 -14.47 -30.00
C SER A 937 51.81 -15.25 -29.81
N SER A 938 51.83 -16.36 -29.05
CA SER A 938 50.56 -17.07 -28.72
C SER A 938 50.78 -18.14 -27.65
N THR A 939 52.02 -18.35 -27.19
CA THR A 939 52.28 -19.52 -26.31
C THR A 939 51.46 -19.52 -25.01
N PRO A 940 51.35 -18.41 -24.25
CA PRO A 940 50.47 -18.37 -23.08
C PRO A 940 49.42 -17.26 -23.19
N SER A 941 48.53 -17.15 -22.20
CA SER A 941 47.61 -15.98 -22.19
C SER A 941 48.46 -14.86 -21.59
N ALA A 942 49.50 -14.47 -22.31
CA ALA A 942 50.42 -13.43 -21.81
C ALA A 942 49.62 -12.22 -21.37
N LEU A 943 48.96 -11.57 -22.32
CA LEU A 943 48.25 -10.31 -22.01
C LEU A 943 46.94 -10.62 -21.28
N GLY A 944 46.98 -11.56 -20.33
CA GLY A 944 45.80 -11.87 -19.52
C GLY A 944 45.48 -10.77 -18.55
N LYS A 945 46.50 -10.16 -17.93
CA LYS A 945 46.23 -9.12 -16.90
C LYS A 945 45.56 -7.88 -17.53
N LEU A 946 46.04 -7.42 -18.67
CA LEU A 946 45.47 -6.24 -19.36
C LEU A 946 44.09 -6.56 -19.93
N GLN A 947 43.90 -7.76 -20.47
CA GLN A 947 42.59 -8.17 -21.06
C GLN A 947 41.59 -8.38 -19.93
N ASP A 948 42.06 -8.75 -18.75
CA ASP A 948 41.15 -8.89 -17.58
C ASP A 948 40.52 -7.54 -17.29
N VAL A 949 41.29 -6.46 -17.35
CA VAL A 949 40.77 -5.11 -17.03
C VAL A 949 39.69 -4.75 -18.04
N VAL A 950 39.92 -5.02 -19.32
CA VAL A 950 38.91 -4.71 -20.39
C VAL A 950 37.66 -5.55 -20.12
N ASN A 951 37.84 -6.82 -19.79
CA ASN A 951 36.70 -7.74 -19.52
C ASN A 951 35.91 -7.29 -18.30
N HIS A 952 36.59 -6.93 -17.21
CA HIS A 952 35.88 -6.56 -15.95
C HIS A 952 35.05 -5.31 -16.18
N ASN A 953 35.60 -4.32 -16.88
CA ASN A 953 34.88 -3.05 -17.11
C ASN A 953 33.67 -3.30 -17.99
N ALA A 954 33.82 -4.10 -19.04
CA ALA A 954 32.70 -4.37 -19.99
C ALA A 954 31.58 -5.11 -19.27
N GLN A 955 31.93 -6.10 -18.47
CA GLN A 955 30.90 -6.90 -17.76
C GLN A 955 30.13 -5.97 -16.81
N ALA A 956 30.80 -5.03 -16.15
CA ALA A 956 30.15 -4.06 -15.25
C ALA A 956 29.20 -3.13 -15.99
N LEU A 957 29.57 -2.62 -17.16
CA LEU A 957 28.63 -1.79 -17.96
C LEU A 957 27.45 -2.62 -18.47
N ASN A 958 27.69 -3.87 -18.87
CA ASN A 958 26.60 -4.77 -19.32
C ASN A 958 25.65 -5.08 -18.17
N THR A 959 26.17 -5.32 -16.97
CA THR A 959 25.25 -5.53 -15.84
C THR A 959 24.44 -4.25 -15.70
N LEU A 960 25.07 -3.08 -15.87
CA LEU A 960 24.35 -1.81 -15.65
C LEU A 960 23.22 -1.66 -16.67
N VAL A 961 23.48 -1.96 -17.94
CA VAL A 961 22.41 -1.89 -19.00
C VAL A 961 21.32 -2.95 -18.79
N LYS A 962 21.68 -4.17 -18.41
CA LYS A 962 20.68 -5.25 -18.14
C LYS A 962 19.83 -4.89 -16.92
N GLN A 963 20.42 -4.27 -15.91
CA GLN A 963 19.68 -3.94 -14.67
C GLN A 963 18.57 -2.97 -15.03
N LEU A 964 18.69 -2.27 -16.15
CA LEU A 964 17.61 -1.36 -16.61
C LEU A 964 16.34 -2.18 -16.85
N SER A 965 16.47 -3.38 -17.39
CA SER A 965 15.30 -4.28 -17.67
C SER A 965 14.57 -4.72 -16.40
N SER A 966 15.27 -4.87 -15.27
CA SER A 966 14.59 -5.39 -14.06
C SER A 966 13.44 -4.49 -13.62
N LYS A 967 12.28 -5.07 -13.30
CA LYS A 967 11.09 -4.31 -12.83
C LYS A 967 11.31 -3.71 -11.44
N PHE A 968 11.96 -4.46 -10.54
CA PHE A 968 12.15 -4.02 -9.13
C PHE A 968 10.80 -4.06 -8.41
N GLY A 969 9.82 -4.81 -8.93
CA GLY A 969 8.52 -4.96 -8.26
C GLY A 969 7.44 -4.02 -8.77
N ALA A 970 7.76 -3.11 -9.68
CA ALA A 970 6.70 -2.26 -10.28
C ALA A 970 6.05 -3.04 -11.43
N ILE A 971 4.99 -2.49 -12.03
CA ILE A 971 4.23 -3.25 -13.06
C ILE A 971 5.16 -3.62 -14.22
N SER A 972 5.98 -2.67 -14.69
CA SER A 972 6.85 -2.96 -15.86
C SER A 972 8.11 -2.11 -15.84
N SER A 973 9.19 -2.58 -16.48
CA SER A 973 10.44 -1.80 -16.60
C SER A 973 10.25 -0.55 -17.47
N VAL A 974 9.50 -0.65 -18.57
CA VAL A 974 9.40 0.50 -19.51
C VAL A 974 8.61 1.63 -18.83
N LEU A 975 9.20 2.82 -18.76
CA LEU A 975 8.56 3.96 -18.06
C LEU A 975 7.28 4.33 -18.77
N ASN A 976 7.31 4.32 -20.11
CA ASN A 976 6.13 4.71 -20.93
C ASN A 976 4.92 3.87 -20.51
N ASP A 977 5.09 2.56 -20.45
CA ASP A 977 3.95 1.66 -20.12
C ASP A 977 3.44 1.96 -18.70
N ILE A 978 4.32 2.17 -17.72
CA ILE A 978 3.77 2.40 -16.35
C ILE A 978 2.91 3.66 -16.45
N LEU A 979 3.42 4.67 -17.14
CA LEU A 979 2.68 5.95 -17.27
C LEU A 979 1.37 5.70 -18.03
N SER A 980 1.39 4.88 -19.08
CA SER A 980 0.17 4.63 -19.90
C SER A 980 -0.92 3.87 -19.13
N ARG A 981 -0.55 2.81 -18.41
CA ARG A 981 -1.56 1.96 -17.71
C ARG A 981 -2.24 2.72 -16.57
N LEU A 982 -1.50 3.55 -15.83
CA LEU A 982 -2.08 4.18 -14.62
C LEU A 982 -2.19 5.70 -14.73
N ASP A 983 -3.05 6.29 -13.92
CA ASP A 983 -3.17 7.77 -13.87
C ASP A 983 -1.97 8.31 -13.10
N PRO A 985 -1.26 10.00 -10.08
CA PRO A 985 -1.01 9.78 -8.65
C PRO A 985 -0.56 8.33 -8.40
N GLU A 986 -1.25 7.36 -9.00
CA GLU A 986 -0.87 5.93 -8.86
C GLU A 986 0.46 5.67 -9.57
N ALA A 987 0.65 6.26 -10.76
CA ALA A 987 1.88 6.04 -11.55
C ALA A 987 3.11 6.59 -10.82
N GLU A 988 2.97 7.71 -10.13
CA GLU A 988 4.16 8.38 -9.51
C GLU A 988 4.84 7.40 -8.54
N VAL A 989 4.07 6.66 -7.75
CA VAL A 989 4.66 5.74 -6.75
C VAL A 989 5.45 4.65 -7.49
N GLN A 990 4.88 4.11 -8.56
CA GLN A 990 5.54 3.01 -9.33
C GLN A 990 6.83 3.53 -9.97
N ILE A 991 6.82 4.76 -10.49
CA ILE A 991 8.05 5.38 -11.08
C ILE A 991 9.08 5.49 -9.97
N ASP A 992 8.66 5.86 -8.76
CA ASP A 992 9.59 6.03 -7.61
C ASP A 992 10.28 4.70 -7.32
N ARG A 993 9.56 3.59 -7.48
CA ARG A 993 10.18 2.26 -7.25
C ARG A 993 11.34 2.07 -8.24
N LEU A 994 11.12 2.41 -9.52
CA LEU A 994 12.19 2.21 -10.54
C LEU A 994 13.36 3.11 -10.22
N ILE A 995 13.10 4.35 -9.81
CA ILE A 995 14.22 5.31 -9.57
C ILE A 995 15.09 4.76 -8.45
N THR A 996 14.49 4.22 -7.39
CA THR A 996 15.27 3.71 -6.24
C THR A 996 16.15 2.55 -6.71
N GLY A 997 15.58 1.62 -7.47
CA GLY A 997 16.34 0.45 -7.94
C GLY A 997 17.45 0.87 -8.88
N ARG A 998 17.16 1.79 -9.80
CA ARG A 998 18.16 2.24 -10.80
C ARG A 998 19.26 3.05 -10.11
N LEU A 999 18.92 3.85 -9.12
CA LEU A 999 19.95 4.62 -8.35
C LEU A 999 20.84 3.64 -7.59
N GLN A 1000 20.28 2.59 -7.01
CA GLN A 1000 21.08 1.57 -6.31
C GLN A 1000 21.96 0.84 -7.32
N SER A 1001 21.46 0.64 -8.53
CA SER A 1001 22.30 0.03 -9.60
C SER A 1001 23.48 0.94 -9.93
N LEU A 1002 23.24 2.24 -10.06
CA LEU A 1002 24.32 3.22 -10.34
C LEU A 1002 25.25 3.35 -9.15
N GLN A 1003 24.71 3.35 -7.92
CA GLN A 1003 25.52 3.47 -6.70
C GLN A 1003 26.44 2.25 -6.56
N THR A 1004 25.93 1.06 -6.86
CA THR A 1004 26.78 -0.15 -6.81
C THR A 1004 27.91 -0.03 -7.83
N TYR A 1005 27.60 0.46 -9.03
CA TYR A 1005 28.62 0.61 -10.10
C TYR A 1005 29.74 1.54 -9.62
N VAL A 1006 29.42 2.72 -9.09
CA VAL A 1006 30.47 3.69 -8.69
C VAL A 1006 31.29 3.13 -7.53
N THR A 1007 30.66 2.45 -6.59
CA THR A 1007 31.37 1.85 -5.43
C THR A 1007 32.35 0.80 -5.95
N GLN A 1008 31.93 -0.01 -6.91
CA GLN A 1008 32.79 -1.07 -7.48
C GLN A 1008 33.94 -0.46 -8.26
N GLN A 1009 33.70 0.63 -9.01
CA GLN A 1009 34.75 1.33 -9.78
C GLN A 1009 35.76 2.00 -8.85
N LEU A 1010 35.33 2.52 -7.71
CA LEU A 1010 36.27 3.10 -6.71
C LEU A 1010 37.18 2.00 -6.17
N ILE A 1011 36.66 0.80 -5.91
CA ILE A 1011 37.47 -0.36 -5.46
C ILE A 1011 38.39 -0.85 -6.59
N ARG A 1012 37.90 -0.87 -7.83
CA ARG A 1012 38.74 -1.25 -9.00
C ARG A 1012 39.87 -0.24 -9.24
N ALA A 1013 39.61 1.05 -9.10
CA ALA A 1013 40.60 2.11 -9.31
C ALA A 1013 41.72 2.03 -8.28
N ALA A 1014 41.42 1.57 -7.07
CA ALA A 1014 42.43 1.39 -6.01
C ALA A 1014 43.45 0.34 -6.41
N GLU A 1015 43.03 -0.75 -7.04
CA GLU A 1015 43.95 -1.78 -7.56
C GLU A 1015 44.78 -1.23 -8.72
N ILE A 1016 44.19 -0.47 -9.62
CA ILE A 1016 44.92 0.16 -10.76
C ILE A 1016 45.87 1.23 -10.22
N ARG A 1017 45.51 1.96 -9.17
CA ARG A 1017 46.46 2.92 -8.56
C ARG A 1017 47.65 2.16 -7.96
N ALA A 1018 47.42 1.02 -7.32
CA ALA A 1018 48.51 0.18 -6.78
C ALA A 1018 49.37 -0.39 -7.90
N SER A 1019 48.80 -0.83 -9.01
CA SER A 1019 49.54 -1.33 -10.19
C SER A 1019 50.32 -0.19 -10.86
N ALA A 1020 49.71 0.97 -10.96
CA ALA A 1020 50.33 2.17 -11.55
C ALA A 1020 51.46 2.64 -10.64
N ASN A 1021 51.28 2.51 -9.33
CA ASN A 1021 52.32 2.87 -8.35
C ASN A 1021 53.51 1.92 -8.44
N LEU A 1022 53.31 0.62 -8.67
CA LEU A 1022 54.43 -0.35 -8.88
C LEU A 1022 55.05 -0.17 -10.26
N ALA A 1023 54.25 0.10 -11.29
CA ALA A 1023 54.72 0.34 -12.67
C ALA A 1023 55.60 1.57 -12.69
N ALA A 1024 55.21 2.59 -11.92
CA ALA A 1024 56.03 3.80 -11.78
C ALA A 1024 57.34 3.50 -11.02
N THR A 1025 57.32 2.64 -10.01
CA THR A 1025 58.54 2.25 -9.25
C THR A 1025 59.45 1.35 -10.09
N LYS A 1026 58.89 0.53 -10.98
CA LYS A 1026 59.70 -0.30 -11.90
C LYS A 1026 60.34 0.54 -12.99
N MET A 1027 59.73 1.64 -13.38
CA MET A 1027 60.32 2.56 -14.37
C MET A 1027 61.55 3.21 -13.80
N SER A 1028 61.43 3.69 -12.57
CA SER A 1028 62.53 4.41 -11.90
C SER A 1028 63.65 3.50 -11.46
N GLU A 1029 63.36 2.35 -10.88
CA GLU A 1029 64.44 1.53 -10.30
C GLU A 1029 64.97 0.47 -11.26
N CYS A 1030 64.49 0.43 -12.49
CA CYS A 1030 64.87 -0.60 -13.48
C CYS A 1030 65.24 -0.01 -14.84
N VAL A 1031 64.36 0.76 -15.45
CA VAL A 1031 64.67 1.48 -16.72
C VAL A 1031 65.64 2.62 -16.44
N LEU A 1032 65.47 3.32 -15.32
CA LEU A 1032 66.30 4.50 -15.04
C LEU A 1032 67.46 4.17 -14.09
N GLY A 1033 67.54 2.95 -13.56
CA GLY A 1033 68.69 2.53 -12.74
C GLY A 1033 68.66 1.03 -12.61
N GLN A 1034 69.68 0.37 -12.06
CA GLN A 1034 69.64 -1.11 -11.82
C GLN A 1034 69.28 -1.44 -10.37
N SER A 1035 68.16 -2.14 -10.11
CA SER A 1035 67.72 -2.56 -8.75
C SER A 1035 68.60 -3.64 -8.09
N LYS A 1036 68.75 -3.61 -6.76
CA LYS A 1036 69.45 -4.68 -6.02
C LYS A 1036 68.35 -5.39 -5.23
N ARG A 1037 67.11 -4.93 -5.34
CA ARG A 1037 65.98 -5.60 -4.70
C ARG A 1037 65.88 -6.96 -5.35
N VAL A 1038 65.63 -8.03 -4.59
CA VAL A 1038 65.65 -9.41 -5.16
C VAL A 1038 64.30 -9.73 -5.81
N ASP A 1039 64.34 -10.17 -7.06
CA ASP A 1039 63.12 -10.51 -7.83
C ASP A 1039 62.20 -9.31 -7.92
N PHE A 1040 62.74 -8.08 -7.97
CA PHE A 1040 61.89 -6.89 -8.18
C PHE A 1040 61.85 -6.59 -9.67
N CYS A 1041 63.01 -6.63 -10.30
CA CYS A 1041 63.07 -6.25 -11.73
C CYS A 1041 63.67 -7.43 -12.47
N GLY A 1042 62.93 -8.53 -12.52
CA GLY A 1042 63.38 -9.75 -13.20
C GLY A 1042 63.76 -10.82 -12.20
N LYS A 1043 63.67 -12.08 -12.61
CA LYS A 1043 64.08 -13.20 -11.74
C LYS A 1043 65.51 -13.53 -12.12
N GLY A 1044 66.46 -13.13 -11.29
CA GLY A 1044 67.88 -13.28 -11.66
C GLY A 1044 68.56 -12.05 -11.13
N TYR A 1045 69.78 -11.78 -11.52
CA TYR A 1045 70.43 -10.52 -11.10
C TYR A 1045 70.18 -9.47 -12.17
N HIS A 1046 69.42 -8.42 -11.87
CA HIS A 1046 69.00 -7.39 -12.86
C HIS A 1046 70.19 -6.77 -13.57
N LEU A 1047 70.13 -6.70 -14.90
CA LEU A 1047 71.17 -5.96 -15.63
C LEU A 1047 70.47 -4.70 -16.15
N MET A 1048 69.26 -4.81 -16.71
CA MET A 1048 68.56 -3.67 -17.36
C MET A 1048 67.09 -4.04 -17.58
N SER A 1049 66.26 -3.10 -18.01
CA SER A 1049 64.86 -3.41 -18.31
C SER A 1049 64.37 -2.40 -19.34
N PHE A 1050 63.38 -2.75 -20.18
CA PHE A 1050 62.89 -1.89 -21.29
C PHE A 1050 61.39 -1.76 -21.23
N PRO A 1051 60.87 -0.53 -21.22
CA PRO A 1051 59.43 -0.33 -21.25
C PRO A 1051 58.77 -0.52 -22.62
N GLN A 1052 57.62 -1.21 -22.67
CA GLN A 1052 56.83 -1.32 -23.93
C GLN A 1052 55.40 -0.91 -23.61
N SER A 1053 54.78 -0.15 -24.48
CA SER A 1053 53.41 0.33 -24.23
C SER A 1053 52.41 -0.72 -24.73
N ALA A 1054 51.65 -1.30 -23.82
CA ALA A 1054 50.60 -2.24 -24.25
C ALA A 1054 49.33 -1.41 -24.18
N PRO A 1055 48.13 -1.92 -24.50
CA PRO A 1055 46.98 -1.04 -24.52
C PRO A 1055 46.61 -0.29 -23.24
N HIS A 1056 46.52 -0.91 -22.07
CA HIS A 1056 46.08 -0.14 -20.87
C HIS A 1056 47.09 -0.36 -19.76
N GLY A 1057 48.33 -0.58 -20.14
CA GLY A 1057 49.35 -0.88 -19.15
C GLY A 1057 50.71 -0.81 -19.78
N VAL A 1058 51.71 -1.35 -19.11
CA VAL A 1058 53.10 -1.35 -19.66
C VAL A 1058 53.60 -2.79 -19.59
N VAL A 1059 54.45 -3.19 -20.51
CA VAL A 1059 55.10 -4.51 -20.43
C VAL A 1059 56.57 -4.18 -20.24
N PHE A 1060 57.24 -4.77 -19.26
CA PHE A 1060 58.69 -4.50 -19.13
C PHE A 1060 59.45 -5.76 -19.51
N LEU A 1061 60.50 -5.60 -20.31
CA LEU A 1061 61.36 -6.72 -20.72
C LEU A 1061 62.59 -6.66 -19.83
N HIS A 1062 62.71 -7.60 -18.90
CA HIS A 1062 63.79 -7.51 -17.90
C HIS A 1062 64.98 -8.38 -18.27
N VAL A 1063 66.09 -7.77 -18.69
CA VAL A 1063 67.37 -8.50 -18.98
C VAL A 1063 68.06 -8.83 -17.64
N THR A 1064 68.33 -10.12 -17.36
CA THR A 1064 68.87 -10.57 -16.07
C THR A 1064 69.98 -11.58 -16.33
N TYR A 1065 70.90 -11.75 -15.39
CA TYR A 1065 72.06 -12.65 -15.56
C TYR A 1065 71.78 -13.87 -14.72
N VAL A 1066 71.64 -15.03 -15.35
CA VAL A 1066 71.30 -16.28 -14.60
C VAL A 1066 72.57 -17.12 -14.60
N PRO A 1067 73.14 -17.50 -13.44
CA PRO A 1067 74.31 -18.34 -13.41
C PRO A 1067 74.00 -19.74 -13.94
N ALA A 1068 75.00 -20.44 -14.47
CA ALA A 1068 74.74 -21.78 -15.05
C ALA A 1068 76.01 -22.64 -15.03
N GLN A 1069 75.90 -23.91 -15.39
CA GLN A 1069 77.10 -24.80 -15.50
C GLN A 1069 77.95 -24.80 -14.24
N GLU A 1070 77.35 -25.18 -13.11
CA GLU A 1070 78.05 -25.20 -11.79
C GLU A 1070 79.08 -26.31 -11.68
N LYS A 1071 80.12 -26.11 -10.88
CA LYS A 1071 81.15 -27.13 -10.60
C LYS A 1071 81.34 -27.08 -9.09
N ASN A 1072 81.74 -28.17 -8.44
CA ASN A 1072 81.80 -28.18 -6.96
C ASN A 1072 83.25 -28.19 -6.52
N PHE A 1073 83.61 -27.43 -5.49
CA PHE A 1073 85.03 -27.32 -5.03
C PHE A 1073 85.13 -27.36 -3.51
N THR A 1074 86.35 -27.26 -2.99
CA THR A 1074 86.59 -27.30 -1.52
C THR A 1074 86.91 -25.88 -1.05
N THR A 1075 86.26 -25.40 0.03
CA THR A 1075 86.42 -24.00 0.52
C THR A 1075 86.96 -23.98 1.94
N ALA A 1076 87.96 -23.13 2.24
CA ALA A 1076 88.42 -22.96 3.63
C ALA A 1076 88.29 -21.49 3.98
N PRO A 1077 87.69 -21.11 5.12
CA PRO A 1077 87.35 -19.71 5.40
C PRO A 1077 88.51 -18.73 5.38
N ALA A 1078 89.66 -19.17 5.83
CA ALA A 1078 90.83 -18.30 5.75
C ALA A 1078 92.01 -19.17 5.36
N ILE A 1079 92.94 -18.63 4.59
CA ILE A 1079 94.18 -19.42 4.32
C ILE A 1079 95.28 -18.91 5.24
N CYS A 1080 95.83 -19.79 6.07
CA CYS A 1080 96.82 -19.35 7.08
C CYS A 1080 98.19 -19.28 6.45
N HIS A 1081 98.79 -18.10 6.38
CA HIS A 1081 100.19 -18.01 5.91
C HIS A 1081 100.97 -17.27 6.99
N ASP A 1082 102.11 -17.81 7.43
CA ASP A 1082 102.96 -17.15 8.45
C ASP A 1082 102.16 -16.97 9.74
N GLY A 1083 101.21 -17.87 10.03
CA GLY A 1083 100.50 -17.80 11.32
C GLY A 1083 99.45 -16.72 11.36
N LYS A 1084 99.16 -16.10 10.23
CA LYS A 1084 98.16 -15.01 10.18
C LYS A 1084 97.00 -15.49 9.33
N ALA A 1085 95.77 -15.29 9.79
CA ALA A 1085 94.67 -15.66 8.89
C ALA A 1085 94.80 -14.75 7.69
N HIS A 1086 94.47 -15.22 6.49
CA HIS A 1086 94.46 -14.34 5.31
C HIS A 1086 93.12 -14.48 4.63
N PHE A 1087 92.09 -13.80 5.12
CA PHE A 1087 90.80 -13.80 4.42
C PHE A 1087 91.01 -12.94 3.16
N PRO A 1088 90.21 -13.06 2.08
CA PRO A 1088 90.46 -12.29 0.88
C PRO A 1088 89.59 -11.03 0.76
N ARG A 1089 90.12 -9.94 0.17
CA ARG A 1089 89.33 -8.67 0.16
C ARG A 1089 88.02 -8.92 -0.55
N GLU A 1090 88.05 -9.55 -1.71
CA GLU A 1090 86.78 -9.96 -2.37
C GLU A 1090 87.12 -11.24 -3.13
N GLY A 1091 86.40 -12.32 -2.85
CA GLY A 1091 86.75 -13.61 -3.44
C GLY A 1091 86.56 -14.72 -2.43
N VAL A 1092 86.43 -15.96 -2.89
CA VAL A 1092 86.14 -17.10 -1.99
C VAL A 1092 87.30 -18.06 -2.19
N PHE A 1093 87.92 -18.58 -1.14
CA PHE A 1093 89.01 -19.53 -1.45
C PHE A 1093 88.37 -20.80 -2.00
N VAL A 1094 88.99 -21.44 -3.01
CA VAL A 1094 88.45 -22.70 -3.62
C VAL A 1094 89.64 -23.55 -4.07
N SER A 1095 89.48 -24.86 -4.18
CA SER A 1095 90.62 -25.76 -4.53
C SER A 1095 90.24 -26.73 -5.64
N ASN A 1096 91.05 -26.89 -6.68
CA ASN A 1096 90.77 -27.96 -7.67
C ASN A 1096 91.48 -29.23 -7.18
N GLY A 1097 91.06 -29.78 -6.04
CA GLY A 1097 91.78 -30.93 -5.47
C GLY A 1097 93.10 -30.56 -4.84
N THR A 1098 94.04 -29.97 -5.58
CA THR A 1098 95.40 -29.71 -5.02
C THR A 1098 95.70 -28.21 -4.90
N HIS A 1099 95.54 -27.45 -5.99
CA HIS A 1099 95.89 -26.01 -5.98
C HIS A 1099 94.78 -25.17 -5.34
N TRP A 1100 95.14 -24.10 -4.63
CA TRP A 1100 94.16 -23.23 -3.93
C TRP A 1100 94.05 -21.87 -4.64
N PHE A 1101 92.83 -21.37 -4.86
CA PHE A 1101 92.63 -20.11 -5.62
C PHE A 1101 91.53 -19.21 -5.03
N VAL A 1102 91.63 -17.89 -5.23
CA VAL A 1102 90.56 -16.92 -4.82
C VAL A 1102 89.64 -16.77 -6.04
N THR A 1103 88.33 -16.82 -5.90
CA THR A 1103 87.54 -16.67 -7.13
C THR A 1103 86.43 -15.63 -6.96
N GLN A 1104 86.01 -14.98 -8.04
CA GLN A 1104 84.87 -14.04 -7.97
C GLN A 1104 83.68 -14.91 -7.57
N ARG A 1105 82.73 -14.39 -6.83
CA ARG A 1105 81.66 -15.30 -6.36
C ARG A 1105 80.78 -15.90 -7.47
N ASN A 1106 80.30 -15.13 -8.45
CA ASN A 1106 79.29 -15.64 -9.43
C ASN A 1106 79.89 -16.11 -10.76
N PHE A 1107 81.20 -16.15 -10.88
CA PHE A 1107 81.85 -16.64 -12.12
C PHE A 1107 83.10 -17.39 -11.71
N TYR A 1108 83.37 -18.52 -12.34
CA TYR A 1108 84.57 -19.19 -11.85
C TYR A 1108 85.78 -18.56 -12.54
N GLU A 1109 86.42 -17.59 -11.87
CA GLU A 1109 87.67 -17.04 -12.42
C GLU A 1109 88.77 -17.25 -11.39
N PRO A 1110 89.44 -18.41 -11.41
CA PRO A 1110 90.42 -18.70 -10.42
C PRO A 1110 91.62 -17.75 -10.46
N GLN A 1111 92.09 -17.27 -9.30
CA GLN A 1111 93.34 -16.47 -9.29
C GLN A 1111 94.26 -16.97 -8.19
N ILE A 1112 95.57 -16.86 -8.38
CA ILE A 1112 96.57 -17.31 -7.39
C ILE A 1112 96.46 -16.39 -6.19
N ILE A 1113 96.86 -16.84 -5.00
CA ILE A 1113 96.62 -15.99 -3.80
C ILE A 1113 97.84 -15.12 -3.53
N THR A 1114 97.64 -13.80 -3.48
CA THR A 1114 98.74 -12.84 -3.20
C THR A 1114 98.16 -11.78 -2.26
N THR A 1115 99.00 -10.94 -1.66
CA THR A 1115 98.53 -9.96 -0.63
C THR A 1115 97.52 -8.95 -1.20
N ASP A 1116 97.58 -8.64 -2.49
CA ASP A 1116 96.66 -7.63 -3.11
C ASP A 1116 95.20 -8.07 -3.00
N ASN A 1117 94.91 -9.35 -3.17
CA ASN A 1117 93.51 -9.87 -3.07
C ASN A 1117 93.26 -10.47 -1.69
N THR A 1118 94.27 -10.46 -0.79
CA THR A 1118 94.12 -11.13 0.53
C THR A 1118 94.43 -10.18 1.68
N PHE A 1119 93.59 -10.14 2.72
CA PHE A 1119 93.80 -9.26 3.91
C PHE A 1119 94.10 -10.12 5.14
N VAL A 1120 95.17 -9.81 5.88
CA VAL A 1120 95.59 -10.63 7.05
C VAL A 1120 95.01 -10.01 8.31
N SER A 1121 94.22 -10.77 9.06
CA SER A 1121 93.56 -10.22 10.26
C SER A 1121 93.52 -11.23 11.41
N GLY A 1122 94.62 -11.44 12.14
CA GLY A 1122 94.51 -12.32 13.31
C GLY A 1122 95.64 -13.31 13.47
N ASN A 1123 95.37 -14.43 14.14
CA ASN A 1123 96.37 -15.50 14.31
C ASN A 1123 95.75 -16.81 13.79
N CYS A 1124 96.58 -17.79 13.44
CA CYS A 1124 96.08 -19.07 12.85
C CYS A 1124 95.17 -19.87 13.80
N ASP A 1125 95.42 -19.87 15.12
CA ASP A 1125 94.66 -20.72 16.09
C ASP A 1125 93.16 -20.44 16.20
N VAL A 1126 92.75 -19.18 16.27
CA VAL A 1126 91.32 -18.85 16.51
C VAL A 1126 90.42 -19.34 15.36
N VAL A 1127 90.85 -19.22 14.10
CA VAL A 1127 89.94 -19.54 12.95
C VAL A 1127 89.70 -21.05 12.83
N ILE A 1128 88.45 -21.45 12.60
CA ILE A 1128 88.12 -22.90 12.42
C ILE A 1128 87.85 -23.18 10.94
N GLY A 1129 88.72 -23.96 10.28
CA GLY A 1129 88.59 -24.18 8.83
C GLY A 1129 89.77 -23.59 8.08
N ILE A 1130 90.68 -22.95 8.79
CA ILE A 1130 91.86 -22.32 8.14
C ILE A 1130 92.72 -23.39 7.44
N VAL A 1131 93.27 -23.10 6.24
CA VAL A 1131 94.14 -24.07 5.52
C VAL A 1131 95.54 -23.50 5.37
N ASN A 1132 96.52 -24.34 5.04
CA ASN A 1132 97.94 -23.91 4.93
C ASN A 1132 98.34 -23.71 3.47
N ASN A 1133 98.83 -22.53 3.09
CA ASN A 1133 99.12 -22.22 1.68
C ASN A 1133 100.16 -21.09 1.63
N THR A 1134 100.66 -20.75 0.44
CA THR A 1134 101.61 -19.61 0.30
C THR A 1134 100.86 -18.47 -0.38
N VAL A 1135 101.09 -17.21 0.05
CA VAL A 1135 100.31 -16.05 -0.49
C VAL A 1135 101.28 -15.00 -1.03
N SER B 24 10.85 -1.68 56.22
CA SER B 24 12.29 -2.08 56.24
C SER B 24 12.70 -2.57 54.85
N TYR B 25 14.00 -2.55 54.54
CA TYR B 25 14.47 -2.95 53.19
C TYR B 25 15.76 -3.77 53.31
N THR B 26 15.99 -4.74 52.42
CA THR B 26 17.23 -5.55 52.45
C THR B 26 17.82 -5.73 51.04
N ASN B 27 19.15 -5.63 50.90
CA ASN B 27 19.79 -5.72 49.56
C ASN B 27 19.58 -7.10 48.92
N SER B 28 19.17 -7.14 47.66
CA SER B 28 18.96 -8.41 46.92
C SER B 28 20.15 -8.60 45.99
N PHE B 29 21.03 -9.52 46.37
CA PHE B 29 22.27 -9.69 45.57
C PHE B 29 22.04 -10.78 44.52
N THR B 30 22.07 -10.41 43.23
CA THR B 30 21.95 -11.42 42.15
C THR B 30 20.74 -12.33 42.38
N ARG B 31 19.52 -11.78 42.50
CA ARG B 31 18.34 -12.64 42.83
C ARG B 31 17.16 -12.32 41.94
N GLY B 32 16.19 -13.23 41.82
CA GLY B 32 14.94 -12.95 41.07
C GLY B 32 14.99 -13.29 39.59
N VAL B 33 16.00 -14.01 39.13
CA VAL B 33 16.13 -14.29 37.66
C VAL B 33 15.34 -15.57 37.35
N TYR B 34 14.50 -15.55 36.32
CA TYR B 34 13.67 -16.73 35.97
C TYR B 34 14.05 -17.19 34.57
N TYR B 35 13.82 -18.47 34.24
CA TYR B 35 14.10 -18.92 32.86
C TYR B 35 13.15 -18.15 31.95
N PRO B 36 13.66 -17.34 31.01
CA PRO B 36 12.80 -16.49 30.20
C PRO B 36 11.84 -17.26 29.28
N ASP B 37 12.31 -18.37 28.70
CA ASP B 37 11.48 -19.16 27.74
C ASP B 37 11.84 -20.64 27.84
N LYS B 38 10.99 -21.51 27.26
CA LYS B 38 11.22 -22.98 27.32
C LYS B 38 12.44 -23.39 26.49
N VAL B 39 12.83 -22.60 25.49
CA VAL B 39 13.93 -23.03 24.57
C VAL B 39 15.18 -23.38 25.37
N PHE B 40 15.75 -24.55 25.09
CA PHE B 40 17.04 -24.92 25.73
C PHE B 40 18.15 -24.20 24.99
N ARG B 41 19.23 -23.84 25.68
CA ARG B 41 20.41 -23.23 25.00
C ARG B 41 21.63 -23.79 25.72
N SER B 42 22.75 -23.97 25.05
CA SER B 42 23.91 -24.59 25.73
C SER B 42 25.16 -23.74 25.56
N SER B 43 25.88 -23.45 26.64
CA SER B 43 27.15 -22.68 26.58
C SER B 43 26.95 -21.38 25.81
N VAL B 44 25.80 -20.71 25.98
CA VAL B 44 25.49 -19.48 25.20
C VAL B 44 25.16 -18.35 26.18
N LEU B 45 25.83 -17.21 26.09
CA LEU B 45 25.44 -16.02 26.91
C LEU B 45 24.40 -15.26 26.09
N HIS B 46 23.14 -15.66 26.18
CA HIS B 46 22.06 -15.02 25.39
C HIS B 46 21.74 -13.67 26.01
N SER B 47 21.37 -12.67 25.20
CA SER B 47 20.96 -11.37 25.74
C SER B 47 19.45 -11.23 25.61
N THR B 48 18.74 -10.93 26.68
CA THR B 48 17.25 -10.93 26.64
C THR B 48 16.70 -9.63 27.23
N GLN B 49 15.61 -9.10 26.68
CA GLN B 49 14.95 -7.92 27.30
C GLN B 49 13.66 -8.41 27.94
N ASP B 50 13.54 -8.31 29.27
CA ASP B 50 12.33 -8.88 29.94
C ASP B 50 12.11 -8.19 31.29
N LEU B 51 10.89 -8.30 31.84
CA LEU B 51 10.61 -7.73 33.18
C LEU B 51 11.44 -8.50 34.21
N PHE B 52 12.14 -7.80 35.11
CA PHE B 52 13.05 -8.49 36.06
C PHE B 52 13.20 -7.67 37.33
N LEU B 53 13.63 -8.31 38.43
CA LEU B 53 13.95 -7.55 39.68
C LEU B 53 15.31 -6.89 39.41
N PRO B 54 15.45 -5.55 39.25
CA PRO B 54 16.74 -4.98 38.91
C PRO B 54 17.73 -5.42 39.99
N PHE B 55 18.99 -5.63 39.61
CA PHE B 55 19.97 -6.16 40.57
C PHE B 55 20.18 -5.14 41.68
N PHE B 56 20.40 -5.60 42.91
CA PHE B 56 20.70 -4.70 44.04
C PHE B 56 19.60 -3.64 44.23
N SER B 57 18.33 -4.07 44.21
CA SER B 57 17.19 -3.14 44.45
C SER B 57 16.61 -3.36 45.86
N ASN B 58 16.04 -2.32 46.47
CA ASN B 58 15.49 -2.40 47.85
C ASN B 58 14.15 -3.15 47.84
N VAL B 59 13.97 -4.08 48.78
CA VAL B 59 12.73 -4.89 48.83
C VAL B 59 12.10 -4.73 50.21
N THR B 60 10.78 -4.51 50.26
CA THR B 60 10.08 -4.36 51.56
C THR B 60 10.21 -5.69 52.32
N TRP B 61 10.42 -5.66 53.64
CA TRP B 61 10.66 -6.94 54.35
C TRP B 61 9.80 -7.03 55.61
N PHE B 62 8.88 -8.00 55.64
CA PHE B 62 7.89 -8.13 56.74
C PHE B 62 8.28 -9.35 57.58
N GLY B 84 4.88 -7.00 37.50
CA GLY B 84 4.89 -8.27 38.25
C GLY B 84 5.33 -8.07 39.68
N VAL B 85 5.83 -9.13 40.32
CA VAL B 85 6.32 -9.04 41.72
C VAL B 85 7.28 -10.21 41.98
N TYR B 86 8.09 -10.12 43.02
CA TYR B 86 8.95 -11.27 43.42
C TYR B 86 8.67 -11.54 44.89
N PHE B 87 8.30 -12.76 45.26
CA PHE B 87 7.95 -13.01 46.68
C PHE B 87 8.89 -14.08 47.24
N ALA B 88 9.68 -13.74 48.26
CA ALA B 88 10.53 -14.77 48.90
C ALA B 88 10.11 -14.92 50.36
N SER B 89 10.02 -16.16 50.86
CA SER B 89 9.67 -16.38 52.28
C SER B 89 10.72 -17.28 52.94
N THR B 90 11.24 -16.86 54.09
CA THR B 90 12.24 -17.70 54.81
C THR B 90 11.58 -18.26 56.07
N GLU B 91 11.41 -19.58 56.15
CA GLU B 91 10.72 -20.21 57.32
C GLU B 91 11.17 -21.67 57.47
N LYS B 92 10.93 -22.26 58.65
CA LYS B 92 11.23 -23.71 58.83
C LYS B 92 9.93 -24.43 59.17
N SER B 93 8.90 -23.68 59.59
CA SER B 93 7.62 -24.32 60.01
C SER B 93 6.71 -24.54 58.81
N ASN B 94 7.12 -24.09 57.62
CA ASN B 94 6.28 -24.22 56.39
C ASN B 94 5.00 -23.46 56.65
N ILE B 95 5.07 -22.40 57.45
CA ILE B 95 3.85 -21.64 57.85
C ILE B 95 3.21 -20.89 56.67
N ILE B 96 3.98 -20.30 55.75
CA ILE B 96 3.36 -19.45 54.69
C ILE B 96 2.79 -20.35 53.59
N ARG B 97 1.64 -20.98 53.88
CA ARG B 97 1.07 -21.97 52.93
C ARG B 97 0.71 -21.36 51.59
N GLY B 98 0.08 -20.17 51.55
CA GLY B 98 -0.42 -19.69 50.25
C GLY B 98 -0.46 -18.20 50.04
N TRP B 99 -0.85 -17.78 48.83
CA TRP B 99 -0.93 -16.35 48.47
C TRP B 99 -2.33 -16.13 47.88
N ILE B 100 -2.93 -14.95 48.08
CA ILE B 100 -4.28 -14.67 47.52
C ILE B 100 -4.24 -13.37 46.70
N PHE B 101 -4.45 -13.46 45.40
CA PHE B 101 -4.28 -12.27 44.52
C PHE B 101 -5.56 -11.95 43.76
N GLY B 102 -5.94 -10.67 43.71
CA GLY B 102 -7.11 -10.27 42.91
C GLY B 102 -7.03 -8.79 42.57
N THR B 104 -9.52 -6.60 43.02
CA THR B 104 -10.19 -5.95 44.16
C THR B 104 -10.56 -6.98 45.25
N GLN B 110 -13.57 -11.44 39.06
CA GLN B 110 -12.83 -12.72 39.25
C GLN B 110 -11.54 -12.47 40.03
N SER B 111 -11.14 -13.43 40.86
CA SER B 111 -9.86 -13.34 41.60
C SER B 111 -9.29 -14.75 41.71
N LEU B 112 -8.12 -14.96 42.31
CA LEU B 112 -7.65 -16.36 42.45
C LEU B 112 -7.16 -16.66 43.86
N LEU B 113 -7.14 -17.95 44.22
CA LEU B 113 -6.66 -18.36 45.56
C LEU B 113 -5.67 -19.51 45.36
N ILE B 114 -4.38 -19.21 45.37
CA ILE B 114 -3.35 -20.25 45.08
C ILE B 114 -3.05 -20.95 46.40
N VAL B 115 -4.04 -20.98 47.30
CA VAL B 115 -3.84 -21.54 48.67
C VAL B 115 -3.28 -22.97 48.59
N ASN B 116 -2.26 -23.26 49.41
CA ASN B 116 -1.64 -24.62 49.41
C ASN B 116 -2.00 -25.30 50.73
N ASN B 117 -2.43 -26.56 50.66
CA ASN B 117 -2.73 -27.35 51.89
C ASN B 117 -2.00 -28.68 51.81
N ALA B 118 -1.77 -29.34 52.94
CA ALA B 118 -1.00 -30.59 52.93
C ALA B 118 -1.74 -31.61 52.07
N THR B 119 -3.08 -31.62 52.14
CA THR B 119 -3.87 -32.63 51.38
C THR B 119 -3.64 -32.43 49.89
N ASN B 120 -3.68 -31.19 49.40
CA ASN B 120 -3.57 -30.94 47.94
C ASN B 120 -3.06 -29.52 47.72
N VAL B 121 -2.23 -29.29 46.70
CA VAL B 121 -1.85 -27.88 46.41
C VAL B 121 -3.00 -27.38 45.53
N VAL B 122 -3.90 -26.58 46.10
CA VAL B 122 -5.11 -26.22 45.30
C VAL B 122 -4.95 -24.84 44.67
N ILE B 123 -4.82 -24.80 43.35
CA ILE B 123 -4.82 -23.48 42.66
C ILE B 123 -6.27 -23.28 42.23
N LYS B 124 -6.93 -22.22 42.67
CA LYS B 124 -8.36 -22.05 42.35
C LYS B 124 -8.57 -20.64 41.77
N VAL B 125 -9.53 -20.49 40.87
CA VAL B 125 -9.78 -19.16 40.23
C VAL B 125 -11.25 -18.84 40.43
N CYS B 126 -11.65 -18.52 41.66
CA CYS B 126 -13.08 -18.24 41.96
C CYS B 126 -13.17 -16.86 42.60
N GLU B 164 -13.68 -20.83 36.92
CA GLU B 164 -12.88 -21.60 37.91
C GLU B 164 -11.84 -22.47 37.21
N TYR B 165 -10.80 -22.88 37.94
CA TYR B 165 -9.76 -23.79 37.39
C TYR B 165 -9.08 -24.47 38.58
N VAL B 166 -8.54 -25.68 38.42
CA VAL B 166 -7.76 -26.35 39.50
C VAL B 166 -6.49 -26.89 38.87
N SER B 167 -5.35 -26.85 39.58
CA SER B 167 -4.07 -27.25 38.92
C SER B 167 -3.36 -28.40 39.65
N GLN B 168 -2.02 -28.44 39.53
CA GLN B 168 -1.21 -29.59 40.07
C GLN B 168 -1.34 -29.74 41.59
N PRO B 169 -1.37 -30.99 42.11
CA PRO B 169 -1.45 -31.24 43.55
C PRO B 169 -0.13 -31.68 44.21
N ASN B 183 14.60 -23.82 54.76
CA ASN B 183 13.70 -23.63 53.58
C ASN B 183 13.59 -22.16 53.20
N LEU B 184 13.87 -21.82 51.95
CA LEU B 184 13.65 -20.45 51.44
C LEU B 184 12.82 -20.60 50.16
N ARG B 185 11.66 -19.93 50.07
CA ARG B 185 10.79 -20.15 48.89
C ARG B 185 10.73 -18.87 48.04
N GLU B 186 11.22 -18.93 46.80
CA GLU B 186 11.22 -17.74 45.92
C GLU B 186 10.17 -17.96 44.84
N PHE B 187 9.31 -16.97 44.59
CA PHE B 187 8.19 -17.17 43.64
C PHE B 187 7.97 -15.94 42.77
N VAL B 188 8.62 -15.86 41.62
CA VAL B 188 8.35 -14.73 40.69
C VAL B 188 6.93 -14.88 40.15
N PHE B 189 6.16 -13.81 40.13
CA PHE B 189 4.79 -13.88 39.55
C PHE B 189 4.68 -12.80 38.47
N LYS B 190 4.19 -13.15 37.29
CA LYS B 190 3.98 -12.12 36.25
C LYS B 190 2.65 -12.41 35.55
N ASN B 191 1.89 -11.38 35.15
CA ASN B 191 0.66 -11.66 34.37
C ASN B 191 0.77 -10.96 33.01
N ILE B 192 0.87 -11.74 31.93
CA ILE B 192 0.93 -11.16 30.55
C ILE B 192 0.06 -12.03 29.62
N ASP B 193 -0.65 -11.42 28.66
CA ASP B 193 -1.41 -12.19 27.64
C ASP B 193 -2.43 -13.13 28.31
N GLY B 194 -2.98 -12.74 29.46
CA GLY B 194 -4.02 -13.56 30.10
C GLY B 194 -3.44 -14.82 30.72
N TYR B 195 -2.12 -14.91 30.83
CA TYR B 195 -1.49 -16.07 31.50
C TYR B 195 -0.77 -15.56 32.75
N PHE B 196 -1.15 -16.10 33.92
CA PHE B 196 -0.48 -15.70 35.19
C PHE B 196 0.74 -16.59 35.37
N LYS B 197 1.80 -16.32 34.61
CA LYS B 197 3.00 -17.19 34.66
C LYS B 197 3.58 -17.13 36.07
N ILE B 198 3.94 -18.29 36.62
CA ILE B 198 4.48 -18.35 38.01
C ILE B 198 5.78 -19.15 37.96
N TYR B 199 6.83 -18.65 38.60
CA TYR B 199 8.12 -19.36 38.60
C TYR B 199 8.57 -19.54 40.05
N SER B 200 9.21 -20.65 40.39
CA SER B 200 9.53 -20.86 41.81
C SER B 200 10.81 -21.66 42.02
N LYS B 201 11.47 -21.48 43.16
CA LYS B 201 12.67 -22.30 43.51
C LYS B 201 12.70 -22.46 45.04
N HIS B 202 13.17 -23.59 45.55
CA HIS B 202 13.32 -23.78 47.02
C HIS B 202 14.80 -24.04 47.32
N THR B 203 15.38 -23.36 48.31
CA THR B 203 16.83 -23.47 48.57
C THR B 203 17.12 -23.87 50.02
N LEU B 214 18.50 -12.89 53.35
CA LEU B 214 18.48 -13.41 51.95
C LEU B 214 19.92 -13.62 51.50
N PRO B 215 20.29 -14.83 51.04
CA PRO B 215 21.68 -15.13 50.71
C PRO B 215 22.21 -14.45 49.45
N GLN B 216 23.52 -14.20 49.40
CA GLN B 216 24.14 -13.63 48.18
C GLN B 216 24.49 -14.77 47.24
N GLY B 217 23.48 -15.43 46.66
CA GLY B 217 23.71 -16.58 45.77
C GLY B 217 22.80 -16.53 44.57
N PHE B 218 23.16 -17.19 43.47
CA PHE B 218 22.31 -17.07 42.26
C PHE B 218 21.55 -18.36 42.02
N SER B 219 20.22 -18.29 42.01
CA SER B 219 19.42 -19.50 41.69
C SER B 219 18.27 -19.06 40.77
N ALA B 220 18.32 -19.44 39.50
CA ALA B 220 17.26 -19.02 38.55
C ALA B 220 15.98 -19.78 38.88
N LEU B 221 14.82 -19.19 38.61
CA LEU B 221 13.56 -19.85 39.00
C LEU B 221 12.97 -20.55 37.77
N GLU B 222 12.78 -21.87 37.82
CA GLU B 222 12.17 -22.65 36.70
C GLU B 222 10.67 -22.35 36.62
N PRO B 223 9.98 -22.56 35.49
CA PRO B 223 8.56 -22.22 35.39
C PRO B 223 7.68 -23.30 36.01
N LEU B 224 7.20 -23.06 37.24
CA LEU B 224 6.40 -24.07 37.97
C LEU B 224 5.07 -24.33 37.27
N VAL B 225 4.37 -23.26 36.88
CA VAL B 225 3.03 -23.45 36.24
C VAL B 225 2.62 -22.20 35.48
N ASP B 226 1.80 -22.35 34.43
CA ASP B 226 1.26 -21.20 33.70
C ASP B 226 -0.26 -21.35 33.74
N LEU B 227 -0.99 -20.31 34.14
CA LEU B 227 -2.45 -20.49 34.32
C LEU B 227 -3.20 -19.61 33.32
N PRO B 228 -4.18 -20.14 32.57
CA PRO B 228 -4.91 -19.36 31.57
C PRO B 228 -6.05 -18.56 32.20
N ILE B 229 -5.74 -17.72 33.20
CA ILE B 229 -6.82 -16.99 33.94
C ILE B 229 -7.53 -16.03 33.00
N GLY B 230 -6.78 -15.27 32.19
CA GLY B 230 -7.39 -14.32 31.24
C GLY B 230 -7.86 -13.04 31.91
N ILE B 231 -7.55 -12.83 33.19
CA ILE B 231 -8.07 -11.64 33.92
C ILE B 231 -6.91 -10.79 34.46
N ASN B 232 -7.06 -9.47 34.49
CA ASN B 232 -6.01 -8.56 35.02
C ASN B 232 -5.94 -8.65 36.54
N ILE B 233 -4.73 -8.71 37.12
CA ILE B 233 -4.59 -8.65 38.61
C ILE B 233 -3.63 -7.49 38.90
N THR B 234 -4.05 -6.55 39.77
CA THR B 234 -3.17 -5.40 40.11
C THR B 234 -2.85 -5.38 41.61
N ARG B 235 -3.33 -6.37 42.38
CA ARG B 235 -3.11 -6.34 43.85
C ARG B 235 -2.69 -7.74 44.33
N PHE B 236 -1.87 -7.79 45.39
CA PHE B 236 -1.41 -9.10 45.94
C PHE B 236 -1.62 -9.11 47.46
N GLN B 237 -1.87 -10.30 48.03
CA GLN B 237 -2.04 -10.45 49.50
C GLN B 237 -1.46 -11.83 49.87
N THR B 238 -1.08 -12.04 51.13
CA THR B 238 -0.60 -13.40 51.49
C THR B 238 -1.37 -13.94 52.70
N LEU B 239 -1.44 -15.27 52.83
CA LEU B 239 -2.08 -15.89 54.03
C LEU B 239 -1.01 -16.70 54.77
N ALA B 262 9.55 -15.30 57.90
CA ALA B 262 9.80 -13.95 57.35
C ALA B 262 9.14 -13.89 55.96
N TYR B 263 8.81 -12.70 55.46
CA TYR B 263 8.27 -12.58 54.07
C TYR B 263 8.81 -11.33 53.40
N TYR B 264 9.09 -11.36 52.10
CA TYR B 264 9.71 -10.20 51.40
C TYR B 264 9.02 -10.00 50.05
N VAL B 265 8.85 -8.77 49.58
CA VAL B 265 8.28 -8.56 48.21
C VAL B 265 9.15 -7.56 47.45
N GLY B 266 9.16 -7.64 46.12
CA GLY B 266 9.96 -6.74 45.27
C GLY B 266 9.21 -6.53 43.96
N TYR B 267 9.63 -5.59 43.11
CA TYR B 267 8.81 -5.33 41.90
C TYR B 267 9.63 -5.55 40.63
N LEU B 268 8.99 -6.07 39.57
CA LEU B 268 9.69 -6.38 38.29
C LEU B 268 9.68 -5.15 37.37
N GLN B 269 10.81 -4.85 36.73
CA GLN B 269 10.93 -3.63 35.88
C GLN B 269 11.52 -4.00 34.51
N PRO B 270 11.30 -3.22 33.43
CA PRO B 270 11.78 -3.62 32.12
C PRO B 270 13.30 -3.40 32.03
N ARG B 271 14.07 -4.47 31.83
CA ARG B 271 15.54 -4.37 31.82
C ARG B 271 16.12 -5.32 30.76
N THR B 272 17.36 -5.10 30.32
CA THR B 272 18.03 -6.04 29.38
C THR B 272 19.03 -6.85 30.20
N PHE B 273 19.05 -8.16 30.06
CA PHE B 273 19.94 -8.99 30.91
C PHE B 273 20.72 -9.98 30.04
N LEU B 274 22.00 -10.21 30.33
CA LEU B 274 22.78 -11.24 29.59
C LEU B 274 22.72 -12.50 30.44
N LEU B 275 22.08 -13.56 29.96
CA LEU B 275 21.87 -14.76 30.81
C LEU B 275 22.81 -15.86 30.37
N LYS B 276 23.60 -16.41 31.29
CA LYS B 276 24.60 -17.43 30.90
C LYS B 276 24.03 -18.82 31.16
N TYR B 277 23.94 -19.63 30.11
CA TYR B 277 23.41 -21.01 30.22
C TYR B 277 24.60 -21.97 30.23
N ASN B 278 24.59 -22.96 31.13
CA ASN B 278 25.66 -23.99 31.15
C ASN B 278 25.31 -25.10 30.14
N GLU B 279 26.13 -26.14 30.07
CA GLU B 279 25.89 -27.25 29.11
C GLU B 279 24.54 -27.90 29.38
N ASN B 280 24.15 -28.05 30.64
CA ASN B 280 22.87 -28.72 31.01
C ASN B 280 21.66 -27.86 30.66
N GLY B 281 21.85 -26.59 30.30
CA GLY B 281 20.73 -25.70 29.97
C GLY B 281 20.25 -24.85 31.11
N THR B 282 20.99 -24.79 32.23
CA THR B 282 20.61 -24.00 33.43
C THR B 282 21.27 -22.60 33.42
N ILE B 283 20.56 -21.57 33.90
CA ILE B 283 21.09 -20.17 33.91
C ILE B 283 21.95 -19.99 35.16
N THR B 284 23.26 -20.16 35.04
CA THR B 284 24.21 -20.04 36.18
C THR B 284 24.33 -18.62 36.73
N ASP B 285 24.40 -17.59 35.88
CA ASP B 285 24.62 -16.18 36.34
C ASP B 285 23.98 -15.22 35.34
N ALA B 286 23.74 -13.96 35.76
CA ALA B 286 23.16 -12.94 34.87
C ALA B 286 23.85 -11.58 35.03
N VAL B 287 23.79 -10.73 34.01
CA VAL B 287 24.37 -9.35 34.09
C VAL B 287 23.25 -8.35 33.88
N ASP B 288 23.12 -7.36 34.77
CA ASP B 288 22.11 -6.28 34.61
C ASP B 288 22.84 -5.19 33.83
N CYS B 289 22.49 -4.98 32.57
CA CYS B 289 23.30 -4.07 31.73
C CYS B 289 23.32 -2.62 32.25
N ALA B 290 22.22 -2.13 32.81
CA ALA B 290 22.14 -0.71 33.21
C ALA B 290 22.59 -0.45 34.65
N LEU B 291 23.05 -1.46 35.39
CA LEU B 291 23.39 -1.26 36.82
C LEU B 291 24.59 -0.33 37.01
N ASP B 292 25.62 -0.46 36.19
CA ASP B 292 26.89 0.26 36.45
C ASP B 292 27.60 0.52 35.11
N PRO B 293 28.70 1.30 35.06
CA PRO B 293 29.46 1.45 33.83
C PRO B 293 30.05 0.12 33.35
N LEU B 294 30.59 -0.70 34.24
CA LEU B 294 31.21 -1.99 33.83
C LEU B 294 30.15 -2.92 33.26
N SER B 295 28.95 -2.92 33.85
CA SER B 295 27.88 -3.83 33.38
C SER B 295 27.50 -3.49 31.93
N GLU B 296 27.41 -2.20 31.59
CA GLU B 296 27.03 -1.79 30.22
C GLU B 296 28.07 -2.28 29.22
N THR B 297 29.34 -2.20 29.56
CA THR B 297 30.41 -2.70 28.67
C THR B 297 30.23 -4.20 28.46
N LYS B 298 29.98 -4.95 29.53
CA LYS B 298 29.87 -6.43 29.43
C LYS B 298 28.69 -6.80 28.53
N CYS B 299 27.55 -6.14 28.69
CA CYS B 299 26.34 -6.41 27.86
C CYS B 299 26.65 -6.08 26.40
N THR B 300 27.49 -5.08 26.12
CA THR B 300 27.83 -4.67 24.73
C THR B 300 28.81 -5.67 24.12
N LEU B 301 29.83 -6.06 24.86
CA LEU B 301 30.82 -7.05 24.36
C LEU B 301 30.21 -8.46 24.50
N LYS B 302 29.06 -8.58 25.17
CA LYS B 302 28.39 -9.89 25.41
C LYS B 302 29.35 -10.87 26.08
N SER B 303 30.04 -10.43 27.12
CA SER B 303 30.94 -11.32 27.89
C SER B 303 30.87 -10.99 29.37
N PHE B 304 31.29 -11.91 30.22
CA PHE B 304 31.31 -11.66 31.68
C PHE B 304 32.75 -11.30 32.07
N THR B 305 33.66 -11.25 31.10
CA THR B 305 35.08 -10.85 31.34
C THR B 305 35.47 -9.74 30.35
N VAL B 306 36.06 -8.64 30.82
CA VAL B 306 36.40 -7.51 29.91
C VAL B 306 37.92 -7.32 29.93
N GLU B 307 38.53 -6.95 28.80
CA GLU B 307 39.99 -6.69 28.75
C GLU B 307 40.26 -5.20 28.97
N LYS B 308 41.49 -4.82 29.30
CA LYS B 308 41.84 -3.40 29.49
C LYS B 308 41.65 -2.64 28.18
N GLY B 309 40.97 -1.48 28.23
CA GLY B 309 40.80 -0.66 27.02
C GLY B 309 39.81 0.43 27.28
N ILE B 310 39.45 1.20 26.26
CA ILE B 310 38.39 2.25 26.39
C ILE B 310 37.27 1.82 25.46
N TYR B 311 36.03 1.67 25.95
CA TYR B 311 34.95 1.10 25.10
C TYR B 311 33.78 2.05 24.96
N GLN B 312 33.24 2.22 23.74
CA GLN B 312 32.07 3.11 23.51
C GLN B 312 30.82 2.29 23.78
N THR B 313 30.11 2.60 24.86
CA THR B 313 28.97 1.74 25.27
C THR B 313 27.63 2.42 25.12
N SER B 314 27.59 3.75 25.09
CA SER B 314 26.28 4.46 25.09
C SER B 314 26.49 5.89 24.60
N ASN B 315 25.42 6.65 24.44
CA ASN B 315 25.55 8.08 24.07
C ASN B 315 24.79 8.87 25.15
N PHE B 316 25.44 9.85 25.76
CA PHE B 316 24.79 10.69 26.81
C PHE B 316 23.92 11.75 26.15
N ARG B 317 22.73 12.00 26.68
CA ARG B 317 21.90 13.10 26.13
C ARG B 317 21.23 13.89 27.26
N VAL B 318 21.33 15.22 27.25
CA VAL B 318 20.60 16.05 28.26
C VAL B 318 19.14 16.03 27.84
N GLN B 319 18.20 16.16 28.76
CA GLN B 319 16.76 16.01 28.41
C GLN B 319 16.02 17.35 28.52
N PRO B 320 15.11 17.66 27.59
CA PRO B 320 14.33 18.89 27.66
C PRO B 320 13.46 18.91 28.92
N THR B 321 13.24 20.09 29.49
CA THR B 321 12.46 20.18 30.76
C THR B 321 11.25 21.11 30.70
N GLU B 322 11.45 22.42 30.48
CA GLU B 322 10.35 23.42 30.60
C GLU B 322 9.20 23.37 29.58
N SER B 323 9.46 23.18 28.28
CA SER B 323 8.39 23.29 27.23
C SER B 323 7.82 24.71 27.16
N ILE B 324 8.22 25.50 26.17
CA ILE B 324 7.76 26.92 26.07
C ILE B 324 7.12 27.17 24.69
N VAL B 325 5.99 27.88 24.65
CA VAL B 325 5.32 28.21 23.36
C VAL B 325 5.18 29.73 23.29
N ARG B 326 5.70 30.37 22.25
CA ARG B 326 5.61 31.86 22.12
C ARG B 326 4.96 32.24 20.78
N PHE B 327 3.89 33.04 20.80
CA PHE B 327 3.13 33.42 19.57
C PHE B 327 2.93 34.94 19.56
N PRO B 328 2.67 35.63 18.42
CA PRO B 328 2.58 37.11 18.41
C PRO B 328 1.72 37.84 19.45
N ASN B 329 1.71 39.18 19.43
CA ASN B 329 1.00 39.97 20.47
C ASN B 329 -0.50 39.71 20.45
N ILE B 330 -1.06 39.17 19.36
CA ILE B 330 -2.52 38.84 19.22
C ILE B 330 -3.42 40.07 19.45
N THR B 331 -3.04 41.20 18.86
CA THR B 331 -3.97 42.33 18.56
C THR B 331 -4.83 42.02 17.33
N ASN B 332 -5.88 42.81 17.07
CA ASN B 332 -6.78 42.66 15.88
C ASN B 332 -7.90 41.66 16.20
N LEU B 333 -9.07 42.16 16.60
CA LEU B 333 -10.15 41.20 16.98
C LEU B 333 -11.38 41.39 16.10
N CYS B 334 -12.12 40.31 15.86
CA CYS B 334 -13.29 40.35 14.96
C CYS B 334 -14.41 41.18 15.57
N PRO B 335 -15.29 41.79 14.76
CA PRO B 335 -16.36 42.60 15.29
C PRO B 335 -17.59 41.77 15.68
N PHE B 336 -17.40 40.66 16.40
CA PHE B 336 -18.57 39.91 16.92
C PHE B 336 -19.23 40.80 17.96
N ASP B 337 -18.44 41.67 18.57
CA ASP B 337 -18.96 42.57 19.64
C ASP B 337 -20.07 43.43 19.05
N GLU B 338 -19.91 43.87 17.81
CA GLU B 338 -20.93 44.80 17.24
C GLU B 338 -22.11 43.99 16.69
N VAL B 339 -22.00 42.67 16.55
CA VAL B 339 -23.20 41.89 16.11
C VAL B 339 -23.88 41.21 17.31
N PHE B 340 -23.13 40.58 18.20
CA PHE B 340 -23.75 39.83 19.33
C PHE B 340 -24.51 40.80 20.23
N ASN B 341 -23.92 41.94 20.54
CA ASN B 341 -24.65 42.94 21.34
C ASN B 341 -24.67 44.28 20.60
N ALA B 342 -25.86 44.83 20.40
CA ALA B 342 -26.00 46.11 19.69
C ALA B 342 -27.33 46.68 20.15
N THR B 343 -27.55 47.97 19.98
CA THR B 343 -28.81 48.54 20.50
C THR B 343 -29.98 47.86 19.79
N ARG B 344 -29.86 47.60 18.48
CA ARG B 344 -30.98 47.02 17.69
C ARG B 344 -30.50 45.76 16.95
N PHE B 345 -31.41 44.85 16.62
CA PHE B 345 -31.08 43.59 15.90
C PHE B 345 -31.90 43.55 14.60
N ALA B 346 -31.51 42.69 13.65
CA ALA B 346 -32.27 42.54 12.39
C ALA B 346 -33.58 41.77 12.54
N SER B 347 -34.63 42.15 11.81
CA SER B 347 -35.92 41.40 11.82
C SER B 347 -35.75 40.11 11.02
N VAL B 348 -36.63 39.12 11.18
CA VAL B 348 -36.39 37.81 10.48
C VAL B 348 -36.48 37.93 8.95
N TYR B 349 -37.45 38.66 8.37
CA TYR B 349 -37.59 38.65 6.89
C TYR B 349 -36.31 39.18 6.25
N ALA B 350 -35.80 40.31 6.73
CA ALA B 350 -34.50 40.80 6.21
C ALA B 350 -33.41 40.30 7.14
N TRP B 351 -33.26 38.98 7.29
CA TRP B 351 -32.24 38.56 8.28
C TRP B 351 -30.90 39.16 7.86
N ASN B 352 -30.19 39.81 8.77
CA ASN B 352 -28.95 40.51 8.35
C ASN B 352 -27.80 39.51 8.22
N ARG B 353 -26.86 39.78 7.34
CA ARG B 353 -25.64 38.92 7.26
C ARG B 353 -24.41 39.81 7.39
N LYS B 354 -23.47 39.44 8.25
CA LYS B 354 -22.23 40.21 8.36
C LYS B 354 -21.06 39.29 8.01
N ARG B 355 -20.18 39.73 7.11
CA ARG B 355 -18.99 38.92 6.76
C ARG B 355 -17.87 39.27 7.72
N ILE B 356 -17.25 38.26 8.32
CA ILE B 356 -16.19 38.52 9.32
C ILE B 356 -14.93 37.84 8.81
N SER B 357 -13.81 38.55 8.70
CA SER B 357 -12.62 37.91 8.09
C SER B 357 -11.34 38.66 8.47
N ASN B 358 -10.18 38.03 8.22
CA ASN B 358 -8.87 38.68 8.50
C ASN B 358 -8.83 39.04 9.98
N CYS B 359 -9.54 38.29 10.81
CA CYS B 359 -9.62 38.68 12.23
C CYS B 359 -9.53 37.49 13.18
N VAL B 360 -8.69 37.58 14.21
CA VAL B 360 -8.65 36.51 15.25
C VAL B 360 -9.94 36.65 16.06
N ALA B 361 -10.57 35.55 16.48
CA ALA B 361 -11.77 35.69 17.34
C ALA B 361 -11.68 34.73 18.53
N ASP B 362 -12.18 35.12 19.70
CA ASP B 362 -12.21 34.17 20.83
C ASP B 362 -13.64 33.65 20.97
N TYR B 363 -13.90 32.45 20.47
CA TYR B 363 -15.25 31.85 20.58
C TYR B 363 -15.55 31.56 22.06
N SER B 364 -14.53 31.18 22.84
CA SER B 364 -14.74 30.83 24.27
C SER B 364 -15.22 32.04 25.06
N VAL B 365 -14.98 33.26 24.57
CA VAL B 365 -15.56 34.43 25.29
C VAL B 365 -17.08 34.25 25.30
N LEU B 366 -17.67 33.77 24.21
CA LEU B 366 -19.12 33.46 24.21
C LEU B 366 -19.40 32.29 25.16
N TYR B 367 -18.57 31.25 25.14
CA TYR B 367 -18.81 30.01 25.93
C TYR B 367 -18.76 30.18 27.44
N ASN B 368 -17.86 31.02 27.97
CA ASN B 368 -17.67 31.06 29.45
C ASN B 368 -18.97 31.39 30.20
N PHE B 369 -19.78 32.33 29.70
CA PHE B 369 -20.99 32.70 30.49
C PHE B 369 -21.89 31.46 30.61
N ALA B 370 -22.06 30.72 29.51
CA ALA B 370 -22.86 29.47 29.52
C ALA B 370 -24.30 29.63 30.03
N PRO B 371 -25.07 30.72 29.78
CA PRO B 371 -26.47 30.78 30.17
C PRO B 371 -27.34 30.67 28.90
N PHE B 372 -26.73 30.36 27.74
CA PHE B 372 -27.47 30.38 26.46
C PHE B 372 -28.57 29.33 26.42
N PHE B 373 -29.75 29.72 25.91
CA PHE B 373 -30.88 28.77 25.78
C PHE B 373 -30.44 27.67 24.84
N ALA B 374 -29.51 28.00 23.94
CA ALA B 374 -29.07 27.00 22.95
C ALA B 374 -27.57 26.74 23.00
N PHE B 375 -26.77 27.45 22.21
CA PHE B 375 -25.30 27.23 22.10
C PHE B 375 -25.03 25.90 21.39
N LYS B 376 -26.06 25.32 20.80
CA LYS B 376 -25.85 23.99 20.18
C LYS B 376 -24.90 24.21 19.03
N CYS B 377 -23.82 23.43 18.93
CA CYS B 377 -22.97 23.64 17.75
C CYS B 377 -23.09 22.43 16.80
N TYR B 378 -23.88 22.58 15.74
CA TYR B 378 -24.12 21.46 14.79
C TYR B 378 -22.84 21.10 14.06
N GLY B 379 -22.11 22.09 13.59
CA GLY B 379 -20.90 21.80 12.78
C GLY B 379 -19.75 21.16 13.54
N VAL B 380 -19.41 21.65 14.73
CA VAL B 380 -18.19 21.16 15.43
C VAL B 380 -18.30 21.47 16.94
N SER B 381 -17.44 20.87 17.77
CA SER B 381 -17.53 21.05 19.24
C SER B 381 -17.20 22.50 19.64
N PRO B 382 -17.86 23.07 20.67
CA PRO B 382 -17.59 24.43 21.11
C PRO B 382 -16.15 24.67 21.61
N THR B 383 -15.61 23.75 22.39
CA THR B 383 -14.21 23.89 22.86
C THR B 383 -13.27 23.82 21.67
N LYS B 384 -13.58 22.98 20.68
CA LYS B 384 -12.70 22.78 19.51
C LYS B 384 -12.57 24.04 18.66
N LEU B 385 -13.49 24.99 18.77
CA LEU B 385 -13.52 26.14 17.82
C LEU B 385 -12.24 26.96 17.83
N ASN B 386 -11.61 27.21 18.97
CA ASN B 386 -10.50 28.18 19.00
C ASN B 386 -9.31 27.82 18.08
N ASP B 387 -8.84 26.57 18.05
CA ASP B 387 -7.61 26.26 17.28
C ASP B 387 -7.87 26.14 15.77
N LEU B 388 -9.12 25.99 15.34
CA LEU B 388 -9.42 25.75 13.90
C LEU B 388 -9.21 26.99 13.04
N CYS B 389 -8.89 26.81 11.75
CA CYS B 389 -8.75 27.95 10.80
C CYS B 389 -9.87 27.83 9.74
N PHE B 390 -10.69 28.85 9.53
CA PHE B 390 -11.70 28.82 8.45
C PHE B 390 -11.55 30.11 7.64
N THR B 391 -11.74 30.07 6.32
CA THR B 391 -11.53 31.28 5.48
C THR B 391 -12.53 32.40 5.78
N ASN B 392 -13.80 32.08 5.94
CA ASN B 392 -14.71 33.21 6.26
C ASN B 392 -15.79 32.73 7.22
N VAL B 393 -16.19 33.56 8.20
CA VAL B 393 -17.30 33.20 9.11
C VAL B 393 -18.45 34.18 8.84
N TYR B 394 -19.64 33.69 8.56
CA TYR B 394 -20.80 34.56 8.20
C TYR B 394 -21.77 34.62 9.38
N ALA B 395 -21.85 35.74 10.10
CA ALA B 395 -22.68 35.80 11.32
C ALA B 395 -24.02 36.40 10.97
N ASP B 396 -25.07 35.59 10.89
CA ASP B 396 -26.41 36.09 10.49
C ASP B 396 -27.25 36.24 11.76
N SER B 397 -27.76 37.43 12.03
CA SER B 397 -28.46 37.62 13.32
C SER B 397 -29.91 38.01 13.11
N PHE B 398 -30.84 37.38 13.82
CA PHE B 398 -32.29 37.72 13.73
C PHE B 398 -32.97 37.60 15.08
N VAL B 399 -34.17 38.16 15.24
CA VAL B 399 -34.94 37.98 16.51
C VAL B 399 -36.16 37.09 16.24
N ILE B 400 -36.27 35.93 16.90
CA ILE B 400 -37.38 34.96 16.66
C ILE B 400 -37.99 34.58 17.99
N ARG B 401 -39.24 34.25 18.08
CA ARG B 401 -39.88 33.89 19.36
C ARG B 401 -39.26 32.59 19.90
N GLY B 402 -39.47 32.24 21.12
CA GLY B 402 -38.78 31.12 21.78
C GLY B 402 -39.10 29.76 21.20
N ASN B 403 -40.34 29.56 20.77
CA ASN B 403 -40.76 28.24 20.23
C ASN B 403 -39.94 27.94 18.98
N GLU B 404 -39.64 28.94 18.16
CA GLU B 404 -38.96 28.70 16.86
C GLU B 404 -37.44 28.72 16.97
N VAL B 405 -36.87 28.88 18.15
CA VAL B 405 -35.38 28.82 18.22
C VAL B 405 -34.91 27.44 17.78
N SER B 406 -35.66 26.38 18.10
CA SER B 406 -35.29 25.00 17.70
C SER B 406 -35.25 24.88 16.17
N GLN B 407 -36.15 25.58 15.47
CA GLN B 407 -36.26 25.42 13.99
C GLN B 407 -34.93 25.81 13.33
N ILE B 408 -34.18 26.74 13.90
CA ILE B 408 -32.94 27.19 13.21
C ILE B 408 -31.90 26.11 13.49
N ALA B 409 -32.03 24.96 12.83
CA ALA B 409 -31.10 23.82 13.00
C ALA B 409 -30.94 23.14 11.64
N PRO B 410 -29.85 22.42 11.33
CA PRO B 410 -29.67 21.85 10.00
C PRO B 410 -30.82 20.89 9.72
N GLY B 411 -31.38 20.93 8.52
CA GLY B 411 -32.45 19.98 8.15
C GLY B 411 -33.64 20.03 9.11
N GLN B 412 -34.10 21.22 9.48
CA GLN B 412 -35.30 21.34 10.34
C GLN B 412 -36.41 22.05 9.54
N THR B 413 -37.66 21.60 9.67
CA THR B 413 -38.75 22.15 8.84
C THR B 413 -39.81 22.83 9.72
N GLY B 414 -40.16 24.09 9.41
CA GLY B 414 -41.17 24.85 10.17
C GLY B 414 -41.46 26.16 9.47
N ASN B 415 -42.38 26.99 9.96
CA ASN B 415 -42.71 28.23 9.19
C ASN B 415 -41.50 29.16 9.07
N ILE B 416 -40.73 29.38 10.15
CA ILE B 416 -39.61 30.36 10.09
C ILE B 416 -38.33 29.68 9.61
N ALA B 417 -38.33 28.36 9.52
CA ALA B 417 -37.14 27.69 8.95
C ALA B 417 -37.42 27.26 7.51
N ASP B 418 -38.61 27.58 6.98
CA ASP B 418 -38.89 27.27 5.55
C ASP B 418 -39.00 28.55 4.74
N TYR B 419 -40.01 29.36 5.01
CA TYR B 419 -40.20 30.55 4.14
C TYR B 419 -39.03 31.54 4.28
N ASN B 420 -38.52 31.79 5.49
CA ASN B 420 -37.44 32.79 5.71
C ASN B 420 -36.08 32.09 5.75
N TYR B 421 -35.30 32.33 6.79
CA TYR B 421 -33.95 31.71 6.89
C TYR B 421 -34.10 30.20 6.94
N LYS B 422 -33.33 29.47 6.14
CA LYS B 422 -33.36 27.98 6.17
C LYS B 422 -31.91 27.46 6.10
N LEU B 423 -31.59 26.43 6.86
CA LEU B 423 -30.20 25.93 6.89
C LEU B 423 -30.17 24.52 6.28
N PRO B 424 -29.19 24.18 5.44
CA PRO B 424 -29.16 22.89 4.75
C PRO B 424 -28.79 21.69 5.63
N ASP B 425 -28.96 20.47 5.12
CA ASP B 425 -28.54 19.26 5.88
C ASP B 425 -27.04 19.34 6.13
N ASP B 426 -26.27 19.88 5.17
CA ASP B 426 -24.79 19.90 5.29
C ASP B 426 -24.32 21.17 6.01
N PHE B 427 -25.24 22.00 6.50
CA PHE B 427 -24.81 23.29 7.10
C PHE B 427 -23.83 23.03 8.25
N THR B 428 -22.79 23.87 8.32
CA THR B 428 -21.82 23.75 9.42
C THR B 428 -21.77 25.08 10.17
N GLY B 429 -21.99 25.07 11.49
CA GLY B 429 -21.84 26.30 12.29
C GLY B 429 -22.27 26.09 13.72
N CYS B 430 -22.18 27.11 14.55
CA CYS B 430 -22.69 27.03 15.94
C CYS B 430 -23.87 27.99 16.03
N VAL B 431 -24.98 27.59 16.63
CA VAL B 431 -26.14 28.51 16.81
C VAL B 431 -26.23 28.93 18.27
N ILE B 432 -26.20 30.22 18.57
CA ILE B 432 -26.25 30.74 19.96
C ILE B 432 -27.56 31.50 20.12
N ALA B 433 -28.24 31.42 21.26
CA ALA B 433 -29.50 32.16 21.52
C ALA B 433 -29.62 32.60 22.99
N TRP B 434 -30.27 33.73 23.28
CA TRP B 434 -30.47 34.11 24.70
C TRP B 434 -31.72 34.91 24.88
N ASN B 435 -32.37 34.86 26.04
CA ASN B 435 -33.67 35.55 26.22
C ASN B 435 -33.42 37.05 26.20
N SER B 436 -34.45 37.83 25.91
CA SER B 436 -34.28 39.28 25.85
C SER B 436 -35.61 39.93 26.13
N ASN B 437 -36.19 39.71 27.29
CA ASN B 437 -37.53 40.29 27.45
C ASN B 437 -37.40 41.77 27.76
N LYS B 438 -36.36 42.15 28.46
CA LYS B 438 -36.25 43.58 28.87
C LYS B 438 -35.74 44.41 27.72
N LEU B 439 -34.61 44.00 27.15
CA LEU B 439 -33.91 44.80 26.10
C LEU B 439 -34.78 45.00 24.86
N ASP B 440 -35.47 43.97 24.39
CA ASP B 440 -36.20 44.09 23.10
C ASP B 440 -37.67 44.42 23.29
N SER B 441 -38.36 43.70 24.16
CA SER B 441 -39.83 43.93 24.26
C SER B 441 -40.14 45.26 24.93
N LYS B 442 -41.32 45.81 24.69
CA LYS B 442 -41.74 47.06 25.36
C LYS B 442 -43.16 46.89 25.89
N VAL B 443 -43.53 47.65 26.92
CA VAL B 443 -44.87 47.47 27.56
C VAL B 443 -45.96 47.78 26.52
N GLY B 444 -45.75 48.82 25.70
CA GLY B 444 -46.77 49.22 24.71
C GLY B 444 -47.02 48.09 23.73
N GLY B 445 -45.96 47.34 23.41
CA GLY B 445 -46.09 46.22 22.46
C GLY B 445 -45.14 46.40 21.29
N ASN B 446 -44.01 45.69 21.30
CA ASN B 446 -43.02 45.91 20.23
C ASN B 446 -43.63 45.36 18.95
N TYR B 447 -43.75 46.21 17.94
CA TYR B 447 -44.33 45.77 16.65
C TYR B 447 -43.32 46.08 15.56
N ASN B 448 -42.05 45.99 15.90
CA ASN B 448 -41.07 46.32 14.85
C ASN B 448 -40.17 45.12 14.63
N TYR B 449 -40.66 43.92 14.87
CA TYR B 449 -40.11 42.75 14.15
C TYR B 449 -41.24 42.04 13.38
N ARG B 450 -41.01 41.57 12.14
CA ARG B 450 -42.09 41.03 11.26
C ARG B 450 -41.61 39.78 10.53
N TYR B 451 -42.45 38.75 10.34
CA TYR B 451 -42.02 37.39 9.91
C TYR B 451 -42.75 36.97 8.62
N ARG B 452 -42.29 35.91 7.91
CA ARG B 452 -42.85 35.66 6.54
C ARG B 452 -43.77 34.44 6.58
N LEU B 453 -45.08 34.65 6.64
CA LEU B 453 -46.02 33.55 6.96
C LEU B 453 -46.59 32.94 5.67
N PHE B 454 -46.59 33.69 4.57
CA PHE B 454 -47.05 33.07 3.30
C PHE B 454 -45.98 33.21 2.24
N ARG B 455 -45.43 32.10 1.74
CA ARG B 455 -44.49 32.18 0.61
C ARG B 455 -44.86 31.17 -0.46
N LYS B 456 -44.94 31.59 -1.71
CA LYS B 456 -45.36 30.69 -2.80
C LYS B 456 -44.37 29.55 -2.99
N SER B 457 -43.07 29.83 -2.95
CA SER B 457 -42.07 28.76 -3.25
C SER B 457 -41.09 28.60 -2.09
N ASN B 458 -40.66 27.37 -1.80
CA ASN B 458 -39.78 27.15 -0.62
C ASN B 458 -38.42 27.79 -0.88
N LEU B 459 -37.70 28.16 0.17
CA LEU B 459 -36.44 28.91 -0.01
C LEU B 459 -35.23 27.99 0.15
N LYS B 460 -34.27 28.10 -0.77
CA LYS B 460 -33.07 27.25 -0.75
C LYS B 460 -32.23 27.63 0.46
N PRO B 461 -31.27 26.78 0.90
CA PRO B 461 -30.48 27.06 2.11
C PRO B 461 -29.72 28.39 2.15
N PHE B 462 -29.71 29.06 3.30
CA PHE B 462 -28.98 30.35 3.48
C PHE B 462 -29.41 31.32 2.39
N GLU B 463 -30.71 31.40 2.10
CA GLU B 463 -31.17 32.38 1.10
C GLU B 463 -32.16 33.34 1.75
N ARG B 464 -32.10 34.63 1.41
CA ARG B 464 -32.99 35.65 2.04
C ARG B 464 -33.82 36.36 0.98
N ASP B 465 -35.11 36.55 1.21
CA ASP B 465 -35.89 37.34 0.23
C ASP B 465 -36.47 38.57 0.94
N ILE B 466 -36.16 39.77 0.47
CA ILE B 466 -36.61 41.02 1.14
C ILE B 466 -37.82 41.58 0.41
N SER B 467 -38.33 40.85 -0.58
CA SER B 467 -39.43 41.36 -1.43
C SER B 467 -40.73 41.51 -0.64
N THR B 468 -41.54 42.51 -0.99
CA THR B 468 -42.87 42.66 -0.36
C THR B 468 -43.94 42.21 -1.36
N GLU B 469 -43.53 41.45 -2.37
CA GLU B 469 -44.46 41.09 -3.48
C GLU B 469 -45.64 40.31 -2.91
N ILE B 470 -46.82 40.91 -2.93
CA ILE B 470 -48.01 40.17 -2.45
C ILE B 470 -47.89 38.75 -2.98
N TYR B 471 -47.86 37.75 -2.09
CA TYR B 471 -48.24 36.32 -2.34
C TYR B 471 -49.76 36.17 -2.34
N GLN B 472 -50.17 35.12 -3.04
CA GLN B 472 -51.59 34.81 -3.20
C GLN B 472 -51.69 33.42 -3.79
N ALA B 473 -51.80 32.40 -2.95
CA ALA B 473 -52.15 31.10 -3.54
C ALA B 473 -53.56 31.21 -4.10
N GLY B 474 -53.72 30.96 -5.41
CA GLY B 474 -55.07 30.95 -6.04
C GLY B 474 -55.13 31.73 -7.34
N ASN B 475 -56.26 31.63 -8.05
CA ASN B 475 -56.42 32.23 -9.40
C ASN B 475 -56.63 33.73 -9.26
N LYS B 476 -57.89 34.16 -9.27
CA LYS B 476 -58.31 35.54 -9.62
C LYS B 476 -57.13 36.48 -9.48
N PRO B 477 -56.49 36.89 -10.58
CA PRO B 477 -55.32 37.74 -10.52
C PRO B 477 -55.43 38.79 -9.42
N CYS B 478 -54.78 38.54 -8.28
CA CYS B 478 -54.56 39.63 -7.30
C CYS B 478 -53.36 40.46 -7.77
N ASN B 479 -53.46 41.79 -7.64
CA ASN B 479 -52.47 42.73 -8.23
C ASN B 479 -51.30 42.90 -7.26
N GLY B 480 -50.88 44.16 -7.05
CA GLY B 480 -50.05 44.53 -5.89
C GLY B 480 -50.95 44.94 -4.74
N VAL B 481 -52.26 44.74 -4.86
CA VAL B 481 -53.24 45.10 -3.79
C VAL B 481 -53.87 43.82 -3.22
N ALA B 482 -53.70 43.57 -1.91
CA ALA B 482 -54.14 42.30 -1.27
C ALA B 482 -55.66 42.13 -1.28
N GLY B 483 -56.15 40.93 -0.92
CA GLY B 483 -57.59 40.65 -1.01
C GLY B 483 -57.97 39.28 -0.44
N VAL B 484 -58.97 38.61 -1.03
CA VAL B 484 -59.50 37.35 -0.43
C VAL B 484 -58.42 36.28 -0.28
N ASN B 485 -57.54 36.07 -1.27
CA ASN B 485 -56.46 35.08 -1.03
C ASN B 485 -55.07 35.72 -1.23
N CYS B 486 -55.00 37.04 -1.36
CA CYS B 486 -53.71 37.75 -1.59
C CYS B 486 -53.28 38.35 -0.24
N TYR B 487 -52.00 38.25 0.15
CA TYR B 487 -51.68 38.65 1.54
C TYR B 487 -50.29 39.25 1.67
N PHE B 488 -50.15 40.30 2.48
CA PHE B 488 -48.80 40.80 2.80
C PHE B 488 -47.97 39.61 3.23
N PRO B 489 -46.84 39.26 2.60
CA PRO B 489 -46.14 38.07 2.98
C PRO B 489 -45.09 38.34 4.07
N LEU B 490 -45.52 38.95 5.18
CA LEU B 490 -44.64 39.58 6.19
C LEU B 490 -45.52 40.02 7.37
N GLN B 491 -46.35 39.11 7.88
CA GLN B 491 -47.27 39.44 8.99
C GLN B 491 -46.42 39.70 10.24
N SER B 492 -47.01 40.25 11.32
CA SER B 492 -46.23 41.03 12.33
C SER B 492 -45.94 40.21 13.59
N TYR B 493 -44.75 40.31 14.20
CA TYR B 493 -44.61 39.68 15.54
C TYR B 493 -45.16 40.65 16.57
N GLY B 494 -45.88 40.15 17.57
CA GLY B 494 -46.32 41.04 18.66
C GLY B 494 -45.57 40.68 19.92
N PHE B 495 -44.81 41.61 20.51
CA PHE B 495 -43.97 41.24 21.69
C PHE B 495 -44.39 42.07 22.90
N ARG B 496 -44.63 41.41 24.05
CA ARG B 496 -44.97 42.13 25.31
C ARG B 496 -44.22 41.46 26.47
N PRO B 497 -43.91 42.16 27.58
CA PRO B 497 -43.16 41.60 28.71
C PRO B 497 -43.84 40.47 29.51
N THR B 498 -45.14 40.58 29.75
CA THR B 498 -45.89 39.59 30.56
C THR B 498 -45.93 38.22 29.87
N TYR B 499 -45.69 38.17 28.56
CA TYR B 499 -45.83 36.89 27.81
C TYR B 499 -44.92 35.81 28.40
N GLY B 500 -45.40 34.57 28.41
CA GLY B 500 -44.65 33.47 29.03
C GLY B 500 -43.44 33.05 28.24
N VAL B 501 -42.49 32.38 28.89
CA VAL B 501 -41.23 31.95 28.21
C VAL B 501 -41.62 31.05 27.04
N GLY B 502 -40.97 31.23 25.89
CA GLY B 502 -41.37 30.50 24.68
C GLY B 502 -42.13 31.41 23.72
N HIS B 503 -42.64 32.54 24.20
CA HIS B 503 -43.25 33.52 23.27
C HIS B 503 -42.46 34.83 23.31
N GLN B 504 -41.64 35.04 24.35
CA GLN B 504 -40.85 36.28 24.52
C GLN B 504 -39.67 36.30 23.55
N PRO B 505 -39.21 37.47 23.08
CA PRO B 505 -38.17 37.50 22.06
C PRO B 505 -36.86 36.83 22.50
N TYR B 506 -36.25 36.07 21.60
CA TYR B 506 -35.00 35.35 21.90
C TYR B 506 -33.99 35.61 20.78
N ARG B 507 -33.29 36.73 20.79
CA ARG B 507 -32.40 37.08 19.66
C ARG B 507 -31.38 35.95 19.49
N VAL B 508 -31.02 35.62 18.24
CA VAL B 508 -30.13 34.46 17.97
C VAL B 508 -29.04 34.87 16.98
N VAL B 509 -27.91 34.20 17.00
CA VAL B 509 -26.84 34.46 16.00
C VAL B 509 -26.66 33.10 15.32
N VAL B 510 -26.31 33.03 14.04
CA VAL B 510 -26.04 31.70 13.43
C VAL B 510 -24.68 31.77 12.77
N LEU B 511 -23.64 31.68 13.58
CA LEU B 511 -22.27 31.70 13.01
C LEU B 511 -22.20 30.54 12.02
N SER B 512 -21.61 30.74 10.85
CA SER B 512 -21.48 29.68 9.83
C SER B 512 -20.03 29.61 9.33
N PHE B 513 -19.12 29.05 10.13
CA PHE B 513 -17.69 29.01 9.74
C PHE B 513 -17.59 28.24 8.43
N GLU B 514 -16.78 28.73 7.48
CA GLU B 514 -16.75 28.09 6.14
C GLU B 514 -15.31 28.02 5.65
N LEU B 515 -14.99 27.03 4.83
CA LEU B 515 -13.63 26.93 4.25
C LEU B 515 -13.71 27.11 2.74
N LEU B 516 -12.83 27.93 2.18
CA LEU B 516 -12.76 28.11 0.70
C LEU B 516 -11.33 27.78 0.30
N HIS B 517 -11.07 27.56 -0.99
CA HIS B 517 -9.72 27.09 -1.41
C HIS B 517 -8.64 28.13 -1.07
N ALA B 518 -9.01 29.40 -0.99
CA ALA B 518 -8.04 30.48 -0.72
C ALA B 518 -7.56 30.42 0.72
N PRO B 519 -6.43 31.04 1.12
CA PRO B 519 -5.90 30.88 2.46
C PRO B 519 -6.97 31.33 3.46
N ALA B 520 -7.13 30.56 4.54
CA ALA B 520 -8.10 30.93 5.59
C ALA B 520 -7.55 32.11 6.39
N THR B 521 -8.45 32.95 6.89
CA THR B 521 -8.01 34.13 7.67
C THR B 521 -8.57 34.00 9.09
N VAL B 522 -9.85 33.64 9.22
CA VAL B 522 -10.49 33.62 10.54
C VAL B 522 -9.81 32.54 11.34
N CYS B 523 -8.67 32.78 12.02
CA CYS B 523 -7.92 31.69 12.73
C CYS B 523 -7.16 32.34 13.90
N GLY B 524 -7.63 32.22 15.15
CA GLY B 524 -7.01 32.97 16.26
C GLY B 524 -6.66 32.23 17.56
N PRO B 525 -5.56 31.44 17.66
CA PRO B 525 -5.11 30.84 18.94
C PRO B 525 -3.91 31.58 19.56
N LYS B 526 -3.69 31.45 20.88
CA LYS B 526 -2.60 32.24 21.51
C LYS B 526 -1.64 31.37 22.34
N LYS B 527 -2.00 30.99 23.57
CA LYS B 527 -1.15 30.18 24.48
C LYS B 527 -0.02 31.03 25.10
N SER B 528 0.87 31.62 24.28
CA SER B 528 1.93 32.54 24.78
C SER B 528 2.45 32.24 26.19
N THR B 529 3.26 31.19 26.36
CA THR B 529 3.93 30.88 27.66
C THR B 529 5.17 31.77 27.83
N ASN B 530 5.70 31.85 29.05
CA ASN B 530 6.89 32.69 29.36
C ASN B 530 8.14 32.08 28.73
N LEU B 531 9.19 32.88 28.53
CA LEU B 531 10.42 32.41 27.84
C LEU B 531 11.51 32.11 28.87
N VAL B 532 12.14 30.93 28.76
CA VAL B 532 13.26 30.57 29.68
C VAL B 532 14.55 30.57 28.88
N LYS B 533 15.68 30.89 29.52
CA LYS B 533 16.96 30.99 28.78
C LYS B 533 18.03 30.18 29.51
N ASN B 534 18.99 29.61 28.77
CA ASN B 534 20.13 28.83 29.35
C ASN B 534 19.70 27.45 29.87
N LYS B 535 18.53 26.93 29.45
CA LYS B 535 18.06 25.58 29.88
C LYS B 535 17.61 24.78 28.66
N CYS B 536 17.91 23.46 28.56
CA CYS B 536 17.36 22.72 27.39
C CYS B 536 15.83 22.77 27.57
N VAL B 537 15.10 23.22 26.56
CA VAL B 537 13.63 23.43 26.68
C VAL B 537 13.00 23.05 25.34
N ASN B 538 11.75 22.59 25.33
CA ASN B 538 11.07 22.33 24.03
C ASN B 538 10.52 23.66 23.53
N PHE B 539 11.14 24.26 22.51
CA PHE B 539 10.72 25.63 22.10
C PHE B 539 9.82 25.59 20.87
N ASN B 540 8.63 26.16 20.99
CA ASN B 540 7.76 26.31 19.80
C ASN B 540 7.56 27.81 19.64
N PHE B 541 7.99 28.36 18.52
CA PHE B 541 7.74 29.80 18.25
C PHE B 541 6.53 29.84 17.31
N ASN B 542 6.52 30.68 16.29
CA ASN B 542 5.34 30.62 15.39
C ASN B 542 5.60 29.47 14.40
N GLY B 543 5.54 28.24 14.88
CA GLY B 543 5.72 27.06 14.00
C GLY B 543 7.16 26.59 13.88
N LEU B 544 8.11 27.28 14.49
CA LEU B 544 9.50 26.77 14.50
C LEU B 544 9.60 25.92 15.76
N THR B 545 9.64 24.60 15.62
CA THR B 545 9.59 23.71 16.81
C THR B 545 10.92 22.96 16.97
N GLY B 546 11.41 22.87 18.20
CA GLY B 546 12.64 22.07 18.45
C GLY B 546 12.94 22.01 19.93
N THR B 547 14.17 21.61 20.28
CA THR B 547 14.59 21.61 21.70
C THR B 547 15.95 22.30 21.76
N GLY B 548 16.26 23.03 22.83
CA GLY B 548 17.61 23.59 22.91
C GLY B 548 17.72 24.72 23.91
N VAL B 549 18.83 25.45 23.85
CA VAL B 549 19.08 26.56 24.81
C VAL B 549 18.87 27.89 24.07
N LEU B 550 17.90 28.70 24.52
CA LEU B 550 17.58 30.00 23.85
C LEU B 550 18.41 31.14 24.44
N THR B 551 19.70 31.23 24.11
CA THR B 551 20.58 32.32 24.64
C THR B 551 20.32 33.62 23.87
N GLU B 552 20.77 34.76 24.42
CA GLU B 552 20.61 36.07 23.73
C GLU B 552 21.59 36.14 22.55
N SER B 553 21.22 36.87 21.48
CA SER B 553 22.07 36.89 20.27
C SER B 553 22.41 38.31 19.84
N ASN B 554 23.48 38.45 19.06
CA ASN B 554 23.91 39.80 18.60
C ASN B 554 23.70 39.92 17.09
N LYS B 555 23.38 38.83 16.39
CA LYS B 555 23.28 38.91 14.92
C LYS B 555 22.16 39.89 14.57
N LYS B 556 22.39 40.81 13.63
CA LYS B 556 21.38 41.85 13.35
C LYS B 556 20.49 41.39 12.22
N PHE B 557 19.23 41.13 12.53
CA PHE B 557 18.30 40.60 11.50
C PHE B 557 17.69 41.77 10.73
N LEU B 558 17.45 41.59 9.44
CA LEU B 558 16.74 42.65 8.68
C LEU B 558 15.30 42.62 9.18
N PRO B 559 14.54 43.73 9.17
CA PRO B 559 13.22 43.76 9.79
C PRO B 559 12.22 42.72 9.27
N PHE B 560 12.18 42.47 7.98
CA PHE B 560 11.29 41.40 7.45
C PHE B 560 11.76 40.04 7.96
N GLN B 561 13.07 39.83 8.06
CA GLN B 561 13.60 38.48 8.40
C GLN B 561 13.17 38.07 9.80
N GLN B 562 12.69 36.84 9.94
CA GLN B 562 12.26 36.33 11.27
C GLN B 562 13.21 35.23 11.73
N PHE B 563 13.11 34.03 11.16
CA PHE B 563 13.99 32.89 11.53
C PHE B 563 15.38 33.10 10.96
N GLY B 564 16.38 32.43 11.52
CA GLY B 564 17.74 32.50 10.98
C GLY B 564 18.28 31.10 10.80
N ARG B 565 18.95 30.82 9.69
CA ARG B 565 19.46 29.46 9.39
C ARG B 565 20.92 29.62 9.01
N ASP B 566 21.69 28.54 9.11
CA ASP B 566 23.15 28.65 8.85
C ASP B 566 23.54 27.69 7.73
N ILE B 567 24.83 27.49 7.49
CA ILE B 567 25.24 26.47 6.50
C ILE B 567 24.63 25.17 7.03
N ALA B 568 24.16 24.28 6.15
CA ALA B 568 23.52 22.99 6.54
C ALA B 568 22.03 23.22 6.82
N ASP B 569 21.54 24.45 6.66
CA ASP B 569 20.09 24.73 6.80
C ASP B 569 19.52 24.26 8.14
N THR B 570 20.19 24.55 9.25
CA THR B 570 19.64 24.22 10.59
C THR B 570 19.30 25.51 11.33
N THR B 571 18.11 25.62 11.94
CA THR B 571 17.75 26.92 12.56
C THR B 571 18.79 27.21 13.65
N ASP B 572 19.42 28.37 13.60
CA ASP B 572 20.51 28.71 14.56
C ASP B 572 20.15 29.96 15.32
N ALA B 573 19.06 30.61 14.91
CA ALA B 573 18.63 31.86 15.56
C ALA B 573 17.13 32.01 15.34
N VAL B 574 16.46 32.78 16.18
CA VAL B 574 15.01 33.04 15.97
C VAL B 574 14.75 34.40 16.61
N ARG B 575 13.69 35.10 16.20
CA ARG B 575 13.33 36.38 16.84
C ARG B 575 12.05 36.16 17.66
N ASP B 576 12.07 36.54 18.94
CA ASP B 576 10.87 36.28 19.78
C ASP B 576 9.74 37.07 19.15
N PRO B 577 8.56 36.50 18.90
CA PRO B 577 7.54 37.25 18.20
C PRO B 577 7.10 38.49 18.98
N GLN B 578 6.82 38.37 20.27
CA GLN B 578 6.31 39.50 21.07
C GLN B 578 7.37 40.58 21.33
N THR B 579 8.59 40.18 21.71
CA THR B 579 9.61 41.19 22.11
C THR B 579 10.52 41.61 20.95
N LEU B 580 10.47 40.92 19.81
CA LEU B 580 11.30 41.25 18.62
C LEU B 580 12.78 41.36 19.00
N GLU B 581 13.34 40.40 19.75
CA GLU B 581 14.80 40.42 20.01
C GLU B 581 15.42 39.14 19.41
N ILE B 582 16.72 39.16 19.11
CA ILE B 582 17.33 37.98 18.42
C ILE B 582 17.84 36.98 19.46
N LEU B 583 17.32 35.76 19.44
CA LEU B 583 17.72 34.71 20.41
C LEU B 583 18.42 33.58 19.66
N ASP B 584 19.67 33.29 20.02
CA ASP B 584 20.43 32.18 19.37
C ASP B 584 19.85 30.86 19.88
N ILE B 585 20.08 29.77 19.13
CA ILE B 585 19.56 28.43 19.53
C ILE B 585 20.70 27.42 19.42
N THR B 586 21.03 26.76 20.52
CA THR B 586 22.13 25.77 20.55
C THR B 586 21.57 24.41 20.96
N PRO B 587 21.87 23.31 20.25
CA PRO B 587 21.29 22.01 20.59
C PRO B 587 21.81 21.58 21.97
N CYS B 588 21.00 20.91 22.80
CA CYS B 588 21.52 20.60 24.17
C CYS B 588 22.61 19.53 24.14
N SER B 589 23.41 19.40 25.20
CA SER B 589 24.62 18.53 25.17
C SER B 589 24.36 17.06 24.84
N PHE B 590 25.22 16.49 24.02
CA PHE B 590 25.15 15.05 23.68
C PHE B 590 26.59 14.62 23.38
N GLY B 591 26.98 13.40 23.74
CA GLY B 591 28.32 12.90 23.42
C GLY B 591 28.38 11.41 23.65
N GLY B 592 29.41 10.73 23.18
CA GLY B 592 29.56 9.30 23.46
C GLY B 592 30.02 9.07 24.88
N VAL B 593 29.75 7.88 25.45
CA VAL B 593 30.30 7.57 26.80
C VAL B 593 31.26 6.39 26.65
N SER B 594 32.54 6.59 26.96
CA SER B 594 33.56 5.53 26.82
C SER B 594 34.04 5.10 28.22
N VAL B 595 33.96 3.81 28.52
CA VAL B 595 34.28 3.31 29.89
C VAL B 595 35.71 2.78 29.88
N ILE B 596 36.55 3.27 30.79
CA ILE B 596 37.99 2.89 30.86
C ILE B 596 38.15 1.84 31.96
N THR B 597 38.46 0.60 31.60
CA THR B 597 38.53 -0.51 32.58
C THR B 597 39.93 -1.11 32.64
N PRO B 598 40.50 -1.36 33.84
CA PRO B 598 41.79 -2.06 33.96
C PRO B 598 41.71 -3.50 33.43
N GLY B 599 40.57 -4.16 33.62
CA GLY B 599 40.35 -5.55 33.16
C GLY B 599 39.47 -6.20 34.20
N THR B 600 38.49 -7.02 33.81
CA THR B 600 37.52 -7.56 34.82
C THR B 600 38.29 -8.39 35.84
N ASN B 601 39.26 -9.17 35.38
CA ASN B 601 40.10 -9.96 36.32
C ASN B 601 40.88 -9.02 37.24
N THR B 602 41.50 -7.96 36.70
CA THR B 602 42.34 -7.09 37.58
C THR B 602 41.48 -6.34 38.59
N SER B 603 40.38 -5.73 38.15
CA SER B 603 39.55 -4.91 39.08
C SER B 603 38.16 -4.68 38.51
N ASN B 604 37.21 -4.29 39.37
CA ASN B 604 35.86 -3.94 38.87
C ASN B 604 35.73 -2.43 38.88
N GLN B 605 36.84 -1.72 39.13
CA GLN B 605 36.85 -0.23 39.09
C GLN B 605 36.79 0.24 37.64
N VAL B 606 36.26 1.45 37.42
CA VAL B 606 36.08 1.98 36.04
C VAL B 606 36.21 3.49 36.08
N ALA B 607 36.45 4.13 34.92
CA ALA B 607 36.42 5.59 34.81
C ALA B 607 35.54 5.86 33.60
N VAL B 608 34.87 7.01 33.52
CA VAL B 608 33.94 7.23 32.38
C VAL B 608 34.36 8.49 31.63
N LEU B 609 34.41 8.45 30.31
CA LEU B 609 34.71 9.67 29.53
C LEU B 609 33.46 10.13 28.79
N TYR B 610 33.01 11.34 29.08
CA TYR B 610 31.88 11.92 28.34
C TYR B 610 32.53 12.77 27.25
N GLN B 611 32.58 12.25 26.03
CA GLN B 611 33.32 12.93 24.94
C GLN B 611 32.58 14.18 24.45
N GLY B 612 33.29 15.30 24.32
CA GLY B 612 32.69 16.54 23.81
C GLY B 612 31.84 17.25 24.84
N VAL B 613 31.99 16.96 26.13
CA VAL B 613 31.08 17.60 27.10
C VAL B 613 31.93 18.33 28.13
N ASN B 614 31.70 19.62 28.34
CA ASN B 614 32.40 20.35 29.41
C ASN B 614 31.86 19.81 30.72
N CYS B 615 32.65 19.78 31.78
CA CYS B 615 32.18 19.11 33.02
C CYS B 615 30.89 19.74 33.56
N THR B 616 30.73 21.05 33.44
CA THR B 616 29.53 21.76 33.98
C THR B 616 28.20 21.04 33.64
N GLU B 617 28.10 20.32 32.52
CA GLU B 617 26.79 19.72 32.14
C GLU B 617 26.80 18.20 32.34
N VAL B 618 27.91 17.62 32.78
CA VAL B 618 28.00 16.13 32.87
C VAL B 618 26.99 15.47 33.82
N PRO B 619 26.60 15.99 35.00
CA PRO B 619 25.71 15.27 35.92
C PRO B 619 24.50 14.70 35.19
N ASN B 639 36.29 12.68 41.53
CA ASN B 639 37.45 12.99 40.72
C ASN B 639 36.98 13.41 39.34
N VAL B 640 36.77 14.70 39.14
CA VAL B 640 36.35 15.18 37.84
C VAL B 640 37.48 15.98 37.23
N PHE B 641 38.01 15.49 36.12
CA PHE B 641 39.11 16.11 35.40
C PHE B 641 38.53 16.60 34.09
N GLN B 642 39.30 17.28 33.23
CA GLN B 642 38.79 17.69 31.87
C GLN B 642 39.85 17.75 30.75
N THR B 643 39.92 16.73 29.89
CA THR B 643 40.81 16.72 28.69
C THR B 643 40.10 17.49 27.57
N ARG B 644 40.75 17.75 26.44
CA ARG B 644 40.04 18.38 25.28
C ARG B 644 39.10 17.33 24.68
N ALA B 645 39.30 16.05 25.03
CA ALA B 645 38.40 14.96 24.58
C ALA B 645 37.02 15.11 25.22
N GLY B 646 36.95 15.50 26.49
CA GLY B 646 35.69 15.60 27.23
C GLY B 646 35.96 15.58 28.72
N CYS B 647 34.93 15.31 29.53
CA CYS B 647 35.10 15.26 31.01
C CYS B 647 35.30 13.81 31.44
N LEU B 648 36.43 13.52 32.09
CA LEU B 648 36.75 12.13 32.54
C LEU B 648 36.41 12.05 34.03
N ILE B 649 35.48 11.18 34.39
CA ILE B 649 35.05 11.02 35.80
C ILE B 649 35.58 9.68 36.31
N GLY B 650 36.19 9.66 37.48
CA GLY B 650 36.70 8.41 38.05
C GLY B 650 38.20 8.26 37.91
N ALA B 651 38.90 9.30 37.46
CA ALA B 651 40.38 9.23 37.41
C ALA B 651 41.05 10.49 37.98
N GLU B 652 42.25 10.34 38.54
CA GLU B 652 43.02 11.48 39.13
C GLU B 652 44.28 11.81 38.30
N TYR B 653 44.45 13.07 37.93
CA TYR B 653 45.60 13.46 37.08
C TYR B 653 46.88 13.38 37.88
N VAL B 654 47.94 12.88 37.26
CA VAL B 654 49.26 12.80 37.93
C VAL B 654 50.25 13.56 37.04
N ASN B 655 51.03 14.48 37.61
CA ASN B 655 52.03 15.25 36.83
C ASN B 655 53.17 14.31 36.41
N ASN B 656 53.31 13.18 37.07
CA ASN B 656 54.32 12.16 36.67
C ASN B 656 53.93 11.66 35.28
N SER B 657 54.91 11.27 34.46
CA SER B 657 54.59 10.84 33.07
C SER B 657 55.14 9.45 32.80
N TYR B 658 54.41 8.63 32.04
CA TYR B 658 54.85 7.27 31.69
C TYR B 658 54.25 6.93 30.32
N GLU B 659 54.49 5.73 29.81
CA GLU B 659 53.92 5.30 28.51
C GLU B 659 52.42 5.08 28.62
N CYS B 660 51.68 5.16 27.51
CA CYS B 660 50.20 5.10 27.50
C CYS B 660 49.65 3.68 27.62
N ASP B 661 48.94 3.34 28.70
CA ASP B 661 48.29 2.00 28.73
C ASP B 661 46.99 2.04 27.92
N ILE B 662 46.15 3.03 28.13
CA ILE B 662 44.85 3.03 27.45
C ILE B 662 44.76 4.38 26.79
N PRO B 663 44.80 4.52 25.45
CA PRO B 663 44.71 5.84 24.90
C PRO B 663 43.38 6.55 25.16
N ILE B 664 43.40 7.74 25.78
CA ILE B 664 42.19 8.53 26.11
C ILE B 664 42.07 9.72 25.15
N GLY B 665 43.16 10.36 24.75
CA GLY B 665 43.05 11.44 23.76
C GLY B 665 43.80 12.71 24.11
N ALA B 666 44.08 13.53 23.12
CA ALA B 666 44.70 14.84 23.35
C ALA B 666 46.00 14.78 24.16
N GLY B 667 46.85 13.77 23.94
CA GLY B 667 48.11 13.58 24.68
C GLY B 667 47.88 13.00 26.05
N ILE B 668 46.64 12.70 26.44
CA ILE B 668 46.33 12.23 27.81
C ILE B 668 45.95 10.76 27.77
N CYS B 669 46.61 9.92 28.56
CA CYS B 669 46.36 8.46 28.62
C CYS B 669 45.98 8.08 30.04
N ALA B 670 45.80 6.81 30.32
CA ALA B 670 45.29 6.40 31.65
C ALA B 670 45.77 5.01 31.98
N SER B 671 45.92 4.74 33.25
CA SER B 671 46.33 3.40 33.66
C SER B 671 45.86 3.13 35.06
N TYR B 672 46.46 2.17 35.72
CA TYR B 672 46.01 1.69 37.02
C TYR B 672 47.20 1.53 37.93
N GLN B 673 47.33 2.39 38.92
CA GLN B 673 48.45 2.32 39.84
C GLN B 673 48.40 1.03 40.64
N GLN B 688 45.45 0.94 45.08
CA GLN B 688 45.46 1.13 43.63
C GLN B 688 44.16 1.71 43.09
N SER B 689 44.32 2.65 42.16
CA SER B 689 43.19 3.32 41.53
C SER B 689 43.57 3.64 40.10
N ILE B 690 42.77 4.50 39.46
CA ILE B 690 42.98 4.81 38.05
C ILE B 690 43.50 6.22 37.90
N ILE B 691 44.60 6.36 37.16
CA ILE B 691 45.31 7.62 37.02
C ILE B 691 45.39 8.01 35.56
N ALA B 692 45.06 9.27 35.27
CA ALA B 692 45.14 9.86 33.95
C ALA B 692 46.30 10.84 33.93
N TYR B 693 47.07 10.85 32.86
CA TYR B 693 48.23 11.71 32.77
C TYR B 693 48.49 12.06 31.32
N THR B 694 49.52 12.85 31.07
CA THR B 694 49.96 13.05 29.70
C THR B 694 51.01 12.02 29.35
N MET B 695 50.75 11.23 28.31
CA MET B 695 51.70 10.23 27.91
C MET B 695 53.05 10.87 27.69
N SER B 696 54.08 10.10 27.89
CA SER B 696 55.46 10.54 27.71
C SER B 696 55.98 9.94 26.42
N LEU B 697 56.49 10.76 25.53
CA LEU B 697 56.94 10.22 24.28
C LEU B 697 58.19 9.38 24.47
N GLY B 698 58.73 9.39 25.68
CA GLY B 698 59.98 8.65 25.96
C GLY B 698 60.98 9.43 26.79
N ALA B 699 62.25 9.04 26.77
CA ALA B 699 63.28 9.64 27.65
C ALA B 699 64.21 10.58 26.92
N GLU B 700 64.35 11.81 27.40
CA GLU B 700 65.15 12.76 26.62
C GLU B 700 66.58 12.27 26.56
N ASN B 701 67.18 12.36 25.39
CA ASN B 701 68.62 12.05 25.31
C ASN B 701 69.14 13.28 24.60
N SER B 702 70.38 13.61 24.83
CA SER B 702 71.00 14.72 24.12
C SER B 702 72.20 14.05 23.47
N VAL B 703 72.23 13.92 22.16
CA VAL B 703 73.45 13.28 21.65
C VAL B 703 74.56 14.29 21.92
N ALA B 704 75.73 13.82 22.33
CA ALA B 704 76.81 14.76 22.70
C ALA B 704 77.48 15.29 21.43
N TYR B 705 76.79 16.17 20.72
CA TYR B 705 77.34 16.67 19.44
C TYR B 705 78.60 17.48 19.70
N SER B 706 79.59 17.32 18.84
CA SER B 706 80.83 18.12 18.93
C SER B 706 81.51 18.07 17.57
N ASN B 707 82.38 19.04 17.29
CA ASN B 707 83.09 19.13 16.00
C ASN B 707 84.04 17.96 15.81
N ASN B 708 84.45 17.28 16.87
CA ASN B 708 85.51 16.25 16.74
C ASN B 708 85.18 15.06 17.62
N SER B 709 83.92 14.64 17.67
CA SER B 709 83.55 13.55 18.59
C SER B 709 83.10 12.31 17.83
N ILE B 710 83.66 11.14 18.12
CA ILE B 710 83.15 9.87 17.50
C ILE B 710 82.65 8.92 18.56
N ALA B 711 81.63 8.14 18.26
CA ALA B 711 81.26 7.02 19.15
C ALA B 711 81.43 5.75 18.28
N ILE B 712 82.31 4.82 18.61
CA ILE B 712 82.38 3.59 17.76
C ILE B 712 81.95 2.34 18.57
N PRO B 713 80.96 1.51 18.12
CA PRO B 713 80.46 0.38 18.93
C PRO B 713 81.49 -0.74 19.07
N THR B 714 81.83 -1.14 20.31
CA THR B 714 82.93 -2.15 20.50
C THR B 714 82.44 -3.59 20.53
N ASN B 715 81.12 -3.82 20.61
CA ASN B 715 80.54 -5.19 20.61
C ASN B 715 79.15 -5.12 20.01
N PHE B 716 78.43 -6.24 19.90
CA PHE B 716 77.12 -6.23 19.20
C PHE B 716 76.15 -7.19 19.85
N THR B 717 74.92 -7.20 19.37
CA THR B 717 73.98 -8.23 19.86
C THR B 717 73.34 -8.79 18.59
N ILE B 718 73.10 -10.10 18.52
CA ILE B 718 72.36 -10.71 17.36
C ILE B 718 70.93 -10.88 17.84
N SER B 719 69.99 -10.26 17.14
CA SER B 719 68.59 -10.27 17.62
C SER B 719 67.63 -10.93 16.65
N VAL B 720 66.90 -11.96 17.09
CA VAL B 720 65.81 -12.51 16.24
C VAL B 720 64.55 -11.83 16.76
N THR B 721 63.81 -11.19 15.88
CA THR B 721 62.60 -10.44 16.24
C THR B 721 61.55 -11.01 15.32
N THR B 722 60.26 -10.89 15.64
CA THR B 722 59.28 -11.58 14.79
C THR B 722 58.31 -10.60 14.15
N GLU B 723 58.06 -10.75 12.86
CA GLU B 723 57.05 -9.94 12.15
C GLU B 723 55.94 -10.88 11.70
N ILE B 724 54.69 -10.56 11.96
CA ILE B 724 53.58 -11.49 11.63
C ILE B 724 52.78 -10.80 10.54
N LEU B 725 52.62 -11.43 9.39
CA LEU B 725 51.91 -10.78 8.26
C LEU B 725 50.77 -11.65 7.77
N PRO B 726 49.49 -11.19 7.72
CA PRO B 726 48.40 -11.97 7.12
C PRO B 726 48.54 -12.15 5.59
N VAL B 727 48.26 -13.32 5.03
CA VAL B 727 48.48 -13.59 3.57
C VAL B 727 47.21 -14.08 2.89
N SER B 728 46.17 -14.44 3.64
CA SER B 728 44.95 -15.02 3.05
C SER B 728 43.79 -14.86 4.02
N MET B 729 42.55 -15.03 3.55
CA MET B 729 41.37 -14.96 4.43
C MET B 729 40.47 -16.09 3.99
N THR B 730 39.43 -16.42 4.75
CA THR B 730 38.55 -17.56 4.44
C THR B 730 37.81 -17.32 3.14
N LYS B 731 37.78 -18.34 2.28
CA LYS B 731 37.03 -18.25 1.01
C LYS B 731 35.62 -18.70 1.37
N THR B 732 34.63 -17.89 1.08
CA THR B 732 33.25 -18.21 1.47
C THR B 732 32.41 -18.19 0.21
N SER B 733 31.33 -18.97 0.19
CA SER B 733 30.39 -18.98 -0.95
C SER B 733 29.01 -18.84 -0.35
N VAL B 734 28.10 -18.19 -1.06
CA VAL B 734 26.71 -18.03 -0.55
C VAL B 734 25.75 -18.47 -1.64
N ASP B 735 24.70 -19.20 -1.28
CA ASP B 735 23.61 -19.54 -2.23
C ASP B 735 22.58 -18.45 -2.01
N CYS B 736 22.41 -17.53 -2.96
CA CYS B 736 21.50 -16.40 -2.72
C CYS B 736 20.11 -16.97 -2.48
N THR B 737 19.73 -18.01 -3.23
CA THR B 737 18.36 -18.54 -3.11
C THR B 737 18.12 -19.06 -1.69
N MET B 738 19.03 -19.83 -1.12
CA MET B 738 18.74 -20.39 0.21
C MET B 738 18.70 -19.26 1.25
N TYR B 739 19.65 -18.30 1.18
CA TYR B 739 19.69 -17.25 2.21
C TYR B 739 18.50 -16.30 2.08
N ILE B 740 18.26 -15.75 0.88
CA ILE B 740 17.20 -14.71 0.73
C ILE B 740 15.83 -15.38 0.90
N CYS B 741 15.64 -16.54 0.30
CA CYS B 741 14.37 -17.28 0.43
C CYS B 741 14.59 -18.41 1.42
N GLY B 742 14.61 -19.65 0.94
CA GLY B 742 14.85 -20.80 1.83
C GLY B 742 13.56 -21.49 2.19
N ASP B 743 13.27 -22.64 1.56
CA ASP B 743 12.06 -23.46 1.87
C ASP B 743 10.79 -22.77 1.37
N SER B 744 10.91 -21.77 0.51
CA SER B 744 9.68 -21.17 -0.06
C SER B 744 9.80 -21.07 -1.58
N THR B 745 8.98 -21.83 -2.31
CA THR B 745 8.99 -21.69 -3.79
C THR B 745 8.37 -20.35 -4.17
N GLU B 746 7.44 -19.86 -3.34
CA GLU B 746 6.74 -18.59 -3.66
C GLU B 746 7.73 -17.43 -3.65
N CYS B 747 8.63 -17.41 -2.66
CA CYS B 747 9.67 -16.35 -2.60
C CYS B 747 10.58 -16.47 -3.82
N SER B 748 10.92 -17.70 -4.20
CA SER B 748 11.89 -17.88 -5.29
C SER B 748 11.35 -17.24 -6.58
N ASN B 749 10.05 -17.41 -6.84
CA ASN B 749 9.49 -16.90 -8.12
C ASN B 749 9.64 -15.38 -8.16
N LEU B 750 9.35 -14.70 -7.05
CA LEU B 750 9.46 -13.21 -7.01
C LEU B 750 10.92 -12.78 -7.17
N LEU B 751 11.87 -13.54 -6.62
CA LEU B 751 13.30 -13.13 -6.63
C LEU B 751 13.87 -12.95 -8.05
N LEU B 752 13.42 -13.75 -9.01
CA LEU B 752 14.03 -13.70 -10.37
C LEU B 752 13.90 -12.31 -11.00
N GLN B 753 12.96 -11.48 -10.55
CA GLN B 753 12.74 -10.16 -11.21
C GLN B 753 14.02 -9.32 -11.16
N TYR B 754 14.76 -9.32 -10.05
CA TYR B 754 16.04 -8.56 -9.97
C TYR B 754 17.06 -9.15 -10.95
N GLY B 755 17.18 -10.48 -11.01
CA GLY B 755 18.07 -11.10 -12.03
C GLY B 755 19.55 -10.99 -11.75
N SER B 756 20.19 -9.91 -12.21
CA SER B 756 21.67 -9.75 -12.12
C SER B 756 22.21 -9.73 -10.69
N PHE B 757 21.39 -9.47 -9.68
CA PHE B 757 21.94 -9.33 -8.30
C PHE B 757 22.63 -10.63 -7.86
N CYS B 758 22.01 -11.79 -8.06
CA CYS B 758 22.64 -13.05 -7.55
C CYS B 758 23.95 -13.35 -8.28
N THR B 759 23.99 -13.17 -9.61
CA THR B 759 25.19 -13.48 -10.43
C THR B 759 26.35 -12.56 -10.06
N GLN B 760 26.05 -11.29 -9.88
CA GLN B 760 27.11 -10.30 -9.57
C GLN B 760 27.73 -10.67 -8.22
N LEU B 761 26.91 -11.09 -7.27
CA LEU B 761 27.41 -11.45 -5.92
C LEU B 761 28.31 -12.67 -6.01
N LYS B 762 27.91 -13.67 -6.78
CA LYS B 762 28.69 -14.93 -6.91
C LYS B 762 30.01 -14.69 -7.63
N ARG B 763 30.01 -13.86 -8.66
CA ARG B 763 31.26 -13.55 -9.40
C ARG B 763 32.21 -12.79 -8.49
N ALA B 764 31.69 -11.85 -7.71
CA ALA B 764 32.52 -11.04 -6.80
C ALA B 764 33.14 -11.93 -5.74
N LEU B 765 32.31 -12.78 -5.12
CA LEU B 765 32.80 -13.72 -4.09
C LEU B 765 33.72 -14.76 -4.71
N THR B 766 33.46 -15.20 -5.94
CA THR B 766 34.38 -16.14 -6.64
C THR B 766 35.76 -15.52 -6.92
N GLY B 767 35.84 -14.25 -7.29
CA GLY B 767 37.13 -13.56 -7.47
C GLY B 767 37.90 -13.43 -6.18
N ILE B 768 37.21 -13.15 -5.09
CA ILE B 768 37.88 -13.05 -3.75
C ILE B 768 38.48 -14.40 -3.47
N ALA B 769 37.77 -15.48 -3.77
CA ALA B 769 38.22 -16.85 -3.48
C ALA B 769 39.45 -17.24 -4.29
N VAL B 770 39.50 -16.91 -5.57
CA VAL B 770 40.64 -17.26 -6.45
C VAL B 770 41.87 -16.48 -6.04
N GLU B 771 41.71 -15.22 -5.63
CA GLU B 771 42.83 -14.36 -5.16
C GLU B 771 43.42 -14.93 -3.89
N GLN B 772 42.61 -15.48 -3.00
CA GLN B 772 43.10 -16.00 -1.72
C GLN B 772 44.07 -17.11 -2.02
N ASP B 773 43.82 -17.90 -3.06
CA ASP B 773 44.77 -18.93 -3.51
C ASP B 773 46.01 -18.33 -4.18
N LYS B 774 45.86 -17.30 -5.01
CA LYS B 774 47.01 -16.63 -5.67
C LYS B 774 47.87 -15.95 -4.61
N ASN B 775 47.25 -15.47 -3.54
CA ASN B 775 47.95 -14.78 -2.44
C ASN B 775 48.93 -15.71 -1.77
N THR B 776 48.57 -16.98 -1.59
CA THR B 776 49.42 -17.96 -0.88
C THR B 776 50.43 -18.61 -1.82
N GLN B 777 50.29 -18.43 -3.12
CA GLN B 777 51.22 -19.02 -4.11
C GLN B 777 52.26 -17.98 -4.51
N GLU B 778 52.06 -16.75 -4.11
CA GLU B 778 53.06 -15.69 -4.38
C GLU B 778 53.94 -15.58 -3.15
N VAL B 779 53.34 -15.77 -1.97
CA VAL B 779 54.14 -15.75 -0.73
C VAL B 779 55.01 -17.01 -0.62
N PHE B 780 54.48 -18.20 -0.89
CA PHE B 780 55.23 -19.45 -0.58
C PHE B 780 55.75 -20.23 -1.79
N ALA B 781 55.15 -20.08 -2.97
CA ALA B 781 55.70 -20.76 -4.16
C ALA B 781 56.77 -19.88 -4.82
N GLN B 782 57.81 -19.55 -4.08
CA GLN B 782 58.96 -18.78 -4.60
C GLN B 782 60.07 -19.80 -4.86
N VAL B 783 59.76 -21.09 -4.68
CA VAL B 783 60.76 -22.18 -4.82
C VAL B 783 60.38 -23.02 -6.02
N LYS B 784 61.29 -23.21 -6.96
CA LYS B 784 61.06 -24.11 -8.11
C LYS B 784 61.05 -25.58 -7.67
N GLN B 785 61.96 -25.97 -6.75
CA GLN B 785 62.09 -27.37 -6.33
C GLN B 785 62.07 -27.45 -4.81
N ILE B 786 61.64 -28.59 -4.26
CA ILE B 786 61.54 -28.74 -2.78
C ILE B 786 62.89 -29.21 -2.26
N TYR B 787 63.66 -28.33 -1.64
CA TYR B 787 65.00 -28.67 -1.10
C TYR B 787 64.88 -29.38 0.24
N LYS B 788 65.89 -30.16 0.60
CA LYS B 788 65.86 -30.96 1.84
C LYS B 788 67.17 -30.73 2.59
N THR B 789 67.11 -30.68 3.92
CA THR B 789 68.33 -30.46 4.75
C THR B 789 69.10 -31.78 4.85
N PRO B 790 70.42 -31.77 5.10
CA PRO B 790 71.21 -33.00 5.11
C PRO B 790 70.94 -33.89 6.34
N PRO B 791 71.28 -35.19 6.32
CA PRO B 791 71.00 -36.07 7.45
C PRO B 791 71.71 -35.61 8.73
N ILE B 792 72.98 -35.19 8.64
CA ILE B 792 73.68 -34.65 9.85
C ILE B 792 73.52 -33.13 9.86
N LYS B 793 72.77 -32.60 10.84
CA LYS B 793 72.49 -31.15 10.89
C LYS B 793 73.49 -30.37 11.73
N TYR B 794 74.76 -30.25 11.30
CA TYR B 794 75.71 -29.38 12.02
C TYR B 794 75.88 -28.16 11.14
N PHE B 795 75.39 -27.00 11.57
CA PHE B 795 75.38 -25.80 10.70
C PHE B 795 76.37 -24.76 11.23
N GLY B 796 77.43 -25.22 11.87
CA GLY B 796 78.46 -24.31 12.39
C GLY B 796 78.22 -23.95 13.83
N GLY B 797 77.25 -24.61 14.47
CA GLY B 797 76.87 -24.25 15.84
C GLY B 797 75.53 -23.55 15.89
N PHE B 798 74.85 -23.47 14.76
CA PHE B 798 73.58 -22.73 14.74
C PHE B 798 72.48 -23.76 14.88
N ASN B 799 71.59 -23.59 15.85
CA ASN B 799 70.59 -24.65 16.12
C ASN B 799 69.26 -24.23 15.50
N PHE B 800 68.85 -24.94 14.47
CA PHE B 800 67.61 -24.60 13.76
C PHE B 800 66.52 -25.60 14.15
N SER B 801 66.73 -26.37 15.21
CA SER B 801 65.76 -27.42 15.62
C SER B 801 64.45 -26.71 15.79
N GLN B 802 64.52 -25.52 16.36
CA GLN B 802 63.32 -24.69 16.62
C GLN B 802 62.67 -24.27 15.31
N ILE B 803 63.31 -24.49 14.16
CA ILE B 803 62.74 -23.96 12.87
C ILE B 803 62.58 -25.05 11.82
N LEU B 804 63.47 -26.03 11.78
CA LEU B 804 63.46 -27.09 10.74
C LEU B 804 62.43 -28.15 11.11
N PRO B 805 61.90 -28.99 10.19
CA PRO B 805 60.82 -29.94 10.54
C PRO B 805 61.14 -31.01 11.60
N ASP B 806 60.10 -31.60 12.20
CA ASP B 806 60.28 -32.58 13.32
C ASP B 806 59.51 -33.88 13.09
N PRO B 807 59.99 -35.04 13.62
CA PRO B 807 59.30 -36.34 13.51
C PRO B 807 57.91 -36.52 14.15
N SER B 808 57.65 -35.92 15.31
CA SER B 808 56.34 -36.05 16.03
C SER B 808 55.16 -36.02 15.06
N LYS B 809 55.34 -35.50 13.84
CA LYS B 809 54.27 -35.51 12.81
C LYS B 809 52.95 -34.86 13.24
N PRO B 810 52.89 -33.66 13.85
CA PRO B 810 51.58 -33.02 14.08
C PRO B 810 51.11 -32.79 12.63
N SER B 811 51.96 -32.23 11.78
CA SER B 811 51.69 -32.11 10.33
C SER B 811 53.07 -32.05 9.70
N LYS B 812 54.07 -32.63 10.37
CA LYS B 812 55.48 -32.53 9.92
C LYS B 812 55.94 -31.10 10.25
N ARG B 813 55.21 -30.36 11.03
CA ARG B 813 55.56 -28.95 11.34
C ARG B 813 56.74 -28.88 12.31
N SER B 814 57.40 -27.76 12.37
CA SER B 814 58.58 -27.55 13.24
C SER B 814 58.13 -27.16 14.64
N PRO B 815 58.98 -27.19 15.68
CA PRO B 815 58.59 -26.73 17.02
C PRO B 815 58.14 -25.28 17.28
N ILE B 816 58.75 -24.20 16.74
CA ILE B 816 58.19 -22.82 16.88
C ILE B 816 56.87 -22.75 16.10
N GLU B 817 56.81 -23.39 14.93
CA GLU B 817 55.59 -23.44 14.09
C GLU B 817 54.48 -24.20 14.81
N ASP B 818 54.83 -25.25 15.59
CA ASP B 818 53.80 -26.07 16.28
C ASP B 818 53.04 -25.18 17.27
N LEU B 819 53.75 -24.32 17.99
CA LEU B 819 53.09 -23.38 18.95
C LEU B 819 52.21 -22.38 18.19
N LEU B 820 52.62 -21.94 16.99
CA LEU B 820 51.84 -20.95 16.28
C LEU B 820 50.49 -21.50 15.91
N PHE B 821 50.42 -22.77 15.55
CA PHE B 821 49.15 -23.34 15.15
C PHE B 821 48.27 -23.63 16.34
N ASN B 822 48.86 -23.85 17.52
CA ASN B 822 48.04 -23.97 18.73
C ASN B 822 47.48 -22.62 19.13
N LYS B 823 48.32 -21.58 19.17
CA LYS B 823 47.91 -20.33 19.77
C LYS B 823 46.84 -19.62 18.96
N VAL B 824 46.83 -19.77 17.65
CA VAL B 824 45.87 -19.06 16.83
C VAL B 824 44.65 -19.94 16.62
N THR B 825 43.51 -19.49 17.11
CA THR B 825 42.27 -20.25 17.00
C THR B 825 41.16 -19.41 16.41
N LYS B 852 26.70 -26.11 6.06
CA LYS B 852 26.72 -25.77 7.48
C LYS B 852 25.62 -24.79 7.86
N PHE B 853 25.42 -23.78 7.03
CA PHE B 853 24.57 -22.66 7.44
C PHE B 853 23.40 -22.46 6.51
N ASN B 854 22.80 -21.28 6.61
CA ASN B 854 21.79 -20.83 5.66
C ASN B 854 22.44 -20.38 4.36
N GLY B 855 23.05 -21.32 3.67
CA GLY B 855 23.61 -21.06 2.38
C GLY B 855 25.06 -20.63 2.36
N LEU B 856 25.60 -20.40 3.55
CA LEU B 856 26.97 -19.90 3.68
C LEU B 856 27.90 -21.09 3.81
N THR B 857 28.84 -21.22 2.89
CA THR B 857 29.80 -22.34 2.91
C THR B 857 31.21 -21.79 3.04
N VAL B 858 32.14 -22.59 3.53
CA VAL B 858 33.58 -22.17 3.59
C VAL B 858 34.35 -23.13 2.67
N LEU B 859 34.70 -22.67 1.48
CA LEU B 859 35.41 -23.51 0.49
C LEU B 859 36.83 -23.75 1.00
N PRO B 860 37.36 -24.97 0.89
CA PRO B 860 38.70 -25.28 1.41
C PRO B 860 39.87 -24.64 0.66
N PRO B 861 40.96 -24.24 1.35
CA PRO B 861 42.15 -23.75 0.67
C PRO B 861 42.80 -24.81 -0.23
N LEU B 862 43.25 -24.43 -1.42
CA LEU B 862 43.89 -25.37 -2.37
C LEU B 862 45.18 -25.94 -1.78
N LEU B 863 45.98 -25.14 -1.10
CA LEU B 863 47.29 -25.62 -0.59
C LEU B 863 47.10 -26.08 0.86
N THR B 864 47.35 -27.36 1.13
CA THR B 864 47.08 -27.92 2.48
C THR B 864 48.12 -27.42 3.47
N ASP B 865 47.82 -27.49 4.75
CA ASP B 865 48.76 -26.96 5.75
C ASP B 865 50.06 -27.74 5.64
N GLU B 866 50.03 -29.04 5.33
CA GLU B 866 51.28 -29.81 5.11
C GLU B 866 52.01 -29.33 3.85
N MET B 867 51.30 -29.03 2.77
CA MET B 867 51.94 -28.47 1.57
C MET B 867 52.48 -27.06 1.85
N ILE B 868 51.73 -26.24 2.58
CA ILE B 868 52.21 -24.89 2.98
C ILE B 868 53.43 -25.06 3.91
N ALA B 869 53.54 -26.21 4.58
CA ALA B 869 54.71 -26.46 5.45
C ALA B 869 55.89 -27.17 4.77
N GLN B 870 55.77 -27.66 3.53
CA GLN B 870 56.98 -28.20 2.81
C GLN B 870 57.54 -27.07 1.97
N TYR B 871 56.73 -26.06 1.68
CA TYR B 871 57.22 -24.87 0.95
C TYR B 871 58.15 -24.16 1.91
N THR B 872 57.69 -23.95 3.14
CA THR B 872 58.54 -23.30 4.17
C THR B 872 59.78 -24.15 4.37
N SER B 873 59.69 -25.48 4.39
CA SER B 873 60.91 -26.30 4.67
C SER B 873 61.95 -26.18 3.54
N ALA B 874 61.53 -26.16 2.29
CA ALA B 874 62.43 -25.95 1.13
C ALA B 874 63.00 -24.54 1.15
N LEU B 875 62.16 -23.56 1.49
CA LEU B 875 62.61 -22.16 1.62
C LEU B 875 63.65 -22.12 2.72
N LEU B 876 63.47 -22.91 3.79
CA LEU B 876 64.40 -22.94 4.94
C LEU B 876 65.67 -23.74 4.67
N ALA B 877 65.67 -24.78 3.83
CA ALA B 877 66.89 -25.58 3.48
C ALA B 877 67.71 -25.04 2.30
N GLY B 878 67.08 -24.33 1.37
CA GLY B 878 67.84 -23.66 0.30
C GLY B 878 68.62 -22.55 0.93
N THR B 879 68.02 -21.85 1.89
CA THR B 879 68.70 -20.76 2.63
C THR B 879 69.85 -21.30 3.48
N ILE B 880 69.65 -22.40 4.21
CA ILE B 880 70.74 -22.86 5.09
C ILE B 880 71.88 -23.39 4.23
N THR B 881 71.58 -24.23 3.24
CA THR B 881 72.64 -24.87 2.39
C THR B 881 73.32 -23.94 1.39
N SER B 882 72.58 -23.09 0.70
CA SER B 882 73.18 -22.26 -0.37
C SER B 882 73.23 -20.78 -0.02
N GLY B 883 72.10 -20.11 0.17
CA GLY B 883 72.19 -18.70 0.57
C GLY B 883 71.35 -17.80 -0.30
N TRP B 884 71.93 -16.71 -0.79
CA TRP B 884 71.23 -15.81 -1.76
C TRP B 884 71.04 -16.58 -3.07
N THR B 885 71.88 -17.58 -3.32
CA THR B 885 71.97 -18.26 -4.63
C THR B 885 70.69 -18.90 -5.16
N PHE B 886 69.87 -19.50 -4.32
CA PHE B 886 68.70 -20.26 -4.82
C PHE B 886 67.62 -19.35 -5.43
N GLY B 887 67.70 -18.05 -5.25
CA GLY B 887 66.70 -17.13 -5.82
C GLY B 887 67.12 -16.50 -7.15
N ALA B 888 68.39 -16.62 -7.56
CA ALA B 888 68.91 -15.96 -8.76
C ALA B 888 69.43 -16.98 -9.78
N GLY B 889 69.30 -18.28 -9.50
CA GLY B 889 69.69 -19.31 -10.48
C GLY B 889 69.69 -20.69 -9.87
N PRO B 890 70.51 -21.64 -10.36
CA PRO B 890 70.66 -22.93 -9.71
C PRO B 890 71.23 -22.72 -8.31
N ALA B 891 70.72 -23.44 -7.30
CA ALA B 891 71.17 -23.25 -5.91
C ALA B 891 72.57 -23.79 -5.79
N LEU B 892 73.51 -22.99 -5.27
CA LEU B 892 74.93 -23.44 -5.21
C LEU B 892 75.35 -23.51 -3.75
N GLN B 893 75.96 -24.61 -3.33
CA GLN B 893 76.29 -24.83 -1.90
C GLN B 893 77.46 -24.00 -1.39
N ILE B 894 77.42 -23.61 -0.11
CA ILE B 894 78.53 -22.91 0.58
C ILE B 894 78.35 -23.36 2.03
N PRO B 895 79.41 -23.57 2.83
CA PRO B 895 79.19 -23.88 4.24
C PRO B 895 78.43 -22.74 4.97
N PHE B 896 77.52 -23.02 5.90
CA PHE B 896 76.70 -21.96 6.59
C PHE B 896 77.56 -20.95 7.37
N PRO B 897 78.65 -21.30 8.10
CA PRO B 897 79.48 -20.28 8.71
C PRO B 897 79.93 -19.31 7.60
N MET B 898 80.31 -19.81 6.41
CA MET B 898 80.70 -18.99 5.24
C MET B 898 79.54 -18.16 4.68
N GLN B 899 78.31 -18.66 4.61
CA GLN B 899 77.25 -17.81 4.03
C GLN B 899 77.18 -16.59 4.92
N MET B 900 77.32 -16.75 6.24
CA MET B 900 77.17 -15.65 7.23
C MET B 900 78.28 -14.62 7.09
N ALA B 901 79.47 -15.05 6.79
CA ALA B 901 80.63 -14.15 6.68
C ALA B 901 80.34 -13.18 5.55
N TYR B 902 79.71 -13.66 4.49
CA TYR B 902 79.28 -12.80 3.34
C TYR B 902 78.17 -11.83 3.77
N ARG B 903 77.18 -12.26 4.57
CA ARG B 903 76.11 -11.40 5.12
C ARG B 903 76.66 -10.34 6.12
N PHE B 904 77.74 -10.48 6.76
CA PHE B 904 78.37 -9.46 7.65
C PHE B 904 79.08 -8.49 6.73
N ASN B 905 79.75 -9.07 5.68
CA ASN B 905 80.45 -8.23 4.70
C ASN B 905 79.43 -7.34 4.00
N GLY B 906 78.18 -7.76 3.96
CA GLY B 906 77.17 -7.00 3.23
C GLY B 906 76.43 -6.01 4.06
N ILE B 907 76.76 -5.86 5.34
CA ILE B 907 76.12 -4.79 6.19
C ILE B 907 77.17 -3.81 6.68
N GLY B 908 78.36 -3.91 6.17
CA GLY B 908 79.38 -2.92 6.50
C GLY B 908 80.38 -3.41 7.53
N VAL B 909 80.07 -4.51 8.22
CA VAL B 909 81.05 -5.11 9.17
C VAL B 909 81.91 -6.02 8.31
N THR B 910 82.99 -6.56 8.84
CA THR B 910 83.88 -7.31 7.93
C THR B 910 83.89 -8.79 8.27
N GLN B 911 84.51 -9.63 7.42
CA GLN B 911 84.46 -11.10 7.60
C GLN B 911 85.23 -11.51 8.87
N ASN B 912 86.29 -10.78 9.23
CA ASN B 912 87.10 -11.20 10.38
C ASN B 912 86.16 -11.31 11.56
N VAL B 913 85.17 -10.43 11.67
CA VAL B 913 84.34 -10.46 12.91
C VAL B 913 83.61 -11.81 13.08
N LEU B 914 82.98 -12.42 12.06
CA LEU B 914 82.27 -13.72 12.34
C LEU B 914 83.20 -14.88 12.67
N TYR B 915 84.27 -15.08 11.92
CA TYR B 915 85.16 -16.25 12.17
C TYR B 915 85.79 -16.06 13.54
N GLU B 916 86.01 -14.82 13.93
CA GLU B 916 86.76 -14.57 15.18
C GLU B 916 85.79 -14.65 16.35
N ASN B 917 84.51 -14.51 16.09
CA ASN B 917 83.49 -14.58 17.16
C ASN B 917 82.45 -15.62 16.75
N GLN B 918 82.85 -16.69 16.08
CA GLN B 918 81.87 -17.66 15.53
C GLN B 918 81.07 -18.31 16.65
N LYS B 919 81.76 -18.80 17.70
CA LYS B 919 81.04 -19.52 18.78
C LYS B 919 80.12 -18.55 19.53
N LEU B 920 80.61 -17.36 19.85
CA LEU B 920 79.81 -16.36 20.58
C LEU B 920 78.61 -15.95 19.74
N ILE B 921 78.81 -15.67 18.45
CA ILE B 921 77.68 -15.27 17.55
C ILE B 921 76.72 -16.45 17.45
N ALA B 922 77.26 -17.68 17.33
CA ALA B 922 76.42 -18.90 17.23
C ALA B 922 75.62 -19.12 18.51
N ASN B 923 76.24 -18.99 19.70
CA ASN B 923 75.51 -19.12 20.99
C ASN B 923 74.51 -17.98 21.23
N GLN B 924 74.86 -16.74 20.94
CA GLN B 924 73.92 -15.60 21.07
C GLN B 924 72.77 -15.85 20.12
N PHE B 925 73.09 -16.36 18.94
CA PHE B 925 72.03 -16.72 17.97
C PHE B 925 71.14 -17.83 18.53
N ASN B 926 71.73 -18.90 19.10
CA ASN B 926 70.93 -20.05 19.60
C ASN B 926 70.06 -19.56 20.77
N SER B 927 70.61 -18.78 21.70
CA SER B 927 69.86 -18.29 22.87
C SER B 927 68.70 -17.39 22.41
N ALA B 928 68.94 -16.56 21.42
CA ALA B 928 67.91 -15.63 20.88
C ALA B 928 66.74 -16.41 20.28
N ILE B 929 67.04 -17.49 19.54
CA ILE B 929 65.97 -18.35 18.93
C ILE B 929 65.16 -19.00 20.04
N GLY B 930 65.81 -19.39 21.15
CA GLY B 930 65.10 -20.01 22.27
C GLY B 930 64.06 -19.10 22.92
N LYS B 931 64.39 -17.83 23.14
CA LYS B 931 63.45 -16.87 23.77
C LYS B 931 62.22 -16.65 22.90
N ILE B 932 62.35 -16.85 21.59
CA ILE B 932 61.21 -16.53 20.70
C ILE B 932 60.03 -17.41 21.11
N GLN B 933 60.29 -18.70 21.28
CA GLN B 933 59.19 -19.63 21.64
C GLN B 933 58.71 -19.29 23.04
N ASP B 934 59.62 -19.01 23.97
CA ASP B 934 59.23 -18.72 25.37
C ASP B 934 58.39 -17.44 25.46
N SER B 935 58.78 -16.38 24.76
CA SER B 935 58.01 -15.11 24.78
C SER B 935 56.63 -15.36 24.20
N LEU B 936 56.58 -16.09 23.10
CA LEU B 936 55.28 -16.42 22.45
C LEU B 936 54.46 -17.33 23.38
N SER B 937 55.10 -18.34 23.96
CA SER B 937 54.38 -19.28 24.87
C SER B 937 53.94 -18.53 26.14
N SER B 938 54.82 -17.69 26.70
CA SER B 938 54.42 -16.86 27.86
C SER B 938 53.28 -15.98 27.36
N THR B 939 53.40 -15.44 26.16
CA THR B 939 52.30 -14.69 25.49
C THR B 939 52.33 -13.20 25.76
N PRO B 940 52.60 -12.35 24.74
CA PRO B 940 52.45 -10.91 24.87
C PRO B 940 51.12 -10.73 24.13
N SER B 941 51.12 -10.08 22.96
CA SER B 941 49.88 -10.00 22.12
C SER B 941 50.29 -10.13 20.65
N ALA B 942 51.30 -10.95 20.35
CA ALA B 942 51.86 -11.01 18.98
C ALA B 942 50.90 -11.52 17.90
N LEU B 943 50.07 -12.54 18.17
CA LEU B 943 49.26 -13.17 17.10
C LEU B 943 47.97 -12.41 16.85
N GLY B 944 47.87 -11.23 17.43
CA GLY B 944 46.68 -10.41 17.25
C GLY B 944 46.45 -10.11 15.79
N LYS B 945 47.50 -10.02 14.98
CA LYS B 945 47.30 -9.60 13.56
C LYS B 945 46.54 -10.68 12.79
N LEU B 946 47.00 -11.94 12.82
CA LEU B 946 46.29 -13.07 12.15
C LEU B 946 44.92 -13.32 12.80
N GLN B 947 44.84 -13.30 14.13
CA GLN B 947 43.57 -13.58 14.83
C GLN B 947 42.54 -12.52 14.50
N ASP B 948 42.96 -11.26 14.38
CA ASP B 948 42.01 -10.17 14.09
C ASP B 948 41.34 -10.43 12.75
N VAL B 949 42.08 -10.94 11.76
CA VAL B 949 41.47 -11.30 10.46
C VAL B 949 40.42 -12.39 10.67
N VAL B 950 40.72 -13.41 11.50
CA VAL B 950 39.78 -14.53 11.74
C VAL B 950 38.51 -13.99 12.41
N ASN B 951 38.68 -13.09 13.38
CA ASN B 951 37.53 -12.50 14.10
C ASN B 951 36.68 -11.67 13.15
N HIS B 952 37.31 -10.90 12.27
CA HIS B 952 36.52 -10.03 11.36
C HIS B 952 35.67 -10.91 10.46
N ASN B 953 36.22 -12.04 10.01
CA ASN B 953 35.45 -12.96 9.14
C ASN B 953 34.28 -13.56 9.92
N ALA B 954 34.51 -13.98 11.16
CA ALA B 954 33.45 -14.60 11.98
C ALA B 954 32.36 -13.57 12.29
N GLN B 955 32.76 -12.36 12.65
CA GLN B 955 31.78 -11.31 12.99
C GLN B 955 30.95 -10.98 11.75
N ALA B 956 31.58 -10.94 10.58
CA ALA B 956 30.87 -10.61 9.32
C ALA B 956 29.85 -11.68 8.97
N LEU B 957 30.21 -12.96 9.12
CA LEU B 957 29.21 -14.04 8.88
C LEU B 957 28.10 -13.95 9.92
N ASN B 958 28.45 -13.71 11.19
CA ASN B 958 27.44 -13.62 12.28
C ASN B 958 26.50 -12.43 12.04
N THR B 959 27.01 -11.29 11.60
CA THR B 959 26.05 -10.19 11.36
C THR B 959 25.07 -10.62 10.28
N LEU B 960 25.52 -11.33 9.24
CA LEU B 960 24.63 -11.74 8.12
C LEU B 960 23.54 -12.69 8.63
N VAL B 961 23.91 -13.66 9.46
CA VAL B 961 22.91 -14.64 9.98
C VAL B 961 21.89 -13.92 10.86
N LYS B 962 22.35 -12.96 11.67
CA LYS B 962 21.43 -12.18 12.54
C LYS B 962 20.44 -11.37 11.69
N GLN B 963 20.88 -10.81 10.57
CA GLN B 963 20.00 -9.93 9.74
C GLN B 963 18.81 -10.72 9.19
N LEU B 964 18.91 -12.05 9.13
CA LEU B 964 17.79 -12.90 8.63
C LEU B 964 16.58 -12.75 9.55
N SER B 965 16.80 -12.64 10.86
CA SER B 965 15.68 -12.54 11.85
C SER B 965 15.15 -11.10 11.95
N SER B 966 15.78 -10.14 11.29
CA SER B 966 15.22 -8.77 11.28
C SER B 966 13.98 -8.70 10.39
N LYS B 967 12.90 -8.08 10.86
CA LYS B 967 11.61 -7.99 10.11
C LYS B 967 11.74 -7.10 8.86
N PHE B 968 12.51 -6.01 8.95
CA PHE B 968 12.64 -5.04 7.83
C PHE B 968 11.30 -4.36 7.58
N GLY B 969 10.45 -4.29 8.61
CA GLY B 969 9.16 -3.59 8.48
C GLY B 969 8.01 -4.46 7.99
N ALA B 970 8.29 -5.71 7.60
CA ALA B 970 7.22 -6.64 7.21
C ALA B 970 6.59 -7.22 8.48
N ILE B 971 5.47 -7.91 8.34
CA ILE B 971 4.73 -8.39 9.55
C ILE B 971 5.66 -9.30 10.36
N SER B 972 6.42 -10.16 9.68
CA SER B 972 7.28 -11.12 10.42
C SER B 972 8.53 -11.47 9.62
N SER B 973 9.59 -11.84 10.31
CA SER B 973 10.83 -12.28 9.63
C SER B 973 10.56 -13.59 8.89
N VAL B 974 9.78 -14.50 9.47
CA VAL B 974 9.60 -15.85 8.86
C VAL B 974 8.73 -15.76 7.60
N LEU B 975 9.24 -16.25 6.47
CA LEU B 975 8.50 -16.20 5.18
C LEU B 975 7.25 -17.07 5.26
N ASN B 976 7.33 -18.22 5.91
CA ASN B 976 6.17 -19.17 5.89
C ASN B 976 4.93 -18.52 6.49
N ASP B 977 5.08 -17.82 7.62
CA ASP B 977 3.88 -17.25 8.26
C ASP B 977 3.25 -16.22 7.31
N ILE B 978 4.07 -15.43 6.61
CA ILE B 978 3.50 -14.36 5.74
C ILE B 978 2.65 -15.03 4.66
N LEU B 979 3.19 -16.07 4.01
CA LEU B 979 2.46 -16.75 2.91
C LEU B 979 1.23 -17.47 3.47
N SER B 980 1.41 -18.17 4.59
CA SER B 980 0.29 -18.95 5.20
C SER B 980 -0.79 -18.03 5.77
N ARG B 981 -0.42 -16.92 6.41
CA ARG B 981 -1.42 -16.07 7.11
C ARG B 981 -2.00 -14.96 6.22
N LEU B 982 -1.59 -14.86 4.95
CA LEU B 982 -2.08 -13.71 4.13
C LEU B 982 -2.56 -14.19 2.76
N ASP B 983 -3.45 -13.41 2.12
CA ASP B 983 -3.93 -13.74 0.76
C ASP B 983 -2.72 -13.63 -0.16
N PRO B 984 -2.60 -14.44 -1.24
CA PRO B 984 -1.38 -14.41 -2.06
C PRO B 984 -0.95 -13.05 -2.64
N PRO B 985 -1.83 -12.18 -3.20
CA PRO B 985 -1.39 -10.86 -3.65
C PRO B 985 -0.91 -10.04 -2.46
N GLU B 986 -1.59 -10.15 -1.32
CA GLU B 986 -1.17 -9.42 -0.10
C GLU B 986 0.20 -9.92 0.37
N ALA B 987 0.41 -11.23 0.31
CA ALA B 987 1.68 -11.84 0.77
C ALA B 987 2.85 -11.37 -0.08
N GLU B 988 2.66 -11.22 -1.39
CA GLU B 988 3.82 -10.89 -2.25
C GLU B 988 4.45 -9.56 -1.84
N VAL B 989 3.66 -8.54 -1.51
CA VAL B 989 4.31 -7.25 -1.17
C VAL B 989 5.15 -7.42 0.10
N GLN B 990 4.63 -8.13 1.10
CA GLN B 990 5.36 -8.33 2.37
C GLN B 990 6.64 -9.15 2.09
N ILE B 991 6.55 -10.15 1.22
CA ILE B 991 7.72 -11.00 0.89
C ILE B 991 8.79 -10.13 0.22
N ASP B 992 8.39 -9.19 -0.64
CA ASP B 992 9.37 -8.35 -1.36
C ASP B 992 10.20 -7.54 -0.34
N ARG B 993 9.55 -7.06 0.72
CA ARG B 993 10.27 -6.22 1.71
C ARG B 993 11.39 -7.05 2.35
N LEU B 994 11.12 -8.32 2.68
CA LEU B 994 12.17 -9.20 3.27
C LEU B 994 13.31 -9.37 2.25
N ILE B 995 12.99 -9.59 0.97
CA ILE B 995 14.01 -9.82 -0.08
C ILE B 995 14.88 -8.56 -0.22
N THR B 996 14.27 -7.39 -0.21
CA THR B 996 15.06 -6.16 -0.44
C THR B 996 16.05 -6.02 0.71
N GLY B 997 15.61 -6.26 1.94
CA GLY B 997 16.55 -6.21 3.06
C GLY B 997 17.61 -7.28 2.96
N ARG B 998 17.24 -8.50 2.61
CA ARG B 998 18.21 -9.62 2.54
C ARG B 998 19.20 -9.41 1.38
N LEU B 999 18.74 -8.90 0.24
CA LEU B 999 19.65 -8.60 -0.89
C LEU B 999 20.63 -7.49 -0.49
N GLN B 1000 20.16 -6.47 0.23
CA GLN B 1000 21.03 -5.37 0.69
C GLN B 1000 22.08 -5.92 1.65
N SER B 1001 21.68 -6.81 2.55
CA SER B 1001 22.61 -7.36 3.56
C SER B 1001 23.71 -8.16 2.87
N LEU B 1002 23.37 -8.95 1.85
CA LEU B 1002 24.38 -9.70 1.08
C LEU B 1002 25.30 -8.74 0.33
N GLN B 1003 24.77 -7.64 -0.22
CA GLN B 1003 25.58 -6.64 -0.94
C GLN B 1003 26.53 -5.94 0.02
N THR B 1004 26.07 -5.59 1.21
CA THR B 1004 26.98 -4.98 2.20
C THR B 1004 28.10 -5.96 2.54
N TYR B 1005 27.79 -7.25 2.71
CA TYR B 1005 28.82 -8.26 3.04
C TYR B 1005 29.82 -8.39 1.88
N VAL B 1006 29.32 -8.46 0.66
CA VAL B 1006 30.21 -8.64 -0.52
C VAL B 1006 31.09 -7.39 -0.67
N THR B 1007 30.50 -6.21 -0.50
CA THR B 1007 31.25 -4.95 -0.65
C THR B 1007 32.34 -4.89 0.42
N GLN B 1008 31.99 -5.25 1.65
CA GLN B 1008 32.97 -5.22 2.77
C GLN B 1008 34.08 -6.25 2.57
N GLN B 1009 33.76 -7.43 2.05
CA GLN B 1009 34.78 -8.48 1.77
C GLN B 1009 35.73 -8.04 0.65
N LEU B 1010 35.26 -7.31 -0.35
CA LEU B 1010 36.14 -6.77 -1.42
C LEU B 1010 37.11 -5.75 -0.83
N ILE B 1011 36.66 -4.90 0.09
CA ILE B 1011 37.57 -3.94 0.79
C ILE B 1011 38.56 -4.70 1.67
N ARG B 1012 38.10 -5.73 2.39
CA ARG B 1012 38.99 -6.55 3.23
C ARG B 1012 39.96 -7.36 2.40
N ALA B 1013 39.54 -7.85 1.23
CA ALA B 1013 40.41 -8.61 0.33
C ALA B 1013 41.57 -7.75 -0.13
N ALA B 1014 41.32 -6.48 -0.38
CA ALA B 1014 42.35 -5.51 -0.80
C ALA B 1014 43.38 -5.28 0.29
N GLU B 1015 42.98 -5.23 1.56
CA GLU B 1015 43.95 -5.11 2.67
C GLU B 1015 44.83 -6.35 2.74
N ILE B 1016 44.26 -7.54 2.59
CA ILE B 1016 45.03 -8.83 2.59
C ILE B 1016 45.92 -8.90 1.36
N ARG B 1017 45.45 -8.40 0.21
CA ARG B 1017 46.25 -8.40 -1.03
C ARG B 1017 47.49 -7.54 -0.83
N ALA B 1018 47.36 -6.40 -0.15
CA ALA B 1018 48.52 -5.54 0.15
C ALA B 1018 49.51 -6.24 1.07
N SER B 1019 49.06 -6.92 2.12
CA SER B 1019 49.91 -7.66 3.07
C SER B 1019 50.54 -8.89 2.43
N ALA B 1020 49.79 -9.57 1.57
CA ALA B 1020 50.31 -10.73 0.82
C ALA B 1020 51.40 -10.21 -0.11
N ASN B 1021 51.18 -9.04 -0.69
CA ASN B 1021 52.19 -8.40 -1.56
C ASN B 1021 53.41 -7.98 -0.77
N LEU B 1022 53.28 -7.49 0.45
CA LEU B 1022 54.46 -7.18 1.29
C LEU B 1022 55.19 -8.45 1.75
N ALA B 1023 54.47 -9.50 2.14
CA ALA B 1023 55.07 -10.78 2.53
C ALA B 1023 55.78 -11.42 1.34
N ALA B 1024 55.26 -11.22 0.14
CA ALA B 1024 55.91 -11.67 -1.10
C ALA B 1024 57.19 -10.87 -1.34
N THR B 1025 57.20 -9.57 -1.09
CA THR B 1025 58.42 -8.72 -1.20
C THR B 1025 59.41 -9.08 -0.10
N LYS B 1026 58.92 -9.33 1.11
CA LYS B 1026 59.77 -9.71 2.28
C LYS B 1026 60.36 -11.09 2.11
N MET B 1027 59.65 -11.98 1.45
CA MET B 1027 60.19 -13.32 1.18
C MET B 1027 61.32 -13.23 0.19
N SER B 1028 61.17 -12.41 -0.84
CA SER B 1028 62.22 -12.23 -1.86
C SER B 1028 63.44 -11.45 -1.38
N GLU B 1029 63.26 -10.37 -0.62
CA GLU B 1029 64.38 -9.47 -0.27
C GLU B 1029 64.95 -9.69 1.12
N CYS B 1030 64.36 -10.54 1.94
CA CYS B 1030 64.87 -10.84 3.30
C CYS B 1030 65.23 -12.33 3.33
N VAL B 1031 64.28 -13.19 2.98
CA VAL B 1031 64.54 -14.66 2.90
C VAL B 1031 65.45 -15.05 1.71
N LEU B 1032 65.27 -14.43 0.54
CA LEU B 1032 66.04 -14.86 -0.65
C LEU B 1032 67.24 -13.95 -0.90
N GLY B 1033 67.37 -12.83 -0.19
CA GLY B 1033 68.57 -11.97 -0.29
C GLY B 1033 68.65 -11.14 0.97
N GLN B 1034 69.77 -10.46 1.28
CA GLN B 1034 69.86 -9.54 2.43
C GLN B 1034 69.47 -8.12 2.00
N SER B 1035 68.38 -7.55 2.55
CA SER B 1035 67.92 -6.17 2.23
C SER B 1035 68.85 -5.07 2.75
N LYS B 1036 69.05 -4.00 1.97
CA LYS B 1036 69.82 -2.82 2.43
C LYS B 1036 68.78 -1.75 2.76
N ARG B 1037 67.51 -2.02 2.50
CA ARG B 1037 66.43 -1.10 2.88
C ARG B 1037 66.44 -1.04 4.39
N VAL B 1038 66.12 0.10 4.98
CA VAL B 1038 66.21 0.29 6.46
C VAL B 1038 64.86 -0.01 7.10
N ASP B 1039 64.86 -0.75 8.21
CA ASP B 1039 63.63 -1.12 8.96
C ASP B 1039 62.71 -1.96 8.09
N PHE B 1040 63.31 -2.81 7.25
CA PHE B 1040 62.50 -3.71 6.40
C PHE B 1040 62.60 -5.13 6.97
N CYS B 1041 63.79 -5.71 6.95
CA CYS B 1041 63.96 -7.06 7.55
C CYS B 1041 64.41 -6.92 9.01
N GLY B 1042 63.61 -6.25 9.83
CA GLY B 1042 63.94 -6.07 11.25
C GLY B 1042 64.62 -4.77 11.62
N LYS B 1043 64.55 -4.39 12.90
CA LYS B 1043 65.23 -3.19 13.41
C LYS B 1043 66.68 -3.56 13.59
N GLY B 1044 67.60 -2.82 12.98
CA GLY B 1044 69.01 -3.21 13.01
C GLY B 1044 69.47 -3.53 11.61
N TYR B 1045 70.76 -3.75 11.41
CA TYR B 1045 71.26 -4.11 10.07
C TYR B 1045 70.98 -5.59 9.81
N HIS B 1046 70.20 -5.90 8.77
CA HIS B 1046 69.75 -7.28 8.45
C HIS B 1046 70.89 -8.23 8.19
N LEU B 1047 70.85 -9.42 8.79
CA LEU B 1047 71.82 -10.46 8.42
C LEU B 1047 71.06 -11.52 7.62
N MET B 1048 69.85 -11.96 8.06
CA MET B 1048 69.11 -13.10 7.44
C MET B 1048 67.65 -13.03 7.90
N SER B 1049 66.75 -13.86 7.36
CA SER B 1049 65.36 -13.91 7.82
C SER B 1049 64.77 -15.28 7.47
N PHE B 1050 63.75 -15.77 8.21
CA PHE B 1050 63.20 -17.14 8.04
C PHE B 1050 61.68 -17.13 7.95
N PRO B 1051 61.06 -17.86 7.01
CA PRO B 1051 59.63 -17.96 6.96
C PRO B 1051 59.02 -19.02 7.89
N GLN B 1052 57.93 -18.71 8.62
CA GLN B 1052 57.19 -19.74 9.39
C GLN B 1052 55.74 -19.65 9.00
N SER B 1053 55.12 -20.78 8.71
CA SER B 1053 53.70 -20.82 8.35
C SER B 1053 52.86 -20.58 9.60
N ALA B 1054 51.87 -19.72 9.53
CA ALA B 1054 50.96 -19.52 10.67
C ALA B 1054 49.59 -19.78 10.09
N PRO B 1055 48.49 -19.83 10.83
CA PRO B 1055 47.25 -20.22 10.22
C PRO B 1055 46.78 -19.46 8.97
N HIS B 1056 46.72 -18.14 8.93
CA HIS B 1056 46.32 -17.49 7.65
C HIS B 1056 47.36 -16.45 7.25
N GLY B 1057 48.61 -16.74 7.50
CA GLY B 1057 49.65 -15.72 7.28
C GLY B 1057 51.01 -16.29 7.48
N VAL B 1058 52.01 -15.45 7.62
CA VAL B 1058 53.42 -15.92 7.76
C VAL B 1058 54.07 -15.20 8.94
N VAL B 1059 54.92 -15.89 9.67
CA VAL B 1059 55.70 -15.22 10.75
C VAL B 1059 57.13 -15.19 10.23
N PHE B 1060 57.75 -14.02 10.21
CA PHE B 1060 59.12 -13.93 9.67
C PHE B 1060 60.01 -13.69 10.87
N LEU B 1061 61.05 -14.48 11.01
CA LEU B 1061 62.00 -14.32 12.13
C LEU B 1061 63.19 -13.53 11.60
N HIS B 1062 63.24 -12.23 11.87
CA HIS B 1062 64.27 -11.36 11.28
C HIS B 1062 65.57 -11.29 12.10
N VAL B 1063 66.62 -12.02 11.73
CA VAL B 1063 67.97 -11.94 12.41
C VAL B 1063 68.74 -10.66 12.00
N THR B 1064 69.30 -9.86 12.95
CA THR B 1064 69.90 -8.53 12.66
C THR B 1064 71.12 -8.30 13.55
N TYR B 1065 72.00 -7.32 13.20
CA TYR B 1065 73.22 -6.98 13.99
C TYR B 1065 72.97 -5.65 14.66
N VAL B 1066 72.93 -5.61 16.00
CA VAL B 1066 72.74 -4.32 16.72
C VAL B 1066 74.10 -3.98 17.32
N PRO B 1067 74.70 -2.80 17.03
CA PRO B 1067 75.96 -2.40 17.65
C PRO B 1067 75.77 -2.23 19.17
N ALA B 1068 76.82 -2.47 19.94
CA ALA B 1068 76.71 -2.31 21.41
C ALA B 1068 78.02 -1.78 22.01
N GLN B 1069 78.01 -1.38 23.27
CA GLN B 1069 79.25 -0.94 23.97
C GLN B 1069 79.90 0.24 23.24
N GLU B 1070 79.26 1.42 23.23
CA GLU B 1070 79.71 2.59 22.42
C GLU B 1070 80.78 3.47 23.09
N LYS B 1071 82.06 3.13 22.96
CA LYS B 1071 83.17 4.01 23.44
C LYS B 1071 83.33 5.23 22.52
N ASN B 1072 83.60 6.42 23.07
CA ASN B 1072 83.70 7.68 22.28
C ASN B 1072 85.15 8.08 22.09
N PHE B 1073 85.53 8.60 20.91
CA PHE B 1073 86.94 8.92 20.57
C PHE B 1073 87.04 10.24 19.80
N THR B 1074 88.24 10.57 19.28
CA THR B 1074 88.46 11.89 18.59
C THR B 1074 88.62 11.69 17.08
N THR B 1075 87.84 12.42 16.28
CA THR B 1075 87.84 12.22 14.81
C THR B 1075 88.34 13.45 14.07
N ALA B 1076 89.32 13.29 13.17
CA ALA B 1076 89.76 14.40 12.30
C ALA B 1076 89.52 13.92 10.90
N PRO B 1077 88.86 14.69 9.99
CA PRO B 1077 88.44 14.18 8.68
C PRO B 1077 89.55 13.72 7.74
N ALA B 1078 90.68 14.39 7.75
CA ALA B 1078 91.81 13.96 6.91
C ALA B 1078 93.07 14.06 7.75
N ILE B 1079 94.11 13.29 7.43
CA ILE B 1079 95.39 13.47 8.16
C ILE B 1079 96.46 14.07 7.22
N CYS B 1080 96.98 15.25 7.54
CA CYS B 1080 98.06 15.78 6.69
C CYS B 1080 99.27 14.86 6.80
N HIS B 1081 99.87 14.48 5.69
CA HIS B 1081 101.19 13.78 5.78
C HIS B 1081 102.01 14.29 4.61
N ASP B 1082 103.22 14.80 4.87
CA ASP B 1082 104.09 15.34 3.78
C ASP B 1082 103.30 16.40 3.02
N GLY B 1083 102.39 17.12 3.69
CA GLY B 1083 101.67 18.25 3.04
C GLY B 1083 100.48 17.86 2.22
N LYS B 1084 100.09 16.58 2.22
CA LYS B 1084 98.98 16.12 1.36
C LYS B 1084 97.88 15.58 2.25
N ALA B 1085 96.63 15.87 1.96
CA ALA B 1085 95.59 15.26 2.81
C ALA B 1085 95.66 13.75 2.58
N HIS B 1086 95.38 12.96 3.61
CA HIS B 1086 95.33 11.49 3.45
C HIS B 1086 94.03 11.00 4.06
N PHE B 1087 92.91 11.14 3.37
CA PHE B 1087 91.61 10.61 3.84
C PHE B 1087 91.68 9.09 3.71
N PRO B 1088 90.88 8.25 4.40
CA PRO B 1088 91.04 6.80 4.33
C PRO B 1088 90.02 6.05 3.44
N ARG B 1089 90.47 5.01 2.73
CA ARG B 1089 89.54 4.33 1.77
C ARG B 1089 88.36 3.76 2.54
N GLU B 1090 88.61 3.08 3.66
CA GLU B 1090 87.48 2.60 4.51
C GLU B 1090 87.89 2.57 5.97
N GLY B 1091 87.86 3.74 6.62
CA GLY B 1091 88.15 3.86 8.06
C GLY B 1091 87.63 5.20 8.49
N VAL B 1092 87.40 5.42 9.79
CA VAL B 1092 87.02 6.76 10.28
C VAL B 1092 88.21 7.08 11.16
N PHE B 1093 88.94 8.15 10.93
CA PHE B 1093 90.13 8.32 11.78
C PHE B 1093 89.65 8.46 13.23
N VAL B 1094 90.30 7.81 14.19
CA VAL B 1094 89.95 7.95 15.63
C VAL B 1094 91.29 7.95 16.38
N SER B 1095 91.36 8.47 17.61
CA SER B 1095 92.66 8.41 18.34
C SER B 1095 92.48 7.88 19.75
N ASN B 1096 93.46 7.11 20.26
CA ASN B 1096 93.37 6.71 21.69
C ASN B 1096 94.06 7.80 22.51
N GLY B 1097 93.60 9.05 22.37
CA GLY B 1097 94.29 10.17 23.04
C GLY B 1097 95.58 10.54 22.32
N THR B 1098 96.50 9.59 22.14
CA THR B 1098 97.84 9.95 21.59
C THR B 1098 98.08 9.37 20.18
N HIS B 1099 97.97 8.05 20.02
CA HIS B 1099 98.21 7.39 18.70
C HIS B 1099 96.97 7.54 17.80
N TRP B 1100 97.14 7.44 16.48
CA TRP B 1100 95.99 7.63 15.56
C TRP B 1100 95.59 6.34 14.83
N PHE B 1101 94.29 6.02 14.75
CA PHE B 1101 93.83 4.75 14.14
C PHE B 1101 92.61 4.89 13.21
N VAL B 1102 92.58 4.13 12.10
CA VAL B 1102 91.44 4.08 11.13
C VAL B 1102 90.61 2.88 11.55
N THR B 1103 89.30 2.94 11.53
CA THR B 1103 88.60 1.76 12.04
C THR B 1103 87.43 1.39 11.15
N GLN B 1104 87.10 0.10 11.04
CA GLN B 1104 85.88 -0.26 10.29
C GLN B 1104 84.84 0.58 11.02
N ARG B 1105 83.95 1.21 10.32
CA ARG B 1105 83.06 2.17 11.01
C ARG B 1105 82.14 1.56 12.05
N ASN B 1106 81.51 0.40 11.84
CA ASN B 1106 80.46 -0.12 12.78
C ASN B 1106 80.94 -1.16 13.83
N PHE B 1107 82.23 -1.45 13.90
CA PHE B 1107 82.76 -2.33 14.95
C PHE B 1107 84.06 -1.66 15.37
N TYR B 1108 84.33 -1.55 16.65
CA TYR B 1108 85.58 -0.82 16.93
C TYR B 1108 86.79 -1.72 16.70
N GLU B 1109 87.48 -1.51 15.59
CA GLU B 1109 88.75 -2.23 15.35
C GLU B 1109 89.82 -1.18 15.06
N PRO B 1110 90.74 -0.90 16.00
CA PRO B 1110 91.78 0.08 15.78
C PRO B 1110 92.80 -0.45 14.76
N GLN B 1111 93.13 0.34 13.73
CA GLN B 1111 94.11 -0.06 12.70
C GLN B 1111 95.18 1.02 12.54
N ILE B 1112 96.44 0.63 12.42
CA ILE B 1112 97.58 1.60 12.29
C ILE B 1112 97.50 2.22 10.91
N ILE B 1113 98.11 3.39 10.69
CA ILE B 1113 97.89 4.10 9.39
C ILE B 1113 99.06 3.87 8.45
N THR B 1114 98.79 3.42 7.23
CA THR B 1114 99.84 3.19 6.20
C THR B 1114 99.22 3.60 4.87
N THR B 1115 100.00 3.66 3.79
CA THR B 1115 99.47 4.20 2.50
C THR B 1115 98.25 3.39 2.00
N ASP B 1116 98.23 2.07 2.23
CA ASP B 1116 97.14 1.19 1.68
C ASP B 1116 95.75 1.60 2.16
N ASN B 1117 95.59 1.97 3.41
CA ASN B 1117 94.23 2.27 3.92
C ASN B 1117 93.91 3.75 3.73
N THR B 1118 94.83 4.54 3.16
CA THR B 1118 94.62 6.00 3.04
C THR B 1118 94.59 6.49 1.59
N PHE B 1119 93.56 7.28 1.22
CA PHE B 1119 93.46 7.91 -0.13
C PHE B 1119 94.07 9.33 -0.06
N VAL B 1120 95.03 9.66 -0.93
CA VAL B 1120 95.74 10.98 -0.90
C VAL B 1120 95.08 11.90 -1.90
N SER B 1121 94.55 13.04 -1.45
CA SER B 1121 93.99 14.02 -2.42
C SER B 1121 94.30 15.46 -2.04
N GLY B 1122 95.02 16.19 -2.89
CA GLY B 1122 95.24 17.62 -2.63
C GLY B 1122 96.31 17.92 -1.60
N ASN B 1123 96.27 19.12 -1.02
CA ASN B 1123 97.23 19.56 0.02
C ASN B 1123 96.37 19.85 1.25
N CYS B 1124 96.96 19.98 2.44
CA CYS B 1124 96.07 20.13 3.62
C CYS B 1124 95.73 21.58 3.99
N ASP B 1125 96.09 22.56 3.17
CA ASP B 1125 95.64 23.96 3.40
C ASP B 1125 94.11 24.02 3.26
N VAL B 1126 93.57 23.39 2.21
CA VAL B 1126 92.11 23.46 1.93
C VAL B 1126 91.26 22.76 2.99
N VAL B 1127 91.68 21.60 3.51
CA VAL B 1127 90.80 20.82 4.43
C VAL B 1127 90.58 21.58 5.74
N ILE B 1128 89.39 21.50 6.32
CA ILE B 1128 89.14 22.14 7.64
C ILE B 1128 89.12 21.02 8.69
N GLY B 1129 90.05 21.00 9.64
CA GLY B 1129 90.11 19.90 10.61
C GLY B 1129 91.16 18.85 10.29
N ILE B 1130 91.97 19.06 9.26
CA ILE B 1130 93.07 18.09 9.00
C ILE B 1130 93.98 18.03 10.23
N VAL B 1131 94.46 16.84 10.63
CA VAL B 1131 95.42 16.73 11.78
C VAL B 1131 96.74 16.14 11.32
N ASN B 1132 97.83 16.44 12.04
CA ASN B 1132 99.18 15.97 11.65
C ASN B 1132 99.50 14.60 12.27
N ASN B 1133 99.99 13.66 11.47
CA ASN B 1133 100.23 12.26 11.94
C ASN B 1133 101.25 11.63 11.00
N THR B 1134 101.69 10.40 11.26
CA THR B 1134 102.61 9.75 10.30
C THR B 1134 101.91 8.58 9.62
N VAL B 1135 101.81 8.61 8.29
CA VAL B 1135 101.23 7.47 7.52
C VAL B 1135 102.43 6.61 7.16
N TYR B 1136 102.58 5.45 7.79
CA TYR B 1136 103.81 4.68 7.54
C TYR B 1136 103.75 4.20 6.09
N ASP B 1137 104.90 3.91 5.50
CA ASP B 1137 104.92 3.35 4.13
C ASP B 1137 105.20 1.86 4.30
N PRO B 1138 104.27 0.99 3.89
CA PRO B 1138 104.47 -0.43 4.04
C PRO B 1138 105.71 -0.78 3.21
N LEU B 1139 105.88 -0.15 2.07
CA LEU B 1139 106.99 -0.45 1.14
C LEU B 1139 108.39 -0.12 1.66
N SER C 24 8.94 49.95 -27.86
CA SER C 24 10.30 50.28 -27.39
C SER C 24 10.89 49.08 -26.64
N TYR C 25 12.21 49.00 -26.52
CA TYR C 25 12.83 47.93 -25.70
C TYR C 25 14.04 48.48 -24.95
N THR C 26 14.34 47.93 -23.77
CA THR C 26 15.46 48.42 -22.94
C THR C 26 16.10 47.19 -22.26
N ASN C 27 17.34 47.29 -21.79
CA ASN C 27 18.01 46.11 -21.20
C ASN C 27 17.90 46.17 -19.68
N SER C 28 17.38 45.12 -19.04
CA SER C 28 17.38 45.08 -17.56
C SER C 28 18.68 44.39 -17.14
N PHE C 29 19.70 45.17 -16.76
CA PHE C 29 21.01 44.58 -16.46
C PHE C 29 21.07 44.23 -14.98
N THR C 30 21.03 42.94 -14.63
CA THR C 30 21.11 42.49 -13.22
C THR C 30 20.06 43.18 -12.32
N ARG C 31 18.81 43.21 -12.86
CA ARG C 31 17.72 43.92 -12.13
C ARG C 31 16.60 42.92 -11.77
N GLY C 32 15.75 43.29 -10.80
CA GLY C 32 14.58 42.46 -10.48
C GLY C 32 14.91 41.34 -9.51
N VAL C 33 16.08 41.37 -8.86
CA VAL C 33 16.42 40.36 -7.82
C VAL C 33 15.63 40.70 -6.54
N TYR C 34 15.03 39.70 -5.89
CA TYR C 34 14.22 39.94 -4.66
C TYR C 34 14.66 38.96 -3.58
N TYR C 35 14.28 39.20 -2.32
CA TYR C 35 14.61 38.26 -1.22
C TYR C 35 13.65 37.08 -1.31
N PRO C 36 14.14 35.87 -1.59
CA PRO C 36 13.25 34.73 -1.79
C PRO C 36 12.43 34.34 -0.57
N ASP C 37 13.03 34.35 0.63
CA ASP C 37 12.32 33.88 1.85
C ASP C 37 12.65 34.80 3.03
N LYS C 38 12.01 34.56 4.17
CA LYS C 38 12.22 35.39 5.39
C LYS C 38 13.32 34.82 6.28
N VAL C 39 13.98 33.74 5.86
CA VAL C 39 15.13 33.20 6.63
C VAL C 39 16.30 34.17 6.52
N PHE C 40 17.06 34.34 7.59
CA PHE C 40 18.26 35.21 7.57
C PHE C 40 19.48 34.31 7.37
N ARG C 41 20.30 34.62 6.38
CA ARG C 41 21.54 33.84 6.16
C ARG C 41 22.71 34.83 6.11
N SER C 42 23.86 34.47 6.66
CA SER C 42 24.99 35.44 6.72
C SER C 42 26.27 34.89 6.07
N SER C 43 26.88 35.64 5.16
CA SER C 43 28.12 35.21 4.46
C SER C 43 27.93 33.86 3.78
N VAL C 44 26.78 33.65 3.14
CA VAL C 44 26.49 32.35 2.48
C VAL C 44 26.06 32.62 1.04
N LEU C 45 26.34 31.70 0.12
CA LEU C 45 25.80 31.80 -1.26
C LEU C 45 24.72 30.74 -1.32
N HIS C 46 23.46 31.13 -1.55
CA HIS C 46 22.34 30.16 -1.51
C HIS C 46 21.77 29.99 -2.92
N SER C 47 21.50 28.75 -3.34
CA SER C 47 20.87 28.50 -4.65
C SER C 47 19.37 28.26 -4.47
N THR C 48 18.57 29.07 -5.13
CA THR C 48 17.09 28.93 -5.06
C THR C 48 16.51 28.88 -6.47
N GLN C 49 15.52 28.03 -6.69
CA GLN C 49 14.84 28.04 -8.00
C GLN C 49 13.53 28.79 -7.80
N ASP C 50 13.37 29.96 -8.44
CA ASP C 50 12.16 30.78 -8.21
C ASP C 50 11.95 31.70 -9.41
N LEU C 51 10.75 32.26 -9.54
CA LEU C 51 10.44 33.19 -10.65
C LEU C 51 11.34 34.42 -10.49
N PHE C 52 12.00 34.86 -11.55
CA PHE C 52 12.96 35.99 -11.47
C PHE C 52 12.97 36.72 -12.81
N LEU C 53 13.41 37.99 -12.84
CA LEU C 53 13.57 38.69 -14.14
C LEU C 53 14.82 38.12 -14.79
N PRO C 54 14.78 37.38 -15.93
CA PRO C 54 16.00 36.78 -16.41
C PRO C 54 17.00 37.92 -16.60
N PHE C 55 18.25 37.73 -16.18
CA PHE C 55 19.27 38.81 -16.26
C PHE C 55 19.46 39.16 -17.74
N PHE C 56 19.67 40.43 -18.03
CA PHE C 56 19.90 40.85 -19.43
C PHE C 56 18.72 40.40 -20.26
N SER C 57 17.54 40.92 -19.94
CA SER C 57 16.37 40.69 -20.77
C SER C 57 15.95 42.00 -21.42
N ASN C 58 14.90 41.92 -22.22
CA ASN C 58 14.41 43.11 -22.95
C ASN C 58 13.08 43.58 -22.33
N VAL C 59 13.09 44.76 -21.74
CA VAL C 59 11.90 45.26 -21.00
C VAL C 59 11.24 46.37 -21.80
N THR C 60 9.93 46.29 -21.96
CA THR C 60 9.17 47.32 -22.70
C THR C 60 9.32 48.64 -21.96
N TRP C 61 9.39 49.75 -22.67
CA TRP C 61 9.65 51.04 -21.99
C TRP C 61 8.49 51.96 -22.34
N PHE C 62 7.34 51.72 -21.75
CA PHE C 62 6.24 52.67 -22.03
C PHE C 62 6.71 54.02 -21.51
N HIS C 63 6.41 55.09 -22.24
CA HIS C 63 6.93 56.44 -21.90
C HIS C 63 5.81 57.46 -22.00
N ALA C 64 5.61 58.28 -20.98
CA ALA C 64 4.61 59.38 -21.11
C ALA C 64 5.34 60.72 -21.01
N ASN C 76 -1.44 53.99 -21.41
CA ASN C 76 -2.12 53.05 -20.48
C ASN C 76 -2.52 51.81 -21.28
N PRO C 77 -1.58 50.93 -21.69
CA PRO C 77 -1.91 49.81 -22.57
C PRO C 77 -2.34 48.47 -21.95
N VAL C 78 -2.45 47.44 -22.79
CA VAL C 78 -2.79 46.08 -22.30
C VAL C 78 -1.46 45.38 -21.99
N LEU C 79 -1.19 45.05 -20.73
CA LEU C 79 0.06 44.30 -20.45
C LEU C 79 -0.32 43.01 -19.73
N PRO C 80 0.04 41.80 -20.23
CA PRO C 80 -0.39 40.56 -19.60
C PRO C 80 0.48 40.08 -18.42
N PHE C 81 -0.13 39.82 -17.25
CA PHE C 81 0.60 39.35 -16.04
C PHE C 81 0.80 37.84 -16.19
N ASN C 82 1.71 37.41 -17.06
CA ASN C 82 1.83 35.95 -17.32
C ASN C 82 2.37 35.17 -16.12
N ASP C 83 3.47 35.61 -15.52
CA ASP C 83 4.03 34.93 -14.32
C ASP C 83 4.34 35.98 -13.26
N GLY C 84 4.16 37.25 -13.59
CA GLY C 84 4.48 38.34 -12.66
C GLY C 84 4.96 39.52 -13.45
N VAL C 85 5.31 40.62 -12.81
CA VAL C 85 5.89 41.75 -13.58
C VAL C 85 6.90 42.48 -12.73
N TYR C 86 8.00 42.94 -13.32
CA TYR C 86 8.91 43.82 -12.57
C TYR C 86 8.54 45.22 -13.06
N PHE C 87 7.78 45.98 -12.28
CA PHE C 87 7.34 47.30 -12.78
C PHE C 87 8.23 48.35 -12.15
N ALA C 88 9.00 49.04 -12.97
CA ALA C 88 9.84 50.14 -12.46
C ALA C 88 9.31 51.42 -13.07
N SER C 89 9.02 52.42 -12.24
CA SER C 89 8.58 53.74 -12.77
C SER C 89 9.65 54.76 -12.42
N THR C 90 10.06 55.61 -13.36
CA THR C 90 11.01 56.70 -13.00
C THR C 90 10.25 58.02 -13.09
N ILE C 96 3.23 58.34 -11.52
CA ILE C 96 2.70 56.95 -11.55
C ILE C 96 2.21 56.63 -10.13
N ARG C 97 0.96 56.21 -9.98
CA ARG C 97 0.45 56.01 -8.59
C ARG C 97 -0.20 54.66 -8.33
N GLY C 98 -0.78 54.01 -9.34
CA GLY C 98 -1.55 52.78 -9.02
C GLY C 98 -1.43 51.65 -10.01
N TRP C 99 -1.85 50.44 -9.61
CA TRP C 99 -1.83 49.26 -10.51
C TRP C 99 -3.20 48.59 -10.40
N ILE C 100 -3.70 48.00 -11.47
CA ILE C 100 -5.08 47.42 -11.45
C ILE C 100 -4.99 45.99 -11.97
N PHE C 101 -4.33 45.11 -11.21
CA PHE C 101 -4.15 43.69 -11.63
C PHE C 101 -5.49 42.96 -11.61
N GLY C 102 -6.13 42.75 -12.77
CA GLY C 102 -7.37 41.96 -12.79
C GLY C 102 -7.57 41.19 -14.08
N THR C 103 -8.35 40.10 -14.05
CA THR C 103 -8.67 39.36 -15.30
C THR C 103 -9.43 40.28 -16.25
N THR C 104 -10.33 41.12 -15.72
CA THR C 104 -11.04 42.10 -16.58
C THR C 104 -10.13 43.33 -16.78
N LEU C 112 -12.48 40.03 -10.18
CA LEU C 112 -12.06 40.93 -9.09
C LEU C 112 -10.93 41.84 -9.60
N LEU C 113 -10.91 43.08 -9.13
CA LEU C 113 -9.83 44.03 -9.55
C LEU C 113 -9.03 44.38 -8.29
N ILE C 114 -7.73 44.09 -8.29
CA ILE C 114 -6.89 44.37 -7.10
C ILE C 114 -6.37 45.80 -7.22
N VAL C 115 -7.24 46.80 -7.10
CA VAL C 115 -6.70 48.16 -7.30
C VAL C 115 -5.65 48.39 -6.22
N ASN C 116 -4.53 49.03 -6.55
CA ASN C 116 -3.52 49.35 -5.51
C ASN C 116 -3.34 50.86 -5.65
N ASN C 117 -4.37 51.60 -5.29
CA ASN C 117 -4.32 53.08 -5.42
C ASN C 117 -3.20 53.57 -4.51
N ALA C 118 -2.68 54.75 -4.79
CA ALA C 118 -1.54 55.21 -3.99
C ALA C 118 -2.00 55.21 -2.54
N THR C 119 -3.26 55.59 -2.27
CA THR C 119 -3.79 55.67 -0.89
C THR C 119 -3.87 54.32 -0.16
N ASN C 120 -4.45 53.28 -0.76
CA ASN C 120 -4.64 52.00 -0.02
C ASN C 120 -4.61 50.80 -0.97
N VAL C 121 -4.25 49.61 -0.46
CA VAL C 121 -4.26 48.39 -1.30
C VAL C 121 -5.67 47.78 -1.29
N VAL C 122 -6.69 48.59 -1.58
CA VAL C 122 -8.10 48.11 -1.51
C VAL C 122 -8.35 47.06 -2.59
N ILE C 123 -9.03 45.96 -2.27
CA ILE C 123 -9.38 44.98 -3.32
C ILE C 123 -10.89 45.01 -3.52
N LYS C 124 -11.38 44.82 -4.74
CA LYS C 124 -12.84 44.72 -4.97
C LYS C 124 -13.12 43.48 -5.84
N VAL C 125 -13.96 42.57 -5.37
CA VAL C 125 -14.33 41.37 -6.18
C VAL C 125 -15.53 41.75 -7.06
N PHE C 163 -13.78 41.80 -0.20
CA PHE C 163 -12.55 41.65 0.62
C PHE C 163 -11.68 42.90 0.43
N GLU C 164 -11.31 43.58 1.51
CA GLU C 164 -10.54 44.85 1.36
C GLU C 164 -9.33 44.88 2.30
N TYR C 165 -8.30 44.09 2.02
CA TYR C 165 -7.05 44.17 2.83
C TYR C 165 -6.45 45.56 2.60
N VAL C 166 -5.94 46.21 3.65
CA VAL C 166 -5.36 47.59 3.53
C VAL C 166 -4.06 47.61 4.34
N SER C 167 -3.15 48.53 4.04
CA SER C 167 -1.91 48.70 4.83
C SER C 167 -1.56 50.18 4.94
N LEU C 184 13.10 56.11 -8.46
CA LEU C 184 13.28 54.83 -9.18
C LEU C 184 12.55 53.79 -8.33
N ARG C 185 11.24 53.69 -8.51
CA ARG C 185 10.48 52.75 -7.66
C ARG C 185 10.37 51.44 -8.41
N GLU C 186 11.02 50.39 -7.90
CA GLU C 186 11.03 49.08 -8.60
C GLU C 186 10.21 48.09 -7.80
N PHE C 187 9.23 47.43 -8.42
CA PHE C 187 8.34 46.53 -7.66
C PHE C 187 8.16 45.19 -8.35
N VAL C 188 8.53 44.08 -7.71
CA VAL C 188 8.28 42.73 -8.30
C VAL C 188 6.94 42.25 -7.72
N PHE C 189 5.98 41.95 -8.58
CA PHE C 189 4.66 41.48 -8.12
C PHE C 189 4.52 40.02 -8.54
N LYS C 190 4.20 39.13 -7.61
CA LYS C 190 3.98 37.69 -7.93
C LYS C 190 2.66 37.23 -7.27
N ASN C 191 1.84 36.43 -7.96
CA ASN C 191 0.64 35.88 -7.29
C ASN C 191 0.77 34.36 -7.22
N ILE C 192 0.98 33.80 -6.02
CA ILE C 192 1.12 32.32 -5.84
C ILE C 192 0.25 31.85 -4.67
N ASP C 193 -0.54 30.79 -4.87
CA ASP C 193 -1.38 30.19 -3.79
C ASP C 193 -2.32 31.22 -3.16
N GLY C 194 -2.85 32.15 -3.95
CA GLY C 194 -3.87 33.09 -3.44
C GLY C 194 -3.30 34.21 -2.61
N TYR C 195 -1.98 34.26 -2.45
CA TYR C 195 -1.38 35.40 -1.74
C TYR C 195 -0.62 36.28 -2.73
N PHE C 196 -1.07 37.51 -2.94
CA PHE C 196 -0.31 38.42 -3.82
C PHE C 196 0.92 38.82 -3.02
N LYS C 197 2.11 38.71 -3.62
CA LYS C 197 3.32 39.17 -2.91
C LYS C 197 3.80 40.43 -3.60
N ILE C 198 4.05 41.49 -2.84
CA ILE C 198 4.64 42.71 -3.45
C ILE C 198 6.01 42.89 -2.82
N TYR C 199 7.08 42.90 -3.61
CA TYR C 199 8.44 43.19 -3.07
C TYR C 199 8.80 44.54 -3.68
N SER C 200 9.23 45.51 -2.89
CA SER C 200 9.47 46.86 -3.46
C SER C 200 10.77 47.49 -2.98
N LYS C 201 11.35 48.36 -3.79
CA LYS C 201 12.55 49.14 -3.35
C LYS C 201 12.50 50.52 -4.02
N HIS C 202 12.99 51.56 -3.34
CA HIS C 202 13.08 52.91 -3.95
C HIS C 202 14.52 53.39 -3.81
N LEU C 214 17.28 52.19 -17.74
CA LEU C 214 17.20 51.48 -16.44
C LEU C 214 18.64 51.43 -15.91
N PRO C 215 18.90 51.76 -14.63
CA PRO C 215 20.26 51.82 -14.14
C PRO C 215 20.91 50.44 -14.03
N GLN C 216 22.24 50.36 -14.07
CA GLN C 216 22.89 49.05 -13.89
C GLN C 216 23.34 48.92 -12.43
N GLY C 217 22.56 48.23 -11.59
CA GLY C 217 22.97 48.00 -10.20
C GLY C 217 22.22 46.82 -9.61
N PHE C 218 22.78 46.16 -8.59
CA PHE C 218 22.00 45.09 -7.93
C PHE C 218 21.32 45.67 -6.69
N SER C 219 20.06 46.09 -6.79
CA SER C 219 19.33 46.54 -5.59
C SER C 219 18.28 45.48 -5.29
N ALA C 220 18.49 44.65 -4.28
CA ALA C 220 17.55 43.54 -3.99
C ALA C 220 16.24 44.12 -3.47
N LEU C 221 15.12 43.49 -3.78
CA LEU C 221 13.83 44.09 -3.39
C LEU C 221 13.38 43.43 -2.09
N GLU C 222 13.02 44.22 -1.06
CA GLU C 222 12.64 43.68 0.28
C GLU C 222 11.13 43.58 0.40
N PRO C 223 10.56 42.49 0.97
CA PRO C 223 9.11 42.31 0.96
C PRO C 223 8.37 43.49 1.59
N LEU C 224 7.35 44.02 0.91
CA LEU C 224 6.58 45.19 1.41
C LEU C 224 5.25 44.70 2.01
N VAL C 225 4.59 43.74 1.37
CA VAL C 225 3.25 43.30 1.86
C VAL C 225 2.84 41.99 1.20
N ASP C 226 2.42 40.99 1.97
CA ASP C 226 1.86 39.76 1.35
C ASP C 226 0.36 39.82 1.62
N LEU C 227 -0.46 39.81 0.57
CA LEU C 227 -1.92 39.99 0.79
C LEU C 227 -2.66 38.70 0.44
N PRO C 228 -3.48 38.12 1.35
CA PRO C 228 -4.16 36.85 1.08
C PRO C 228 -5.48 37.08 0.34
N ILE C 229 -5.42 37.43 -0.95
CA ILE C 229 -6.65 37.77 -1.71
C ILE C 229 -7.38 36.53 -2.17
N GLY C 230 -6.68 35.58 -2.80
CA GLY C 230 -7.34 34.39 -3.37
C GLY C 230 -8.02 34.71 -4.69
N ILE C 231 -7.35 35.46 -5.57
CA ILE C 231 -7.94 35.87 -6.89
C ILE C 231 -7.05 35.37 -8.02
N ASN C 232 -7.58 35.31 -9.25
CA ASN C 232 -6.76 34.92 -10.43
C ASN C 232 -6.50 36.17 -11.25
N ILE C 233 -5.23 36.47 -11.57
CA ILE C 233 -4.89 37.73 -12.28
C ILE C 233 -4.23 37.39 -13.63
N THR C 234 -4.72 37.94 -14.74
CA THR C 234 -4.05 37.71 -16.05
C THR C 234 -3.77 39.02 -16.79
N ARG C 235 -4.24 40.16 -16.28
CA ARG C 235 -3.91 41.45 -16.95
C ARG C 235 -3.63 42.54 -15.91
N PHE C 236 -2.72 43.47 -16.23
CA PHE C 236 -2.37 44.58 -15.30
C PHE C 236 -2.41 45.88 -16.12
N GLN C 237 -2.97 46.97 -15.58
CA GLN C 237 -2.91 48.28 -16.28
C GLN C 237 -2.52 49.36 -15.29
N THR C 238 -1.50 50.16 -15.59
CA THR C 238 -1.01 51.17 -14.61
C THR C 238 -1.98 52.33 -14.49
N LEU C 239 -2.05 52.95 -13.31
CA LEU C 239 -2.92 54.13 -13.08
C LEU C 239 -1.99 55.33 -12.93
N LEU C 240 -2.28 56.45 -13.60
CA LEU C 240 -1.34 57.61 -13.56
C LEU C 240 -2.10 58.89 -13.22
N ALA C 261 8.05 60.88 -17.36
CA ALA C 261 7.52 59.65 -16.73
C ALA C 261 7.68 58.46 -17.68
N ALA C 262 7.86 57.26 -17.13
CA ALA C 262 7.95 56.04 -17.94
C ALA C 262 7.54 54.87 -17.06
N TYR C 263 7.10 53.76 -17.64
CA TYR C 263 6.84 52.58 -16.76
C TYR C 263 7.38 51.26 -17.33
N TYR C 264 8.68 51.02 -17.15
CA TYR C 264 9.32 49.81 -17.73
C TYR C 264 8.70 48.56 -17.13
N VAL C 265 8.33 47.58 -17.96
CA VAL C 265 7.73 46.31 -17.47
C VAL C 265 8.45 45.11 -18.08
N GLY C 266 8.93 44.18 -17.27
CA GLY C 266 9.59 42.97 -17.77
C GLY C 266 9.03 41.72 -17.11
N TYR C 267 8.79 40.66 -17.86
CA TYR C 267 8.13 39.45 -17.26
C TYR C 267 9.13 38.58 -16.51
N LEU C 268 8.63 37.66 -15.68
CA LEU C 268 9.50 36.82 -14.80
C LEU C 268 9.49 35.37 -15.29
N GLN C 269 10.62 34.66 -15.24
CA GLN C 269 10.66 33.28 -15.78
C GLN C 269 11.24 32.34 -14.73
N PRO C 270 10.81 31.07 -14.60
CA PRO C 270 11.41 30.18 -13.61
C PRO C 270 12.91 30.06 -13.90
N ARG C 271 13.76 30.32 -12.91
CA ARG C 271 15.23 30.31 -13.10
C ARG C 271 15.91 29.86 -11.81
N THR C 272 17.18 29.45 -11.87
CA THR C 272 17.93 29.11 -10.64
C THR C 272 19.02 30.16 -10.47
N PHE C 273 19.12 30.77 -9.29
CA PHE C 273 20.11 31.86 -9.07
C PHE C 273 20.97 31.55 -7.85
N LEU C 274 22.23 31.99 -7.84
CA LEU C 274 23.09 31.86 -6.63
C LEU C 274 23.11 33.25 -5.99
N LEU C 275 22.64 33.40 -4.75
CA LEU C 275 22.48 34.73 -4.13
C LEU C 275 23.52 34.95 -3.05
N LYS C 276 24.18 36.11 -3.02
CA LYS C 276 25.28 36.38 -2.06
C LYS C 276 24.74 37.18 -0.89
N TYR C 277 24.86 36.66 0.32
CA TYR C 277 24.40 37.38 1.52
C TYR C 277 25.63 37.92 2.24
N ASN C 278 25.54 39.14 2.79
CA ASN C 278 26.68 39.74 3.53
C ASN C 278 26.58 39.34 5.00
N GLU C 279 27.43 39.90 5.86
CA GLU C 279 27.40 39.62 7.32
C GLU C 279 26.05 40.01 7.90
N ASN C 280 25.45 41.10 7.44
CA ASN C 280 24.17 41.61 7.99
C ASN C 280 22.98 40.90 7.33
N GLY C 281 23.21 39.93 6.45
CA GLY C 281 22.13 39.19 5.79
C GLY C 281 21.50 39.89 4.60
N THR C 282 22.29 40.67 3.84
CA THR C 282 21.76 41.43 2.67
C THR C 282 22.22 40.79 1.36
N ILE C 283 21.37 40.79 0.32
CA ILE C 283 21.70 40.17 -1.01
C ILE C 283 22.50 41.18 -1.82
N THR C 284 23.83 41.13 -1.73
CA THR C 284 24.73 42.02 -2.51
C THR C 284 24.75 41.72 -4.02
N ASP C 285 24.82 40.45 -4.44
CA ASP C 285 24.96 40.08 -5.87
C ASP C 285 24.26 38.75 -6.14
N ALA C 286 23.97 38.43 -7.40
CA ALA C 286 23.38 37.12 -7.76
C ALA C 286 23.90 36.64 -9.11
N VAL C 287 23.97 35.33 -9.34
CA VAL C 287 24.42 34.76 -10.64
C VAL C 287 23.22 34.09 -11.31
N ASP C 288 22.83 34.52 -12.52
CA ASP C 288 21.75 33.81 -13.26
C ASP C 288 22.49 32.67 -13.92
N CYS C 289 22.16 31.43 -13.59
CA CYS C 289 22.96 30.28 -14.08
C CYS C 289 22.76 30.01 -15.57
N ALA C 290 21.59 30.33 -16.13
CA ALA C 290 21.33 29.98 -17.54
C ALA C 290 21.76 31.11 -18.49
N LEU C 291 22.19 32.24 -17.96
CA LEU C 291 22.50 33.39 -18.85
C LEU C 291 23.66 33.03 -19.77
N ASP C 292 24.71 32.38 -19.27
CA ASP C 292 25.92 32.19 -20.10
C ASP C 292 26.60 30.88 -19.73
N PRO C 293 27.59 30.39 -20.50
CA PRO C 293 28.35 29.22 -20.08
C PRO C 293 29.09 29.51 -18.78
N LEU C 294 29.69 30.69 -18.61
CA LEU C 294 30.49 31.03 -17.40
C LEU C 294 29.60 31.03 -16.17
N SER C 295 28.38 31.57 -16.28
CA SER C 295 27.44 31.63 -15.14
C SER C 295 27.06 30.22 -14.71
N GLU C 296 26.91 29.30 -15.66
CA GLU C 296 26.53 27.89 -15.34
C GLU C 296 27.63 27.24 -14.51
N THR C 297 28.89 27.56 -14.80
CA THR C 297 30.04 27.04 -14.02
C THR C 297 29.99 27.57 -12.60
N LYS C 298 29.67 28.84 -12.42
CA LYS C 298 29.63 29.46 -11.08
C LYS C 298 28.57 28.78 -10.22
N CYS C 299 27.42 28.43 -10.80
CA CYS C 299 26.31 27.80 -10.04
C CYS C 299 26.61 26.33 -9.78
N THR C 300 27.45 25.68 -10.60
CA THR C 300 27.90 24.29 -10.29
C THR C 300 28.88 24.29 -9.13
N LEU C 301 29.83 25.22 -9.14
CA LEU C 301 30.87 25.26 -8.08
C LEU C 301 30.33 26.03 -6.87
N LYS C 302 29.18 26.70 -7.02
CA LYS C 302 28.57 27.52 -5.93
C LYS C 302 29.57 28.54 -5.41
N SER C 303 30.34 29.18 -6.30
CA SER C 303 31.28 30.26 -5.90
C SER C 303 31.34 31.29 -7.02
N PHE C 304 31.64 32.55 -6.70
CA PHE C 304 31.62 33.61 -7.73
C PHE C 304 32.98 33.71 -8.39
N THR C 305 33.99 33.08 -7.80
CA THR C 305 35.34 33.07 -8.43
C THR C 305 35.69 31.64 -8.88
N VAL C 306 35.59 31.38 -10.17
CA VAL C 306 35.97 30.04 -10.70
C VAL C 306 37.49 30.07 -10.85
N GLU C 307 38.09 28.91 -11.06
CA GLU C 307 39.57 28.84 -11.20
C GLU C 307 39.86 28.24 -12.57
N LYS C 308 41.06 28.45 -13.12
CA LYS C 308 41.36 27.97 -14.49
C LYS C 308 41.18 26.47 -14.52
N GLY C 309 40.47 25.96 -15.53
CA GLY C 309 40.24 24.52 -15.65
C GLY C 309 39.12 24.18 -16.61
N ILE C 310 38.76 22.90 -16.69
CA ILE C 310 37.63 22.43 -17.54
C ILE C 310 36.55 21.90 -16.57
N TYR C 311 35.33 22.44 -16.63
CA TYR C 311 34.31 22.06 -15.63
C TYR C 311 33.10 21.46 -16.32
N GLN C 312 32.58 20.34 -15.83
CA GLN C 312 31.45 19.64 -16.50
C GLN C 312 30.14 20.28 -16.04
N THR C 313 29.75 21.37 -16.70
CA THR C 313 28.53 22.12 -16.32
C THR C 313 27.23 21.34 -16.54
N SER C 314 27.08 20.61 -17.64
CA SER C 314 25.76 20.00 -17.94
C SER C 314 25.84 19.01 -19.09
N ASN C 315 24.70 18.71 -19.70
CA ASN C 315 24.63 17.82 -20.89
C ASN C 315 23.79 18.56 -21.94
N PHE C 316 23.97 18.24 -23.22
CA PHE C 316 23.20 18.90 -24.31
C PHE C 316 22.38 17.81 -25.01
N ARG C 317 21.09 18.05 -25.23
CA ARG C 317 20.21 17.02 -25.86
C ARG C 317 19.43 17.63 -27.03
N VAL C 318 19.50 17.02 -28.22
CA VAL C 318 18.68 17.49 -29.37
C VAL C 318 17.23 17.09 -29.08
N GLN C 319 16.25 17.89 -29.48
CA GLN C 319 14.84 17.59 -29.11
C GLN C 319 14.03 17.30 -30.37
N PRO C 320 13.01 16.42 -30.33
CA PRO C 320 12.29 16.02 -31.55
C PRO C 320 11.53 17.14 -32.28
N THR C 321 11.77 17.28 -33.58
CA THR C 321 11.12 18.35 -34.39
C THR C 321 9.62 18.13 -34.61
N GLU C 322 9.18 16.90 -34.93
CA GLU C 322 7.75 16.68 -35.30
C GLU C 322 7.32 15.26 -34.93
N SER C 323 6.07 14.90 -35.24
CA SER C 323 5.55 13.53 -34.91
C SER C 323 5.22 12.73 -36.17
N ILE C 324 5.74 11.50 -36.27
CA ILE C 324 5.41 10.62 -37.44
C ILE C 324 4.77 9.31 -36.94
N VAL C 325 3.59 8.97 -37.44
CA VAL C 325 2.95 7.67 -37.07
C VAL C 325 2.66 6.91 -38.36
N ARG C 326 3.21 5.70 -38.51
CA ARG C 326 3.03 4.94 -39.78
C ARG C 326 2.29 3.64 -39.50
N PHE C 327 1.28 3.32 -40.31
CA PHE C 327 0.46 2.11 -40.10
C PHE C 327 0.39 1.31 -41.41
N PRO C 328 0.04 -0.01 -41.42
CA PRO C 328 -0.13 -0.73 -42.70
C PRO C 328 -1.45 -0.26 -43.37
N ASN C 329 -1.60 -0.53 -44.67
CA ASN C 329 -2.82 -0.09 -45.41
C ASN C 329 -4.04 -0.78 -44.79
N ILE C 330 -5.16 -0.05 -44.66
CA ILE C 330 -6.41 -0.64 -44.08
C ILE C 330 -6.85 -1.77 -45.01
N THR C 331 -7.26 -2.91 -44.44
CA THR C 331 -7.58 -4.10 -45.28
C THR C 331 -8.64 -4.96 -44.60
N ASN C 332 -9.15 -5.98 -45.29
CA ASN C 332 -10.17 -6.90 -44.72
C ASN C 332 -11.39 -6.06 -44.32
N LEU C 333 -11.71 -5.04 -45.14
CA LEU C 333 -12.84 -4.14 -44.82
C LEU C 333 -14.05 -4.98 -44.42
N CYS C 334 -14.45 -4.92 -43.15
CA CYS C 334 -15.66 -5.63 -42.67
C CYS C 334 -16.80 -5.48 -43.65
N PRO C 335 -17.74 -6.43 -43.71
CA PRO C 335 -18.84 -6.35 -44.65
C PRO C 335 -19.99 -5.51 -44.11
N PHE C 336 -19.72 -4.32 -43.57
CA PHE C 336 -20.81 -3.41 -43.16
C PHE C 336 -21.49 -2.95 -44.44
N ASP C 337 -20.74 -2.96 -45.54
CA ASP C 337 -21.26 -2.49 -46.84
C ASP C 337 -22.45 -3.37 -47.22
N GLU C 338 -22.36 -4.67 -46.96
CA GLU C 338 -23.45 -5.57 -47.40
C GLU C 338 -24.60 -5.55 -46.39
N VAL C 339 -24.42 -4.97 -45.20
CA VAL C 339 -25.59 -4.86 -44.26
C VAL C 339 -26.18 -3.45 -44.30
N PHE C 340 -25.36 -2.40 -44.26
CA PHE C 340 -25.89 -1.01 -44.21
C PHE C 340 -26.68 -0.71 -45.48
N ASN C 341 -26.15 -1.09 -46.63
CA ASN C 341 -26.91 -0.89 -47.88
C ASN C 341 -27.04 -2.22 -48.62
N ALA C 342 -28.26 -2.61 -48.94
CA ALA C 342 -28.51 -3.87 -49.66
C ALA C 342 -29.84 -3.71 -50.33
N THR C 343 -30.15 -4.52 -51.33
CA THR C 343 -31.42 -4.29 -52.06
C THR C 343 -32.58 -4.46 -51.06
N ARG C 344 -32.48 -5.44 -50.15
CA ARG C 344 -33.60 -5.75 -49.20
C ARG C 344 -33.07 -5.73 -47.76
N PHE C 345 -33.94 -5.48 -46.78
CA PHE C 345 -33.55 -5.45 -45.35
C PHE C 345 -34.41 -6.47 -44.60
N ALA C 346 -34.00 -6.85 -43.39
CA ALA C 346 -34.80 -7.80 -42.56
C ALA C 346 -36.06 -7.18 -41.95
N SER C 347 -37.16 -7.94 -41.85
CA SER C 347 -38.40 -7.46 -41.18
C SER C 347 -38.17 -7.46 -39.67
N VAL C 348 -38.99 -6.75 -38.88
CA VAL C 348 -38.71 -6.68 -37.41
C VAL C 348 -38.85 -8.02 -36.70
N TYR C 349 -39.88 -8.84 -36.98
CA TYR C 349 -40.07 -10.09 -36.18
C TYR C 349 -38.85 -10.99 -36.34
N ALA C 350 -38.39 -11.20 -37.56
CA ALA C 350 -37.15 -11.97 -37.75
C ALA C 350 -36.00 -10.99 -37.84
N TRP C 351 -35.76 -10.19 -36.81
CA TRP C 351 -34.68 -9.19 -37.00
C TRP C 351 -33.40 -9.94 -37.34
N ASN C 352 -32.69 -9.57 -38.40
CA ASN C 352 -31.51 -10.36 -38.79
C ASN C 352 -30.32 -10.01 -37.93
N ARG C 353 -29.42 -10.96 -37.72
CA ARG C 353 -28.17 -10.66 -36.99
C ARG C 353 -26.98 -11.09 -37.85
N LYS C 354 -26.00 -10.22 -38.02
CA LYS C 354 -24.79 -10.60 -38.78
C LYS C 354 -23.59 -10.49 -37.84
N ARG C 355 -22.77 -11.54 -37.77
CA ARG C 355 -21.54 -11.48 -36.93
C ARG C 355 -20.41 -10.91 -37.77
N ILE C 356 -19.72 -9.91 -37.26
CA ILE C 356 -18.63 -9.27 -38.05
C ILE C 356 -17.36 -9.42 -37.23
N SER C 357 -16.29 -9.96 -37.81
CA SER C 357 -15.08 -10.22 -36.98
C SER C 357 -13.84 -10.37 -37.85
N ASN C 358 -12.65 -10.31 -37.24
CA ASN C 358 -11.37 -10.50 -37.96
C ASN C 358 -11.29 -9.44 -39.06
N CYS C 359 -11.94 -8.29 -38.84
CA CYS C 359 -11.98 -7.29 -39.93
C CYS C 359 -11.80 -5.86 -39.41
N VAL C 360 -10.93 -5.08 -40.06
CA VAL C 360 -10.78 -3.65 -39.71
C VAL C 360 -12.05 -2.96 -40.21
N ALA C 361 -12.60 -1.98 -39.48
CA ALA C 361 -13.77 -1.25 -40.02
C ALA C 361 -13.58 0.25 -39.83
N ASP C 362 -14.07 1.07 -40.77
CA ASP C 362 -14.00 2.54 -40.56
C ASP C 362 -15.39 3.01 -40.15
N TYR C 363 -15.59 3.24 -38.85
CA TYR C 363 -16.90 3.74 -38.37
C TYR C 363 -17.14 5.16 -38.90
N SER C 364 -16.07 5.95 -39.02
CA SER C 364 -16.20 7.36 -39.47
C SER C 364 -16.73 7.43 -40.90
N VAL C 365 -16.57 6.35 -41.68
CA VAL C 365 -17.20 6.38 -43.03
C VAL C 365 -18.71 6.58 -42.84
N LEU C 366 -19.30 5.94 -41.84
CA LEU C 366 -20.73 6.20 -41.54
C LEU C 366 -20.91 7.63 -41.04
N TYR C 367 -20.01 8.12 -40.18
CA TYR C 367 -20.15 9.45 -39.53
C TYR C 367 -20.06 10.65 -40.48
N ASN C 368 -19.20 10.60 -41.49
CA ASN C 368 -18.96 11.82 -42.31
C ASN C 368 -20.24 12.35 -42.95
N PHE C 369 -21.14 11.49 -43.45
CA PHE C 369 -22.33 12.03 -44.15
C PHE C 369 -23.14 12.84 -43.14
N ALA C 370 -23.31 12.32 -41.92
CA ALA C 370 -24.04 13.03 -40.84
C ALA C 370 -25.47 13.48 -41.20
N PRO C 371 -26.30 12.73 -41.96
CA PRO C 371 -27.70 13.11 -42.17
C PRO C 371 -28.60 12.15 -41.38
N PHE C 372 -28.02 11.29 -40.54
CA PHE C 372 -28.80 10.24 -39.85
C PHE C 372 -29.84 10.83 -38.90
N PHE C 373 -31.05 10.26 -38.92
CA PHE C 373 -32.14 10.73 -38.02
C PHE C 373 -31.65 10.48 -36.60
N ALA C 374 -30.77 9.48 -36.43
CA ALA C 374 -30.32 9.13 -35.06
C ALA C 374 -28.80 9.22 -34.93
N PHE C 375 -28.08 8.13 -35.14
CA PHE C 375 -26.60 8.07 -34.94
C PHE C 375 -26.28 8.15 -33.45
N LYS C 376 -27.29 8.03 -32.60
CA LYS C 376 -27.03 8.18 -31.16
C LYS C 376 -26.13 7.04 -30.76
N CYS C 377 -25.02 7.30 -30.09
CA CYS C 377 -24.22 6.14 -29.65
C CYS C 377 -24.31 5.97 -28.14
N TYR C 378 -25.13 5.04 -27.67
CA TYR C 378 -25.35 4.85 -26.22
C TYR C 378 -24.06 4.34 -25.56
N GLY C 379 -23.41 3.37 -26.18
CA GLY C 379 -22.22 2.77 -25.54
C GLY C 379 -21.01 3.67 -25.43
N VAL C 380 -20.66 4.40 -26.50
CA VAL C 380 -19.38 5.18 -26.49
C VAL C 380 -19.45 6.29 -27.54
N SER C 381 -18.54 7.27 -27.50
CA SER C 381 -18.58 8.42 -28.43
C SER C 381 -18.33 7.98 -29.87
N PRO C 382 -18.99 8.60 -30.88
CA PRO C 382 -18.78 8.24 -32.28
C PRO C 382 -17.34 8.44 -32.79
N THR C 383 -16.72 9.56 -32.44
CA THR C 383 -15.31 9.80 -32.86
C THR C 383 -14.41 8.76 -32.20
N LYS C 384 -14.71 8.40 -30.95
CA LYS C 384 -13.86 7.45 -30.18
C LYS C 384 -13.83 6.06 -30.81
N LEU C 385 -14.81 5.70 -31.64
CA LEU C 385 -14.93 4.30 -32.12
C LEU C 385 -13.70 3.79 -32.86
N ASN C 386 -13.06 4.59 -33.69
CA ASN C 386 -11.99 4.03 -34.56
C ASN C 386 -10.83 3.37 -33.82
N ASP C 387 -10.29 3.98 -32.76
CA ASP C 387 -9.07 3.41 -32.12
C ASP C 387 -9.36 2.21 -31.21
N LEU C 388 -10.62 2.00 -30.82
CA LEU C 388 -10.97 0.93 -29.84
C LEU C 388 -10.86 -0.48 -30.45
N CYS C 389 -10.58 -1.49 -29.62
CA CYS C 389 -10.54 -2.91 -30.09
C CYS C 389 -11.67 -3.68 -29.39
N PHE C 390 -12.56 -4.35 -30.12
CA PHE C 390 -13.61 -5.19 -29.49
C PHE C 390 -13.57 -6.55 -30.17
N THR C 391 -13.80 -7.64 -29.43
CA THR C 391 -13.69 -9.00 -30.01
C THR C 391 -14.74 -9.27 -31.08
N ASN C 392 -16.00 -8.89 -30.86
CA ASN C 392 -16.95 -9.16 -31.96
C ASN C 392 -17.97 -8.03 -32.03
N VAL C 393 -18.37 -7.61 -33.24
CA VAL C 393 -19.44 -6.58 -33.38
C VAL C 393 -20.64 -7.25 -34.04
N TYR C 394 -21.82 -7.15 -33.42
CA TYR C 394 -23.03 -7.85 -33.94
C TYR C 394 -23.97 -6.82 -34.58
N ALA C 395 -24.09 -6.80 -35.91
CA ALA C 395 -24.88 -5.74 -36.58
C ALA C 395 -26.26 -6.28 -36.87
N ASP C 396 -27.26 -5.86 -36.10
CA ASP C 396 -28.64 -6.36 -36.27
C ASP C 396 -29.45 -5.33 -37.04
N SER C 397 -30.03 -5.68 -38.19
CA SER C 397 -30.69 -4.65 -39.01
C SER C 397 -32.17 -4.95 -39.19
N PHE C 398 -33.03 -3.95 -38.98
CA PHE C 398 -34.48 -4.13 -39.19
C PHE C 398 -35.12 -2.86 -39.77
N VAL C 399 -36.34 -2.95 -40.29
CA VAL C 399 -37.05 -1.75 -40.79
C VAL C 399 -38.22 -1.42 -39.85
N ILE C 400 -38.24 -0.24 -39.22
CA ILE C 400 -39.30 0.13 -38.24
C ILE C 400 -39.85 1.51 -38.60
N ARG C 401 -41.07 1.81 -38.33
CA ARG C 401 -41.64 3.15 -38.67
C ARG C 401 -40.92 4.23 -37.87
N GLY C 402 -41.07 5.47 -38.22
CA GLY C 402 -40.29 6.58 -37.64
C GLY C 402 -40.55 6.82 -36.17
N ASN C 403 -41.79 6.64 -35.74
CA ASN C 403 -42.15 6.90 -34.32
C ASN C 403 -41.35 5.96 -33.42
N GLU C 404 -41.15 4.71 -33.85
CA GLU C 404 -40.50 3.70 -32.98
C GLU C 404 -38.99 3.69 -33.11
N VAL C 405 -38.38 4.57 -33.89
CA VAL C 405 -36.89 4.57 -33.92
C VAL C 405 -36.36 4.89 -32.52
N SER C 406 -37.03 5.76 -31.77
CA SER C 406 -36.60 6.13 -30.40
C SER C 406 -36.60 4.90 -29.50
N GLN C 407 -37.56 3.99 -29.68
CA GLN C 407 -37.71 2.82 -28.77
C GLN C 407 -36.44 1.97 -28.79
N ILE C 408 -35.72 1.92 -29.90
CA ILE C 408 -34.53 1.03 -29.95
C ILE C 408 -33.43 1.76 -29.22
N ALA C 409 -33.52 1.83 -27.89
CA ALA C 409 -32.51 2.51 -27.05
C ALA C 409 -32.36 1.70 -25.76
N PRO C 410 -31.23 1.76 -25.01
CA PRO C 410 -31.07 0.91 -23.84
C PRO C 410 -32.17 1.26 -22.84
N GLY C 411 -32.78 0.25 -22.21
CA GLY C 411 -33.80 0.51 -21.19
C GLY C 411 -34.95 1.37 -21.69
N GLN C 412 -35.47 1.07 -22.89
CA GLN C 412 -36.65 1.81 -23.40
C GLN C 412 -37.83 0.83 -23.55
N THR C 413 -39.03 1.26 -23.19
CA THR C 413 -40.19 0.33 -23.20
C THR C 413 -41.26 0.78 -24.20
N GLY C 414 -41.70 -0.11 -25.10
CA GLY C 414 -42.72 0.19 -26.11
C GLY C 414 -43.11 -1.08 -26.84
N ASN C 415 -44.06 -1.05 -27.77
CA ASN C 415 -44.48 -2.33 -28.41
C ASN C 415 -43.34 -3.01 -29.17
N ILE C 416 -42.55 -2.25 -29.94
CA ILE C 416 -41.49 -2.88 -30.79
C ILE C 416 -40.19 -3.00 -30.00
N ALA C 417 -40.11 -2.39 -28.83
CA ALA C 417 -38.91 -2.59 -27.99
C ALA C 417 -39.22 -3.57 -26.86
N ASP C 418 -40.43 -4.12 -26.81
CA ASP C 418 -40.75 -5.14 -25.78
C ASP C 418 -40.95 -6.49 -26.44
N TYR C 419 -42.01 -6.64 -27.23
CA TYR C 419 -42.30 -7.99 -27.77
C TYR C 419 -41.19 -8.47 -28.73
N ASN C 420 -40.65 -7.61 -29.59
CA ASN C 420 -39.62 -8.01 -30.59
C ASN C 420 -38.23 -7.69 -30.06
N TYR C 421 -37.42 -6.98 -30.84
CA TYR C 421 -36.04 -6.66 -30.42
C TYR C 421 -36.09 -5.81 -29.17
N LYS C 422 -35.32 -6.15 -28.13
CA LYS C 422 -35.25 -5.34 -26.89
C LYS C 422 -33.78 -5.21 -26.46
N LEU C 423 -33.37 -4.04 -26.00
CA LEU C 423 -31.95 -3.84 -25.63
C LEU C 423 -31.86 -3.62 -24.12
N PRO C 424 -30.89 -4.21 -23.41
CA PRO C 424 -30.81 -4.11 -21.96
C PRO C 424 -30.33 -2.75 -21.42
N ASP C 425 -30.46 -2.54 -20.11
CA ASP C 425 -29.93 -1.29 -19.50
C ASP C 425 -28.43 -1.20 -19.73
N ASP C 426 -27.74 -2.35 -19.71
CA ASP C 426 -26.25 -2.35 -19.84
C ASP C 426 -25.83 -2.43 -21.31
N PHE C 427 -26.78 -2.40 -22.25
CA PHE C 427 -26.41 -2.59 -23.67
C PHE C 427 -25.38 -1.56 -24.11
N THR C 428 -24.39 -2.00 -24.87
CA THR C 428 -23.37 -1.07 -25.39
C THR C 428 -23.38 -1.13 -26.92
N GLY C 429 -23.55 0.01 -27.59
CA GLY C 429 -23.45 0.03 -29.06
C GLY C 429 -23.81 1.38 -29.63
N CYS C 430 -23.75 1.55 -30.94
CA CYS C 430 -24.21 2.80 -31.59
C CYS C 430 -25.44 2.44 -32.41
N VAL C 431 -26.50 3.23 -32.35
CA VAL C 431 -27.70 2.96 -33.19
C VAL C 431 -27.76 3.99 -34.32
N ILE C 432 -27.80 3.56 -35.58
CA ILE C 432 -27.83 4.46 -36.76
C ILE C 432 -29.18 4.27 -37.44
N ALA C 433 -29.81 5.33 -37.95
CA ALA C 433 -31.11 5.24 -38.68
C ALA C 433 -31.20 6.26 -39.82
N TRP C 434 -31.90 5.95 -40.92
CA TRP C 434 -32.06 6.97 -41.98
C TRP C 434 -33.37 6.78 -42.71
N ASN C 435 -33.97 7.83 -43.28
CA ASN C 435 -35.30 7.70 -43.92
C ASN C 435 -35.14 6.86 -45.17
N SER C 436 -36.22 6.28 -45.66
CA SER C 436 -36.13 5.45 -46.86
C SER C 436 -37.49 5.43 -47.51
N ASN C 437 -38.02 6.56 -47.92
CA ASN C 437 -39.40 6.47 -48.46
C ASN C 437 -39.34 5.96 -49.87
N LYS C 438 -38.30 6.28 -50.61
CA LYS C 438 -38.24 5.88 -52.03
C LYS C 438 -37.82 4.43 -52.15
N LEU C 439 -36.70 4.09 -51.53
CA LEU C 439 -36.09 2.74 -51.68
C LEU C 439 -37.01 1.64 -51.17
N ASP C 440 -37.67 1.82 -50.02
CA ASP C 440 -38.44 0.70 -49.41
C ASP C 440 -39.92 0.78 -49.76
N SER C 441 -40.54 1.94 -49.59
CA SER C 441 -42.01 1.99 -49.78
C SER C 441 -42.37 1.89 -51.26
N LYS C 442 -43.59 1.46 -51.56
CA LYS C 442 -44.06 1.40 -52.96
C LYS C 442 -45.44 2.02 -53.05
N VAL C 443 -45.83 2.52 -54.23
CA VAL C 443 -47.13 3.23 -54.37
C VAL C 443 -48.28 2.26 -54.06
N GLY C 444 -48.16 1.01 -54.50
CA GLY C 444 -49.22 0.02 -54.29
C GLY C 444 -49.44 -0.20 -52.81
N GLY C 445 -48.36 -0.14 -52.03
CA GLY C 445 -48.44 -0.35 -50.57
C GLY C 445 -47.55 -1.49 -50.14
N ASN C 446 -46.39 -1.17 -49.57
CA ASN C 446 -45.45 -2.27 -49.23
C ASN C 446 -46.08 -3.02 -48.06
N TYR C 447 -46.28 -4.32 -48.24
CA TYR C 447 -46.88 -5.14 -47.17
C TYR C 447 -45.93 -6.30 -46.89
N ASN C 448 -44.65 -6.05 -47.03
CA ASN C 448 -43.72 -7.17 -46.80
C ASN C 448 -42.76 -6.77 -45.70
N TYR C 449 -43.17 -5.92 -44.78
CA TYR C 449 -42.58 -5.94 -43.43
C TYR C 449 -43.69 -6.15 -42.38
N ARG C 450 -43.48 -6.96 -41.33
CA ARG C 450 -44.55 -7.35 -40.38
C ARG C 450 -44.02 -7.36 -38.94
N TYR C 451 -44.82 -6.92 -37.95
CA TYR C 451 -44.32 -6.59 -36.57
C TYR C 451 -45.06 -7.41 -35.52
N ARG C 452 -44.57 -7.49 -34.26
CA ARG C 452 -45.17 -8.47 -33.30
C ARG C 452 -46.00 -7.74 -32.26
N LEU C 453 -47.32 -7.72 -32.43
CA LEU C 453 -48.19 -6.82 -31.62
C LEU C 453 -48.76 -7.56 -30.41
N PHE C 454 -48.84 -8.88 -30.47
CA PHE C 454 -49.31 -9.60 -29.26
C PHE C 454 -48.29 -10.65 -28.85
N ARG C 455 -47.70 -10.52 -27.65
CA ARG C 455 -46.79 -11.58 -27.16
C ARG C 455 -47.15 -11.92 -25.72
N LYS C 456 -47.30 -13.21 -25.42
CA LYS C 456 -47.71 -13.64 -24.06
C LYS C 456 -46.66 -13.25 -23.02
N SER C 457 -45.37 -13.45 -23.32
CA SER C 457 -44.32 -13.20 -22.30
C SER C 457 -43.29 -12.19 -22.81
N ASN C 458 -42.78 -11.32 -21.93
CA ASN C 458 -41.85 -10.26 -22.39
C ASN C 458 -40.55 -10.90 -22.84
N LEU C 459 -39.81 -10.24 -23.72
CA LEU C 459 -38.60 -10.87 -24.32
C LEU C 459 -37.33 -10.34 -23.66
N LYS C 460 -36.41 -11.23 -23.30
CA LYS C 460 -35.16 -10.83 -22.62
C LYS C 460 -34.30 -10.06 -23.60
N PRO C 461 -33.28 -9.30 -23.15
CA PRO C 461 -32.47 -8.46 -24.05
C PRO C 461 -31.78 -9.18 -25.22
N PHE C 462 -31.77 -8.56 -26.40
CA PHE C 462 -31.12 -9.14 -27.61
C PHE C 462 -31.65 -10.54 -27.85
N GLU C 463 -32.96 -10.75 -27.72
CA GLU C 463 -33.51 -12.09 -28.01
C GLU C 463 -34.53 -11.97 -29.13
N ARG C 464 -34.56 -12.95 -30.04
CA ARG C 464 -35.48 -12.89 -31.21
C ARG C 464 -36.39 -14.11 -31.24
N ASP C 465 -37.69 -13.94 -31.48
CA ASP C 465 -38.53 -15.15 -31.61
C ASP C 465 -39.16 -15.14 -33.00
N ILE C 466 -38.95 -16.21 -33.79
CA ILE C 466 -39.44 -16.26 -35.19
C ILE C 466 -40.71 -17.12 -35.23
N SER C 467 -41.20 -17.53 -34.07
CA SER C 467 -42.38 -18.45 -34.02
C SER C 467 -43.65 -17.79 -34.52
N THR C 468 -44.53 -18.56 -35.15
CA THR C 468 -45.84 -18.02 -35.58
C THR C 468 -46.91 -18.56 -34.65
N GLU C 469 -46.50 -19.04 -33.47
CA GLU C 469 -47.45 -19.73 -32.55
C GLU C 469 -48.56 -18.77 -32.15
N ILE C 470 -49.77 -19.03 -32.62
CA ILE C 470 -50.90 -18.17 -32.21
C ILE C 470 -50.71 -17.87 -30.72
N TYR C 471 -50.58 -16.59 -30.35
CA TYR C 471 -50.89 -16.03 -29.00
C TYR C 471 -52.40 -15.85 -28.82
N GLN C 472 -52.78 -15.88 -27.54
CA GLN C 472 -54.18 -15.75 -27.15
C GLN C 472 -54.21 -15.52 -25.65
N ALA C 473 -54.23 -14.26 -25.24
CA ALA C 473 -54.52 -14.04 -23.81
C ALA C 473 -55.96 -14.51 -23.56
N GLY C 474 -56.16 -15.47 -22.65
CA GLY C 474 -57.52 -15.91 -22.26
C GLY C 474 -57.67 -17.43 -22.22
N ASN C 475 -58.81 -17.91 -21.74
CA ASN C 475 -59.07 -19.35 -21.53
C ASN C 475 -59.35 -20.02 -22.87
N LYS C 476 -60.64 -20.16 -23.19
CA LYS C 476 -61.16 -21.18 -24.16
C LYS C 476 -60.02 -21.61 -25.07
N PRO C 477 -59.45 -22.81 -24.86
CA PRO C 477 -58.33 -23.29 -25.64
C PRO C 477 -58.47 -22.88 -27.11
N CYS C 478 -57.75 -21.83 -27.53
CA CYS C 478 -57.57 -21.59 -28.98
C CYS C 478 -56.44 -22.50 -29.47
N ASN C 479 -56.62 -23.08 -30.66
CA ASN C 479 -55.70 -24.14 -31.18
C ASN C 479 -54.51 -23.47 -31.88
N GLY C 480 -54.16 -23.99 -33.06
CA GLY C 480 -53.31 -23.25 -34.01
C GLY C 480 -54.19 -22.44 -34.95
N VAL C 481 -55.50 -22.36 -34.66
CA VAL C 481 -56.45 -21.57 -35.51
C VAL C 481 -56.99 -20.38 -34.71
N ALA C 482 -56.75 -19.15 -35.20
CA ALA C 482 -57.09 -17.91 -34.44
C ALA C 482 -58.60 -17.72 -34.25
N GLY C 483 -59.00 -16.77 -33.39
CA GLY C 483 -60.43 -16.61 -33.07
C GLY C 483 -60.71 -15.38 -32.20
N VAL C 484 -61.69 -15.46 -31.28
CA VAL C 484 -62.12 -14.26 -30.52
C VAL C 484 -60.97 -13.63 -29.72
N ASN C 485 -60.12 -14.41 -29.05
CA ASN C 485 -58.96 -13.76 -28.37
C ASN C 485 -57.64 -14.35 -28.85
N CYS C 486 -57.65 -15.17 -29.90
CA CYS C 486 -56.41 -15.81 -30.43
C CYS C 486 -55.97 -15.01 -31.66
N TYR C 487 -54.67 -14.70 -31.82
CA TYR C 487 -54.32 -13.75 -32.91
C TYR C 487 -52.96 -14.04 -33.54
N PHE C 488 -52.86 -13.92 -34.86
CA PHE C 488 -51.53 -14.00 -35.50
C PHE C 488 -50.62 -13.05 -34.74
N PRO C 489 -49.50 -13.47 -34.14
CA PRO C 489 -48.71 -12.57 -33.35
C PRO C 489 -47.64 -11.85 -34.19
N LEU C 490 -48.07 -11.21 -35.28
CA LEU C 490 -47.18 -10.74 -36.38
C LEU C 490 -48.06 -9.92 -37.35
N GLN C 491 -48.81 -8.96 -36.82
CA GLN C 491 -49.71 -8.12 -37.66
C GLN C 491 -48.84 -7.26 -38.57
N SER C 492 -49.41 -6.59 -39.59
CA SER C 492 -48.64 -6.20 -40.81
C SER C 492 -48.26 -4.71 -40.78
N TYR C 493 -47.06 -4.32 -41.25
CA TYR C 493 -46.83 -2.86 -41.42
C TYR C 493 -47.41 -2.47 -42.76
N GLY C 494 -48.06 -1.31 -42.86
CA GLY C 494 -48.51 -0.83 -44.17
C GLY C 494 -47.69 0.39 -44.55
N PHE C 495 -46.97 0.35 -45.67
CA PHE C 495 -46.07 1.48 -46.01
C PHE C 495 -46.51 2.11 -47.35
N ARG C 496 -46.65 3.44 -47.39
CA ARG C 496 -46.99 4.15 -48.65
C ARG C 496 -46.17 5.44 -48.73
N PRO C 497 -45.85 5.99 -49.92
CA PRO C 497 -45.02 7.21 -50.06
C PRO C 497 -45.62 8.51 -49.50
N THR C 498 -46.91 8.74 -49.68
CA THR C 498 -47.57 10.00 -49.24
C THR C 498 -47.55 10.14 -47.72
N TYR C 499 -47.36 9.04 -46.99
CA TYR C 499 -47.45 9.07 -45.50
C TYR C 499 -46.46 10.09 -44.93
N GLY C 500 -46.87 10.79 -43.86
CA GLY C 500 -46.04 11.85 -43.27
C GLY C 500 -44.83 11.32 -42.54
N VAL C 501 -43.82 12.17 -42.34
CA VAL C 501 -42.55 11.75 -41.67
C VAL C 501 -42.93 11.25 -40.27
N GLY C 502 -42.34 10.14 -39.85
CA GLY C 502 -42.73 9.52 -38.57
C GLY C 502 -43.58 8.28 -38.81
N HIS C 503 -44.13 8.11 -40.01
CA HIS C 503 -44.85 6.86 -40.32
C HIS C 503 -44.12 6.16 -41.48
N GLN C 504 -43.28 6.87 -42.23
CA GLN C 504 -42.56 6.32 -43.41
C GLN C 504 -41.42 5.40 -42.95
N PRO C 505 -41.05 4.35 -43.70
CA PRO C 505 -40.05 3.42 -43.21
C PRO C 505 -38.69 4.06 -42.93
N TYR C 506 -38.07 3.66 -41.82
CA TYR C 506 -36.76 4.22 -41.41
C TYR C 506 -35.82 3.08 -41.07
N ARG C 507 -35.18 2.45 -42.06
CA ARG C 507 -34.35 1.26 -41.78
C ARG C 507 -33.27 1.63 -40.76
N VAL C 508 -32.94 0.72 -39.83
CA VAL C 508 -31.99 1.06 -38.73
C VAL C 508 -30.97 -0.06 -38.59
N VAL C 509 -29.79 0.24 -38.06
CA VAL C 509 -28.79 -0.81 -37.78
C VAL C 509 -28.55 -0.69 -36.29
N VAL C 510 -28.24 -1.75 -35.56
CA VAL C 510 -27.92 -1.59 -34.12
C VAL C 510 -26.58 -2.26 -33.87
N LEU C 511 -25.50 -1.60 -34.26
CA LEU C 511 -24.17 -2.18 -34.02
C LEU C 511 -24.06 -2.41 -32.51
N SER C 512 -23.53 -3.54 -32.08
CA SER C 512 -23.37 -3.85 -30.64
C SER C 512 -21.94 -4.33 -30.36
N PHE C 513 -20.97 -3.41 -30.35
CA PHE C 513 -19.56 -3.81 -30.15
C PHE C 513 -19.46 -4.53 -28.80
N GLU C 514 -18.71 -5.64 -28.74
CA GLU C 514 -18.69 -6.43 -27.49
C GLU C 514 -17.27 -6.90 -27.23
N LEU C 515 -16.92 -7.10 -25.95
CA LEU C 515 -15.58 -7.62 -25.61
C LEU C 515 -15.72 -8.99 -24.95
N LEU C 516 -14.91 -9.95 -25.38
CA LEU C 516 -14.91 -11.30 -24.76
C LEU C 516 -13.47 -11.56 -24.30
N HIS C 517 -13.24 -12.55 -23.45
CA HIS C 517 -11.89 -12.75 -22.88
C HIS C 517 -10.86 -13.06 -23.97
N ALA C 518 -11.30 -13.66 -25.07
CA ALA C 518 -10.38 -14.06 -26.16
C ALA C 518 -9.86 -12.82 -26.88
N PRO C 519 -8.74 -12.89 -27.66
CA PRO C 519 -8.17 -11.69 -28.26
C PRO C 519 -9.21 -11.01 -29.13
N ALA C 520 -9.29 -9.69 -29.04
CA ALA C 520 -10.23 -8.93 -29.88
C ALA C 520 -9.74 -8.91 -31.33
N THR C 521 -10.67 -8.86 -32.27
CA THR C 521 -10.28 -8.86 -33.69
C THR C 521 -10.77 -7.56 -34.32
N VAL C 522 -12.03 -7.17 -34.05
CA VAL C 522 -12.60 -6.01 -34.71
C VAL C 522 -11.84 -4.80 -34.23
N CYS C 523 -10.87 -4.32 -35.00
CA CYS C 523 -10.19 -3.19 -34.39
C CYS C 523 -9.51 -2.30 -35.44
N GLY C 524 -10.14 -1.21 -35.86
CA GLY C 524 -9.56 -0.42 -36.98
C GLY C 524 -9.43 1.08 -36.75
N PRO C 525 -8.30 1.57 -36.20
CA PRO C 525 -7.85 2.96 -36.40
C PRO C 525 -7.10 3.22 -37.72
N LYS C 526 -6.97 4.49 -38.13
CA LYS C 526 -6.21 4.83 -39.36
C LYS C 526 -4.92 5.55 -38.94
N LYS C 527 -5.01 6.79 -38.47
CA LYS C 527 -3.82 7.51 -37.93
C LYS C 527 -2.62 7.47 -38.87
N SER C 528 -2.77 7.79 -40.16
CA SER C 528 -1.62 7.64 -41.09
C SER C 528 -0.90 8.98 -41.34
N THR C 529 0.37 9.10 -40.93
CA THR C 529 1.18 10.33 -41.15
C THR C 529 2.53 9.91 -41.75
N ASN C 530 2.94 10.53 -42.85
CA ASN C 530 4.17 10.10 -43.57
C ASN C 530 5.40 10.24 -42.69
N LEU C 531 6.33 9.28 -42.79
CA LEU C 531 7.58 9.30 -41.99
C LEU C 531 8.54 10.37 -42.51
N VAL C 532 9.41 10.90 -41.64
CA VAL C 532 10.46 11.85 -42.11
C VAL C 532 11.81 11.25 -41.73
N LYS C 533 12.74 11.17 -42.68
CA LYS C 533 14.04 10.50 -42.40
C LYS C 533 15.14 11.52 -42.10
N ASN C 534 16.20 11.09 -41.41
CA ASN C 534 17.39 11.95 -41.12
C ASN C 534 17.04 13.16 -40.24
N LYS C 535 16.04 13.05 -39.37
CA LYS C 535 15.68 14.15 -38.42
C LYS C 535 15.39 13.53 -37.06
N CYS C 536 15.60 14.24 -35.94
CA CYS C 536 15.17 13.62 -34.65
C CYS C 536 13.66 13.83 -34.60
N VAL C 537 12.89 12.75 -34.60
CA VAL C 537 11.41 12.87 -34.69
C VAL C 537 10.79 12.00 -33.60
N ASN C 538 9.59 12.36 -33.13
CA ASN C 538 8.87 11.49 -32.17
C ASN C 538 8.08 10.52 -33.04
N PHE C 539 8.39 9.23 -32.99
CA PHE C 539 7.74 8.27 -33.91
C PHE C 539 6.95 7.19 -33.18
N ASN C 540 5.73 6.90 -33.63
CA ASN C 540 4.99 5.74 -33.07
C ASN C 540 4.58 4.90 -34.28
N PHE C 541 5.27 3.80 -34.54
CA PHE C 541 4.96 2.98 -35.72
C PHE C 541 3.76 2.09 -35.38
N ASN C 542 3.91 0.78 -35.57
CA ASN C 542 2.81 -0.11 -35.13
C ASN C 542 3.01 -0.40 -33.64
N GLY C 543 2.87 0.61 -32.79
CA GLY C 543 2.98 0.42 -31.33
C GLY C 543 4.38 0.58 -30.76
N LEU C 544 5.40 0.80 -31.59
CA LEU C 544 6.74 1.08 -31.00
C LEU C 544 6.84 2.59 -30.80
N THR C 545 6.77 3.05 -29.56
CA THR C 545 6.75 4.51 -29.28
C THR C 545 8.17 4.96 -28.92
N GLY C 546 8.72 5.94 -29.65
CA GLY C 546 10.10 6.35 -29.35
C GLY C 546 10.47 7.67 -29.99
N THR C 547 11.56 8.30 -29.52
CA THR C 547 12.06 9.52 -30.18
C THR C 547 13.41 9.16 -30.82
N GLY C 548 13.60 9.45 -32.10
CA GLY C 548 14.85 9.00 -32.74
C GLY C 548 14.96 9.43 -34.18
N VAL C 549 16.03 9.00 -34.85
CA VAL C 549 16.27 9.39 -36.27
C VAL C 549 16.05 8.15 -37.14
N LEU C 550 15.18 8.26 -38.14
CA LEU C 550 14.90 7.11 -39.04
C LEU C 550 15.86 7.18 -40.24
N THR C 551 16.54 6.08 -40.56
CA THR C 551 17.53 6.06 -41.66
C THR C 551 17.37 4.77 -42.47
N GLU C 552 17.88 4.74 -43.70
CA GLU C 552 17.78 3.53 -44.56
C GLU C 552 18.60 2.39 -43.92
N SER C 553 18.18 1.14 -44.10
CA SER C 553 18.84 0.00 -43.41
C SER C 553 19.46 -1.01 -44.38
N ASN C 554 20.64 -1.55 -44.03
CA ASN C 554 21.24 -2.63 -44.86
C ASN C 554 20.84 -4.00 -44.28
N LYS C 555 20.21 -4.02 -43.10
CA LYS C 555 19.81 -5.29 -42.44
C LYS C 555 18.77 -6.01 -43.30
N LYS C 556 18.87 -7.33 -43.43
CA LYS C 556 17.81 -8.08 -44.16
C LYS C 556 16.93 -8.82 -43.14
N PHE C 557 15.85 -8.18 -42.71
CA PHE C 557 14.91 -8.82 -41.77
C PHE C 557 14.28 -10.01 -42.48
N LEU C 558 14.04 -11.10 -41.76
CA LEU C 558 13.32 -12.25 -42.38
C LEU C 558 11.87 -11.80 -42.58
N PRO C 559 11.08 -12.42 -43.48
CA PRO C 559 9.74 -11.91 -43.80
C PRO C 559 8.74 -11.71 -42.66
N PHE C 560 8.82 -12.52 -41.62
CA PHE C 560 7.85 -12.42 -40.49
C PHE C 560 8.39 -11.50 -39.39
N GLN C 561 9.62 -11.00 -39.52
CA GLN C 561 10.24 -10.24 -38.39
C GLN C 561 9.95 -8.74 -38.48
N GLN C 562 9.04 -8.25 -37.64
CA GLN C 562 8.64 -6.81 -37.61
C GLN C 562 9.70 -5.86 -37.05
N PHE C 563 10.36 -6.21 -35.94
CA PHE C 563 11.30 -5.28 -35.26
C PHE C 563 12.69 -5.87 -35.20
N GLY C 564 13.68 -5.07 -34.84
CA GLY C 564 15.06 -5.56 -34.65
C GLY C 564 15.59 -5.03 -33.34
N ARG C 565 16.37 -5.83 -32.62
CA ARG C 565 16.98 -5.36 -31.35
C ARG C 565 18.46 -5.72 -31.33
N ASP C 566 19.28 -4.83 -30.77
CA ASP C 566 20.74 -5.07 -30.69
C ASP C 566 21.06 -5.75 -29.36
N ILE C 567 22.34 -5.98 -29.08
CA ILE C 567 22.68 -6.50 -27.72
C ILE C 567 22.21 -5.42 -26.76
N ALA C 568 21.71 -5.76 -25.56
CA ALA C 568 21.12 -4.80 -24.59
C ALA C 568 19.64 -4.62 -24.89
N ASP C 569 19.13 -5.35 -25.88
CA ASP C 569 17.67 -5.33 -26.18
C ASP C 569 17.13 -3.91 -26.32
N THR C 570 17.72 -3.10 -27.19
CA THR C 570 17.13 -1.76 -27.48
C THR C 570 16.68 -1.78 -28.93
N THR C 571 15.44 -1.37 -29.24
CA THR C 571 14.95 -1.48 -30.63
C THR C 571 15.92 -0.68 -31.50
N ASP C 572 16.46 -1.31 -32.54
CA ASP C 572 17.47 -0.63 -33.37
C ASP C 572 16.91 -0.47 -34.79
N ALA C 573 15.88 -1.24 -35.14
CA ALA C 573 15.37 -1.18 -36.52
C ALA C 573 13.90 -1.54 -36.55
N VAL C 574 13.13 -0.91 -37.46
CA VAL C 574 11.69 -1.29 -37.63
C VAL C 574 11.42 -1.41 -39.13
N ARG C 575 10.79 -2.49 -39.57
CA ARG C 575 10.40 -2.58 -40.99
C ARG C 575 9.16 -1.70 -41.12
N ASP C 576 9.22 -0.67 -41.96
CA ASP C 576 8.07 0.28 -42.01
C ASP C 576 6.87 -0.49 -42.52
N PRO C 577 5.66 -0.29 -41.94
CA PRO C 577 4.52 -1.09 -42.36
C PRO C 577 4.07 -0.89 -43.81
N GLN C 578 4.02 0.36 -44.31
CA GLN C 578 3.48 0.62 -45.67
C GLN C 578 4.36 0.04 -46.78
N THR C 579 5.68 0.26 -46.74
CA THR C 579 6.54 -0.20 -47.87
C THR C 579 7.29 -1.47 -47.50
N LEU C 580 7.09 -1.98 -46.28
CA LEU C 580 7.73 -3.25 -45.85
C LEU C 580 9.25 -3.15 -46.03
N GLU C 581 9.85 -2.03 -45.65
CA GLU C 581 11.32 -1.83 -45.80
C GLU C 581 11.91 -1.49 -44.42
N ILE C 582 13.10 -2.00 -44.12
CA ILE C 582 13.71 -1.77 -42.77
C ILE C 582 14.19 -0.33 -42.61
N LEU C 583 13.67 0.41 -41.64
CA LEU C 583 14.13 1.80 -41.32
C LEU C 583 14.76 1.78 -39.94
N ASP C 584 16.08 2.02 -39.87
CA ASP C 584 16.81 1.99 -38.57
C ASP C 584 16.37 3.10 -37.63
N ILE C 585 16.58 2.94 -36.31
CA ILE C 585 16.28 4.00 -35.32
C ILE C 585 17.59 4.31 -34.57
N THR C 586 18.02 5.58 -34.55
CA THR C 586 19.26 5.98 -33.81
C THR C 586 18.92 7.17 -32.92
N PRO C 587 19.31 7.21 -31.63
CA PRO C 587 18.91 8.29 -30.72
C PRO C 587 19.56 9.65 -31.05
N CYS C 588 18.87 10.77 -30.80
CA CYS C 588 19.45 12.08 -31.21
C CYS C 588 20.64 12.45 -30.32
N SER C 589 21.47 13.42 -30.76
CA SER C 589 22.74 13.70 -30.06
C SER C 589 22.60 14.07 -28.58
N PHE C 590 23.44 13.48 -27.74
CA PHE C 590 23.51 13.82 -26.30
C PHE C 590 25.00 13.78 -25.95
N GLY C 591 25.47 14.63 -25.05
CA GLY C 591 26.88 14.56 -24.61
C GLY C 591 27.14 15.50 -23.46
N GLY C 592 28.29 15.38 -22.81
CA GLY C 592 28.67 16.32 -21.74
C GLY C 592 29.13 17.66 -22.29
N VAL C 593 28.88 18.75 -21.56
CA VAL C 593 29.42 20.07 -22.00
C VAL C 593 30.37 20.53 -20.91
N SER C 594 31.61 20.84 -21.28
CA SER C 594 32.64 21.29 -20.32
C SER C 594 33.09 22.69 -20.70
N VAL C 595 33.07 23.63 -19.75
CA VAL C 595 33.47 25.02 -20.03
C VAL C 595 34.95 25.16 -19.72
N ILE C 596 35.71 25.71 -20.67
CA ILE C 596 37.17 25.94 -20.45
C ILE C 596 37.33 27.38 -19.97
N THR C 597 37.76 27.60 -18.73
CA THR C 597 37.82 28.97 -18.18
C THR C 597 39.28 29.36 -17.93
N PRO C 598 39.76 30.56 -18.33
CA PRO C 598 41.11 31.04 -18.01
C PRO C 598 41.24 31.36 -16.52
N GLY C 599 40.11 31.57 -15.83
CA GLY C 599 40.07 31.96 -14.41
C GLY C 599 39.23 33.21 -14.31
N THR C 600 38.26 33.28 -13.39
CA THR C 600 37.35 34.45 -13.33
C THR C 600 38.19 35.70 -13.07
N ASN C 601 39.23 35.57 -12.23
CA ASN C 601 40.14 36.71 -12.00
C ASN C 601 40.81 37.09 -13.33
N THR C 602 41.31 36.11 -14.09
CA THR C 602 42.03 36.48 -15.34
C THR C 602 41.05 37.04 -16.38
N SER C 603 39.92 36.36 -16.62
CA SER C 603 39.02 36.81 -17.71
C SER C 603 37.62 36.20 -17.58
N ASN C 604 36.65 36.77 -18.29
CA ASN C 604 35.28 36.20 -18.27
C ASN C 604 35.00 35.50 -19.61
N GLN C 605 36.00 35.44 -20.51
CA GLN C 605 35.84 34.70 -21.79
C GLN C 605 35.92 33.21 -21.47
N VAL C 606 35.13 32.37 -22.16
CA VAL C 606 35.09 30.90 -21.91
C VAL C 606 35.05 30.18 -23.24
N ALA C 607 35.46 28.92 -23.28
CA ALA C 607 35.30 28.09 -24.49
C ALA C 607 34.36 26.94 -24.09
N VAL C 608 33.69 26.28 -25.01
CA VAL C 608 32.85 25.13 -24.60
C VAL C 608 33.24 23.85 -25.34
N LEU C 609 33.31 22.72 -24.65
CA LEU C 609 33.54 21.42 -25.34
C LEU C 609 32.24 20.64 -25.35
N TYR C 610 31.67 20.36 -26.52
CA TYR C 610 30.49 19.50 -26.62
C TYR C 610 31.06 18.10 -26.84
N GLN C 611 31.30 17.35 -25.76
CA GLN C 611 31.96 16.03 -25.87
C GLN C 611 31.11 15.03 -26.65
N GLY C 612 31.72 14.29 -27.58
CA GLY C 612 31.03 13.23 -28.32
C GLY C 612 30.01 13.71 -29.34
N VAL C 613 30.27 14.82 -30.03
CA VAL C 613 29.25 15.36 -30.97
C VAL C 613 30.01 15.91 -32.20
N ASN C 614 29.61 15.55 -33.42
CA ASN C 614 30.23 16.06 -34.64
C ASN C 614 30.00 17.55 -34.74
N CYS C 615 30.99 18.28 -35.23
CA CYS C 615 30.87 19.74 -35.31
C CYS C 615 29.96 20.13 -36.48
N THR C 616 28.75 19.57 -36.49
CA THR C 616 27.73 19.96 -37.44
C THR C 616 26.35 20.04 -36.84
N GLU C 617 26.21 19.89 -35.54
CA GLU C 617 24.90 19.80 -34.95
C GLU C 617 24.78 20.44 -33.58
N VAL C 618 25.80 21.16 -33.12
CA VAL C 618 25.70 21.83 -31.85
C VAL C 618 24.59 22.87 -31.83
N PRO C 619 24.43 23.76 -32.84
CA PRO C 619 23.69 24.97 -32.48
C PRO C 619 22.19 24.78 -32.37
N ASN C 639 34.47 30.23 -32.68
CA ASN C 639 35.10 29.53 -33.79
C ASN C 639 35.08 28.02 -33.62
N VAL C 640 34.33 27.33 -34.46
CA VAL C 640 34.14 25.90 -34.29
C VAL C 640 35.39 25.15 -34.71
N PHE C 641 35.76 24.16 -33.91
CA PHE C 641 36.90 23.30 -34.14
C PHE C 641 36.61 21.90 -33.64
N GLN C 642 36.96 20.90 -34.43
CA GLN C 642 36.61 19.52 -34.15
C GLN C 642 37.85 18.72 -33.77
N THR C 643 37.84 18.17 -32.58
CA THR C 643 38.90 17.33 -32.04
C THR C 643 38.36 15.92 -31.92
N ARG C 644 39.07 15.04 -31.21
CA ARG C 644 38.51 13.68 -31.02
C ARG C 644 37.47 13.65 -29.89
N ALA C 645 37.70 14.43 -28.82
CA ALA C 645 36.78 14.46 -27.67
C ALA C 645 35.40 14.97 -28.10
N GLY C 646 35.35 15.97 -28.99
CA GLY C 646 34.08 16.58 -29.41
C GLY C 646 34.32 17.90 -30.08
N CYS C 647 33.31 18.73 -30.18
CA CYS C 647 33.41 20.05 -30.86
C CYS C 647 33.80 21.13 -29.86
N LEU C 648 34.96 21.75 -30.04
CA LEU C 648 35.39 22.85 -29.16
C LEU C 648 34.99 24.16 -29.85
N ILE C 649 34.20 24.99 -29.17
CA ILE C 649 33.75 26.28 -29.72
C ILE C 649 34.34 27.36 -28.83
N GLY C 650 34.78 28.47 -29.40
CA GLY C 650 35.35 29.57 -28.61
C GLY C 650 36.84 29.47 -28.54
N ALA C 651 37.43 28.44 -29.14
CA ALA C 651 38.90 28.27 -29.17
C ALA C 651 39.36 28.03 -30.60
N GLU C 652 40.55 28.52 -30.95
CA GLU C 652 41.10 28.37 -32.32
C GLU C 652 42.41 27.57 -32.27
N TYR C 653 42.58 26.62 -33.18
CA TYR C 653 43.78 25.75 -33.15
C TYR C 653 45.05 26.52 -33.49
N VAL C 654 46.15 26.22 -32.81
CA VAL C 654 47.46 26.83 -33.15
C VAL C 654 48.44 25.69 -33.45
N ASN C 655 49.10 25.74 -34.60
CA ASN C 655 50.10 24.72 -34.97
C ASN C 655 51.27 24.78 -33.98
N ASN C 656 51.60 25.98 -33.47
CA ASN C 656 52.69 26.12 -32.47
C ASN C 656 52.33 25.26 -31.28
N SER C 657 53.30 24.61 -30.63
CA SER C 657 52.96 23.67 -29.54
C SER C 657 53.73 23.99 -28.26
N TYR C 658 53.04 23.95 -27.11
CA TYR C 658 53.67 24.23 -25.80
C TYR C 658 53.16 23.21 -24.79
N GLU C 659 53.60 23.31 -23.53
CA GLU C 659 53.14 22.39 -22.45
C GLU C 659 51.64 22.58 -22.19
N CYS C 660 50.92 21.51 -21.84
CA CYS C 660 49.46 21.55 -21.61
C CYS C 660 49.12 22.44 -20.43
N ASP C 661 48.10 23.29 -20.59
CA ASP C 661 47.62 24.10 -19.44
C ASP C 661 46.31 23.47 -18.96
N ILE C 662 45.22 23.64 -19.71
CA ILE C 662 43.94 22.98 -19.36
C ILE C 662 43.85 21.79 -20.31
N PRO C 663 43.66 20.55 -19.81
CA PRO C 663 43.65 19.39 -20.69
C PRO C 663 42.28 19.19 -21.36
N ILE C 664 42.15 19.53 -22.63
CA ILE C 664 40.89 19.33 -23.38
C ILE C 664 40.67 17.83 -23.63
N GLY C 665 41.71 17.08 -24.00
CA GLY C 665 41.58 15.62 -24.18
C GLY C 665 42.03 15.14 -25.53
N ALA C 666 42.35 13.87 -25.66
CA ALA C 666 42.76 13.25 -26.91
C ALA C 666 43.94 13.91 -27.59
N GLY C 667 44.89 14.43 -26.82
CA GLY C 667 46.04 15.13 -27.32
C GLY C 667 45.96 16.63 -27.24
N ILE C 668 44.77 17.20 -27.27
CA ILE C 668 44.55 18.63 -27.42
C ILE C 668 44.50 19.31 -26.07
N CYS C 669 45.23 20.40 -25.89
CA CYS C 669 45.20 21.18 -24.67
C CYS C 669 44.85 22.62 -25.01
N ALA C 670 44.48 23.40 -24.00
CA ALA C 670 43.97 24.75 -24.22
C ALA C 670 44.64 25.71 -23.27
N SER C 671 44.77 26.95 -23.70
CA SER C 671 45.23 27.98 -22.80
C SER C 671 44.82 29.33 -23.33
N TYR C 672 45.10 30.36 -22.54
CA TYR C 672 44.64 31.72 -22.75
C TYR C 672 45.78 32.55 -23.29
N GLN C 673 45.54 33.26 -24.38
CA GLN C 673 46.57 34.19 -24.92
C GLN C 673 45.92 35.56 -25.14
N SER C 689 42.84 35.66 -26.05
CA SER C 689 42.13 34.71 -26.92
C SER C 689 42.17 33.37 -26.19
N ILE C 690 41.57 32.31 -26.71
CA ILE C 690 41.73 30.95 -26.11
C ILE C 690 42.32 30.10 -27.23
N ILE C 691 43.46 29.45 -27.01
CA ILE C 691 44.15 28.72 -28.09
C ILE C 691 44.12 27.25 -27.72
N ALA C 692 43.82 26.39 -28.68
CA ALA C 692 43.77 24.94 -28.45
C ALA C 692 44.88 24.37 -29.28
N TYR C 693 45.72 23.52 -28.73
CA TYR C 693 46.89 23.06 -29.51
C TYR C 693 47.16 21.60 -29.18
N THR C 694 48.04 20.95 -29.94
CA THR C 694 48.49 19.59 -29.58
C THR C 694 49.48 19.77 -28.45
N MET C 695 49.34 19.04 -27.35
CA MET C 695 50.18 19.23 -26.18
C MET C 695 51.60 18.92 -26.59
N SER C 696 52.58 19.56 -26.00
CA SER C 696 54.01 19.27 -26.30
C SER C 696 54.58 18.46 -25.15
N LEU C 697 55.34 17.44 -25.48
CA LEU C 697 55.81 16.59 -24.39
C LEU C 697 57.21 17.08 -24.05
N GLY C 698 57.71 18.08 -24.78
CA GLY C 698 59.00 18.65 -24.42
C GLY C 698 59.91 18.88 -25.58
N ALA C 699 61.14 19.33 -25.30
CA ALA C 699 62.16 19.63 -26.35
C ALA C 699 63.00 18.40 -26.68
N GLU C 700 63.15 18.09 -27.95
CA GLU C 700 63.86 16.85 -28.30
C GLU C 700 65.33 16.98 -28.01
N ASN C 701 65.93 15.95 -27.46
CA ASN C 701 67.40 16.02 -27.33
C ASN C 701 67.97 14.77 -27.98
N SER C 702 68.53 14.94 -29.15
CA SER C 702 69.23 13.80 -29.73
C SER C 702 70.49 13.61 -28.88
N VAL C 703 70.58 12.62 -28.00
CA VAL C 703 71.88 12.54 -27.27
C VAL C 703 72.88 12.20 -28.36
N ALA C 704 74.11 12.70 -28.24
CA ALA C 704 75.16 12.46 -29.25
C ALA C 704 75.87 11.12 -29.02
N TYR C 705 75.18 10.00 -29.24
CA TYR C 705 75.80 8.68 -29.06
C TYR C 705 76.92 8.45 -30.05
N SER C 706 77.99 7.82 -29.58
CA SER C 706 79.11 7.42 -30.47
C SER C 706 79.86 6.28 -29.77
N ASN C 707 80.62 5.52 -30.53
CA ASN C 707 81.30 4.34 -29.96
C ASN C 707 82.28 4.81 -28.89
N ASN C 708 82.75 6.07 -28.95
CA ASN C 708 83.78 6.56 -27.99
C ASN C 708 83.38 7.92 -27.41
N SER C 709 82.12 8.09 -27.03
CA SER C 709 81.64 9.40 -26.50
C SER C 709 81.43 9.31 -25.00
N ILE C 710 82.19 10.05 -24.19
CA ILE C 710 81.92 10.07 -22.72
C ILE C 710 81.64 11.49 -22.27
N ALA C 711 80.61 11.70 -21.48
CA ALA C 711 80.40 13.02 -20.86
C ALA C 711 80.65 12.86 -19.35
N ILE C 712 81.55 13.62 -18.73
CA ILE C 712 81.67 13.51 -17.24
C ILE C 712 81.26 14.86 -16.63
N PRO C 713 80.37 14.93 -15.62
CA PRO C 713 79.92 16.21 -15.08
C PRO C 713 81.04 16.90 -14.31
N THR C 714 81.29 18.19 -14.56
CA THR C 714 82.45 18.87 -13.92
C THR C 714 82.05 19.66 -12.66
N ASN C 715 80.75 19.75 -12.35
CA ASN C 715 80.25 20.51 -11.18
C ASN C 715 78.89 19.94 -10.83
N PHE C 716 78.27 20.36 -9.73
CA PHE C 716 77.02 19.75 -9.24
C PHE C 716 76.04 20.78 -8.71
N THR C 717 74.90 20.30 -8.23
CA THR C 717 73.95 21.21 -7.59
C THR C 717 73.51 20.49 -6.31
N ILE C 718 72.98 21.20 -5.31
CA ILE C 718 72.36 20.52 -4.13
C ILE C 718 70.92 20.99 -4.19
N SER C 719 69.97 20.08 -4.34
CA SER C 719 68.58 20.55 -4.54
C SER C 719 67.71 20.08 -3.38
N VAL C 720 67.11 20.99 -2.62
CA VAL C 720 66.18 20.54 -1.57
C VAL C 720 64.77 20.53 -2.15
N THR C 721 64.44 19.52 -2.95
CA THR C 721 63.06 19.36 -3.47
C THR C 721 62.16 18.98 -2.31
N THR C 722 60.86 19.23 -2.42
CA THR C 722 59.94 18.97 -1.30
C THR C 722 58.92 17.92 -1.70
N GLU C 723 58.71 16.90 -0.90
CA GLU C 723 57.66 15.89 -1.16
C GLU C 723 56.63 15.97 -0.04
N ILE C 724 55.34 16.08 -0.36
CA ILE C 724 54.30 16.24 0.67
C ILE C 724 53.39 15.02 0.62
N LEU C 725 53.33 14.24 1.69
CA LEU C 725 52.52 12.99 1.72
C LEU C 725 51.42 13.07 2.77
N PRO C 726 50.14 12.77 2.46
CA PRO C 726 49.10 12.67 3.48
C PRO C 726 49.31 11.46 4.40
N VAL C 727 49.12 11.59 5.72
CA VAL C 727 49.42 10.47 6.68
C VAL C 727 48.24 10.14 7.61
N SER C 728 47.17 10.92 7.62
CA SER C 728 46.04 10.72 8.57
C SER C 728 44.83 11.44 8.02
N MET C 729 43.64 11.11 8.53
CA MET C 729 42.43 11.84 8.11
C MET C 729 41.59 12.03 9.35
N THR C 730 40.54 12.82 9.27
CA THR C 730 39.77 13.14 10.49
C THR C 730 39.10 11.88 11.06
N LYS C 731 39.10 11.74 12.38
CA LYS C 731 38.42 10.63 13.07
C LYS C 731 37.03 11.18 13.38
N THR C 732 36.01 10.63 12.73
CA THR C 732 34.65 11.16 12.85
C THR C 732 33.82 10.08 13.50
N SER C 733 32.82 10.47 14.28
CA SER C 733 31.91 9.50 14.93
C SER C 733 30.49 9.97 14.64
N VAL C 734 29.57 9.03 14.43
CA VAL C 734 28.16 9.40 14.20
C VAL C 734 27.34 8.51 15.09
N ASP C 735 26.28 9.05 15.69
CA ASP C 735 25.34 8.17 16.43
C ASP C 735 24.15 7.99 15.50
N CYS C 736 23.77 6.75 15.23
CA CYS C 736 22.71 6.52 14.25
C CYS C 736 21.39 7.15 14.72
N THR C 737 21.05 7.01 15.99
CA THR C 737 19.72 7.48 16.46
C THR C 737 19.61 8.99 16.27
N MET C 738 20.64 9.75 16.58
CA MET C 738 20.47 11.21 16.47
C MET C 738 20.27 11.60 15.00
N TYR C 739 21.02 10.98 14.06
CA TYR C 739 20.89 11.31 12.62
C TYR C 739 19.64 10.70 11.99
N ILE C 740 19.46 9.38 12.08
CA ILE C 740 18.33 8.70 11.38
C ILE C 740 17.02 9.16 12.01
N CYS C 741 16.99 9.28 13.33
CA CYS C 741 15.75 9.64 14.06
C CYS C 741 15.90 11.04 14.65
N GLY C 742 16.08 11.11 15.96
CA GLY C 742 16.15 12.43 16.62
C GLY C 742 14.83 12.80 17.27
N ASP C 743 14.73 12.71 18.60
CA ASP C 743 13.52 13.15 19.36
C ASP C 743 12.26 12.35 18.96
N SER C 744 12.42 11.14 18.44
CA SER C 744 11.19 10.41 18.02
C SER C 744 11.13 9.05 18.70
N THR C 745 10.11 8.84 19.55
CA THR C 745 9.93 7.52 20.18
C THR C 745 9.60 6.49 19.12
N GLU C 746 8.68 6.81 18.21
CA GLU C 746 8.23 5.84 17.18
C GLU C 746 9.41 5.50 16.29
N CYS C 747 10.16 6.51 15.85
CA CYS C 747 11.31 6.27 14.95
C CYS C 747 12.35 5.42 15.68
N SER C 748 12.60 5.70 16.95
CA SER C 748 13.68 4.97 17.64
C SER C 748 13.30 3.48 17.64
N ASN C 749 12.03 3.19 17.93
CA ASN C 749 11.55 1.79 17.98
C ASN C 749 11.63 1.14 16.59
N LEU C 750 11.26 1.89 15.56
CA LEU C 750 11.28 1.34 14.17
C LEU C 750 12.72 0.99 13.79
N LEU C 751 13.68 1.82 14.22
CA LEU C 751 15.11 1.58 13.91
C LEU C 751 15.55 0.24 14.50
N LEU C 752 15.05 -0.09 15.70
CA LEU C 752 15.38 -1.40 16.35
C LEU C 752 14.87 -2.54 15.46
N GLN C 753 13.68 -2.37 14.86
CA GLN C 753 13.10 -3.43 13.99
C GLN C 753 14.01 -3.66 12.79
N TYR C 754 14.58 -2.58 12.24
CA TYR C 754 15.41 -2.71 11.01
C TYR C 754 16.63 -3.59 11.27
N GLY C 755 17.25 -3.51 12.45
CA GLY C 755 18.34 -4.47 12.73
C GLY C 755 19.50 -3.93 13.52
N SER C 756 20.68 -4.54 13.37
CA SER C 756 21.90 -4.14 14.12
C SER C 756 22.76 -3.27 13.20
N PHE C 757 22.15 -2.65 12.19
CA PHE C 757 22.95 -1.86 11.22
C PHE C 757 23.68 -0.79 12.02
N CYS C 758 23.05 -0.24 13.07
CA CYS C 758 23.71 0.85 13.80
C CYS C 758 25.03 0.35 14.40
N THR C 759 25.05 -0.87 14.95
CA THR C 759 26.26 -1.42 15.61
C THR C 759 27.41 -1.65 14.60
N GLN C 760 27.11 -2.18 13.42
CA GLN C 760 28.16 -2.39 12.39
C GLN C 760 28.72 -1.05 11.90
N LEU C 761 27.87 -0.05 11.73
CA LEU C 761 28.31 1.29 11.26
C LEU C 761 29.19 1.95 12.31
N LYS C 762 28.82 1.81 13.59
CA LYS C 762 29.66 2.36 14.68
C LYS C 762 31.00 1.64 14.73
N ARG C 763 31.00 0.31 14.59
CA ARG C 763 32.25 -0.49 14.67
C ARG C 763 33.20 -0.14 13.54
N ALA C 764 32.67 0.04 12.32
CA ALA C 764 33.51 0.37 11.16
C ALA C 764 34.14 1.74 11.33
N LEU C 765 33.36 2.72 11.77
CA LEU C 765 33.87 4.09 12.00
C LEU C 765 34.91 4.04 13.12
N THR C 766 34.70 3.22 14.13
CA THR C 766 35.65 3.05 15.27
C THR C 766 36.98 2.46 14.79
N GLY C 767 36.96 1.51 13.87
CA GLY C 767 38.20 0.92 13.33
C GLY C 767 39.01 1.89 12.51
N ILE C 768 38.34 2.73 11.72
CA ILE C 768 39.03 3.74 10.89
C ILE C 768 39.74 4.69 11.84
N ALA C 769 39.09 5.06 12.95
CA ALA C 769 39.65 5.99 13.95
C ALA C 769 40.89 5.43 14.64
N VAL C 770 40.86 4.17 15.05
CA VAL C 770 42.01 3.55 15.76
C VAL C 770 43.17 3.41 14.79
N GLU C 771 42.91 3.13 13.52
CA GLU C 771 43.95 3.04 12.47
C GLU C 771 44.59 4.40 12.26
N GLN C 772 43.83 5.48 12.35
CA GLN C 772 44.34 6.84 12.08
C GLN C 772 45.48 7.12 13.06
N ASP C 773 45.37 6.66 14.30
CA ASP C 773 46.43 6.80 15.32
C ASP C 773 47.62 5.90 15.02
N LYS C 774 47.38 4.69 14.55
CA LYS C 774 48.47 3.75 14.19
C LYS C 774 49.25 4.32 13.00
N ASN C 775 48.55 4.97 12.07
CA ASN C 775 49.17 5.59 10.88
C ASN C 775 50.13 6.68 11.34
N THR C 776 49.74 7.48 12.31
CA THR C 776 50.56 8.59 12.85
C THR C 776 51.77 8.04 13.60
N GLN C 777 51.63 6.91 14.29
CA GLN C 777 52.73 6.39 15.12
C GLN C 777 53.62 5.43 14.32
N GLU C 778 53.32 5.19 13.06
CA GLU C 778 54.18 4.34 12.22
C GLU C 778 55.17 5.22 11.46
N VAL C 779 54.93 6.53 11.47
CA VAL C 779 55.82 7.48 10.76
C VAL C 779 56.62 8.25 11.80
N PHE C 780 55.99 9.01 12.66
CA PHE C 780 56.70 9.88 13.64
C PHE C 780 57.40 9.09 14.74
N ALA C 781 56.79 8.02 15.24
CA ALA C 781 57.36 7.25 16.37
C ALA C 781 58.32 6.16 15.88
N GLN C 782 59.43 6.53 15.24
CA GLN C 782 60.47 5.58 14.77
C GLN C 782 61.72 5.74 15.63
N VAL C 783 61.71 6.66 16.60
CA VAL C 783 62.89 6.94 17.47
C VAL C 783 62.57 6.40 18.85
N LYS C 784 63.50 5.63 19.43
CA LYS C 784 63.33 5.10 20.81
C LYS C 784 63.35 6.22 21.89
N GLN C 785 64.28 7.17 21.81
CA GLN C 785 64.43 8.22 22.85
C GLN C 785 64.37 9.58 22.18
N ILE C 786 64.03 10.64 22.93
CA ILE C 786 63.83 11.99 22.33
C ILE C 786 65.17 12.71 22.24
N TYR C 787 65.83 12.67 21.09
CA TYR C 787 67.19 13.27 20.98
C TYR C 787 67.04 14.79 21.06
N LYS C 788 68.09 15.48 21.53
CA LYS C 788 68.01 16.93 21.75
C LYS C 788 69.08 17.64 20.92
N THR C 789 68.76 18.83 20.44
CA THR C 789 69.69 19.60 19.58
C THR C 789 70.86 20.09 20.44
N PRO C 790 72.11 20.13 19.92
CA PRO C 790 73.26 20.55 20.72
C PRO C 790 73.25 22.04 21.07
N PRO C 791 73.89 22.48 22.19
CA PRO C 791 73.83 23.88 22.59
C PRO C 791 74.43 24.87 21.59
N ILE C 792 75.58 24.54 20.99
CA ILE C 792 76.18 25.41 19.94
C ILE C 792 75.88 24.79 18.57
N LYS C 793 75.16 25.52 17.71
CA LYS C 793 74.76 24.97 16.39
C LYS C 793 75.74 25.35 15.28
N TYR C 794 76.97 24.82 15.30
CA TYR C 794 77.88 25.04 14.14
C TYR C 794 77.94 23.68 13.45
N PHE C 795 77.51 23.61 12.19
CA PHE C 795 77.38 22.29 11.52
C PHE C 795 78.34 22.21 10.33
N GLY C 796 79.44 22.95 10.36
CA GLY C 796 80.35 22.99 9.21
C GLY C 796 79.90 24.07 8.27
N GLY C 797 79.00 24.93 8.75
CA GLY C 797 78.42 26.01 7.92
C GLY C 797 77.04 25.67 7.41
N PHE C 798 76.57 24.47 7.68
CA PHE C 798 75.22 24.06 7.29
C PHE C 798 74.28 24.80 8.24
N ASN C 799 73.12 25.21 7.78
CA ASN C 799 72.24 26.04 8.64
C ASN C 799 70.88 25.38 8.73
N PHE C 800 70.49 25.03 9.93
CA PHE C 800 69.21 24.33 10.15
C PHE C 800 68.24 25.25 10.88
N SER C 801 68.53 26.54 10.98
CA SER C 801 67.68 27.45 11.80
C SER C 801 66.26 27.32 11.26
N GLN C 802 66.13 27.30 9.95
CA GLN C 802 64.81 27.15 9.29
C GLN C 802 64.20 25.80 9.65
N ILE C 803 65.02 24.75 9.80
CA ILE C 803 64.46 23.38 10.03
C ILE C 803 64.35 23.03 11.52
N LEU C 804 65.34 23.39 12.35
CA LEU C 804 65.37 22.95 13.77
C LEU C 804 64.39 23.78 14.57
N PRO C 805 63.86 23.29 15.72
CA PRO C 805 62.96 24.06 16.60
C PRO C 805 63.40 25.46 17.07
N ASP C 806 62.59 26.48 16.78
CA ASP C 806 62.88 27.85 17.28
C ASP C 806 62.07 28.09 18.55
N PRO C 807 62.69 28.40 19.70
CA PRO C 807 61.96 28.52 20.98
C PRO C 807 60.87 29.60 21.13
N SER C 808 61.10 30.81 20.62
CA SER C 808 60.16 31.94 20.76
C SER C 808 58.82 31.69 20.05
N LYS C 809 58.78 30.76 19.09
CA LYS C 809 57.57 30.50 18.25
C LYS C 809 56.44 29.84 19.05
N PRO C 810 55.18 29.75 18.53
CA PRO C 810 54.02 29.24 19.30
C PRO C 810 53.95 27.81 19.85
N SER C 811 54.26 26.79 19.03
CA SER C 811 54.30 25.41 19.60
C SER C 811 55.73 24.90 19.57
N LYS C 812 56.72 25.78 19.38
CA LYS C 812 58.13 25.35 19.19
C LYS C 812 58.25 24.72 17.80
N ARG C 813 57.30 25.06 16.93
CA ARG C 813 57.34 24.55 15.53
C ARG C 813 58.47 25.30 14.83
N SER C 814 59.08 24.71 13.82
CA SER C 814 60.27 25.31 13.18
C SER C 814 59.82 26.45 12.27
N PRO C 815 60.71 27.33 11.76
CA PRO C 815 60.26 28.34 10.80
C PRO C 815 59.64 27.82 9.49
N ILE C 816 60.18 26.80 8.78
CA ILE C 816 59.50 26.21 7.57
C ILE C 816 58.19 25.51 7.94
N GLU C 817 58.17 24.77 9.05
CA GLU C 817 56.95 24.09 9.55
C GLU C 817 55.90 25.16 9.86
N ASP C 818 56.34 26.30 10.38
CA ASP C 818 55.40 27.37 10.78
C ASP C 818 54.63 27.86 9.55
N LEU C 819 55.30 27.99 8.40
CA LEU C 819 54.60 28.39 7.14
C LEU C 819 53.62 27.29 6.74
N LEU C 820 54.02 26.02 6.75
CA LEU C 820 53.15 24.90 6.27
C LEU C 820 51.88 24.86 7.11
N PHE C 821 52.02 25.10 8.41
CA PHE C 821 50.82 25.10 9.30
C PHE C 821 49.88 26.22 8.90
N ASN C 822 50.41 27.41 8.63
CA ASN C 822 49.56 28.55 8.18
C ASN C 822 48.99 28.32 6.77
N LYS C 823 49.77 27.79 5.83
CA LYS C 823 49.32 27.66 4.41
C LYS C 823 48.12 26.72 4.23
N VAL C 824 48.11 25.58 4.90
CA VAL C 824 46.97 24.62 4.82
C VAL C 824 45.80 25.16 5.66
N PHE C 853 27.87 18.84 15.74
CA PHE C 853 26.83 19.17 14.77
C PHE C 853 25.50 18.56 15.17
N ASN C 854 24.96 17.69 14.31
CA ASN C 854 23.75 16.94 14.62
C ASN C 854 24.04 15.45 14.45
N GLY C 855 24.55 14.82 15.49
CA GLY C 855 24.97 13.44 15.42
C GLY C 855 26.41 13.22 15.04
N LEU C 856 26.95 14.02 14.13
CA LEU C 856 28.35 13.91 13.72
C LEU C 856 29.23 14.46 14.83
N THR C 857 30.49 14.05 14.83
CA THR C 857 31.44 14.35 15.89
C THR C 857 32.82 14.26 15.29
N VAL C 858 33.81 14.87 15.93
CA VAL C 858 35.19 14.78 15.48
C VAL C 858 36.08 14.51 16.67
N LEU C 859 36.53 13.29 16.80
CA LEU C 859 37.38 12.89 17.89
C LEU C 859 38.78 13.45 17.70
N PRO C 860 39.47 13.90 18.78
CA PRO C 860 40.77 14.52 18.64
C PRO C 860 41.91 13.51 18.42
N PRO C 861 42.93 13.85 17.61
CA PRO C 861 44.09 12.97 17.48
C PRO C 861 44.84 12.83 18.82
N LEU C 862 45.16 11.59 19.21
CA LEU C 862 45.85 11.32 20.49
C LEU C 862 47.25 11.96 20.53
N LEU C 863 48.01 11.93 19.43
CA LEU C 863 49.32 12.62 19.53
C LEU C 863 49.09 14.09 19.15
N THR C 864 49.38 15.00 20.08
CA THR C 864 49.10 16.44 19.86
C THR C 864 50.10 17.02 18.88
N ASP C 865 49.78 18.19 18.33
CA ASP C 865 50.66 18.86 17.37
C ASP C 865 51.97 19.21 18.06
N GLU C 866 51.95 19.51 19.36
CA GLU C 866 53.20 19.75 20.12
C GLU C 866 54.05 18.48 20.18
N MET C 867 53.44 17.33 20.44
CA MET C 867 54.13 16.02 20.47
C MET C 867 54.61 15.61 19.09
N ILE C 868 53.83 15.88 18.05
CA ILE C 868 54.24 15.57 16.66
C ILE C 868 55.48 16.41 16.32
N ALA C 869 55.58 17.65 16.77
CA ALA C 869 56.83 18.43 16.56
C ALA C 869 58.01 17.89 17.38
N GLN C 870 57.79 17.44 18.61
CA GLN C 870 58.86 16.88 19.48
C GLN C 870 59.40 15.59 18.87
N TYR C 871 58.54 14.77 18.30
CA TYR C 871 59.01 13.55 17.60
C TYR C 871 59.87 13.98 16.42
N THR C 872 59.40 14.97 15.68
CA THR C 872 60.11 15.48 14.48
C THR C 872 61.44 16.09 14.89
N SER C 873 61.51 16.76 16.04
CA SER C 873 62.78 17.34 16.53
C SER C 873 63.84 16.28 16.90
N ALA C 874 63.45 15.16 17.52
CA ALA C 874 64.37 14.04 17.82
C ALA C 874 64.87 13.36 16.54
N LEU C 875 63.99 13.21 15.57
CA LEU C 875 64.35 12.65 14.25
C LEU C 875 65.33 13.61 13.58
N LEU C 876 65.11 14.91 13.70
CA LEU C 876 65.99 15.95 13.14
C LEU C 876 67.30 16.04 13.88
N ALA C 877 67.30 15.85 15.20
CA ALA C 877 68.53 16.04 15.99
C ALA C 877 69.35 14.78 16.19
N GLY C 878 68.86 13.64 15.72
CA GLY C 878 69.65 12.40 15.76
C GLY C 878 70.26 12.14 14.42
N THR C 879 69.80 12.87 13.41
CA THR C 879 70.36 12.77 12.04
C THR C 879 71.42 13.85 11.92
N ILE C 880 71.19 14.98 12.58
CA ILE C 880 72.20 16.06 12.54
C ILE C 880 73.46 15.57 13.26
N THR C 881 73.33 14.86 14.37
CA THR C 881 74.55 14.47 15.14
C THR C 881 75.07 13.06 14.80
N SER C 882 74.34 12.02 15.15
CA SER C 882 74.73 10.60 14.90
C SER C 882 74.74 10.17 13.43
N GLY C 883 73.75 10.58 12.66
CA GLY C 883 73.66 10.18 11.25
C GLY C 883 72.71 9.04 10.99
N TRP C 884 73.14 8.03 10.25
CA TRP C 884 72.32 6.81 9.99
C TRP C 884 72.19 5.97 11.27
N THR C 885 73.09 6.12 12.23
CA THR C 885 73.21 5.23 13.40
C THR C 885 72.01 5.14 14.33
N PHE C 886 71.21 6.17 14.46
CA PHE C 886 70.12 6.12 15.46
C PHE C 886 69.02 5.13 15.08
N GLY C 887 68.95 4.63 13.84
CA GLY C 887 67.92 3.63 13.52
C GLY C 887 68.38 2.16 13.52
N ALA C 888 69.65 1.85 13.79
CA ALA C 888 70.16 0.48 13.71
C ALA C 888 70.75 0.00 15.03
N GLY C 889 70.65 0.81 16.09
CA GLY C 889 71.28 0.44 17.38
C GLY C 889 71.35 1.60 18.34
N PRO C 890 72.47 1.78 19.08
CA PRO C 890 72.66 2.96 19.91
C PRO C 890 73.02 4.13 18.98
N ALA C 891 72.60 5.38 19.29
CA ALA C 891 72.86 6.52 18.40
C ALA C 891 74.29 6.95 18.62
N LEU C 892 75.15 6.83 17.60
CA LEU C 892 76.61 7.09 17.79
C LEU C 892 77.04 8.34 17.04
N GLN C 893 77.66 9.29 17.74
CA GLN C 893 77.99 10.62 17.18
C GLN C 893 79.11 10.69 16.17
N ILE C 894 78.97 11.60 15.22
CA ILE C 894 80.03 11.89 14.22
C ILE C 894 79.85 13.39 13.97
N PRO C 895 80.91 14.16 13.68
CA PRO C 895 80.68 15.55 13.29
C PRO C 895 79.89 15.66 11.97
N PHE C 896 78.97 16.62 11.77
CA PHE C 896 78.11 16.66 10.53
C PHE C 896 78.90 16.77 9.21
N PRO C 897 80.00 17.56 9.07
CA PRO C 897 80.81 17.52 7.85
C PRO C 897 81.27 16.07 7.65
N MET C 898 81.53 15.32 8.73
CA MET C 898 81.97 13.90 8.65
C MET C 898 80.78 12.99 8.33
N GLN C 899 79.56 13.32 8.73
CA GLN C 899 78.45 12.44 8.29
C GLN C 899 78.28 12.60 6.80
N MET C 900 78.29 13.86 6.32
CA MET C 900 78.03 14.14 4.87
C MET C 900 79.03 13.40 3.97
N ALA C 901 80.29 13.32 4.36
CA ALA C 901 81.31 12.67 3.55
C ALA C 901 80.92 11.24 3.32
N TYR C 902 80.32 10.58 4.31
CA TYR C 902 79.79 9.19 4.15
C TYR C 902 78.63 9.15 3.14
N ARG C 903 77.70 10.12 3.17
CA ARG C 903 76.57 10.23 2.21
C ARG C 903 77.08 10.47 0.77
N PHE C 904 78.15 11.23 0.56
CA PHE C 904 78.79 11.39 -0.79
C PHE C 904 79.37 10.05 -1.24
N ASN C 905 80.06 9.32 -0.34
CA ASN C 905 80.65 8.01 -0.66
C ASN C 905 79.50 7.09 -1.01
N GLY C 906 78.39 7.26 -0.32
CA GLY C 906 77.22 6.41 -0.57
C GLY C 906 76.75 6.54 -1.98
N ILE C 907 76.72 7.74 -2.56
CA ILE C 907 76.13 7.95 -3.93
C ILE C 907 77.19 7.83 -5.01
N GLY C 908 78.36 7.37 -4.67
CA GLY C 908 79.39 7.14 -5.69
C GLY C 908 80.37 8.27 -5.88
N VAL C 909 80.36 9.29 -5.00
CA VAL C 909 81.37 10.39 -5.09
C VAL C 909 82.35 10.27 -3.92
N THR C 910 83.63 10.32 -4.19
CA THR C 910 84.68 10.09 -3.16
C THR C 910 84.64 11.18 -2.08
N GLN C 911 85.23 10.92 -0.90
CA GLN C 911 85.13 11.85 0.27
C GLN C 911 85.70 13.21 -0.04
N ASN C 912 86.78 13.25 -0.79
CA ASN C 912 87.52 14.51 -0.99
C ASN C 912 86.57 15.56 -1.53
N VAL C 913 85.58 15.18 -2.31
CA VAL C 913 84.80 16.28 -2.93
C VAL C 913 84.23 17.18 -1.82
N LEU C 914 83.62 16.70 -0.73
CA LEU C 914 83.05 17.64 0.30
C LEU C 914 84.13 18.42 1.07
N TYR C 915 85.20 17.80 1.54
CA TYR C 915 86.29 18.46 2.30
C TYR C 915 87.01 19.47 1.42
N GLU C 916 87.17 19.17 0.13
CA GLU C 916 87.83 20.09 -0.82
C GLU C 916 86.82 21.10 -1.35
N ASN C 917 85.52 20.94 -1.07
CA ASN C 917 84.56 21.98 -1.49
C ASN C 917 83.57 22.23 -0.37
N GLN C 918 84.00 22.28 0.89
CA GLN C 918 83.07 22.34 2.06
C GLN C 918 82.20 23.60 2.09
N LYS C 919 82.80 24.79 1.98
CA LYS C 919 82.03 26.05 2.10
C LYS C 919 80.98 26.22 0.99
N LEU C 920 81.32 25.93 -0.27
CA LEU C 920 80.39 26.05 -1.42
C LEU C 920 79.21 25.09 -1.25
N ILE C 921 79.50 23.85 -0.88
CA ILE C 921 78.44 22.81 -0.71
C ILE C 921 77.54 23.27 0.43
N ALA C 922 78.14 23.83 1.49
CA ALA C 922 77.33 24.39 2.62
C ALA C 922 76.45 25.53 2.12
N ASN C 923 77.00 26.48 1.34
CA ASN C 923 76.21 27.65 0.85
C ASN C 923 75.12 27.21 -0.13
N GLN C 924 75.43 26.29 -1.06
CA GLN C 924 74.40 25.76 -1.99
C GLN C 924 73.35 25.09 -1.13
N PHE C 925 73.78 24.32 -0.11
CA PHE C 925 72.76 23.75 0.80
C PHE C 925 71.98 24.86 1.50
N ASN C 926 72.67 25.89 2.05
CA ASN C 926 71.96 26.93 2.84
C ASN C 926 70.97 27.69 1.96
N SER C 927 71.37 28.07 0.74
CA SER C 927 70.50 28.81 -0.22
C SER C 927 69.30 27.98 -0.68
N ALA C 928 69.50 26.69 -0.95
CA ALA C 928 68.42 25.78 -1.39
C ALA C 928 67.36 25.71 -0.30
N ILE C 929 67.76 25.61 0.98
CA ILE C 929 66.78 25.65 2.10
C ILE C 929 66.06 27.00 2.08
N GLY C 930 66.77 28.09 1.80
CA GLY C 930 66.14 29.41 1.70
C GLY C 930 65.08 29.49 0.61
N LYS C 931 65.35 28.94 -0.57
CA LYS C 931 64.39 29.04 -1.72
C LYS C 931 63.08 28.30 -1.40
N ILE C 932 63.16 27.21 -0.65
CA ILE C 932 61.95 26.38 -0.35
C ILE C 932 60.95 27.28 0.37
N GLN C 933 61.43 28.11 1.29
CA GLN C 933 60.54 28.99 2.07
C GLN C 933 59.87 29.98 1.13
N ASP C 934 60.63 30.58 0.20
CA ASP C 934 60.05 31.53 -0.79
C ASP C 934 59.07 30.80 -1.73
N SER C 935 59.42 29.61 -2.22
CA SER C 935 58.54 28.83 -3.12
C SER C 935 57.26 28.45 -2.39
N LEU C 936 57.37 28.02 -1.14
CA LEU C 936 56.17 27.71 -0.33
C LEU C 936 55.41 29.02 -0.12
N SER C 937 56.12 30.12 0.13
CA SER C 937 55.48 31.44 0.34
C SER C 937 54.91 31.99 -0.98
N SER C 938 55.24 31.37 -2.11
CA SER C 938 54.80 31.88 -3.45
C SER C 938 53.29 31.63 -3.58
N THR C 939 52.69 30.89 -2.65
CA THR C 939 51.21 30.64 -2.62
C THR C 939 50.62 29.93 -3.85
N PRO C 940 51.24 28.89 -4.46
CA PRO C 940 50.58 28.12 -5.51
C PRO C 940 49.87 27.01 -4.72
N SER C 941 49.27 26.03 -5.40
CA SER C 941 48.72 24.89 -4.62
C SER C 941 49.87 23.93 -4.35
N ALA C 942 50.88 24.39 -3.61
CA ALA C 942 52.09 23.58 -3.31
C ALA C 942 51.69 22.40 -2.43
N LEU C 943 50.82 22.65 -1.45
CA LEU C 943 50.40 21.56 -0.53
C LEU C 943 49.35 20.81 -1.32
N GLY C 944 48.14 21.32 -1.40
CA GLY C 944 47.17 20.70 -2.31
C GLY C 944 46.76 19.30 -1.91
N LYS C 945 47.70 18.35 -1.86
CA LYS C 945 47.37 16.94 -1.56
C LYS C 945 46.79 16.86 -0.16
N LEU C 946 47.38 17.55 0.81
CA LEU C 946 46.84 17.59 2.20
C LEU C 946 45.52 18.35 2.23
N GLN C 947 45.39 19.45 1.49
CA GLN C 947 44.15 20.26 1.46
C GLN C 947 43.04 19.45 0.79
N ASP C 948 43.38 18.64 -0.19
CA ASP C 948 42.39 17.78 -0.87
C ASP C 948 41.79 16.81 0.14
N VAL C 949 42.60 16.28 1.06
CA VAL C 949 42.10 15.33 2.09
C VAL C 949 41.06 16.04 2.95
N VAL C 950 41.35 17.27 3.39
CA VAL C 950 40.42 18.04 4.27
C VAL C 950 39.13 18.36 3.51
N ASN C 951 39.24 18.80 2.25
CA ASN C 951 38.06 19.18 1.44
C ASN C 951 37.21 17.94 1.15
N HIS C 952 37.84 16.82 0.85
CA HIS C 952 37.10 15.58 0.53
C HIS C 952 36.30 15.11 1.74
N ASN C 953 36.89 15.19 2.93
CA ASN C 953 36.15 14.80 4.15
C ASN C 953 34.99 15.75 4.40
N ALA C 954 35.23 17.05 4.29
CA ALA C 954 34.17 18.06 4.57
C ALA C 954 33.05 17.93 3.55
N GLN C 955 33.39 17.71 2.29
CA GLN C 955 32.35 17.51 1.25
C GLN C 955 31.55 16.26 1.56
N ALA C 956 32.20 15.19 2.04
CA ALA C 956 31.48 13.96 2.41
C ALA C 956 30.52 14.22 3.57
N LEU C 957 30.97 14.93 4.60
CA LEU C 957 30.08 15.29 5.72
C LEU C 957 28.96 16.22 5.26
N ASN C 958 29.26 17.18 4.39
CA ASN C 958 28.24 18.16 3.92
C ASN C 958 27.16 17.46 3.09
N THR C 959 27.54 16.51 2.24
CA THR C 959 26.50 15.77 1.50
C THR C 959 25.61 15.07 2.51
N LEU C 960 26.19 14.52 3.58
CA LEU C 960 25.39 13.75 4.57
C LEU C 960 24.34 14.67 5.19
N VAL C 961 24.71 15.89 5.57
CA VAL C 961 23.76 16.83 6.22
C VAL C 961 22.68 17.29 5.25
N LYS C 962 23.03 17.58 4.00
CA LYS C 962 21.98 17.95 3.00
C LYS C 962 21.04 16.78 2.75
N GLN C 963 21.53 15.55 2.75
CA GLN C 963 20.69 14.35 2.50
C GLN C 963 19.67 14.21 3.63
N LEU C 964 19.91 14.85 4.77
CA LEU C 964 18.90 14.82 5.86
C LEU C 964 17.64 15.51 5.35
N SER C 965 17.78 16.46 4.42
CA SER C 965 16.63 17.27 3.94
C SER C 965 16.00 16.69 2.67
N SER C 966 16.36 15.46 2.27
CA SER C 966 15.71 14.81 1.11
C SER C 966 14.52 13.96 1.57
N LYS C 967 13.37 14.07 0.89
CA LYS C 967 12.13 13.35 1.29
C LYS C 967 12.25 11.83 1.18
N PHE C 968 12.95 11.30 0.17
CA PHE C 968 12.99 9.84 -0.06
C PHE C 968 11.59 9.35 -0.42
N GLY C 969 10.76 10.25 -0.96
CA GLY C 969 9.39 9.89 -1.38
C GLY C 969 8.37 10.01 -0.26
N ALA C 970 8.82 10.25 0.97
CA ALA C 970 7.90 10.40 2.12
C ALA C 970 7.29 11.80 2.07
N ILE C 971 6.26 12.05 2.88
CA ILE C 971 5.53 13.36 2.76
C ILE C 971 6.50 14.52 3.00
N SER C 972 7.39 14.42 3.98
CA SER C 972 8.26 15.58 4.30
C SER C 972 9.56 15.12 4.93
N SER C 973 10.60 15.96 4.88
CA SER C 973 11.87 15.63 5.56
C SER C 973 11.67 15.61 7.08
N VAL C 974 10.90 16.55 7.62
CA VAL C 974 10.74 16.67 9.10
C VAL C 974 10.06 15.41 9.64
N LEU C 975 10.67 14.78 10.65
CA LEU C 975 10.08 13.58 11.28
C LEU C 975 8.80 14.02 12.02
N ASN C 976 8.80 15.24 12.55
CA ASN C 976 7.64 15.75 13.34
C ASN C 976 6.38 15.90 12.47
N ASP C 977 6.50 16.48 11.28
CA ASP C 977 5.30 16.76 10.43
C ASP C 977 4.62 15.44 10.07
N ILE C 978 5.38 14.39 9.78
CA ILE C 978 4.75 13.13 9.34
C ILE C 978 3.85 12.68 10.49
N LEU C 979 4.34 12.78 11.73
CA LEU C 979 3.47 12.46 12.89
C LEU C 979 2.32 13.47 13.01
N SER C 980 2.59 14.76 12.81
CA SER C 980 1.56 15.81 13.00
C SER C 980 0.41 15.74 12.00
N ARG C 981 0.69 15.55 10.71
CA ARG C 981 -0.39 15.63 9.67
C ARG C 981 -0.79 14.25 9.15
N LEU C 982 -0.35 13.17 9.78
CA LEU C 982 -0.83 11.83 9.32
C LEU C 982 -1.15 10.94 10.51
N ASP C 983 -2.04 9.95 10.32
CA ASP C 983 -2.46 9.05 11.42
C ASP C 983 -1.30 8.14 11.81
N PRO C 984 -1.24 7.62 13.05
CA PRO C 984 -0.09 6.82 13.50
C PRO C 984 0.25 5.57 12.68
N PRO C 985 -0.67 4.69 12.22
CA PRO C 985 -0.28 3.57 11.37
C PRO C 985 0.31 4.06 10.04
N GLU C 986 -0.29 5.09 9.43
CA GLU C 986 0.25 5.68 8.18
C GLU C 986 1.61 6.31 8.47
N ALA C 987 1.73 6.94 9.64
CA ALA C 987 3.00 7.62 9.99
C ALA C 987 4.09 6.55 10.00
N GLU C 988 3.78 5.37 10.53
CA GLU C 988 4.85 4.34 10.64
C GLU C 988 5.38 4.02 9.24
N VAL C 989 4.50 3.87 8.25
CA VAL C 989 5.02 3.48 6.90
C VAL C 989 5.89 4.62 6.35
N GLN C 990 5.40 5.86 6.44
CA GLN C 990 6.15 7.01 5.88
C GLN C 990 7.46 7.25 6.65
N ILE C 991 7.43 7.13 7.97
CA ILE C 991 8.65 7.32 8.80
C ILE C 991 9.65 6.25 8.42
N ASP C 992 9.19 5.02 8.20
CA ASP C 992 10.09 3.89 7.86
C ASP C 992 10.82 4.20 6.55
N ARG C 993 10.11 4.79 5.58
CA ARG C 993 10.73 5.12 4.27
C ARG C 993 11.85 6.16 4.49
N LEU C 994 11.65 7.13 5.38
CA LEU C 994 12.72 8.11 5.70
C LEU C 994 13.88 7.37 6.34
N ILE C 995 13.61 6.40 7.19
CA ILE C 995 14.69 5.66 7.90
C ILE C 995 15.54 4.93 6.86
N THR C 996 14.91 4.33 5.84
CA THR C 996 15.71 3.55 4.86
C THR C 996 16.68 4.48 4.14
N GLY C 997 16.21 5.66 3.72
CA GLY C 997 17.09 6.56 2.96
C GLY C 997 18.25 7.04 3.80
N ARG C 998 18.00 7.42 5.06
CA ARG C 998 19.06 7.94 5.96
C ARG C 998 20.05 6.83 6.30
N LEU C 999 19.58 5.61 6.51
CA LEU C 999 20.47 4.45 6.80
C LEU C 999 21.35 4.17 5.58
N GLN C 1000 20.79 4.26 4.38
CA GLN C 1000 21.59 4.09 3.15
C GLN C 1000 22.62 5.23 3.04
N SER C 1001 22.22 6.45 3.38
CA SER C 1001 23.16 7.60 3.30
C SER C 1001 24.32 7.40 4.28
N LEU C 1002 24.05 6.92 5.49
CA LEU C 1002 25.12 6.63 6.48
C LEU C 1002 25.95 5.45 5.99
N GLN C 1003 25.32 4.45 5.40
CA GLN C 1003 26.04 3.25 4.89
C GLN C 1003 26.97 3.69 3.75
N THR C 1004 26.54 4.57 2.87
CA THR C 1004 27.42 5.09 1.79
C THR C 1004 28.59 5.91 2.37
N TYR C 1005 28.37 6.68 3.44
CA TYR C 1005 29.49 7.41 4.10
C TYR C 1005 30.50 6.40 4.62
N VAL C 1006 30.06 5.40 5.38
CA VAL C 1006 31.02 4.46 6.00
C VAL C 1006 31.75 3.74 4.87
N THR C 1007 31.05 3.32 3.84
CA THR C 1007 31.68 2.53 2.76
C THR C 1007 32.74 3.38 2.10
N GLN C 1008 32.42 4.63 1.80
CA GLN C 1008 33.37 5.55 1.12
C GLN C 1008 34.56 5.88 2.02
N GLN C 1009 34.36 6.07 3.33
CA GLN C 1009 35.48 6.30 4.29
C GLN C 1009 36.37 5.07 4.43
N LEU C 1010 35.80 3.87 4.35
CA LEU C 1010 36.62 2.64 4.37
C LEU C 1010 37.51 2.61 3.12
N ILE C 1011 36.99 3.00 1.97
CA ILE C 1011 37.79 3.11 0.71
C ILE C 1011 38.82 4.23 0.85
N ARG C 1012 38.43 5.37 1.40
CA ARG C 1012 39.34 6.54 1.60
C ARG C 1012 40.44 6.23 2.61
N ALA C 1013 40.14 5.52 3.69
CA ALA C 1013 41.12 5.14 4.73
C ALA C 1013 42.17 4.19 4.17
N ALA C 1014 41.81 3.39 3.18
CA ALA C 1014 42.77 2.51 2.50
C ALA C 1014 43.81 3.35 1.76
N GLU C 1015 43.41 4.45 1.12
CA GLU C 1015 44.35 5.36 0.43
C GLU C 1015 45.26 6.05 1.44
N ILE C 1016 44.73 6.48 2.59
CA ILE C 1016 45.54 7.11 3.66
C ILE C 1016 46.51 6.07 4.25
N ARG C 1017 46.09 4.82 4.40
CA ARG C 1017 46.98 3.74 4.91
C ARG C 1017 48.07 3.45 3.89
N ALA C 1018 47.78 3.53 2.61
CA ALA C 1018 48.81 3.36 1.57
C ALA C 1018 49.85 4.49 1.65
N SER C 1019 49.42 5.74 1.77
CA SER C 1019 50.34 6.90 1.90
C SER C 1019 51.09 6.89 3.23
N ALA C 1020 50.43 6.48 4.31
CA ALA C 1020 51.04 6.39 5.65
C ALA C 1020 51.98 5.20 5.70
N ASN C 1021 51.88 4.30 4.74
CA ASN C 1021 52.79 3.14 4.66
C ASN C 1021 53.97 3.47 3.74
N LEU C 1022 53.91 4.58 3.00
CA LEU C 1022 55.06 5.06 2.17
C LEU C 1022 55.76 6.18 2.93
N ALA C 1023 55.01 6.96 3.70
CA ALA C 1023 55.59 8.00 4.58
C ALA C 1023 56.42 7.29 5.62
N ALA C 1024 55.96 6.12 6.03
CA ALA C 1024 56.67 5.26 7.00
C ALA C 1024 57.83 4.52 6.36
N THR C 1025 57.92 4.46 5.03
CA THR C 1025 59.09 3.84 4.36
C THR C 1025 60.10 4.91 3.96
N LYS C 1026 59.68 6.17 3.83
CA LYS C 1026 60.59 7.28 3.47
C LYS C 1026 61.14 7.87 4.75
N MET C 1027 60.62 7.47 5.89
CA MET C 1027 61.14 7.93 7.20
C MET C 1027 62.23 6.97 7.64
N SER C 1028 62.24 5.80 7.05
CA SER C 1028 63.23 4.78 7.42
C SER C 1028 64.37 4.76 6.41
N GLU C 1029 64.09 4.93 5.13
CA GLU C 1029 65.16 4.79 4.11
C GLU C 1029 65.69 6.14 3.59
N CYS C 1030 65.12 7.26 4.00
CA CYS C 1030 65.61 8.61 3.61
C CYS C 1030 65.97 9.41 4.86
N VAL C 1031 65.05 9.53 5.83
CA VAL C 1031 65.37 10.18 7.13
C VAL C 1031 66.37 9.36 7.95
N LEU C 1032 66.25 8.03 7.96
CA LEU C 1032 67.11 7.18 8.81
C LEU C 1032 68.15 6.41 8.01
N GLY C 1033 68.22 6.58 6.69
CA GLY C 1033 69.30 5.96 5.90
C GLY C 1033 69.36 6.66 4.57
N GLN C 1034 70.32 6.34 3.68
CA GLN C 1034 70.35 6.92 2.30
C GLN C 1034 69.80 5.91 1.30
N SER C 1035 68.61 6.16 0.71
CA SER C 1035 67.97 5.23 -0.28
C SER C 1035 68.74 5.15 -1.60
N LYS C 1036 69.01 3.94 -2.07
CA LYS C 1036 69.70 3.73 -3.37
C LYS C 1036 68.58 3.45 -4.38
N ARG C 1037 67.34 3.47 -3.92
CA ARG C 1037 66.23 3.32 -4.85
C ARG C 1037 66.20 4.59 -5.66
N VAL C 1038 66.12 4.49 -6.98
CA VAL C 1038 66.09 5.67 -7.90
C VAL C 1038 64.76 6.43 -7.77
N ASP C 1039 64.82 7.74 -7.61
CA ASP C 1039 63.64 8.63 -7.44
C ASP C 1039 62.75 8.25 -6.27
N PHE C 1040 63.32 7.79 -5.15
CA PHE C 1040 62.49 7.50 -3.96
C PHE C 1040 62.63 8.66 -2.97
N CYS C 1041 63.87 9.03 -2.66
CA CYS C 1041 64.15 10.07 -1.64
C CYS C 1041 64.69 11.32 -2.33
N GLY C 1042 64.19 11.62 -3.52
CA GLY C 1042 64.57 12.86 -4.22
C GLY C 1042 64.74 12.62 -5.70
N LYS C 1043 64.66 13.67 -6.52
CA LYS C 1043 64.95 13.54 -7.96
C LYS C 1043 66.43 13.75 -8.15
N GLY C 1044 67.22 12.69 -8.03
CA GLY C 1044 68.68 12.83 -8.10
C GLY C 1044 69.30 11.79 -7.21
N TYR C 1045 70.61 11.78 -7.05
CA TYR C 1045 71.23 10.85 -6.09
C TYR C 1045 71.04 11.41 -4.69
N HIS C 1046 70.35 10.69 -3.80
CA HIS C 1046 69.98 11.16 -2.45
C HIS C 1046 71.16 11.34 -1.53
N LEU C 1047 71.21 12.44 -0.80
CA LEU C 1047 72.22 12.62 0.25
C LEU C 1047 71.50 12.51 1.61
N MET C 1048 70.37 13.18 1.81
CA MET C 1048 69.66 13.24 3.14
C MET C 1048 68.18 13.57 2.93
N SER C 1049 67.37 13.49 3.97
CA SER C 1049 65.98 13.93 3.86
C SER C 1049 65.50 14.29 5.25
N PHE C 1050 64.59 15.27 5.38
CA PHE C 1050 64.18 15.82 6.70
C PHE C 1050 62.67 15.88 6.82
N PRO C 1051 62.08 15.30 7.88
CA PRO C 1051 60.65 15.38 8.11
C PRO C 1051 60.12 16.72 8.63
N GLN C 1052 59.02 17.22 8.07
CA GLN C 1052 58.40 18.43 8.66
C GLN C 1052 56.92 18.12 8.85
N SER C 1053 56.43 18.34 10.05
CA SER C 1053 55.03 18.02 10.35
C SER C 1053 54.17 18.97 9.56
N ALA C 1054 53.07 18.49 8.98
CA ALA C 1054 52.13 19.38 8.27
C ALA C 1054 50.80 19.06 8.90
N PRO C 1055 49.69 19.76 8.64
CA PRO C 1055 48.49 19.51 9.40
C PRO C 1055 47.95 18.07 9.45
N HIS C 1056 47.85 17.33 8.36
CA HIS C 1056 47.45 15.89 8.46
C HIS C 1056 48.42 15.06 7.64
N GLY C 1057 49.67 15.46 7.56
CA GLY C 1057 50.62 14.79 6.67
C GLY C 1057 52.03 15.17 6.98
N VAL C 1058 52.96 14.75 6.15
CA VAL C 1058 54.40 15.03 6.40
C VAL C 1058 55.00 15.70 5.15
N VAL C 1059 56.03 16.50 5.33
CA VAL C 1059 56.73 17.13 4.17
C VAL C 1059 58.16 16.62 4.28
N PHE C 1060 58.74 16.10 3.21
CA PHE C 1060 60.15 15.70 3.33
C PHE C 1060 61.01 16.59 2.45
N LEU C 1061 62.05 17.16 3.01
CA LEU C 1061 62.93 18.06 2.27
C LEU C 1061 64.06 17.16 1.81
N HIS C 1062 64.07 16.80 0.54
CA HIS C 1062 65.03 15.81 0.06
C HIS C 1062 66.24 16.52 -0.49
N VAL C 1063 67.40 16.36 0.15
CA VAL C 1063 68.70 16.93 -0.31
C VAL C 1063 69.33 15.93 -1.30
N THR C 1064 69.64 16.35 -2.53
CA THR C 1064 70.10 15.43 -3.59
C THR C 1064 71.29 16.02 -4.32
N TYR C 1065 72.15 15.18 -4.92
CA TYR C 1065 73.28 15.67 -5.74
C TYR C 1065 72.82 15.60 -7.18
N VAL C 1066 72.64 16.74 -7.85
CA VAL C 1066 72.29 16.75 -9.30
C VAL C 1066 73.54 17.17 -10.06
N PRO C 1067 74.05 16.38 -11.04
CA PRO C 1067 75.31 16.73 -11.72
C PRO C 1067 75.16 17.95 -12.64
N ALA C 1068 76.27 18.59 -12.99
CA ALA C 1068 76.19 19.83 -13.81
C ALA C 1068 77.43 20.01 -14.69
N GLN C 1069 77.37 20.95 -15.64
CA GLN C 1069 78.53 21.27 -16.51
C GLN C 1069 79.07 20.04 -17.23
N GLU C 1070 78.23 19.33 -17.98
CA GLU C 1070 78.67 18.13 -18.72
C GLU C 1070 79.76 18.49 -19.74
N LYS C 1071 80.85 17.74 -19.80
CA LYS C 1071 81.96 17.95 -20.77
C LYS C 1071 82.29 16.62 -21.46
N ASN C 1072 82.34 16.57 -22.80
CA ASN C 1072 82.54 15.32 -23.58
C ASN C 1072 84.01 14.94 -23.68
N PHE C 1073 84.33 13.64 -23.72
CA PHE C 1073 85.74 13.13 -23.82
C PHE C 1073 85.77 11.81 -24.58
N THR C 1074 86.97 11.25 -24.79
CA THR C 1074 87.12 9.96 -25.53
C THR C 1074 87.53 8.87 -24.53
N THR C 1075 87.11 7.62 -24.75
CA THR C 1075 87.36 6.52 -23.80
C THR C 1075 87.65 5.21 -24.50
N ALA C 1076 88.43 4.33 -23.89
CA ALA C 1076 88.64 2.98 -24.44
C ALA C 1076 88.42 2.02 -23.30
N PRO C 1077 87.71 0.88 -23.49
CA PRO C 1077 87.32 0.01 -22.37
C PRO C 1077 88.51 -0.52 -21.59
N ALA C 1078 89.60 -0.72 -22.29
CA ALA C 1078 90.79 -1.23 -21.61
C ALA C 1078 91.99 -0.55 -22.23
N ILE C 1079 93.11 -0.50 -21.52
CA ILE C 1079 94.37 0.05 -22.10
C ILE C 1079 95.39 -1.08 -22.25
N CYS C 1080 96.01 -1.19 -23.41
CA CYS C 1080 96.95 -2.30 -23.65
C CYS C 1080 98.34 -1.90 -23.17
N HIS C 1081 98.79 -2.42 -22.04
CA HIS C 1081 100.19 -2.15 -21.63
C HIS C 1081 100.87 -3.49 -21.40
N ASP C 1082 102.03 -3.71 -22.01
CA ASP C 1082 102.73 -5.02 -21.92
C ASP C 1082 101.82 -6.10 -22.51
N GLY C 1083 100.92 -5.73 -23.44
CA GLY C 1083 100.09 -6.72 -24.14
C GLY C 1083 98.92 -7.24 -23.34
N LYS C 1084 98.61 -6.62 -22.20
CA LYS C 1084 97.53 -7.14 -21.33
C LYS C 1084 96.42 -6.10 -21.22
N ALA C 1085 95.17 -6.51 -21.22
CA ALA C 1085 94.15 -5.47 -21.03
C ALA C 1085 94.31 -4.94 -19.61
N HIS C 1086 94.05 -3.65 -19.38
CA HIS C 1086 94.09 -3.07 -18.02
C HIS C 1086 92.80 -2.30 -17.82
N PHE C 1087 91.71 -2.97 -17.50
CA PHE C 1087 90.42 -2.31 -17.19
C PHE C 1087 90.60 -1.60 -15.86
N PRO C 1088 89.88 -0.51 -15.55
CA PRO C 1088 90.13 0.25 -14.33
C PRO C 1088 89.37 -0.22 -13.09
N ARG C 1089 90.05 -0.37 -11.94
CA ARG C 1089 89.39 -0.93 -10.72
C ARG C 1089 88.25 0.00 -10.33
N GLU C 1090 88.48 1.29 -10.35
CA GLU C 1090 87.42 2.28 -10.07
C GLU C 1090 87.71 3.47 -11.00
N GLY C 1091 86.86 3.69 -12.00
CA GLY C 1091 87.15 4.78 -12.96
C GLY C 1091 86.86 4.45 -14.40
N VAL C 1092 86.62 5.46 -15.23
CA VAL C 1092 86.34 5.29 -16.69
C VAL C 1092 87.58 5.90 -17.33
N PHE C 1093 88.22 5.23 -18.28
CA PHE C 1093 89.39 5.93 -18.86
C PHE C 1093 88.84 7.08 -19.70
N VAL C 1094 89.43 8.28 -19.61
CA VAL C 1094 89.01 9.42 -20.47
C VAL C 1094 90.26 10.09 -21.02
N SER C 1095 90.16 10.87 -22.10
CA SER C 1095 91.35 11.49 -22.74
C SER C 1095 91.18 12.99 -22.89
N ASN C 1096 92.19 13.80 -22.57
CA ASN C 1096 92.05 15.26 -22.87
C ASN C 1096 92.60 15.46 -24.29
N GLY C 1097 92.05 14.77 -25.27
CA GLY C 1097 92.62 14.80 -26.63
C GLY C 1097 93.90 14.02 -26.69
N THR C 1098 94.91 14.35 -25.89
CA THR C 1098 96.26 13.70 -26.01
C THR C 1098 96.65 12.84 -24.82
N HIS C 1099 96.07 13.08 -23.64
CA HIS C 1099 96.53 12.32 -22.44
C HIS C 1099 95.39 11.51 -21.85
N TRP C 1100 95.67 10.29 -21.38
CA TRP C 1100 94.60 9.38 -20.87
C TRP C 1100 94.53 9.41 -19.34
N PHE C 1101 93.32 9.59 -18.79
CA PHE C 1101 93.13 9.69 -17.32
C PHE C 1101 91.98 8.81 -16.81
N VAL C 1102 92.15 8.10 -15.68
CA VAL C 1102 91.04 7.33 -15.02
C VAL C 1102 90.21 8.35 -14.24
N THR C 1103 88.90 8.35 -14.36
CA THR C 1103 88.20 9.40 -13.59
C THR C 1103 87.07 8.86 -12.73
N GLN C 1104 86.79 9.53 -11.61
CA GLN C 1104 85.64 9.14 -10.78
C GLN C 1104 84.46 9.25 -11.74
N ARG C 1105 83.53 8.32 -11.73
CA ARG C 1105 82.52 8.35 -12.79
C ARG C 1105 81.55 9.53 -12.79
N ASN C 1106 81.03 10.01 -11.65
CA ASN C 1106 79.95 11.05 -11.64
C ASN C 1106 80.44 12.47 -11.35
N PHE C 1107 81.73 12.72 -11.32
CA PHE C 1107 82.29 14.07 -11.14
C PHE C 1107 83.60 14.02 -11.91
N TYR C 1108 84.02 15.11 -12.53
CA TYR C 1108 85.22 14.93 -13.36
C TYR C 1108 86.50 15.14 -12.56
N GLU C 1109 87.22 14.07 -12.26
CA GLU C 1109 88.55 14.26 -11.63
C GLU C 1109 89.57 13.48 -12.44
N PRO C 1110 90.55 14.15 -13.08
CA PRO C 1110 91.49 13.47 -13.93
C PRO C 1110 92.67 12.88 -13.15
N GLN C 1111 92.85 11.56 -13.25
CA GLN C 1111 93.92 10.90 -12.46
C GLN C 1111 94.80 10.06 -13.38
N ILE C 1112 96.11 10.03 -13.13
CA ILE C 1112 97.07 9.31 -14.01
C ILE C 1112 96.87 7.82 -13.80
N ILE C 1113 97.31 6.99 -14.77
CA ILE C 1113 97.01 5.54 -14.69
C ILE C 1113 98.24 4.74 -14.24
N THR C 1114 98.13 4.03 -13.12
CA THR C 1114 99.22 3.17 -12.58
C THR C 1114 98.54 1.87 -12.16
N THR C 1115 99.27 0.94 -11.53
CA THR C 1115 98.70 -0.39 -11.19
C THR C 1115 97.49 -0.27 -10.24
N ASP C 1116 97.48 0.64 -9.27
CA ASP C 1116 96.41 0.75 -8.24
C ASP C 1116 95.02 1.01 -8.79
N ASN C 1117 94.89 1.86 -9.80
CA ASN C 1117 93.54 2.21 -10.31
C ASN C 1117 93.13 1.26 -11.44
N THR C 1118 94.00 0.30 -11.82
CA THR C 1118 93.71 -0.59 -12.99
C THR C 1118 93.76 -2.08 -12.63
N PHE C 1119 92.78 -2.87 -13.12
CA PHE C 1119 92.80 -4.35 -12.92
C PHE C 1119 93.15 -5.04 -14.26
N VAL C 1120 94.17 -5.91 -14.26
CA VAL C 1120 94.66 -6.57 -15.49
C VAL C 1120 93.89 -7.86 -15.74
N SER C 1121 93.25 -7.99 -16.90
CA SER C 1121 92.42 -9.21 -17.10
C SER C 1121 92.35 -9.64 -18.56
N GLY C 1122 93.42 -10.22 -19.10
CA GLY C 1122 93.28 -10.73 -20.48
C GLY C 1122 94.49 -10.43 -21.32
N ASN C 1123 94.31 -10.39 -22.64
CA ASN C 1123 95.41 -10.03 -23.57
C ASN C 1123 94.86 -8.95 -24.49
N CYS C 1124 95.72 -8.20 -25.18
CA CYS C 1124 95.28 -7.06 -26.02
C CYS C 1124 94.33 -7.51 -27.14
N ASP C 1125 94.55 -8.68 -27.76
CA ASP C 1125 93.77 -9.10 -28.95
C ASP C 1125 92.26 -9.25 -28.71
N VAL C 1126 91.86 -9.87 -27.61
CA VAL C 1126 90.42 -10.18 -27.38
C VAL C 1126 89.56 -8.91 -27.24
N VAL C 1127 90.02 -7.89 -26.51
CA VAL C 1127 89.12 -6.72 -26.24
C VAL C 1127 88.88 -5.87 -27.49
N ILE C 1128 87.63 -5.46 -27.73
CA ILE C 1128 87.31 -4.59 -28.90
C ILE C 1128 87.27 -3.13 -28.44
N GLY C 1129 88.24 -2.30 -28.86
CA GLY C 1129 88.31 -0.92 -28.35
C GLY C 1129 89.46 -0.67 -27.40
N ILE C 1130 90.31 -1.66 -27.16
CA ILE C 1130 91.51 -1.41 -26.31
C ILE C 1130 92.41 -0.33 -26.96
N VAL C 1131 92.93 0.63 -26.18
CA VAL C 1131 93.86 1.64 -26.73
C VAL C 1131 95.27 1.41 -26.19
N ASN C 1132 96.27 1.46 -27.06
CA ASN C 1132 97.67 1.31 -26.58
C ASN C 1132 97.97 2.51 -25.67
N ASN C 1133 98.52 2.28 -24.49
CA ASN C 1133 98.69 3.39 -23.51
C ASN C 1133 99.77 2.98 -22.52
N THR C 1134 100.21 3.90 -21.65
CA THR C 1134 101.32 3.56 -20.75
C THR C 1134 100.83 3.60 -19.30
N VAL C 1135 101.28 2.66 -18.47
CA VAL C 1135 100.92 2.64 -17.02
C VAL C 1135 102.22 2.61 -16.22
N TYR C 1136 102.40 3.56 -15.30
CA TYR C 1136 103.64 3.64 -14.50
C TYR C 1136 103.68 2.55 -13.42
N ASP C 1137 104.87 2.09 -13.06
CA ASP C 1137 105.02 1.05 -12.00
C ASP C 1137 105.52 1.75 -10.73
N PRO C 1138 104.72 1.95 -9.65
CA PRO C 1138 105.28 2.54 -8.45
C PRO C 1138 106.37 1.72 -7.73
N LEU C 1139 107.29 1.07 -8.45
CA LEU C 1139 108.39 0.37 -7.81
C LEU C 1139 109.74 0.74 -8.40
N VAL D 2 -58.80 5.54 -44.70
CA VAL D 2 -59.27 4.93 -43.42
C VAL D 2 -60.79 5.11 -43.33
N GLN D 3 -61.35 5.98 -44.18
CA GLN D 3 -62.82 6.19 -44.19
C GLN D 3 -63.50 4.89 -44.63
N LEU D 4 -64.60 4.52 -43.98
CA LEU D 4 -65.32 3.27 -44.34
C LEU D 4 -66.74 3.64 -44.77
N VAL D 5 -67.16 3.14 -45.94
CA VAL D 5 -68.56 3.40 -46.41
C VAL D 5 -69.29 2.07 -46.59
N GLU D 6 -70.50 1.96 -46.03
CA GLU D 6 -71.29 0.71 -46.16
C GLU D 6 -72.61 1.04 -46.85
N SER D 7 -73.12 0.13 -47.69
CA SER D 7 -74.35 0.39 -48.46
C SER D 7 -74.99 -0.93 -48.89
N GLY D 8 -76.10 -0.87 -49.61
CA GLY D 8 -76.78 -2.10 -50.09
C GLY D 8 -77.84 -2.57 -49.12
N GLY D 9 -78.10 -1.79 -48.06
CA GLY D 9 -79.18 -2.15 -47.12
C GLY D 9 -80.43 -1.36 -47.42
N GLY D 10 -81.58 -2.03 -47.53
CA GLY D 10 -82.82 -1.32 -47.92
C GLY D 10 -84.06 -2.05 -47.42
N LEU D 11 -85.22 -1.40 -47.51
CA LEU D 11 -86.49 -2.07 -47.13
C LEU D 11 -86.66 -3.30 -48.03
N ILE D 12 -87.00 -4.45 -47.45
CA ILE D 12 -87.04 -5.71 -48.28
C ILE D 12 -88.14 -6.64 -47.77
N GLN D 13 -88.72 -7.45 -48.67
CA GLN D 13 -89.77 -8.44 -48.27
C GLN D 13 -89.12 -9.58 -47.47
N PRO D 14 -89.84 -10.24 -46.54
CA PRO D 14 -89.24 -11.28 -45.68
C PRO D 14 -88.70 -12.52 -46.41
N GLY D 15 -87.69 -13.17 -45.83
CA GLY D 15 -87.06 -14.34 -46.47
C GLY D 15 -86.05 -13.91 -47.51
N GLY D 16 -86.02 -12.61 -47.82
CA GLY D 16 -85.10 -12.08 -48.84
C GLY D 16 -83.66 -12.16 -48.40
N SER D 17 -82.72 -12.28 -49.34
CA SER D 17 -81.27 -12.29 -49.01
C SER D 17 -80.66 -10.99 -49.53
N LEU D 18 -79.86 -10.31 -48.70
CA LEU D 18 -79.35 -8.98 -49.11
C LEU D 18 -77.82 -9.01 -49.18
N ARG D 19 -77.23 -8.13 -50.00
CA ARG D 19 -75.76 -8.01 -50.06
C ARG D 19 -75.38 -6.69 -49.40
N LEU D 20 -74.49 -6.72 -48.42
CA LEU D 20 -74.03 -5.46 -47.77
C LEU D 20 -72.64 -5.15 -48.30
N SER D 21 -72.47 -4.01 -48.96
CA SER D 21 -71.16 -3.69 -49.57
C SER D 21 -70.41 -2.71 -48.67
N CYS D 22 -69.23 -3.12 -48.20
CA CYS D 22 -68.44 -2.24 -47.31
C CYS D 22 -67.14 -1.89 -48.05
N ALA D 23 -66.80 -0.61 -48.11
CA ALA D 23 -65.53 -0.23 -48.74
C ALA D 23 -64.48 -0.01 -47.65
N VAL D 24 -63.37 -0.74 -47.73
CA VAL D 24 -62.28 -0.56 -46.74
C VAL D 24 -61.19 0.26 -47.42
N SER D 25 -60.87 1.44 -46.88
CA SER D 25 -59.90 2.33 -47.54
C SER D 25 -58.71 2.57 -46.61
N GLY D 26 -57.48 2.46 -47.13
CA GLY D 26 -56.29 2.80 -46.33
C GLY D 26 -55.85 1.69 -45.39
N PHE D 27 -56.57 0.57 -45.35
CA PHE D 27 -56.12 -0.58 -44.51
C PHE D 27 -56.65 -1.89 -45.07
N THR D 28 -56.03 -3.02 -44.68
CA THR D 28 -56.43 -4.35 -45.18
C THR D 28 -57.71 -4.81 -44.48
N VAL D 29 -58.35 -5.85 -45.01
CA VAL D 29 -59.57 -6.43 -44.37
C VAL D 29 -59.10 -7.61 -43.53
N SER D 30 -57.81 -7.61 -43.13
CA SER D 30 -57.22 -8.76 -42.39
C SER D 30 -57.98 -9.03 -41.09
N ARG D 31 -58.30 -8.01 -40.31
CA ARG D 31 -59.14 -8.25 -39.11
C ARG D 31 -60.36 -7.36 -39.22
N MET D 32 -61.55 -7.95 -39.19
CA MET D 32 -62.80 -7.15 -39.35
C MET D 32 -63.93 -7.88 -38.65
N SER D 33 -65.05 -7.20 -38.42
CA SER D 33 -66.21 -7.82 -37.73
C SER D 33 -67.49 -7.12 -38.20
N TRP D 34 -68.65 -7.72 -37.91
CA TRP D 34 -69.93 -7.03 -38.22
C TRP D 34 -70.64 -6.70 -36.92
N VAL D 35 -71.04 -5.45 -36.74
CA VAL D 35 -71.70 -5.02 -35.46
C VAL D 35 -73.03 -4.35 -35.79
N ARG D 36 -74.10 -4.68 -35.05
CA ARG D 36 -75.40 -4.10 -35.43
C ARG D 36 -76.07 -3.44 -34.21
N GLN D 37 -76.70 -2.29 -34.40
CA GLN D 37 -77.46 -1.67 -33.27
C GLN D 37 -78.94 -1.72 -33.67
N ALA D 38 -79.76 -2.41 -32.88
CA ALA D 38 -81.20 -2.37 -33.21
C ALA D 38 -81.68 -0.94 -32.93
N PRO D 39 -82.48 -0.32 -33.82
CA PRO D 39 -82.90 1.06 -33.61
C PRO D 39 -83.67 1.14 -32.29
N GLY D 40 -83.39 2.15 -31.47
CA GLY D 40 -84.04 2.27 -30.15
C GLY D 40 -83.78 1.06 -29.28
N LYS D 41 -82.56 0.49 -29.37
CA LYS D 41 -82.22 -0.72 -28.58
C LYS D 41 -80.70 -0.84 -28.42
N GLY D 42 -80.26 -1.69 -27.49
CA GLY D 42 -78.82 -1.93 -27.29
C GLY D 42 -78.18 -2.65 -28.45
N LEU D 43 -76.90 -2.42 -28.71
CA LEU D 43 -76.21 -3.02 -29.88
C LEU D 43 -76.04 -4.53 -29.68
N GLU D 44 -75.92 -5.30 -30.78
CA GLU D 44 -75.69 -6.78 -30.70
C GLU D 44 -74.69 -7.19 -31.78
N CYS D 45 -73.55 -7.79 -31.39
CA CYS D 45 -72.53 -8.27 -32.37
C CYS D 45 -73.12 -9.42 -33.21
N VAL D 46 -72.82 -9.48 -34.51
CA VAL D 46 -73.43 -10.53 -35.38
C VAL D 46 -72.39 -11.41 -36.07
N SER D 47 -71.19 -10.91 -36.39
CA SER D 47 -70.23 -11.74 -37.16
C SER D 47 -68.78 -11.27 -36.98
N VAL D 48 -67.81 -12.10 -37.33
CA VAL D 48 -66.39 -11.68 -37.26
C VAL D 48 -65.58 -12.40 -38.33
N ILE D 49 -64.47 -11.80 -38.81
CA ILE D 49 -63.58 -12.44 -39.81
C ILE D 49 -62.15 -12.32 -39.28
N TYR D 50 -61.22 -13.15 -39.75
CA TYR D 50 -59.86 -13.15 -39.16
C TYR D 50 -58.79 -13.20 -40.24
N THR D 51 -57.53 -13.00 -39.83
CA THR D 51 -56.39 -13.08 -40.77
C THR D 51 -56.35 -14.49 -41.36
N GLY D 52 -56.63 -15.50 -40.54
CA GLY D 52 -56.72 -16.89 -41.04
C GLY D 52 -57.87 -17.04 -42.02
N GLY D 53 -58.88 -16.16 -41.92
CA GLY D 53 -60.07 -16.26 -42.78
C GLY D 53 -61.17 -17.06 -42.10
N ASN D 54 -60.94 -17.43 -40.83
CA ASN D 54 -61.97 -18.17 -40.07
C ASN D 54 -63.20 -17.26 -39.92
N THR D 55 -64.40 -17.83 -40.02
CA THR D 55 -65.62 -17.02 -39.82
C THR D 55 -66.36 -17.54 -38.59
N ASP D 56 -66.68 -16.68 -37.63
CA ASP D 56 -67.52 -17.12 -36.49
C ASP D 56 -68.84 -16.34 -36.58
N TYR D 57 -69.96 -17.05 -36.69
CA TYR D 57 -71.27 -16.37 -36.82
C TYR D 57 -71.86 -16.12 -35.42
N ALA D 58 -72.91 -15.29 -35.35
CA ALA D 58 -73.48 -14.94 -34.03
C ALA D 58 -73.99 -16.20 -33.37
N ASP D 59 -73.85 -16.31 -32.05
CA ASP D 59 -74.45 -17.48 -31.36
C ASP D 59 -75.96 -17.44 -31.56
N SER D 60 -76.58 -16.26 -31.45
CA SER D 60 -78.06 -16.16 -31.54
C SER D 60 -78.56 -16.56 -32.92
N VAL D 61 -77.90 -16.09 -33.98
CA VAL D 61 -78.32 -16.41 -35.37
C VAL D 61 -77.14 -17.11 -36.06
N LYS D 62 -77.35 -18.36 -36.50
CA LYS D 62 -76.19 -19.11 -37.06
C LYS D 62 -76.43 -19.48 -38.53
N GLY D 63 -75.57 -19.03 -39.44
CA GLY D 63 -75.64 -19.44 -40.86
C GLY D 63 -76.59 -18.60 -41.66
N ARG D 64 -77.43 -17.79 -41.01
CA ARG D 64 -78.32 -16.87 -41.77
C ARG D 64 -77.42 -15.83 -42.44
N PHE D 65 -76.39 -15.36 -41.72
CA PHE D 65 -75.48 -14.34 -42.29
C PHE D 65 -74.17 -15.01 -42.70
N THR D 66 -73.77 -14.85 -43.96
CA THR D 66 -72.46 -15.41 -44.37
C THR D 66 -71.52 -14.24 -44.68
N ILE D 67 -70.43 -14.13 -43.92
CA ILE D 67 -69.52 -12.97 -44.12
C ILE D 67 -68.68 -13.24 -45.38
N SER D 68 -68.51 -12.23 -46.23
CA SER D 68 -67.63 -12.41 -47.40
C SER D 68 -66.47 -11.43 -47.27
N ARG D 69 -65.24 -11.94 -47.21
CA ARG D 69 -64.06 -11.04 -47.13
C ARG D 69 -63.46 -10.90 -48.52
N ASP D 70 -63.74 -9.79 -49.19
CA ASP D 70 -63.09 -9.56 -50.51
C ASP D 70 -61.75 -8.90 -50.23
N ASN D 71 -60.77 -9.66 -49.74
CA ASN D 71 -59.44 -9.11 -49.40
C ASN D 71 -58.77 -8.56 -50.66
N SER D 72 -58.95 -9.25 -51.80
CA SER D 72 -58.36 -8.78 -53.07
C SER D 72 -58.94 -7.42 -53.43
N LYS D 73 -60.25 -7.22 -53.20
CA LYS D 73 -60.89 -5.94 -53.59
C LYS D 73 -60.89 -4.98 -52.40
N ASN D 74 -60.28 -5.38 -51.28
CA ASN D 74 -60.24 -4.54 -50.05
C ASN D 74 -61.68 -4.16 -49.67
N THR D 75 -62.62 -5.11 -49.76
CA THR D 75 -64.05 -4.82 -49.48
C THR D 75 -64.63 -5.95 -48.63
N LEU D 76 -65.78 -5.72 -48.00
CA LEU D 76 -66.44 -6.75 -47.16
C LEU D 76 -67.91 -6.86 -47.58
N TYR D 77 -68.46 -8.09 -47.55
CA TYR D 77 -69.88 -8.29 -47.94
C TYR D 77 -70.58 -9.14 -46.87
N LEU D 78 -71.86 -8.89 -46.63
CA LEU D 78 -72.61 -9.74 -45.66
C LEU D 78 -73.84 -10.35 -46.35
N GLN D 79 -73.96 -11.68 -46.30
CA GLN D 79 -75.16 -12.35 -46.87
C GLN D 79 -76.30 -12.30 -45.85
N MET D 80 -77.54 -12.45 -46.31
CA MET D 80 -78.71 -12.44 -45.39
C MET D 80 -79.56 -13.68 -45.66
N ASN D 81 -80.11 -14.33 -44.62
CA ASN D 81 -81.04 -15.48 -44.82
C ASN D 81 -82.11 -15.43 -43.74
N SER D 82 -83.28 -16.03 -43.97
CA SER D 82 -84.32 -16.11 -42.91
C SER D 82 -84.57 -14.73 -42.30
N LEU D 83 -85.00 -13.75 -43.10
CA LEU D 83 -85.17 -12.37 -42.60
C LEU D 83 -86.14 -12.34 -41.42
N ARG D 84 -85.81 -11.56 -40.38
CA ARG D 84 -86.66 -11.48 -39.15
C ARG D 84 -86.69 -10.02 -38.66
N ALA D 85 -87.59 -9.71 -37.72
CA ALA D 85 -87.62 -8.35 -37.13
C ALA D 85 -86.28 -8.08 -36.44
N GLU D 86 -85.69 -9.11 -35.83
CA GLU D 86 -84.39 -8.97 -35.11
C GLU D 86 -83.31 -8.52 -36.09
N ASP D 87 -83.34 -9.02 -37.33
CA ASP D 87 -82.27 -8.71 -38.31
C ASP D 87 -82.18 -7.21 -38.55
N THR D 88 -83.32 -6.51 -38.59
CA THR D 88 -83.30 -5.05 -38.92
C THR D 88 -82.40 -4.31 -37.93
N ALA D 89 -81.49 -3.47 -38.42
CA ALA D 89 -80.52 -2.78 -37.53
C ALA D 89 -79.56 -1.89 -38.33
N LEU D 90 -78.56 -1.31 -37.65
CA LEU D 90 -77.53 -0.49 -38.34
C LEU D 90 -76.23 -1.33 -38.34
N TYR D 91 -75.63 -1.55 -39.51
CA TYR D 91 -74.45 -2.45 -39.55
C TYR D 91 -73.20 -1.61 -39.76
N TYR D 92 -72.21 -1.78 -38.89
CA TYR D 92 -70.98 -0.94 -38.98
C TYR D 92 -69.77 -1.84 -39.18
N CYS D 93 -68.94 -1.52 -40.19
CA CYS D 93 -67.69 -2.29 -40.39
C CYS D 93 -66.70 -1.85 -39.32
N VAL D 94 -66.08 -2.80 -38.62
CA VAL D 94 -65.19 -2.41 -37.49
C VAL D 94 -63.83 -3.10 -37.60
N ARG D 95 -62.74 -2.33 -37.52
CA ARG D 95 -61.39 -2.93 -37.51
C ARG D 95 -61.23 -3.74 -36.23
N GLY D 96 -61.80 -3.25 -35.13
CA GLY D 96 -61.68 -3.92 -33.82
C GLY D 96 -60.73 -3.17 -32.88
N SER D 97 -60.89 -3.30 -31.56
CA SER D 97 -59.93 -2.67 -30.63
C SER D 97 -58.77 -3.64 -30.39
N GLY D 98 -57.52 -3.26 -30.70
CA GLY D 98 -56.39 -4.21 -30.63
C GLY D 98 -56.69 -5.43 -31.48
N GLY D 99 -57.14 -5.23 -32.73
CA GLY D 99 -57.65 -6.37 -33.51
C GLY D 99 -59.03 -6.56 -32.93
N ILE D 100 -59.69 -7.70 -33.09
CA ILE D 100 -60.97 -7.80 -32.34
C ILE D 100 -60.52 -8.23 -30.95
N HIS D 101 -59.78 -7.38 -30.23
CA HIS D 101 -59.24 -7.77 -28.91
C HIS D 101 -60.38 -7.58 -27.93
N ASP D 102 -61.42 -8.40 -28.08
CA ASP D 102 -62.57 -8.36 -27.16
C ASP D 102 -63.55 -7.23 -27.55
N ALA D 103 -63.30 -6.52 -28.65
CA ALA D 103 -64.19 -5.37 -29.01
C ALA D 103 -63.94 -4.81 -30.42
N PHE D 104 -64.27 -3.54 -30.67
CA PHE D 104 -64.19 -2.92 -32.02
C PHE D 104 -63.56 -1.53 -31.89
N ASP D 105 -63.10 -0.89 -32.97
CA ASP D 105 -62.40 0.44 -32.90
C ASP D 105 -62.90 1.43 -33.96
N ILE D 106 -62.45 1.33 -35.21
CA ILE D 106 -62.90 2.26 -36.22
C ILE D 106 -64.23 1.78 -36.73
N TRP D 107 -65.12 2.70 -37.03
CA TRP D 107 -66.42 2.32 -37.54
C TRP D 107 -66.65 2.94 -38.90
N GLY D 108 -67.64 2.39 -39.60
CA GLY D 108 -68.12 3.00 -40.83
C GLY D 108 -69.18 4.02 -40.49
N GLN D 109 -70.11 4.19 -41.43
CA GLN D 109 -71.22 5.11 -41.21
C GLN D 109 -72.47 4.40 -40.68
N GLY D 110 -72.65 3.13 -40.99
CA GLY D 110 -73.81 2.40 -40.52
C GLY D 110 -74.94 2.37 -41.54
N THR D 111 -75.27 1.18 -42.02
CA THR D 111 -76.31 1.00 -43.01
C THR D 111 -77.59 0.54 -42.34
N MET D 112 -78.70 1.20 -42.69
CA MET D 112 -80.03 0.79 -42.27
C MET D 112 -80.51 -0.41 -43.08
N VAL D 113 -81.07 -1.38 -42.38
CA VAL D 113 -81.79 -2.46 -43.02
C VAL D 113 -83.11 -2.64 -42.27
N THR D 114 -84.20 -2.71 -43.02
CA THR D 114 -85.53 -2.92 -42.47
C THR D 114 -86.27 -3.94 -43.32
N VAL D 115 -87.01 -4.82 -42.66
CA VAL D 115 -87.84 -5.80 -43.34
C VAL D 115 -89.22 -5.21 -43.51
N SER D 116 -89.92 -5.60 -44.57
CA SER D 116 -91.27 -5.09 -44.78
C SER D 116 -92.03 -6.05 -45.68
N SER D 117 -93.11 -6.61 -45.15
CA SER D 117 -93.97 -7.50 -45.92
C SER D 117 -95.04 -6.71 -46.67
N ASP E 1 -72.86 -15.61 -23.98
CA ASP E 1 -74.09 -14.82 -23.79
C ASP E 1 -74.23 -14.43 -22.32
N ILE E 2 -73.16 -13.90 -21.73
CA ILE E 2 -73.29 -13.43 -20.32
C ILE E 2 -74.31 -12.29 -20.33
N GLN E 3 -75.21 -12.27 -19.35
CA GLN E 3 -76.27 -11.25 -19.35
C GLN E 3 -75.73 -10.02 -18.61
N MET E 4 -75.09 -9.11 -19.35
CA MET E 4 -74.47 -7.93 -18.69
C MET E 4 -75.58 -7.07 -18.08
N THR E 5 -75.34 -6.56 -16.87
CA THR E 5 -76.34 -5.70 -16.21
C THR E 5 -75.69 -4.35 -15.89
N GLN E 6 -76.36 -3.24 -16.22
CA GLN E 6 -75.73 -1.90 -16.05
C GLN E 6 -76.66 -0.99 -15.23
N SER E 7 -76.09 -0.15 -14.37
CA SER E 7 -76.87 0.77 -13.50
C SER E 7 -76.23 2.16 -13.51
N PRO E 8 -76.95 3.26 -13.19
CA PRO E 8 -78.41 3.31 -13.23
C PRO E 8 -78.96 3.47 -14.65
N SER E 9 -80.26 3.23 -14.83
CA SER E 9 -80.89 3.34 -16.18
C SER E 9 -80.75 4.77 -16.72
N SER E 10 -80.92 5.77 -15.86
CA SER E 10 -80.79 7.19 -16.29
C SER E 10 -79.86 7.95 -15.34
N VAL E 11 -79.07 8.88 -15.87
CA VAL E 11 -78.18 9.72 -14.99
C VAL E 11 -78.31 11.19 -15.39
N SER E 12 -78.29 12.12 -14.43
CA SER E 12 -78.29 13.57 -14.80
C SER E 12 -77.23 14.32 -13.98
N ALA E 13 -76.28 14.98 -14.65
CA ALA E 13 -75.19 15.70 -13.94
C ALA E 13 -74.84 16.98 -14.71
N SER E 14 -74.22 17.95 -14.03
CA SER E 14 -73.94 19.26 -14.68
C SER E 14 -72.44 19.45 -14.98
N VAL E 15 -71.74 20.29 -14.22
CA VAL E 15 -70.30 20.56 -14.57
C VAL E 15 -69.41 20.38 -13.35
N GLY E 16 -68.11 20.16 -13.57
CA GLY E 16 -67.14 20.05 -12.46
C GLY E 16 -67.54 18.97 -11.45
N ASP E 17 -67.96 17.80 -11.94
CA ASP E 17 -68.42 16.71 -11.02
C ASP E 17 -67.96 15.35 -11.55
N ARG E 18 -68.16 14.28 -10.76
CA ARG E 18 -67.84 12.91 -11.25
C ARG E 18 -69.13 12.13 -11.41
N VAL E 19 -69.35 11.51 -12.57
CA VAL E 19 -70.65 10.82 -12.86
C VAL E 19 -70.44 9.30 -12.77
N THR E 20 -71.08 8.63 -11.80
CA THR E 20 -70.83 7.18 -11.58
C THR E 20 -71.91 6.33 -12.25
N ILE E 21 -71.51 5.31 -13.03
CA ILE E 21 -72.51 4.41 -13.66
C ILE E 21 -71.87 3.03 -13.60
N THR E 22 -72.51 2.07 -12.95
CA THR E 22 -71.83 0.76 -12.72
C THR E 22 -72.41 -0.38 -13.54
N CYS E 23 -71.55 -1.18 -14.18
CA CYS E 23 -72.04 -2.38 -14.89
C CYS E 23 -71.57 -3.61 -14.11
N ARG E 24 -72.34 -4.71 -14.15
CA ARG E 24 -71.98 -5.92 -13.38
C ARG E 24 -71.97 -7.14 -14.32
N ALA E 25 -71.13 -8.14 -14.02
CA ALA E 25 -70.97 -9.29 -14.95
C ALA E 25 -71.54 -10.57 -14.35
N SER E 26 -72.27 -11.34 -15.17
CA SER E 26 -72.83 -12.64 -14.70
C SER E 26 -71.66 -13.55 -14.31
N GLN E 27 -70.61 -13.57 -15.13
CA GLN E 27 -69.39 -14.33 -14.76
C GLN E 27 -68.27 -13.30 -14.64
N GLY E 28 -67.52 -13.31 -13.55
CA GLY E 28 -66.52 -12.25 -13.39
C GLY E 28 -65.36 -12.44 -14.33
N ILE E 29 -65.07 -11.44 -15.17
CA ILE E 29 -63.87 -11.51 -16.04
C ILE E 29 -62.71 -11.01 -15.17
N SER E 30 -61.57 -11.70 -15.18
CA SER E 30 -60.49 -11.34 -14.23
C SER E 30 -59.97 -9.91 -14.45
N THR E 31 -59.69 -9.53 -15.70
CA THR E 31 -59.08 -8.19 -15.91
C THR E 31 -59.57 -7.56 -17.22
N TRP E 32 -60.70 -8.01 -17.78
CA TRP E 32 -61.09 -7.51 -19.13
C TRP E 32 -62.53 -6.97 -19.18
N LEU E 33 -62.72 -5.71 -19.61
CA LEU E 33 -64.09 -5.16 -19.82
C LEU E 33 -64.00 -3.94 -20.72
N ALA E 34 -65.05 -3.62 -21.48
CA ALA E 34 -64.94 -2.49 -22.45
C ALA E 34 -66.05 -1.47 -22.25
N TRP E 35 -65.74 -0.18 -22.44
CA TRP E 35 -66.78 0.89 -22.34
C TRP E 35 -66.83 1.65 -23.66
N TYR E 36 -68.00 2.19 -24.03
CA TYR E 36 -68.14 2.87 -25.34
C TYR E 36 -68.88 4.19 -25.17
N GLN E 37 -68.69 5.14 -26.10
CA GLN E 37 -69.45 6.42 -26.05
C GLN E 37 -70.31 6.55 -27.30
N GLN E 38 -71.60 6.81 -27.14
CA GLN E 38 -72.49 7.00 -28.30
C GLN E 38 -73.28 8.31 -28.13
N LYS E 39 -73.15 9.22 -29.08
CA LYS E 39 -73.87 10.52 -29.03
C LYS E 39 -75.04 10.43 -30.00
N PRO E 40 -76.13 11.22 -29.84
CA PRO E 40 -77.21 11.19 -30.82
C PRO E 40 -76.66 11.57 -32.19
N GLY E 41 -77.03 10.81 -33.22
CA GLY E 41 -76.53 11.07 -34.59
C GLY E 41 -75.02 11.03 -34.66
N LYS E 42 -74.39 10.12 -33.90
CA LYS E 42 -72.91 10.03 -33.87
C LYS E 42 -72.47 8.57 -33.94
N ALA E 43 -71.16 8.32 -34.07
CA ALA E 43 -70.64 6.93 -34.15
C ALA E 43 -70.02 6.54 -32.81
N PRO E 44 -70.26 5.32 -32.30
CA PRO E 44 -69.64 4.88 -31.06
C PRO E 44 -68.11 4.83 -31.18
N LYS E 45 -67.40 5.21 -30.12
CA LYS E 45 -65.92 5.21 -30.12
C LYS E 45 -65.42 4.46 -28.88
N VAL E 46 -64.26 3.80 -28.96
CA VAL E 46 -63.76 2.97 -27.83
C VAL E 46 -63.47 3.85 -26.62
N LEU E 47 -63.90 3.44 -25.42
CA LEU E 47 -63.53 4.20 -24.20
C LEU E 47 -62.61 3.34 -23.34
N ILE E 48 -62.93 2.05 -23.18
CA ILE E 48 -62.01 1.12 -22.44
C ILE E 48 -61.63 -0.05 -23.35
N ASN E 49 -60.34 -0.35 -23.50
CA ASN E 49 -59.88 -1.38 -24.48
C ASN E 49 -59.95 -2.77 -23.86
N ALA E 50 -61.16 -3.21 -23.52
CA ALA E 50 -61.32 -4.53 -22.88
C ALA E 50 -60.44 -4.52 -21.63
N ALA E 51 -60.27 -3.35 -21.01
CA ALA E 51 -59.50 -3.23 -19.75
C ALA E 51 -58.07 -3.78 -19.87
N SER E 52 -57.45 -3.69 -21.04
CA SER E 52 -56.02 -4.07 -21.12
C SER E 52 -55.31 -3.05 -20.24
N GLY E 53 -55.75 -1.80 -20.31
CA GLY E 53 -55.20 -0.70 -19.49
C GLY E 53 -56.21 0.43 -19.56
N LEU E 54 -55.96 1.57 -18.94
CA LEU E 54 -56.91 2.70 -19.13
C LEU E 54 -56.90 2.97 -20.65
N GLN E 55 -58.06 3.26 -21.26
CA GLN E 55 -58.07 3.36 -22.74
C GLN E 55 -58.40 4.77 -23.26
N SER E 56 -58.03 5.05 -24.51
CA SER E 56 -58.24 6.38 -25.14
C SER E 56 -59.67 6.53 -25.65
N GLY E 57 -59.92 7.53 -26.50
CA GLY E 57 -61.29 7.85 -26.94
C GLY E 57 -61.82 8.93 -26.00
N VAL E 58 -61.03 9.25 -24.97
CA VAL E 58 -61.40 10.32 -23.98
C VAL E 58 -60.08 10.83 -23.40
N PRO E 59 -60.03 12.02 -22.76
CA PRO E 59 -58.81 12.48 -22.09
C PRO E 59 -58.54 11.56 -20.89
N SER E 60 -57.32 11.58 -20.36
CA SER E 60 -56.95 10.64 -19.27
C SER E 60 -57.90 10.80 -18.09
N ARG E 61 -58.44 12.01 -17.89
CA ARG E 61 -59.32 12.28 -16.72
C ARG E 61 -60.55 11.35 -16.75
N PHE E 62 -61.09 11.06 -17.93
CA PHE E 62 -62.33 10.24 -18.01
C PHE E 62 -62.00 8.75 -17.95
N SER E 63 -61.66 8.24 -16.76
CA SER E 63 -61.39 6.79 -16.62
C SER E 63 -62.16 6.21 -15.42
N GLY E 64 -62.96 5.16 -15.64
CA GLY E 64 -63.62 4.47 -14.52
C GLY E 64 -63.30 3.00 -14.58
N SER E 65 -62.80 2.39 -13.50
CA SER E 65 -62.36 0.97 -13.60
C SER E 65 -63.02 0.09 -12.54
N GLY E 66 -63.49 -1.09 -12.94
CA GLY E 66 -64.08 -2.05 -11.99
C GLY E 66 -63.49 -3.43 -12.22
N SER E 67 -63.60 -4.34 -11.24
CA SER E 67 -63.10 -5.71 -11.49
C SER E 67 -64.09 -6.77 -11.01
N GLY E 68 -64.05 -7.97 -11.59
CA GLY E 68 -64.94 -9.06 -11.19
C GLY E 68 -66.40 -8.69 -11.34
N THR E 69 -67.22 -8.99 -10.34
CA THR E 69 -68.69 -8.74 -10.45
C THR E 69 -68.96 -7.23 -10.56
N ASP E 70 -68.26 -6.38 -9.79
CA ASP E 70 -68.60 -4.93 -9.78
C ASP E 70 -67.68 -4.16 -10.72
N PHE E 71 -68.24 -3.56 -11.79
CA PHE E 71 -67.43 -2.72 -12.70
C PHE E 71 -68.06 -1.32 -12.73
N THR E 72 -67.27 -0.26 -12.74
CA THR E 72 -67.93 1.07 -12.67
C THR E 72 -67.24 2.09 -13.57
N LEU E 73 -67.99 3.11 -14.00
CA LEU E 73 -67.40 4.17 -14.84
C LEU E 73 -67.68 5.53 -14.21
N THR E 74 -66.63 6.35 -14.06
CA THR E 74 -66.84 7.73 -13.54
C THR E 74 -65.88 8.66 -14.29
N ILE E 75 -66.28 9.92 -14.49
CA ILE E 75 -65.44 10.88 -15.26
C ILE E 75 -65.00 11.99 -14.31
N SER E 76 -63.72 12.40 -14.38
CA SER E 76 -63.19 13.40 -13.42
C SER E 76 -63.89 14.77 -13.54
N SER E 77 -63.40 15.78 -12.80
CA SER E 77 -64.05 17.11 -12.76
C SER E 77 -63.93 17.82 -14.12
N LEU E 78 -63.10 17.32 -15.02
CA LEU E 78 -62.88 18.03 -16.32
C LEU E 78 -64.25 18.23 -16.98
N GLN E 79 -64.44 19.36 -17.67
CA GLN E 79 -65.79 19.68 -18.20
C GLN E 79 -66.30 18.50 -19.01
N PRO E 80 -67.53 18.02 -18.76
CA PRO E 80 -68.07 16.86 -19.45
C PRO E 80 -68.40 17.11 -20.92
N GLU E 81 -68.24 16.09 -21.77
CA GLU E 81 -68.67 16.21 -23.18
C GLU E 81 -70.19 16.16 -23.14
N ASP E 82 -70.88 16.49 -24.23
CA ASP E 82 -72.36 16.52 -24.11
C ASP E 82 -72.74 15.16 -23.51
N PHE E 83 -73.57 15.16 -22.47
CA PHE E 83 -73.83 13.88 -21.77
C PHE E 83 -74.28 12.86 -22.80
N ALA E 84 -73.67 11.68 -22.79
CA ALA E 84 -73.97 10.69 -23.86
C ALA E 84 -74.28 9.32 -23.27
N THR E 85 -75.17 8.58 -23.93
CA THR E 85 -75.48 7.20 -23.49
C THR E 85 -74.20 6.38 -23.56
N TYR E 86 -73.87 5.63 -22.50
CA TYR E 86 -72.60 4.88 -22.45
C TYR E 86 -72.89 3.38 -22.35
N TYR E 87 -72.18 2.55 -23.12
CA TYR E 87 -72.48 1.09 -23.14
C TYR E 87 -71.26 0.32 -22.66
N CYS E 88 -71.47 -0.95 -22.29
CA CYS E 88 -70.37 -1.77 -21.73
C CYS E 88 -70.22 -3.06 -22.55
N GLN E 89 -69.06 -3.29 -23.17
CA GLN E 89 -68.92 -4.47 -24.07
C GLN E 89 -68.25 -5.62 -23.32
N GLN E 90 -68.82 -6.83 -23.43
CA GLN E 90 -68.23 -8.03 -22.78
C GLN E 90 -66.81 -8.19 -23.30
N ALA E 91 -65.91 -8.82 -22.55
CA ALA E 91 -64.52 -8.84 -23.07
C ALA E 91 -63.89 -10.23 -23.07
N HIS E 92 -64.66 -11.29 -22.91
CA HIS E 92 -63.97 -12.61 -22.82
C HIS E 92 -64.56 -13.70 -23.73
N SER E 93 -65.88 -13.88 -23.72
CA SER E 93 -66.46 -15.03 -24.46
C SER E 93 -67.34 -14.58 -25.63
N PHE E 94 -67.13 -15.17 -26.81
CA PHE E 94 -68.02 -14.84 -27.95
C PHE E 94 -69.42 -15.32 -27.57
N PRO E 95 -70.48 -14.54 -27.83
CA PRO E 95 -70.36 -13.23 -28.48
C PRO E 95 -69.98 -12.09 -27.53
N PRO E 96 -69.05 -11.18 -27.90
CA PRO E 96 -68.77 -10.01 -27.06
C PRO E 96 -70.14 -9.33 -27.07
N THR E 97 -70.62 -8.89 -25.90
CA THR E 97 -72.01 -8.36 -25.88
C THR E 97 -72.03 -6.91 -25.38
N PHE E 98 -73.11 -6.19 -25.68
CA PHE E 98 -73.21 -4.76 -25.29
C PHE E 98 -74.10 -4.62 -24.06
N GLY E 99 -73.67 -3.84 -23.07
CA GLY E 99 -74.49 -3.58 -21.88
C GLY E 99 -75.69 -2.75 -22.22
N PRO E 100 -76.79 -2.77 -21.44
CA PRO E 100 -78.01 -2.06 -21.84
C PRO E 100 -77.71 -0.57 -22.03
N GLY E 101 -76.85 -0.01 -21.17
CA GLY E 101 -76.44 1.39 -21.34
C GLY E 101 -77.20 2.33 -20.42
N THR E 102 -76.60 3.50 -20.14
CA THR E 102 -77.27 4.49 -19.27
C THR E 102 -77.54 5.75 -20.11
N LYS E 103 -78.81 6.19 -20.17
CA LYS E 103 -79.13 7.45 -20.90
C LYS E 103 -78.59 8.63 -20.09
N LEU E 104 -78.06 9.66 -20.75
CA LEU E 104 -77.44 10.79 -20.02
C LEU E 104 -78.02 12.13 -20.49
N GLU E 105 -78.28 13.05 -19.55
CA GLU E 105 -78.74 14.38 -19.93
C GLU E 105 -78.14 15.42 -18.98
N ILE E 106 -78.61 16.66 -19.13
CA ILE E 106 -78.10 17.83 -18.41
C ILE E 106 -79.26 18.56 -17.76
N LYS E 107 -79.03 19.06 -16.55
CA LYS E 107 -80.02 19.89 -15.87
C LYS E 107 -79.33 20.97 -15.05
N GLN F 1 -16.90 15.96 -65.77
CA GLN F 1 -16.96 14.48 -65.72
C GLN F 1 -18.41 14.07 -65.44
N VAL F 2 -18.88 14.31 -64.22
CA VAL F 2 -20.31 14.00 -63.89
C VAL F 2 -21.17 14.89 -64.79
N GLN F 3 -22.19 14.32 -65.43
CA GLN F 3 -23.10 15.16 -66.26
C GLN F 3 -24.42 14.43 -66.43
N LEU F 4 -25.48 15.16 -66.75
CA LEU F 4 -26.76 14.51 -67.05
C LEU F 4 -27.29 15.24 -68.29
N VAL F 5 -26.57 15.13 -69.41
CA VAL F 5 -26.97 15.90 -70.63
C VAL F 5 -28.33 15.41 -71.11
N GLU F 6 -29.11 16.29 -71.72
CA GLU F 6 -30.49 15.92 -72.12
C GLU F 6 -30.67 16.15 -73.62
N SER F 7 -31.71 15.56 -74.20
CA SER F 7 -31.97 15.68 -75.66
C SER F 7 -33.48 15.61 -75.87
N GLY F 8 -33.92 15.62 -77.13
CA GLY F 8 -35.35 15.51 -77.43
C GLY F 8 -36.08 16.82 -77.19
N GLY F 9 -35.37 17.94 -77.24
CA GLY F 9 -36.04 19.25 -77.09
C GLY F 9 -36.55 19.80 -78.41
N GLY F 10 -37.87 19.85 -78.58
CA GLY F 10 -38.46 20.40 -79.82
C GLY F 10 -39.88 20.89 -79.60
N VAL F 11 -40.39 21.73 -80.50
CA VAL F 11 -41.80 22.20 -80.41
C VAL F 11 -42.74 21.02 -80.70
N VAL F 12 -43.80 20.86 -79.89
CA VAL F 12 -44.78 19.76 -80.10
C VAL F 12 -46.19 20.36 -80.09
N GLN F 13 -47.07 19.91 -80.99
CA GLN F 13 -48.48 20.37 -80.99
C GLN F 13 -49.20 19.79 -79.77
N PRO F 14 -50.26 20.43 -79.19
CA PRO F 14 -51.01 19.82 -78.08
C PRO F 14 -51.69 18.50 -78.45
N GLY F 15 -51.70 17.53 -77.53
CA GLY F 15 -52.32 16.22 -77.79
C GLY F 15 -51.37 15.31 -78.54
N ARG F 16 -50.14 15.78 -78.79
CA ARG F 16 -49.12 14.96 -79.50
C ARG F 16 -48.01 14.61 -78.51
N SER F 17 -47.46 13.41 -78.59
CA SER F 17 -46.49 12.97 -77.55
C SER F 17 -45.07 12.92 -78.11
N LEU F 18 -44.09 13.49 -77.40
CA LEU F 18 -42.67 13.36 -77.83
C LEU F 18 -41.91 12.70 -76.68
N ARG F 19 -41.20 11.61 -76.96
CA ARG F 19 -40.36 11.01 -75.90
C ARG F 19 -39.22 11.98 -75.61
N LEU F 20 -38.93 12.22 -74.33
CA LEU F 20 -37.78 13.09 -73.98
C LEU F 20 -36.70 12.16 -73.44
N SER F 21 -35.53 12.16 -74.05
CA SER F 21 -34.49 11.21 -73.62
C SER F 21 -33.51 11.96 -72.73
N CYS F 22 -33.41 11.55 -71.47
CA CYS F 22 -32.42 12.19 -70.57
C CYS F 22 -31.23 11.25 -70.46
N ALA F 23 -30.16 11.53 -71.19
CA ALA F 23 -29.02 10.59 -71.21
C ALA F 23 -28.23 10.77 -69.92
N SER F 24 -27.34 9.82 -69.62
CA SER F 24 -26.49 9.92 -68.42
C SER F 24 -25.04 9.69 -68.78
N SER F 25 -24.13 10.31 -68.05
CA SER F 25 -22.69 10.06 -68.29
C SER F 25 -21.96 10.08 -66.95
N GLY F 26 -20.88 9.31 -66.82
CA GLY F 26 -20.06 9.36 -65.60
C GLY F 26 -20.85 9.09 -64.34
N PHE F 27 -21.81 8.16 -64.35
CA PHE F 27 -22.54 7.80 -63.11
C PHE F 27 -22.97 6.35 -63.16
N THR F 28 -23.18 5.72 -61.99
CA THR F 28 -23.75 4.35 -62.00
C THR F 28 -25.24 4.58 -62.08
N PHE F 29 -25.83 4.45 -63.27
CA PHE F 29 -27.25 4.83 -63.42
C PHE F 29 -28.14 4.00 -62.49
N SER F 30 -27.84 2.72 -62.29
CA SER F 30 -28.79 1.86 -61.52
C SER F 30 -29.02 2.35 -60.08
N THR F 31 -27.98 2.63 -59.32
CA THR F 31 -28.21 3.01 -57.92
C THR F 31 -28.90 4.36 -57.81
N TYR F 32 -28.52 5.34 -58.63
CA TYR F 32 -29.09 6.71 -58.50
C TYR F 32 -30.52 6.73 -58.98
N HIS F 33 -31.41 7.38 -58.23
CA HIS F 33 -32.82 7.55 -58.66
C HIS F 33 -32.86 8.71 -59.66
N MET F 34 -33.88 8.79 -60.52
CA MET F 34 -33.98 9.97 -61.42
C MET F 34 -35.42 10.51 -61.35
N HIS F 35 -35.62 11.83 -61.33
CA HIS F 35 -37.00 12.40 -61.39
C HIS F 35 -37.05 13.66 -62.26
N TRP F 36 -38.24 14.10 -62.66
CA TRP F 36 -38.34 15.23 -63.62
C TRP F 36 -38.95 16.49 -63.02
N VAL F 37 -38.25 17.63 -63.12
CA VAL F 37 -38.72 18.92 -62.55
C VAL F 37 -38.87 19.95 -63.68
N ARG F 38 -40.03 20.61 -63.82
CA ARG F 38 -40.26 21.50 -64.99
C ARG F 38 -40.47 22.94 -64.54
N GLN F 39 -39.86 23.89 -65.25
CA GLN F 39 -39.99 25.33 -64.91
C GLN F 39 -40.71 26.06 -66.03
N PRO F 40 -41.99 26.43 -65.87
CA PRO F 40 -42.72 27.08 -66.94
C PRO F 40 -42.08 28.46 -67.11
N PRO F 41 -42.12 29.08 -68.30
CA PRO F 41 -41.44 30.35 -68.49
C PRO F 41 -42.00 31.39 -67.51
N GLY F 42 -41.12 32.17 -66.87
CA GLY F 42 -41.55 33.17 -65.87
C GLY F 42 -42.28 32.54 -64.71
N LYS F 43 -41.82 31.40 -64.22
CA LYS F 43 -42.43 30.80 -63.02
C LYS F 43 -41.35 30.19 -62.14
N GLY F 44 -41.67 29.09 -61.45
CA GLY F 44 -40.72 28.47 -60.52
C GLY F 44 -40.65 26.97 -60.72
N LEU F 45 -39.64 26.32 -60.14
CA LEU F 45 -39.48 24.87 -60.36
C LEU F 45 -40.75 24.13 -59.90
N GLU F 46 -41.20 23.12 -60.64
CA GLU F 46 -42.39 22.30 -60.28
C GLU F 46 -41.97 20.84 -60.38
N TRP F 47 -42.75 19.88 -59.89
CA TRP F 47 -42.26 18.46 -59.92
C TRP F 47 -43.25 17.56 -60.68
N VAL F 48 -42.76 16.48 -61.29
CA VAL F 48 -43.63 15.56 -62.11
C VAL F 48 -43.55 14.09 -61.60
N ALA F 49 -42.57 13.28 -62.02
CA ALA F 49 -42.57 11.84 -61.64
C ALA F 49 -41.21 11.29 -61.23
N PHE F 50 -41.18 10.14 -60.52
CA PHE F 50 -39.91 9.59 -59.99
C PHE F 50 -39.73 8.11 -60.33
N ILE F 51 -38.50 7.67 -60.62
CA ILE F 51 -38.20 6.23 -60.88
C ILE F 51 -37.09 5.80 -59.91
N SER F 52 -37.26 4.69 -59.19
CA SER F 52 -36.28 4.29 -58.14
C SER F 52 -35.03 3.64 -58.70
N TYR F 53 -34.26 2.98 -57.83
CA TYR F 53 -33.00 2.31 -58.28
C TYR F 53 -33.31 1.09 -59.14
N ASP F 54 -34.27 0.26 -58.69
CA ASP F 54 -34.60 -0.99 -59.41
C ASP F 54 -35.40 -0.67 -60.68
N GLY F 55 -36.09 0.48 -60.70
CA GLY F 55 -36.91 0.81 -61.86
C GLY F 55 -38.27 0.24 -61.57
N SER F 56 -38.44 -0.29 -60.36
CA SER F 56 -39.73 -0.90 -59.96
C SER F 56 -40.64 0.11 -59.25
N ASN F 57 -40.12 1.27 -58.81
CA ASN F 57 -40.98 2.20 -58.04
C ASN F 57 -41.28 3.45 -58.88
N TYR F 58 -42.56 3.73 -59.14
CA TYR F 58 -42.95 4.96 -59.88
C TYR F 58 -44.00 5.73 -59.06
N TYR F 59 -43.76 7.02 -58.77
CA TYR F 59 -44.79 7.85 -58.08
C TYR F 59 -45.00 9.11 -58.94
N TYR F 60 -46.21 9.64 -59.01
CA TYR F 60 -46.48 10.78 -59.94
C TYR F 60 -47.02 12.00 -59.20
N SER F 61 -46.80 13.20 -59.76
CA SER F 61 -47.35 14.46 -59.17
C SER F 61 -48.86 14.52 -59.39
N ASP F 62 -49.59 15.15 -58.48
CA ASP F 62 -51.07 15.23 -58.59
C ASP F 62 -51.50 16.05 -59.82
N SER F 63 -50.75 17.10 -60.17
CA SER F 63 -51.20 18.01 -61.25
C SER F 63 -51.38 17.26 -62.58
N VAL F 64 -50.45 16.40 -62.94
CA VAL F 64 -50.66 15.57 -64.16
C VAL F 64 -50.64 14.10 -63.71
N LYS F 65 -51.72 13.36 -63.94
CA LYS F 65 -51.76 11.97 -63.41
C LYS F 65 -51.97 10.97 -64.55
N GLY F 66 -51.06 10.00 -64.68
CA GLY F 66 -51.23 8.94 -65.69
C GLY F 66 -51.03 9.50 -67.09
N ARG F 67 -50.49 10.71 -67.18
CA ARG F 67 -50.33 11.35 -68.51
C ARG F 67 -48.88 11.18 -69.00
N PHE F 68 -48.04 10.50 -68.22
CA PHE F 68 -46.62 10.37 -68.60
C PHE F 68 -46.05 9.05 -68.09
N THR F 69 -45.11 8.49 -68.84
CA THR F 69 -44.53 7.18 -68.46
C THR F 69 -43.04 7.39 -68.30
N ILE F 70 -42.55 7.18 -67.10
CA ILE F 70 -41.13 7.44 -66.85
C ILE F 70 -40.47 6.06 -66.75
N SER F 71 -39.45 5.78 -67.56
CA SER F 71 -38.82 4.42 -67.59
C SER F 71 -37.28 4.53 -67.60
N ARG F 72 -36.59 3.73 -66.79
CA ARG F 72 -35.11 3.83 -66.68
C ARG F 72 -34.47 2.56 -67.24
N ASP F 73 -33.91 2.62 -68.46
CA ASP F 73 -33.16 1.43 -68.95
C ASP F 73 -31.70 1.61 -68.53
N ASN F 74 -31.23 0.81 -67.57
CA ASN F 74 -29.85 0.99 -67.06
C ASN F 74 -28.85 0.73 -68.17
N SER F 75 -29.09 -0.29 -68.99
CA SER F 75 -28.14 -0.63 -70.08
C SER F 75 -28.09 0.53 -71.07
N LYS F 76 -29.25 1.11 -71.39
CA LYS F 76 -29.28 2.30 -72.28
C LYS F 76 -28.64 3.47 -71.55
N ASN F 77 -28.72 3.52 -70.21
CA ASN F 77 -28.17 4.64 -69.41
C ASN F 77 -29.08 5.85 -69.60
N THR F 78 -30.30 5.64 -70.11
CA THR F 78 -31.17 6.79 -70.43
C THR F 78 -32.53 6.71 -69.73
N VAL F 79 -32.91 7.73 -68.95
CA VAL F 79 -34.28 7.74 -68.37
C VAL F 79 -35.17 8.39 -69.43
N TYR F 80 -36.30 7.78 -69.74
CA TYR F 80 -37.12 8.31 -70.86
C TYR F 80 -38.45 8.79 -70.30
N LEU F 81 -38.85 10.03 -70.61
CA LEU F 81 -40.20 10.45 -70.20
C LEU F 81 -40.98 10.78 -71.46
N GLN F 82 -42.18 10.23 -71.61
CA GLN F 82 -43.03 10.62 -72.77
C GLN F 82 -44.40 11.03 -72.21
N MET F 83 -44.93 12.16 -72.69
CA MET F 83 -46.22 12.64 -72.13
C MET F 83 -47.29 12.37 -73.18
N ASN F 84 -48.32 11.61 -72.82
CA ASN F 84 -49.33 11.21 -73.84
C ASN F 84 -50.00 12.45 -74.42
N SER F 85 -50.40 13.39 -73.57
CA SER F 85 -51.01 14.64 -74.08
C SER F 85 -50.30 15.83 -73.43
N LEU F 86 -49.84 16.79 -74.24
CA LEU F 86 -49.10 17.95 -73.69
C LEU F 86 -50.05 19.14 -73.67
N ARG F 87 -50.30 19.69 -72.47
CA ARG F 87 -51.18 20.88 -72.36
C ARG F 87 -50.43 22.14 -72.83
N ALA F 88 -51.17 23.17 -73.25
CA ALA F 88 -50.54 24.44 -73.67
C ALA F 88 -49.75 25.00 -72.47
N GLU F 89 -50.25 24.78 -71.26
CA GLU F 89 -49.59 25.29 -70.04
C GLU F 89 -48.18 24.70 -69.93
N ASP F 90 -48.00 23.43 -70.31
CA ASP F 90 -46.67 22.79 -70.11
C ASP F 90 -45.70 23.17 -71.23
N THR F 91 -45.28 24.44 -71.30
CA THR F 91 -44.33 24.92 -72.33
C THR F 91 -42.97 25.06 -71.66
N ALA F 92 -42.78 24.37 -70.54
CA ALA F 92 -41.57 24.56 -69.72
C ALA F 92 -40.28 23.98 -70.30
N LEU F 93 -39.16 24.35 -69.71
CA LEU F 93 -37.88 23.73 -70.10
C LEU F 93 -37.73 22.53 -69.18
N TYR F 94 -37.94 21.30 -69.66
CA TYR F 94 -37.93 20.14 -68.74
C TYR F 94 -36.54 19.89 -68.19
N TYR F 95 -36.43 19.59 -66.90
CA TYR F 95 -35.11 19.42 -66.26
C TYR F 95 -35.03 18.02 -65.68
N CYS F 96 -33.86 17.38 -65.74
CA CYS F 96 -33.71 15.97 -65.27
C CYS F 96 -32.90 15.99 -63.98
N ALA F 97 -33.31 15.24 -62.96
CA ALA F 97 -32.60 15.37 -61.67
C ALA F 97 -32.11 14.04 -61.15
N ARG F 98 -30.92 14.04 -60.52
CA ARG F 98 -30.34 12.79 -60.00
C ARG F 98 -30.45 12.79 -58.48
N ASP F 99 -31.23 11.87 -57.90
CA ASP F 99 -31.45 11.95 -56.43
C ASP F 99 -31.02 10.67 -55.72
N SER F 100 -29.89 10.69 -55.01
CA SER F 100 -29.49 9.52 -54.17
C SER F 100 -30.02 9.79 -52.76
N SER F 101 -31.28 9.50 -52.47
CA SER F 101 -31.82 9.95 -51.16
C SER F 101 -32.47 8.89 -50.27
N GLY F 102 -32.01 7.66 -50.29
CA GLY F 102 -32.54 6.67 -49.34
C GLY F 102 -31.49 5.69 -48.94
N TRP F 103 -30.23 6.01 -49.16
CA TRP F 103 -29.20 4.97 -48.97
C TRP F 103 -28.17 5.28 -47.88
N HIS F 104 -28.47 6.08 -46.89
CA HIS F 104 -27.46 6.25 -45.81
C HIS F 104 -26.22 6.82 -46.47
N TRP F 105 -26.40 7.50 -47.59
CA TRP F 105 -25.17 7.90 -48.29
C TRP F 105 -25.35 9.21 -49.03
N GLY F 106 -26.58 9.51 -49.43
CA GLY F 106 -26.69 10.64 -50.37
C GLY F 106 -27.68 11.74 -50.08
N VAL F 107 -27.65 12.79 -50.91
CA VAL F 107 -28.50 13.99 -50.70
C VAL F 107 -29.28 14.29 -51.97
N PRO F 108 -30.40 15.02 -51.92
CA PRO F 108 -31.26 15.23 -53.09
C PRO F 108 -30.89 16.16 -54.25
N PHE F 109 -31.32 15.83 -55.47
CA PHE F 109 -31.12 16.73 -56.62
C PHE F 109 -29.67 17.22 -56.71
N ASP F 110 -28.69 16.34 -56.59
CA ASP F 110 -27.26 16.75 -56.53
C ASP F 110 -26.72 17.43 -57.79
N TYR F 111 -27.03 16.98 -59.01
CA TYR F 111 -26.35 17.62 -60.19
C TYR F 111 -27.30 18.46 -61.06
N TRP F 112 -28.43 17.94 -61.51
CA TRP F 112 -29.38 18.65 -62.41
C TRP F 112 -28.89 18.56 -63.86
N GLY F 113 -29.62 19.14 -64.81
CA GLY F 113 -29.26 18.97 -66.24
C GLY F 113 -29.35 20.26 -67.01
N GLN F 114 -28.69 20.34 -68.17
CA GLN F 114 -28.70 21.58 -68.99
C GLN F 114 -30.14 21.88 -69.40
N GLY F 115 -30.90 20.85 -69.76
CA GLY F 115 -32.34 21.04 -70.05
C GLY F 115 -32.69 21.10 -71.52
N THR F 116 -33.95 20.79 -71.86
CA THR F 116 -34.42 20.81 -73.27
C THR F 116 -35.59 21.78 -73.39
N LEU F 117 -35.52 22.72 -74.33
CA LEU F 117 -36.57 23.77 -74.43
C LEU F 117 -37.82 23.19 -75.10
N VAL F 118 -38.56 22.36 -74.38
CA VAL F 118 -39.82 21.85 -74.90
C VAL F 118 -40.69 23.03 -75.25
N THR F 119 -41.62 22.83 -76.18
CA THR F 119 -42.51 23.90 -76.56
C THR F 119 -43.85 23.33 -76.98
N VAL F 120 -44.91 24.00 -76.58
CA VAL F 120 -46.26 23.73 -77.05
C VAL F 120 -46.69 24.92 -77.89
N SER F 121 -47.20 24.64 -79.09
CA SER F 121 -47.54 25.70 -80.04
C SER F 121 -48.86 25.35 -80.72
N SER F 122 -49.48 26.36 -81.32
CA SER F 122 -50.72 26.18 -82.05
C SER F 122 -50.81 27.12 -83.24
N ILE G 2 -46.35 19.56 -47.98
CA ILE G 2 -46.91 19.65 -49.37
C ILE G 2 -47.11 21.13 -49.73
N VAL G 3 -47.19 22.02 -48.74
CA VAL G 3 -47.28 23.47 -49.07
C VAL G 3 -46.10 24.19 -48.41
N LEU G 4 -45.26 24.87 -49.19
CA LEU G 4 -44.11 25.65 -48.65
C LEU G 4 -44.28 27.10 -49.11
N THR G 5 -44.17 28.07 -48.19
CA THR G 5 -44.24 29.50 -48.60
C THR G 5 -42.96 30.24 -48.18
N GLN G 6 -42.30 30.92 -49.12
CA GLN G 6 -41.06 31.68 -48.82
C GLN G 6 -41.45 33.16 -48.69
N SER G 7 -41.33 33.75 -47.49
CA SER G 7 -41.82 35.13 -47.24
C SER G 7 -41.10 36.27 -47.98
N PRO G 8 -39.76 36.35 -48.05
CA PRO G 8 -39.10 37.52 -48.65
C PRO G 8 -38.99 37.44 -50.17
N SER G 9 -40.06 37.81 -50.89
CA SER G 9 -40.04 37.63 -52.37
C SER G 9 -38.93 38.44 -53.02
N SER G 10 -38.76 39.70 -52.62
CA SER G 10 -37.62 40.48 -53.17
C SER G 10 -36.80 41.13 -52.06
N LEU G 11 -35.48 40.90 -52.06
CA LEU G 11 -34.60 41.57 -51.08
C LEU G 11 -33.45 42.20 -51.86
N SER G 12 -33.14 43.48 -51.65
CA SER G 12 -31.98 44.08 -52.34
C SER G 12 -30.89 44.33 -51.30
N ALA G 13 -29.71 43.73 -51.49
CA ALA G 13 -28.65 43.86 -50.47
C ALA G 13 -27.34 44.30 -51.13
N SER G 14 -26.68 45.32 -50.58
CA SER G 14 -25.36 45.75 -51.09
C SER G 14 -24.29 44.77 -50.58
N VAL G 15 -23.08 44.85 -51.12
CA VAL G 15 -22.03 43.86 -50.73
C VAL G 15 -21.83 43.88 -49.22
N GLN G 16 -21.69 42.71 -48.59
CA GLN G 16 -21.39 42.57 -47.12
C GLN G 16 -22.67 42.65 -46.30
N ASP G 17 -23.82 42.89 -46.93
CA ASP G 17 -25.08 42.87 -46.17
C ASP G 17 -25.39 41.41 -45.81
N ARG G 18 -26.02 41.17 -44.66
CA ARG G 18 -26.43 39.78 -44.32
C ARG G 18 -27.91 39.66 -44.68
N VAL G 19 -28.26 38.72 -45.55
CA VAL G 19 -29.68 38.59 -45.99
C VAL G 19 -30.23 37.27 -45.43
N THR G 20 -31.39 37.32 -44.78
CA THR G 20 -31.99 36.10 -44.20
C THR G 20 -33.27 35.76 -44.96
N ILE G 21 -33.42 34.51 -45.40
CA ILE G 21 -34.60 34.11 -46.23
C ILE G 21 -35.35 33.00 -45.50
N THR G 22 -36.67 33.08 -45.39
CA THR G 22 -37.42 32.08 -44.58
C THR G 22 -38.52 31.36 -45.37
N CYS G 23 -38.58 30.02 -45.28
CA CYS G 23 -39.72 29.27 -45.88
C CYS G 23 -40.24 28.27 -44.84
N ARG G 24 -41.56 28.20 -44.65
CA ARG G 24 -42.15 27.33 -43.58
C ARG G 24 -43.11 26.32 -44.21
N ALA G 25 -43.33 25.19 -43.54
CA ALA G 25 -44.12 24.10 -44.16
C ALA G 25 -45.43 23.84 -43.41
N SER G 26 -46.47 23.44 -44.15
CA SER G 26 -47.80 23.18 -43.54
C SER G 26 -47.72 22.05 -42.51
N GLN G 27 -46.94 21.02 -42.80
CA GLN G 27 -46.80 19.87 -41.87
C GLN G 27 -45.32 19.71 -41.55
N VAL G 28 -44.98 19.06 -40.44
CA VAL G 28 -43.55 18.97 -40.04
C VAL G 28 -42.81 18.21 -41.13
N ILE G 29 -41.64 18.70 -41.55
CA ILE G 29 -40.81 17.98 -42.57
C ILE G 29 -39.60 17.34 -41.88
N SER G 30 -39.47 17.51 -40.56
CA SER G 30 -38.40 16.78 -39.82
C SER G 30 -37.02 16.91 -40.46
N ASN G 31 -36.52 18.12 -40.66
CA ASN G 31 -35.12 18.31 -41.17
C ASN G 31 -34.98 17.73 -42.57
N TYR G 32 -36.00 17.85 -43.40
CA TYR G 32 -35.86 17.38 -44.81
C TYR G 32 -36.25 18.51 -45.77
N LEU G 33 -35.40 19.54 -45.90
CA LEU G 33 -35.68 20.70 -46.80
C LEU G 33 -34.43 21.06 -47.60
N ALA G 34 -34.60 21.59 -48.80
CA ALA G 34 -33.44 21.88 -49.67
C ALA G 34 -33.56 23.27 -50.27
N TRP G 35 -32.47 24.03 -50.39
CA TRP G 35 -32.51 25.42 -50.90
C TRP G 35 -31.65 25.52 -52.16
N PHE G 36 -32.13 26.14 -53.24
CA PHE G 36 -31.34 26.13 -54.48
C PHE G 36 -31.18 27.54 -55.01
N GLN G 37 -30.21 27.80 -55.89
CA GLN G 37 -29.97 29.19 -56.34
C GLN G 37 -29.97 29.32 -57.86
N GLN G 38 -31.13 29.39 -58.48
CA GLN G 38 -31.11 29.35 -59.95
C GLN G 38 -30.60 30.68 -60.47
N LYS G 39 -29.39 30.72 -60.99
CA LYS G 39 -28.93 31.99 -61.59
C LYS G 39 -29.72 32.18 -62.87
N PRO G 40 -30.05 33.41 -63.29
CA PRO G 40 -30.86 33.56 -64.47
C PRO G 40 -30.06 32.95 -65.63
N GLY G 41 -30.71 32.20 -66.51
CA GLY G 41 -30.00 31.69 -67.71
C GLY G 41 -29.21 30.40 -67.50
N LYS G 42 -29.38 29.75 -66.36
CA LYS G 42 -28.72 28.44 -66.14
C LYS G 42 -29.66 27.59 -65.29
N ALA G 43 -29.38 26.31 -65.16
CA ALA G 43 -30.21 25.44 -64.31
C ALA G 43 -29.80 25.62 -62.86
N PRO G 44 -30.66 25.26 -61.90
CA PRO G 44 -30.34 25.47 -60.51
C PRO G 44 -29.19 24.61 -59.98
N LYS G 45 -28.66 24.91 -58.81
CA LYS G 45 -27.64 24.09 -58.14
C LYS G 45 -28.17 23.91 -56.72
N LEU G 46 -27.99 22.77 -56.06
CA LEU G 46 -28.61 22.62 -54.72
C LEU G 46 -27.65 23.26 -53.73
N LEU G 47 -28.14 24.15 -52.85
CA LEU G 47 -27.25 24.88 -51.90
C LEU G 47 -27.29 24.27 -50.52
N ILE G 48 -28.45 23.84 -50.04
CA ILE G 48 -28.41 23.14 -48.72
C ILE G 48 -29.34 21.93 -48.73
N TYR G 49 -28.94 20.82 -48.10
CA TYR G 49 -29.78 19.59 -48.05
C TYR G 49 -29.97 19.17 -46.60
N ALA G 50 -31.18 18.80 -46.19
CA ALA G 50 -31.52 18.40 -44.80
C ALA G 50 -31.59 19.62 -43.89
N ALA G 51 -31.70 20.80 -44.48
CA ALA G 51 -31.87 22.06 -43.72
C ALA G 51 -30.61 22.56 -43.05
N SER G 52 -29.63 21.73 -42.74
CA SER G 52 -28.53 22.25 -41.90
C SER G 52 -27.17 21.92 -42.50
N ASN G 53 -27.14 21.14 -43.58
CA ASN G 53 -25.81 20.71 -44.08
C ASN G 53 -25.50 21.34 -45.42
N LEU G 54 -24.31 21.94 -45.55
CA LEU G 54 -23.87 22.48 -46.88
C LEU G 54 -23.60 21.24 -47.73
N GLN G 55 -23.69 21.34 -49.05
CA GLN G 55 -23.58 20.11 -49.88
C GLN G 55 -22.17 19.83 -50.37
N SER G 56 -21.92 20.01 -51.67
CA SER G 56 -20.60 19.66 -52.25
C SER G 56 -19.52 20.52 -51.60
N GLY G 57 -19.94 21.63 -51.00
CA GLY G 57 -18.99 22.51 -50.31
C GLY G 57 -18.58 23.64 -51.22
N VAL G 58 -19.09 23.64 -52.46
CA VAL G 58 -18.77 24.82 -53.30
C VAL G 58 -19.34 26.06 -52.60
N PRO G 59 -20.59 26.07 -52.09
CA PRO G 59 -21.07 27.20 -51.28
C PRO G 59 -20.39 27.14 -49.91
N SER G 60 -19.84 28.26 -49.43
CA SER G 60 -19.07 28.22 -48.15
C SER G 60 -19.69 29.11 -47.06
N ARG G 61 -20.29 30.23 -47.44
CA ARG G 61 -20.82 31.19 -46.43
C ARG G 61 -22.34 31.09 -46.31
N PHE G 62 -22.98 30.23 -47.12
CA PHE G 62 -24.47 30.18 -47.12
C PHE G 62 -24.97 29.29 -46.00
N ARG G 63 -24.79 29.73 -44.75
CA ARG G 63 -25.28 28.93 -43.60
C ARG G 63 -26.80 29.00 -43.56
N GLY G 64 -27.44 27.87 -43.23
CA GLY G 64 -28.91 27.86 -43.10
C GLY G 64 -29.25 26.94 -41.96
N SER G 65 -30.39 27.14 -41.31
CA SER G 65 -30.65 26.29 -40.12
C SER G 65 -32.14 26.18 -39.83
N GLY G 66 -32.51 25.24 -38.96
CA GLY G 66 -33.92 25.10 -38.55
C GLY G 66 -34.32 23.65 -38.46
N SER G 67 -35.42 23.35 -37.76
CA SER G 67 -35.94 21.96 -37.72
C SER G 67 -37.47 22.07 -37.71
N GLY G 68 -38.17 21.05 -38.21
CA GLY G 68 -39.64 21.15 -38.27
C GLY G 68 -40.11 22.29 -39.14
N THR G 69 -41.03 23.12 -38.65
CA THR G 69 -41.66 24.16 -39.51
C THR G 69 -40.74 25.27 -40.00
N ASP G 70 -39.87 25.83 -39.17
CA ASP G 70 -39.11 27.04 -39.61
C ASP G 70 -37.68 26.76 -40.07
N PHE G 71 -37.38 27.03 -41.33
CA PHE G 71 -35.99 26.89 -41.84
C PHE G 71 -35.63 28.21 -42.52
N THR G 72 -34.49 28.80 -42.16
CA THR G 72 -34.09 30.10 -42.74
C THR G 72 -32.66 30.00 -43.25
N LEU G 73 -32.35 30.64 -44.38
CA LEU G 73 -31.01 30.57 -44.99
C LEU G 73 -30.37 31.95 -44.86
N THR G 74 -29.45 32.12 -43.91
CA THR G 74 -28.89 33.48 -43.70
C THR G 74 -27.56 33.59 -44.45
N ILE G 75 -27.54 34.31 -45.56
CA ILE G 75 -26.26 34.53 -46.29
C ILE G 75 -25.43 35.49 -45.43
N SER G 76 -24.10 35.33 -45.42
CA SER G 76 -23.23 36.17 -44.53
C SER G 76 -22.73 37.39 -45.30
N SER G 77 -21.45 37.40 -45.67
CA SER G 77 -20.89 38.53 -46.45
C SER G 77 -21.24 38.32 -47.93
N LEU G 78 -22.46 38.67 -48.33
CA LEU G 78 -22.92 38.42 -49.72
C LEU G 78 -21.98 39.13 -50.70
N GLN G 79 -21.56 38.43 -51.75
CA GLN G 79 -20.73 39.07 -52.79
C GLN G 79 -21.68 39.40 -53.94
N PRO G 80 -21.39 40.34 -54.89
CA PRO G 80 -22.38 40.69 -55.91
C PRO G 80 -22.73 39.48 -56.80
N GLU G 81 -21.77 38.58 -57.01
CA GLU G 81 -21.98 37.41 -57.90
C GLU G 81 -23.08 36.52 -57.31
N ASP G 82 -23.13 36.38 -55.99
CA ASP G 82 -24.11 35.45 -55.39
C ASP G 82 -25.45 36.15 -55.34
N PHE G 83 -25.94 36.65 -56.48
CA PHE G 83 -27.30 37.24 -56.53
C PHE G 83 -28.12 36.43 -57.54
N ALA G 84 -29.17 35.76 -57.06
CA ALA G 84 -29.95 34.86 -57.94
C ALA G 84 -31.10 34.28 -57.14
N THR G 85 -32.21 33.95 -57.80
CA THR G 85 -33.42 33.53 -57.03
C THR G 85 -33.08 32.33 -56.15
N TYR G 86 -33.63 32.29 -54.92
CA TYR G 86 -33.41 31.11 -54.04
C TYR G 86 -34.72 30.35 -53.86
N TYR G 87 -34.73 29.03 -54.12
CA TYR G 87 -35.98 28.24 -54.08
C TYR G 87 -35.84 27.11 -53.05
N CYS G 88 -36.95 26.69 -52.41
CA CYS G 88 -36.88 25.63 -51.35
C CYS G 88 -37.88 24.50 -51.64
N GLN G 89 -37.50 23.23 -51.37
CA GLN G 89 -38.40 22.06 -51.58
C GLN G 89 -38.18 20.98 -50.51
N GLN G 90 -39.22 20.23 -50.13
CA GLN G 90 -39.02 19.10 -49.19
C GLN G 90 -38.30 18.00 -49.96
N TYR G 91 -37.44 17.18 -49.35
CA TYR G 91 -36.73 16.17 -50.18
C TYR G 91 -37.14 14.73 -49.83
N ASN G 92 -38.01 14.50 -48.84
CA ASN G 92 -38.30 13.09 -48.43
C ASN G 92 -39.77 12.71 -48.59
N ILE G 93 -40.69 13.63 -48.39
CA ILE G 93 -42.10 13.23 -48.68
C ILE G 93 -42.17 13.21 -50.20
N TYR G 94 -42.61 12.11 -50.84
CA TYR G 94 -42.51 12.03 -52.33
C TYR G 94 -43.41 12.95 -53.17
N PRO G 95 -44.56 13.49 -52.74
CA PRO G 95 -45.26 14.47 -53.56
C PRO G 95 -44.47 15.75 -53.29
N LEU G 96 -43.25 15.87 -53.84
CA LEU G 96 -42.35 17.01 -53.53
C LEU G 96 -42.93 18.30 -54.11
N THR G 97 -42.67 19.43 -53.45
CA THR G 97 -43.13 20.74 -53.97
C THR G 97 -42.04 21.78 -53.75
N PHE G 98 -42.08 22.90 -54.48
CA PHE G 98 -41.05 23.97 -54.35
C PHE G 98 -41.74 25.31 -54.06
N GLY G 99 -41.09 26.18 -53.28
CA GLY G 99 -41.66 27.49 -52.92
C GLY G 99 -41.53 28.52 -54.03
N GLY G 100 -42.21 29.66 -53.92
CA GLY G 100 -42.21 30.69 -55.00
C GLY G 100 -40.84 31.27 -55.30
N GLY G 101 -40.00 31.52 -54.28
CA GLY G 101 -38.64 31.98 -54.55
C GLY G 101 -38.33 33.37 -54.03
N THR G 102 -37.07 33.63 -53.70
CA THR G 102 -36.63 34.96 -53.19
C THR G 102 -35.48 35.47 -54.06
N LYS G 103 -35.59 36.70 -54.57
CA LYS G 103 -34.54 37.21 -55.48
C LYS G 103 -33.66 38.19 -54.73
N VAL G 104 -32.39 37.84 -54.53
CA VAL G 104 -31.45 38.79 -53.88
C VAL G 104 -30.91 39.73 -54.97
N ASP G 105 -31.69 40.76 -55.31
CA ASP G 105 -31.28 41.69 -56.39
C ASP G 105 -30.30 42.73 -55.85
N ILE G 106 -29.69 43.52 -56.73
CA ILE G 106 -28.84 44.61 -56.28
C ILE G 106 -29.71 45.83 -56.01
N LYS G 107 -29.27 46.68 -55.08
CA LYS G 107 -30.01 47.89 -54.74
C LYS G 107 -30.35 48.76 -55.94
N VAL H 2 -56.96 38.76 23.98
CA VAL H 2 -57.43 38.00 22.78
C VAL H 2 -58.97 37.94 22.82
N GLN H 3 -59.55 38.24 23.99
CA GLN H 3 -61.03 38.21 24.12
C GLN H 3 -61.61 39.31 23.22
N LEU H 4 -62.70 39.02 22.52
CA LEU H 4 -63.34 40.02 21.63
C LEU H 4 -64.76 40.28 22.13
N VAL H 5 -65.12 41.55 22.30
CA VAL H 5 -66.51 41.90 22.72
C VAL H 5 -67.15 42.80 21.66
N GLU H 6 -68.36 42.45 21.23
CA GLU H 6 -69.08 43.26 20.22
C GLU H 6 -70.40 43.76 20.82
N SER H 7 -70.81 44.98 20.46
CA SER H 7 -72.04 45.58 21.05
C SER H 7 -72.58 46.67 20.13
N GLY H 8 -73.68 47.32 20.52
CA GLY H 8 -74.25 48.40 19.72
C GLY H 8 -75.32 47.89 18.77
N GLY H 9 -75.66 46.61 18.85
CA GLY H 9 -76.75 46.06 18.02
C GLY H 9 -78.03 45.97 18.81
N GLY H 10 -79.13 46.49 18.26
CA GLY H 10 -80.40 46.52 19.01
C GLY H 10 -81.61 46.55 18.09
N LEU H 11 -82.80 46.36 18.65
CA LEU H 11 -84.05 46.45 17.84
C LEU H 11 -84.10 47.87 17.26
N ILE H 12 -84.39 48.01 15.96
CA ILE H 12 -84.32 49.38 15.34
C ILE H 12 -85.39 49.51 14.24
N GLN H 13 -85.89 50.72 14.00
CA GLN H 13 -86.88 50.97 12.91
C GLN H 13 -86.19 50.85 11.56
N PRO H 14 -86.90 50.46 10.47
CA PRO H 14 -86.27 50.24 9.16
C PRO H 14 -85.62 51.48 8.52
N GLY H 15 -84.59 51.28 7.69
CA GLY H 15 -83.87 52.40 7.05
C GLY H 15 -82.86 52.99 8.01
N GLY H 16 -82.91 52.56 9.28
CA GLY H 16 -81.98 53.10 10.29
C GLY H 16 -80.55 52.67 10.04
N SER H 17 -79.59 53.49 10.48
CA SER H 17 -78.15 53.13 10.34
C SER H 17 -77.60 52.84 11.74
N LEU H 18 -76.88 51.74 11.91
CA LEU H 18 -76.42 51.35 13.27
C LEU H 18 -74.89 51.34 13.33
N ARG H 19 -74.34 51.53 14.54
CA ARG H 19 -72.87 51.44 14.72
C ARG H 19 -72.60 50.16 15.51
N LEU H 20 -71.74 49.29 14.99
CA LEU H 20 -71.38 48.06 15.74
C LEU H 20 -69.99 48.25 16.32
N SER H 21 -69.88 48.20 17.65
CA SER H 21 -68.57 48.47 18.29
C SER H 21 -67.91 47.15 18.67
N CYS H 22 -66.73 46.89 18.12
CA CYS H 22 -66.01 45.63 18.42
C CYS H 22 -64.72 45.99 19.15
N ALA H 23 -64.45 45.34 20.28
CA ALA H 23 -63.18 45.62 20.99
C ALA H 23 -62.20 44.50 20.64
N VAL H 24 -61.04 44.89 20.10
CA VAL H 24 -59.99 43.89 19.77
C VAL H 24 -58.94 43.98 20.86
N SER H 25 -58.71 42.88 21.57
CA SER H 25 -57.76 42.92 22.72
C SER H 25 -56.63 41.93 22.47
N GLY H 26 -55.38 42.35 22.69
CA GLY H 26 -54.23 41.43 22.61
C GLY H 26 -53.75 41.19 21.19
N PHE H 27 -54.41 41.78 20.18
CA PHE H 27 -53.92 41.65 18.79
C PHE H 27 -54.34 42.86 17.95
N THR H 28 -53.67 43.07 16.82
CA THR H 28 -53.98 44.22 15.93
C THR H 28 -55.25 43.95 15.11
N VAL H 29 -55.80 44.99 14.49
CA VAL H 29 -57.01 44.83 13.63
C VAL H 29 -56.48 44.70 12.19
N SER H 30 -55.22 44.29 12.04
CA SER H 30 -54.57 44.23 10.69
C SER H 30 -55.36 43.32 9.74
N ARG H 31 -55.76 42.12 10.19
CA ARG H 31 -56.62 41.30 9.31
C ARG H 31 -57.89 40.98 10.08
N MET H 32 -59.06 41.34 9.53
CA MET H 32 -60.33 41.14 10.24
C MET H 32 -61.45 40.99 9.21
N SER H 33 -62.61 40.50 9.64
CA SER H 33 -63.75 40.31 8.70
C SER H 33 -65.06 40.42 9.49
N TRP H 34 -66.18 40.55 8.79
CA TRP H 34 -67.49 40.54 9.50
C TRP H 34 -68.26 39.30 9.05
N VAL H 35 -68.75 38.50 10.01
CA VAL H 35 -69.47 37.23 9.68
C VAL H 35 -70.83 37.24 10.38
N ARG H 36 -71.90 36.86 9.67
CA ARG H 36 -73.22 36.94 10.32
C ARG H 36 -73.97 35.62 10.20
N GLN H 37 -74.66 35.18 11.26
CA GLN H 37 -75.50 33.97 11.16
C GLN H 37 -76.95 34.40 11.28
N ALA H 38 -77.75 34.16 10.25
CA ALA H 38 -79.18 34.50 10.40
C ALA H 38 -79.76 33.54 11.44
N PRO H 39 -80.57 34.01 12.41
CA PRO H 39 -81.07 33.13 13.46
C PRO H 39 -81.90 32.01 12.80
N GLY H 40 -81.70 30.77 13.23
CA GLY H 40 -82.40 29.63 12.61
C GLY H 40 -82.09 29.50 11.13
N LYS H 41 -80.85 29.82 10.74
CA LYS H 41 -80.45 29.76 9.31
C LYS H 41 -78.94 29.60 9.17
N GLY H 42 -78.46 29.24 7.98
CA GLY H 42 -77.02 29.10 7.72
C GLY H 42 -76.30 30.44 7.75
N LEU H 43 -75.03 30.45 8.13
CA LEU H 43 -74.27 31.72 8.25
C LEU H 43 -74.02 32.34 6.88
N GLU H 44 -73.82 33.66 6.81
CA GLU H 44 -73.50 34.37 5.53
C GLU H 44 -72.43 35.44 5.79
N CYS H 45 -71.28 35.36 5.11
CA CYS H 45 -70.20 36.38 5.26
C CYS H 45 -70.68 37.73 4.71
N VAL H 46 -70.34 38.85 5.36
CA VAL H 46 -70.87 40.18 4.91
C VAL H 46 -69.75 41.17 4.57
N SER H 47 -68.57 41.09 5.20
CA SER H 47 -67.54 42.14 4.93
C SER H 47 -66.13 41.64 5.29
N VAL H 48 -65.10 42.33 4.80
CA VAL H 48 -63.70 41.96 5.17
C VAL H 48 -62.81 43.21 5.16
N ILE H 49 -61.74 43.22 5.96
CA ILE H 49 -60.78 44.36 5.98
C ILE H 49 -59.38 43.76 5.84
N TYR H 50 -58.39 44.55 5.43
CA TYR H 50 -57.05 43.96 5.16
C TYR H 50 -55.94 44.83 5.72
N THR H 51 -54.71 44.31 5.73
CA THR H 51 -53.53 45.09 6.20
C THR H 51 -53.39 46.32 5.32
N GLY H 52 -53.64 46.18 4.01
CA GLY H 52 -53.62 47.34 3.10
C GLY H 52 -54.73 48.32 3.45
N GLY H 53 -55.79 47.83 4.10
CA GLY H 53 -56.95 48.68 4.43
C GLY H 53 -58.01 48.58 3.36
N ASN H 54 -57.82 47.70 2.38
CA ASN H 54 -58.81 47.50 1.31
C ASN H 54 -60.09 46.96 1.95
N THR H 55 -61.26 47.42 1.49
CA THR H 55 -62.52 46.90 2.03
C THR H 55 -63.28 46.18 0.91
N ASP H 56 -63.68 44.92 1.12
CA ASP H 56 -64.53 44.24 0.11
C ASP H 56 -65.88 43.99 0.78
N TYR H 57 -66.96 44.51 0.19
CA TYR H 57 -68.31 44.34 0.78
C TYR H 57 -68.95 43.06 0.25
N ALA H 58 -70.04 42.62 0.87
CA ALA H 58 -70.68 41.36 0.45
C ALA H 58 -71.15 41.50 -0.99
N ASP H 59 -71.03 40.42 -1.77
CA ASP H 59 -71.57 40.49 -3.15
C ASP H 59 -73.09 40.72 -3.07
N SER H 60 -73.77 40.04 -2.15
CA SER H 60 -75.25 40.15 -2.06
C SER H 60 -75.68 41.57 -1.69
N VAL H 61 -75.01 42.18 -0.70
CA VAL H 61 -75.37 43.56 -0.27
C VAL H 61 -74.14 44.45 -0.46
N LYS H 62 -74.25 45.49 -1.28
CA LYS H 62 -73.03 46.29 -1.58
C LYS H 62 -73.21 47.74 -1.13
N GLY H 63 -72.34 48.22 -0.23
CA GLY H 63 -72.34 49.64 0.17
C GLY H 63 -73.32 49.95 1.28
N ARG H 64 -74.24 49.02 1.58
CA ARG H 64 -75.14 49.22 2.73
C ARG H 64 -74.29 49.19 4.01
N PHE H 65 -73.32 48.29 4.06
CA PHE H 65 -72.45 48.16 5.26
C PHE H 65 -71.10 48.79 4.95
N THR H 66 -70.67 49.74 5.76
CA THR H 66 -69.31 50.31 5.56
C THR H 66 -68.43 49.91 6.74
N ILE H 67 -67.38 49.14 6.48
CA ILE H 67 -66.53 48.65 7.60
C ILE H 67 -65.64 49.80 8.07
N SER H 68 -65.51 49.98 9.38
CA SER H 68 -64.58 51.02 9.87
C SER H 68 -63.48 50.32 10.68
N ARG H 69 -62.23 50.47 10.26
CA ARG H 69 -61.12 49.85 11.01
C ARG H 69 -60.48 50.92 11.89
N ASP H 70 -60.80 50.93 13.18
CA ASP H 70 -60.13 51.88 14.10
C ASP H 70 -58.84 51.22 14.57
N ASN H 71 -57.83 51.15 13.68
CA ASN H 71 -56.54 50.48 14.02
C ASN H 71 -55.88 51.23 15.18
N SER H 72 -55.98 52.56 15.19
CA SER H 72 -55.38 53.37 16.28
C SER H 72 -56.04 52.99 17.62
N LYS H 73 -57.35 52.77 17.61
CA LYS H 73 -58.06 52.46 18.87
C LYS H 73 -58.16 50.94 19.05
N ASN H 74 -57.56 50.16 18.14
CA ASN H 74 -57.61 48.68 18.22
C ASN H 74 -59.07 48.24 18.28
N THR H 75 -59.95 48.87 17.49
CA THR H 75 -61.41 48.57 17.54
C THR H 75 -61.95 48.48 16.11
N LEU H 76 -63.14 47.89 15.94
CA LEU H 76 -63.75 47.76 14.59
C LEU H 76 -65.20 48.27 14.66
N TYR H 77 -65.67 48.91 13.59
CA TYR H 77 -67.06 49.44 13.57
C TYR H 77 -67.75 49.02 12.26
N LEU H 78 -69.05 48.76 12.31
CA LEU H 78 -69.77 48.44 11.04
C LEU H 78 -70.93 49.40 10.84
N GLN H 79 -70.98 50.08 9.69
CA GLN H 79 -72.12 50.99 9.38
C GLN H 79 -73.29 50.16 8.84
N MET H 80 -74.50 50.70 8.91
CA MET H 80 -75.69 49.99 8.39
C MET H 80 -76.46 50.92 7.45
N ASN H 81 -77.00 50.42 6.34
CA ASN H 81 -77.85 51.24 5.44
C ASN H 81 -78.96 50.35 4.87
N SER H 82 -80.08 50.94 4.44
CA SER H 82 -81.14 50.15 3.77
C SER H 82 -81.50 48.91 4.61
N LEU H 83 -81.96 49.11 5.85
CA LEU H 83 -82.24 47.96 6.75
C LEU H 83 -83.25 47.00 6.11
N ARG H 84 -82.99 45.69 6.24
CA ARG H 84 -83.87 44.66 5.63
C ARG H 84 -84.02 43.48 6.60
N ALA H 85 -84.96 42.57 6.33
CA ALA H 85 -85.10 41.35 7.17
C ALA H 85 -83.80 40.55 7.08
N GLU H 86 -83.16 40.53 5.90
CA GLU H 86 -81.90 39.78 5.70
C GLU H 86 -80.81 40.31 6.63
N ASP H 87 -80.78 41.62 6.86
CA ASP H 87 -79.70 42.23 7.68
C ASP H 87 -79.69 41.63 9.10
N THR H 88 -80.87 41.37 9.67
CA THR H 88 -80.93 40.88 11.07
C THR H 88 -80.12 39.59 11.21
N ALA H 89 -79.24 39.51 12.21
CA ALA H 89 -78.34 38.33 12.36
C ALA H 89 -77.42 38.49 13.57
N LEU H 90 -76.47 37.56 13.74
CA LEU H 90 -75.47 37.64 14.83
C LEU H 90 -74.13 38.01 14.18
N TYR H 91 -73.49 39.08 14.63
CA TYR H 91 -72.25 39.52 13.93
C TYR H 91 -71.04 39.19 14.79
N TYR H 92 -70.06 38.47 14.23
CA TYR H 92 -68.89 38.04 15.02
C TYR H 92 -67.62 38.60 14.42
N CYS H 93 -66.79 39.24 15.24
CA CYS H 93 -65.49 39.74 14.74
C CYS H 93 -64.56 38.55 14.58
N VAL H 94 -63.89 38.42 13.43
CA VAL H 94 -63.06 37.20 13.20
C VAL H 94 -61.67 37.58 12.71
N ARG H 95 -60.63 37.04 13.36
CA ARG H 95 -59.25 37.27 12.90
C ARG H 95 -59.08 36.60 11.54
N GLY H 96 -59.71 35.44 11.35
CA GLY H 96 -59.59 34.67 10.10
C GLY H 96 -58.72 33.44 10.27
N SER H 97 -58.92 32.39 9.45
CA SER H 97 -58.02 31.21 9.53
C SER H 97 -56.82 31.44 8.63
N GLY H 98 -55.59 31.44 9.16
CA GLY H 98 -54.40 31.81 8.35
C GLY H 98 -54.60 33.19 7.76
N GLY H 99 -55.01 34.17 8.57
CA GLY H 99 -55.43 35.46 8.00
C GLY H 99 -56.81 35.15 7.48
N ILE H 100 -57.40 35.94 6.57
CA ILE H 100 -58.69 35.42 6.05
C ILE H 100 -58.27 34.44 4.96
N HIS H 101 -57.59 33.34 5.34
CA HIS H 101 -57.07 32.40 4.32
C HIS H 101 -58.26 31.54 3.93
N ASP H 102 -59.24 32.16 3.27
CA ASP H 102 -60.43 31.42 2.78
C ASP H 102 -61.45 31.22 3.90
N ALA H 103 -61.21 31.76 5.11
CA ALA H 103 -62.16 31.51 6.24
C ALA H 103 -61.90 32.40 7.47
N PHE H 104 -62.30 31.95 8.67
CA PHE H 104 -62.22 32.78 9.91
C PHE H 104 -61.69 31.89 11.04
N ASP H 105 -61.22 32.45 12.17
CA ASP H 105 -60.61 31.64 13.27
C ASP H 105 -61.15 32.05 14.66
N ILE H 106 -60.64 33.14 15.26
CA ILE H 106 -61.11 33.53 16.58
C ILE H 106 -62.40 34.29 16.38
N TRP H 107 -63.33 34.12 17.29
CA TRP H 107 -64.58 34.82 17.18
C TRP H 107 -64.82 35.66 18.42
N GLY H 108 -65.75 36.60 18.30
CA GLY H 108 -66.22 37.34 19.44
C GLY H 108 -67.36 36.60 20.09
N GLN H 109 -68.26 37.35 20.71
CA GLN H 109 -69.43 36.75 21.31
C GLN H 109 -70.65 36.75 20.40
N GLY H 110 -70.73 37.70 19.47
CA GLY H 110 -71.87 37.75 18.57
C GLY H 110 -72.95 38.69 19.04
N THR H 111 -73.20 39.75 18.27
CA THR H 111 -74.20 40.75 18.61
C THR H 111 -75.48 40.50 17.83
N MET H 112 -76.60 40.50 18.53
CA MET H 112 -77.93 40.45 17.92
C MET H 112 -78.30 41.79 17.31
N VAL H 113 -78.82 41.74 16.09
CA VAL H 113 -79.47 42.90 15.48
C VAL H 113 -80.79 42.44 14.89
N THR H 114 -81.85 43.18 15.20
CA THR H 114 -83.18 42.90 14.68
C THR H 114 -83.82 44.20 14.23
N VAL H 115 -84.54 44.14 13.12
CA VAL H 115 -85.28 45.30 12.61
C VAL H 115 -86.69 45.20 13.16
N SER H 116 -87.33 46.35 13.36
CA SER H 116 -88.69 46.35 13.85
C SER H 116 -89.38 47.65 13.49
N SER H 117 -90.43 47.57 12.69
CA SER H 117 -91.21 48.74 12.32
C SER H 117 -92.30 49.01 13.34
N ASP I 1 -70.33 33.15 -5.42
CA ASP I 1 -71.63 32.65 -4.89
C ASP I 1 -71.82 31.21 -5.35
N ILE I 2 -70.81 30.36 -5.17
CA ILE I 2 -71.01 28.92 -5.51
C ILE I 2 -72.10 28.39 -4.58
N GLN I 3 -73.03 27.61 -5.12
CA GLN I 3 -74.15 27.12 -4.29
C GLN I 3 -73.72 25.82 -3.62
N MET I 4 -73.10 25.93 -2.44
CA MET I 4 -72.59 24.72 -1.76
C MET I 4 -73.76 23.80 -1.40
N THR I 5 -73.59 22.50 -1.60
CA THR I 5 -74.66 21.55 -1.25
C THR I 5 -74.12 20.53 -0.25
N GLN I 6 -74.83 20.26 0.84
CA GLN I 6 -74.30 19.37 1.91
C GLN I 6 -75.30 18.26 2.22
N SER I 7 -74.81 17.04 2.48
CA SER I 7 -75.68 15.88 2.79
C SER I 7 -75.12 15.11 3.99
N PRO I 8 -75.92 14.31 4.73
CA PRO I 8 -77.38 14.39 4.75
C PRO I 8 -77.89 15.56 5.61
N SER I 9 -79.17 15.91 5.45
CA SER I 9 -79.76 17.03 6.23
C SER I 9 -79.70 16.72 7.73
N SER I 10 -79.95 15.48 8.13
CA SER I 10 -79.89 15.10 9.57
C SER I 10 -79.04 13.84 9.73
N VAL I 11 -78.30 13.74 10.84
CA VAL I 11 -77.50 12.51 11.11
C VAL I 11 -77.69 12.07 12.57
N SER I 12 -77.76 10.76 12.85
CA SER I 12 -77.83 10.32 14.27
C SER I 12 -76.85 9.17 14.51
N ALA I 13 -75.92 9.34 15.45
CA ALA I 13 -74.89 8.29 15.73
C ALA I 13 -74.61 8.23 17.24
N SER I 14 -74.06 7.12 17.72
CA SER I 14 -73.85 6.96 19.19
C SER I 14 -72.36 7.02 19.56
N VAL I 15 -71.75 5.89 19.89
CA VAL I 15 -70.33 5.88 20.39
C VAL I 15 -69.52 4.83 19.63
N GLY I 16 -68.19 5.00 19.59
CA GLY I 16 -67.31 4.04 18.87
C GLY I 16 -67.67 3.85 17.41
N ASP I 17 -67.91 4.94 16.66
CA ASP I 17 -68.36 4.84 15.25
C ASP I 17 -67.83 6.02 14.43
N ARG I 18 -67.90 5.92 13.10
CA ARG I 18 -67.48 7.03 12.20
C ARG I 18 -68.72 7.67 11.58
N VAL I 19 -68.86 8.99 11.66
CA VAL I 19 -70.11 9.67 11.18
C VAL I 19 -69.82 10.37 9.86
N THR I 20 -70.44 9.95 8.75
CA THR I 20 -70.10 10.51 7.42
C THR I 20 -71.11 11.59 7.01
N ILE I 21 -70.63 12.77 6.57
CA ILE I 21 -71.54 13.83 6.10
C ILE I 21 -70.82 14.47 4.92
N THR I 22 -71.42 14.46 3.74
CA THR I 22 -70.67 14.91 2.55
C THR I 22 -71.16 16.25 1.99
N CYS I 23 -70.23 17.16 1.68
CA CYS I 23 -70.63 18.42 1.02
C CYS I 23 -70.11 18.39 -0.42
N ARG I 24 -70.80 19.05 -1.35
CA ARG I 24 -70.39 19.01 -2.78
C ARG I 24 -70.27 20.44 -3.31
N ALA I 25 -69.38 20.68 -4.29
CA ALA I 25 -69.12 22.05 -4.77
C ALA I 25 -69.63 22.26 -6.19
N SER I 26 -70.29 23.40 -6.44
CA SER I 26 -70.79 23.72 -7.81
C SER I 26 -69.57 23.80 -8.74
N GLN I 27 -68.50 24.43 -8.28
CA GLN I 27 -67.24 24.46 -9.09
C GLN I 27 -66.20 23.75 -8.23
N GLY I 28 -65.49 22.78 -8.80
CA GLY I 28 -64.55 22.03 -7.95
C GLY I 28 -63.35 22.86 -7.57
N ILE I 29 -63.10 23.02 -6.27
CA ILE I 29 -61.86 23.73 -5.83
C ILE I 29 -60.77 22.66 -5.83
N SER I 30 -59.59 22.96 -6.36
CA SER I 30 -58.57 21.90 -6.51
C SER I 30 -58.14 21.31 -5.17
N THR I 31 -57.84 22.14 -4.17
CA THR I 31 -57.30 21.59 -2.91
C THR I 31 -57.79 22.39 -1.70
N TRP I 32 -58.87 23.17 -1.83
CA TRP I 32 -59.25 24.07 -0.70
C TRP I 32 -60.71 23.91 -0.27
N LEU I 33 -60.98 23.62 1.02
CA LEU I 33 -62.36 23.60 1.55
C LEU I 33 -62.32 23.72 3.07
N ALA I 34 -63.37 24.25 3.71
CA ALA I 34 -63.29 24.48 5.17
C ALA I 34 -64.47 23.83 5.90
N TRP I 35 -64.24 23.29 7.10
CA TRP I 35 -65.34 22.71 7.91
C TRP I 35 -65.40 23.44 9.26
N TYR I 36 -66.58 23.52 9.87
CA TYR I 36 -66.73 24.29 11.13
C TYR I 36 -67.55 23.49 12.14
N GLN I 37 -67.39 23.77 13.44
CA GLN I 37 -68.22 23.10 14.48
C GLN I 37 -69.04 24.15 15.22
N GLN I 38 -70.36 23.94 15.30
CA GLN I 38 -71.22 24.88 16.05
C GLN I 38 -72.09 24.09 17.04
N LYS I 39 -71.99 24.42 18.33
CA LYS I 39 -72.80 23.73 19.36
C LYS I 39 -73.93 24.67 19.77
N PRO I 40 -75.06 24.18 20.32
CA PRO I 40 -76.11 25.09 20.76
C PRO I 40 -75.54 26.03 21.84
N GLY I 41 -75.83 27.32 21.73
CA GLY I 41 -75.31 28.31 22.69
C GLY I 41 -73.79 28.31 22.74
N LYS I 42 -73.14 28.11 21.59
CA LYS I 42 -71.65 28.03 21.56
C LYS I 42 -71.12 28.83 20.36
N ALA I 43 -69.80 29.00 20.27
CA ALA I 43 -69.18 29.77 19.16
C ALA I 43 -68.59 28.81 18.14
N PRO I 44 -68.77 29.04 16.82
CA PRO I 44 -68.16 28.17 15.81
C PRO I 44 -66.62 28.21 15.89
N LYS I 45 -65.99 27.06 15.67
CA LYS I 45 -64.49 26.99 15.72
C LYS I 45 -64.00 26.29 14.45
N VAL I 46 -62.80 26.64 13.98
CA VAL I 46 -62.29 26.09 12.68
C VAL I 46 -62.09 24.58 12.81
N LEU I 47 -62.53 23.80 11.82
CA LEU I 47 -62.24 22.35 11.83
C LEU I 47 -61.29 22.02 10.68
N ILE I 48 -61.54 22.59 9.49
CA ILE I 48 -60.60 22.39 8.34
C ILE I 48 -60.12 23.76 7.84
N ASN I 49 -58.80 23.97 7.71
CA ASN I 49 -58.25 25.31 7.38
C ASN I 49 -58.26 25.51 5.87
N ALA I 50 -59.45 25.54 5.27
CA ALA I 50 -59.54 25.71 3.81
C ALA I 50 -58.71 24.58 3.18
N ALA I 51 -58.62 23.44 3.85
CA ALA I 51 -57.91 22.25 3.31
C ALA I 51 -56.45 22.55 2.97
N SER I 52 -55.79 23.48 3.68
CA SER I 52 -54.34 23.66 3.45
C SER I 52 -53.72 22.33 3.87
N GLY I 53 -54.23 21.75 4.96
CA GLY I 53 -53.78 20.44 5.47
C GLY I 53 -54.85 19.97 6.43
N LEU I 54 -54.70 18.82 7.07
CA LEU I 54 -55.71 18.46 8.11
C LEU I 54 -55.66 19.59 9.14
N GLN I 55 -56.82 20.03 9.67
CA GLN I 55 -56.79 21.23 10.54
C GLN I 55 -57.18 20.95 12.00
N SER I 56 -56.81 21.84 12.91
CA SER I 56 -57.07 21.68 14.35
C SER I 56 -58.50 22.12 14.71
N GLY I 57 -58.77 22.33 16.00
CA GLY I 57 -60.15 22.62 16.45
C GLY I 57 -60.77 21.29 16.84
N VAL I 58 -60.04 20.20 16.60
CA VAL I 58 -60.50 18.82 16.97
C VAL I 58 -59.23 17.97 17.14
N PRO I 59 -59.27 16.80 17.83
CA PRO I 59 -58.10 15.92 17.89
C PRO I 59 -57.82 15.37 16.49
N SER I 60 -56.62 14.84 16.27
CA SER I 60 -56.23 14.40 14.90
C SER I 60 -57.23 13.36 14.38
N ARG I 61 -57.84 12.59 15.28
CA ARG I 61 -58.78 11.51 14.86
C ARG I 61 -59.94 12.09 14.05
N PHE I 62 -60.43 13.28 14.41
CA PHE I 62 -61.62 13.84 13.72
C PHE I 62 -61.20 14.56 12.43
N SER I 63 -60.86 13.80 11.39
CA SER I 63 -60.51 14.42 10.09
C SER I 63 -61.26 13.77 8.93
N GLY I 64 -62.00 14.54 8.13
CA GLY I 64 -62.66 13.99 6.93
C GLY I 64 -62.24 14.82 5.72
N SER I 65 -61.75 14.19 4.65
CA SER I 65 -61.21 14.99 3.53
C SER I 65 -61.85 14.60 2.19
N GLY I 66 -62.23 15.59 1.39
CA GLY I 66 -62.79 15.32 0.04
C GLY I 66 -62.11 16.21 -0.98
N SER I 67 -62.19 15.86 -2.27
CA SER I 67 -61.52 16.65 -3.33
C SER I 67 -62.57 17.29 -4.24
N GLY I 68 -62.46 18.60 -4.46
CA GLY I 68 -63.39 19.28 -5.39
C GLY I 68 -64.83 19.07 -4.98
N THR I 69 -65.68 18.67 -5.92
CA THR I 69 -67.13 18.52 -5.61
C THR I 69 -67.36 17.45 -4.56
N ASP I 70 -66.75 16.26 -4.69
CA ASP I 70 -67.07 15.18 -3.73
C ASP I 70 -66.30 15.40 -2.42
N PHE I 71 -66.85 16.19 -1.49
CA PHE I 71 -66.06 16.48 -0.26
C PHE I 71 -66.78 15.80 0.91
N THR I 72 -66.05 15.19 1.85
CA THR I 72 -66.80 14.48 2.92
C THR I 72 -66.15 14.67 4.28
N LEU I 73 -66.95 14.53 5.34
CA LEU I 73 -66.40 14.66 6.71
C LEU I 73 -66.78 13.42 7.52
N THR I 74 -65.79 12.80 8.17
CA THR I 74 -66.10 11.65 9.06
C THR I 74 -65.17 11.73 10.28
N ILE I 75 -65.64 11.27 11.43
CA ILE I 75 -64.84 11.36 12.69
C ILE I 75 -64.50 9.95 13.15
N SER I 76 -63.25 9.71 13.57
CA SER I 76 -62.81 8.33 13.93
C SER I 76 -63.58 7.76 15.14
N SER I 77 -63.18 6.59 15.61
CA SER I 77 -63.91 5.88 16.70
C SER I 77 -63.80 6.65 18.02
N LEU I 78 -62.91 7.63 18.11
CA LEU I 78 -62.69 8.35 19.39
C LEU I 78 -64.04 8.89 19.87
N GLN I 79 -64.28 8.87 21.18
CA GLN I 79 -65.63 9.24 21.69
C GLN I 79 -66.05 10.59 21.11
N PRO I 80 -67.26 10.69 20.53
CA PRO I 80 -67.69 11.92 19.88
C PRO I 80 -67.99 13.06 20.86
N GLU I 81 -67.75 14.30 20.45
CA GLU I 81 -68.14 15.46 21.29
C GLU I 81 -69.66 15.55 21.17
N ASP I 82 -70.33 16.34 22.01
CA ASP I 82 -71.81 16.31 21.91
C ASP I 82 -72.12 16.53 20.43
N PHE I 83 -72.99 15.71 19.85
CA PHE I 83 -73.19 15.80 18.38
C PHE I 83 -73.54 17.25 18.05
N ALA I 84 -72.86 17.82 17.06
CA ALA I 84 -73.07 19.25 16.79
C ALA I 84 -73.31 19.50 15.29
N THR I 85 -74.13 20.50 14.99
CA THR I 85 -74.37 20.88 13.57
C THR I 85 -73.03 21.29 12.95
N TYR I 86 -72.71 20.77 11.77
CA TYR I 86 -71.38 21.06 11.16
C TYR I 86 -71.58 21.77 9.82
N TYR I 87 -70.80 22.80 9.55
CA TYR I 87 -71.01 23.62 8.32
C TYR I 87 -69.77 23.55 7.43
N CYS I 88 -69.91 23.92 6.17
CA CYS I 88 -68.78 23.81 5.22
C CYS I 88 -68.53 25.17 4.56
N GLN I 89 -67.33 25.75 4.74
CA GLN I 89 -67.09 27.12 4.22
C GLN I 89 -66.38 27.06 2.86
N GLN I 90 -66.87 27.81 1.88
CA GLN I 90 -66.22 27.87 0.54
C GLN I 90 -64.78 28.32 0.73
N ALA I 91 -63.87 27.96 -0.17
CA ALA I 91 -62.47 28.32 0.14
C ALA I 91 -61.75 29.01 -1.02
N HIS I 92 -62.46 29.49 -2.04
CA HIS I 92 -61.69 30.07 -3.17
C HIS I 92 -62.19 31.44 -3.63
N SER I 93 -63.50 31.60 -3.84
CA SER I 93 -63.98 32.88 -4.45
C SER I 93 -64.85 33.68 -3.48
N PHE I 94 -64.56 34.98 -3.34
CA PHE I 94 -65.43 35.83 -2.49
C PHE I 94 -66.81 35.84 -3.15
N PRO I 95 -67.91 35.71 -2.38
CA PRO I 95 -67.86 35.57 -0.93
C PRO I 95 -67.58 34.13 -0.45
N PRO I 96 -66.68 33.91 0.55
CA PRO I 96 -66.50 32.58 1.11
C PRO I 96 -67.92 32.30 1.63
N THR I 97 -68.45 31.12 1.38
CA THR I 97 -69.87 30.89 1.76
C THR I 97 -70.00 29.71 2.72
N PHE I 98 -71.11 29.64 3.46
CA PHE I 98 -71.31 28.57 4.46
C PHE I 98 -72.25 27.50 3.90
N GLY I 99 -71.90 26.23 4.06
CA GLY I 99 -72.77 25.12 3.61
C GLY I 99 -74.01 25.05 4.46
N PRO I 100 -75.13 24.47 3.99
CA PRO I 100 -76.38 24.50 4.75
C PRO I 100 -76.16 23.86 6.13
N GLY I 101 -75.36 22.79 6.17
CA GLY I 101 -75.03 22.17 7.47
C GLY I 101 -75.88 20.94 7.76
N THR I 102 -75.37 20.05 8.61
CA THR I 102 -76.13 18.83 8.97
C THR I 102 -76.45 18.89 10.47
N LYS I 103 -77.73 18.79 10.83
CA LYS I 103 -78.11 18.77 12.28
C LYS I 103 -77.68 17.42 12.87
N LEU I 104 -77.18 17.42 14.11
CA LEU I 104 -76.65 16.16 14.71
C LEU I 104 -77.30 15.89 16.07
N GLU I 105 -77.65 14.63 16.35
CA GLU I 105 -78.17 14.27 17.65
C GLU I 105 -77.66 12.88 18.06
N ILE I 106 -78.21 12.38 19.17
CA ILE I 106 -77.80 11.13 19.80
C ILE I 106 -79.02 10.26 20.03
N LYS I 107 -78.86 8.95 19.82
CA LYS I 107 -79.92 8.00 20.14
C LYS I 107 -79.32 6.69 20.64
N GLN J 1 -15.13 48.64 45.44
CA GLN J 1 -15.11 49.39 44.16
C GLN J 1 -16.53 49.44 43.61
N VAL J 2 -17.07 48.31 43.16
CA VAL J 2 -18.48 48.29 42.67
C VAL J 2 -19.36 48.63 43.87
N GLN J 3 -20.32 49.53 43.70
CA GLN J 3 -21.26 49.85 44.80
C GLN J 3 -22.52 50.46 44.23
N LEU J 4 -23.61 50.40 44.98
CA LEU J 4 -24.84 51.09 44.56
C LEU J 4 -25.38 51.78 45.81
N VAL J 5 -24.62 52.74 46.33
CA VAL J 5 -25.03 53.39 47.62
C VAL J 5 -26.34 54.13 47.40
N GLU J 6 -27.16 54.23 48.45
CA GLU J 6 -28.49 54.85 48.29
C GLU J 6 -28.64 56.01 49.27
N SER J 7 -29.61 56.88 49.05
CA SER J 7 -29.84 58.06 49.90
C SER J 7 -31.34 58.38 49.91
N GLY J 8 -31.73 59.46 50.56
CA GLY J 8 -33.16 59.85 50.57
C GLY J 8 -33.97 59.01 51.53
N GLY J 9 -33.32 58.42 52.54
CA GLY J 9 -34.07 57.64 53.54
C GLY J 9 -34.56 58.50 54.69
N GLY J 10 -35.89 58.69 54.78
CA GLY J 10 -36.47 59.49 55.88
C GLY J 10 -37.93 59.14 56.13
N VAL J 11 -38.46 59.49 57.31
CA VAL J 11 -39.90 59.25 57.60
C VAL J 11 -40.75 60.17 56.72
N VAL J 12 -41.82 59.63 56.13
CA VAL J 12 -42.74 60.45 55.26
C VAL J 12 -44.18 60.20 55.71
N GLN J 13 -45.00 61.26 55.78
CA GLN J 13 -46.43 61.09 56.12
C GLN J 13 -47.16 60.42 54.96
N PRO J 14 -48.26 59.64 55.15
CA PRO J 14 -49.00 59.07 54.02
C PRO J 14 -49.60 60.12 53.08
N GLY J 15 -49.58 59.84 51.77
CA GLY J 15 -50.11 60.80 50.77
C GLY J 15 -49.07 61.86 50.43
N ARG J 16 -47.87 61.74 51.00
CA ARG J 16 -46.78 62.73 50.73
C ARG J 16 -45.69 62.00 49.94
N SER J 17 -45.06 62.66 48.98
CA SER J 17 -44.09 61.96 48.11
C SER J 17 -42.66 62.38 48.40
N LEU J 18 -41.75 61.41 48.55
CA LEU J 18 -40.31 61.76 48.71
C LEU J 18 -39.54 61.10 47.57
N ARG J 19 -38.76 61.87 46.82
CA ARG J 19 -37.91 61.23 45.78
C ARG J 19 -36.86 60.40 46.49
N LEU J 20 -36.61 59.18 46.03
CA LEU J 20 -35.54 58.35 46.61
C LEU J 20 -34.41 58.31 45.58
N SER J 21 -33.23 58.77 45.96
CA SER J 21 -32.14 58.85 44.95
C SER J 21 -31.24 57.63 45.15
N CYS J 22 -31.16 56.78 44.15
CA CYS J 22 -30.24 55.62 44.25
C CYS J 22 -29.00 55.95 43.43
N ALA J 23 -27.92 56.36 44.09
CA ALA J 23 -26.73 56.79 43.35
C ALA J 23 -25.99 55.58 42.84
N SER J 24 -25.06 55.76 41.91
CA SER J 24 -24.25 54.63 41.40
C SER J 24 -22.78 54.99 41.44
N SER J 25 -21.93 53.98 41.60
CA SER J 25 -20.47 54.22 41.57
C SER J 25 -19.78 53.04 40.90
N GLY J 26 -18.66 53.27 40.23
CA GLY J 26 -17.90 52.17 39.65
C GLY J 26 -18.70 51.28 38.72
N PHE J 27 -19.60 51.85 37.92
CA PHE J 27 -20.35 51.03 36.93
C PHE J 27 -20.69 51.85 35.69
N THR J 28 -20.89 51.20 34.54
CA THR J 28 -21.37 51.97 33.37
C THR J 28 -22.88 52.01 33.55
N PHE J 29 -23.41 53.11 34.05
CA PHE J 29 -24.85 53.12 34.40
C PHE J 29 -25.71 52.83 33.18
N SER J 30 -25.34 53.31 31.99
CA SER J 30 -26.26 53.17 30.82
C SER J 30 -26.57 51.72 30.47
N THR J 31 -25.57 50.85 30.35
CA THR J 31 -25.87 49.48 29.91
C THR J 31 -26.66 48.72 30.98
N TYR J 32 -26.30 48.88 32.26
CA TYR J 32 -26.95 48.08 33.32
C TYR J 32 -28.37 48.56 33.55
N HIS J 33 -29.32 47.62 33.67
CA HIS J 33 -30.73 47.98 33.99
C HIS J 33 -30.80 48.22 35.50
N MET J 34 -31.79 48.97 35.99
CA MET J 34 -31.95 49.12 37.45
C MET J 34 -33.41 48.86 37.82
N HIS J 35 -33.70 48.17 38.94
CA HIS J 35 -35.11 47.99 39.40
C HIS J 35 -35.20 48.07 40.93
N TRP J 36 -36.42 48.25 41.47
CA TRP J 36 -36.55 48.48 42.93
C TRP J 36 -37.26 47.34 43.66
N VAL J 37 -36.63 46.78 44.70
CA VAL J 37 -37.19 45.65 45.48
C VAL J 37 -37.36 46.07 46.95
N ARG J 38 -38.56 45.91 47.53
CA ARG J 38 -38.81 46.45 48.90
C ARG J 38 -39.12 45.32 49.87
N GLN J 39 -38.55 45.38 51.08
CA GLN J 39 -38.77 44.33 52.12
C GLN J 39 -39.50 44.96 53.30
N PRO J 40 -40.81 44.70 53.49
CA PRO J 40 -41.54 45.31 54.58
C PRO J 40 -40.98 44.69 55.86
N PRO J 41 -41.03 45.37 57.01
CA PRO J 41 -40.41 44.82 58.21
C PRO J 41 -41.06 43.47 58.56
N GLY J 42 -40.26 42.47 58.92
CA GLY J 42 -40.78 41.12 59.22
C GLY J 42 -41.51 40.50 58.04
N LYS J 43 -40.99 40.67 56.83
CA LYS J 43 -41.61 40.01 55.66
C LYS J 43 -40.52 39.51 54.72
N GLY J 44 -40.79 39.53 53.42
CA GLY J 44 -39.83 39.01 52.43
C GLY J 44 -39.67 39.96 51.26
N LEU J 45 -38.64 39.75 50.44
CA LEU J 45 -38.38 40.70 49.33
C LEU J 45 -39.61 40.77 48.43
N GLU J 46 -39.98 41.96 47.94
CA GLU J 46 -41.14 42.15 47.01
C GLU J 46 -40.61 42.99 45.84
N TRP J 47 -41.34 43.13 44.74
CA TRP J 47 -40.78 43.87 43.58
C TRP J 47 -41.68 45.05 43.17
N VAL J 48 -41.11 46.11 42.60
CA VAL J 48 -41.89 47.34 42.21
C VAL J 48 -41.73 47.67 40.71
N ALA J 49 -40.69 48.39 40.28
CA ALA J 49 -40.63 48.84 38.85
C ALA J 49 -39.24 48.69 38.22
N PHE J 50 -39.17 48.70 36.88
CA PHE J 50 -37.88 48.46 36.17
C PHE J 50 -37.60 49.52 35.10
N ILE J 51 -36.33 49.92 34.93
CA ILE J 51 -35.93 50.87 33.85
C ILE J 51 -34.84 50.22 33.02
N SER J 52 -34.96 50.21 31.69
CA SER J 52 -34.00 49.47 30.83
C SER J 52 -32.68 50.21 30.62
N TYR J 53 -31.91 49.77 29.62
CA TYR J 53 -30.60 50.43 29.34
C TYR J 53 -30.80 51.83 28.74
N ASP J 54 -31.72 51.93 27.78
CA ASP J 54 -31.95 53.23 27.08
C ASP J 54 -32.73 54.18 28.00
N GLY J 55 -33.48 53.63 28.96
CA GLY J 55 -34.30 54.49 29.83
C GLY J 55 -35.62 54.64 29.14
N SER J 56 -35.80 53.89 28.05
CA SER J 56 -37.06 53.94 27.27
C SER J 56 -38.06 52.86 27.72
N ASN J 57 -37.62 51.86 28.48
CA ASN J 57 -38.56 50.77 28.84
C ASN J 57 -38.91 50.84 30.33
N TYR J 58 -40.19 50.98 30.66
CA TYR J 58 -40.64 50.98 32.08
C TYR J 58 -41.75 49.96 32.27
N TYR J 59 -41.60 49.01 33.20
CA TYR J 59 -42.70 48.05 33.51
C TYR J 59 -42.96 48.13 35.02
N TYR J 60 -44.21 47.97 35.49
CA TYR J 60 -44.51 48.19 36.92
C TYR J 60 -45.15 46.95 37.55
N SER J 61 -44.99 46.77 38.87
CA SER J 61 -45.63 45.65 39.60
C SER J 61 -47.13 45.89 39.73
N ASP J 62 -47.93 44.83 39.75
CA ASP J 62 -49.40 44.97 39.82
C ASP J 62 -49.84 45.60 41.14
N SER J 63 -49.15 45.30 42.24
CA SER J 63 -49.63 45.76 43.58
C SER J 63 -49.72 47.29 43.63
N VAL J 64 -48.73 48.00 43.12
CA VAL J 64 -48.84 49.48 43.06
C VAL J 64 -48.74 49.87 41.58
N LYS J 65 -49.77 50.52 41.04
CA LYS J 65 -49.75 50.81 39.58
C LYS J 65 -49.84 52.31 39.32
N GLY J 66 -48.88 52.88 38.61
CA GLY J 66 -48.95 54.30 38.24
C GLY J 66 -48.75 55.18 39.45
N ARG J 67 -48.28 54.60 40.56
CA ARG J 67 -48.11 55.38 41.80
C ARG J 67 -46.65 55.79 41.96
N PHE J 68 -45.79 55.43 41.00
CA PHE J 68 -44.35 55.74 41.15
C PHE J 68 -43.72 55.97 39.77
N THR J 69 -42.72 56.85 39.74
CA THR J 69 -42.08 57.18 38.45
C THR J 69 -40.61 56.85 38.60
N ILE J 70 -40.15 55.91 37.79
CA ILE J 70 -38.74 55.48 37.93
C ILE J 70 -38.00 56.09 36.73
N SER J 71 -36.94 56.85 36.96
CA SER J 71 -36.23 57.55 35.86
C SER J 71 -34.71 57.43 36.00
N ARG J 72 -33.99 57.11 34.92
CA ARG J 72 -32.53 56.89 35.00
C ARG J 72 -31.79 57.99 34.25
N ASP J 73 -31.20 58.95 34.96
CA ASP J 73 -30.36 59.96 34.24
C ASP J 73 -28.93 59.42 34.21
N ASN J 74 -28.44 59.00 33.05
CA ASN J 74 -27.09 58.38 32.98
C ASN J 74 -26.04 59.41 33.39
N SER J 75 -26.20 60.66 32.94
CA SER J 75 -25.20 61.70 33.26
C SER J 75 -25.19 61.92 34.77
N LYS J 76 -26.37 61.97 35.39
CA LYS J 76 -26.45 62.09 36.86
C LYS J 76 -25.89 60.81 37.51
N ASN J 77 -26.03 59.67 36.83
CA ASN J 77 -25.57 58.35 37.37
C ASN J 77 -26.55 57.94 38.48
N THR J 78 -27.73 58.55 38.52
CA THR J 78 -28.67 58.27 39.63
C THR J 78 -30.04 57.80 39.14
N VAL J 79 -30.50 56.63 39.58
CA VAL J 79 -31.89 56.21 39.23
C VAL J 79 -32.78 56.82 40.31
N TYR J 80 -33.85 57.47 39.92
CA TYR J 80 -34.69 58.18 40.93
C TYR J 80 -36.06 57.54 41.00
N LEU J 81 -36.51 57.17 42.20
CA LEU J 81 -37.90 56.67 42.30
C LEU J 81 -38.66 57.62 43.22
N GLN J 82 -39.82 58.11 42.78
CA GLN J 82 -40.66 58.93 43.69
C GLN J 82 -42.07 58.33 43.71
N MET J 83 -42.65 58.17 44.89
CA MET J 83 -43.98 57.52 44.96
C MET J 83 -45.00 58.61 45.25
N ASN J 84 -45.99 58.78 44.37
CA ASN J 84 -46.93 59.91 44.53
C ASN J 84 -47.67 59.79 45.87
N SER J 85 -48.15 58.60 46.21
CA SER J 85 -48.82 58.40 47.52
C SER J 85 -48.21 57.18 48.21
N LEU J 86 -47.78 57.34 49.46
CA LEU J 86 -47.14 56.21 50.17
C LEU J 86 -48.15 55.62 51.14
N ARG J 87 -48.48 54.34 50.98
CA ARG J 87 -49.43 53.67 51.89
C ARG J 87 -48.74 53.36 53.23
N ALA J 88 -49.52 53.21 54.30
CA ALA J 88 -48.96 52.87 55.61
C ALA J 88 -48.26 51.52 55.50
N GLU J 89 -48.78 50.63 54.65
CA GLU J 89 -48.18 49.29 54.46
C GLU J 89 -46.75 49.42 53.95
N ASP J 90 -46.47 50.40 53.09
CA ASP J 90 -45.12 50.49 52.48
C ASP J 90 -44.14 51.19 53.43
N THR J 91 -43.80 50.54 54.55
CA THR J 91 -42.85 51.11 55.54
C THR J 91 -41.52 50.40 55.36
N ALA J 92 -41.32 49.80 54.19
CA ALA J 92 -40.15 48.93 53.95
C ALA J 92 -38.81 49.65 53.81
N LEU J 93 -37.73 48.88 53.86
CA LEU J 93 -36.41 49.48 53.59
C LEU J 93 -36.21 49.31 52.08
N TYR J 94 -36.34 50.38 51.28
CA TYR J 94 -36.28 50.21 49.81
C TYR J 94 -34.89 49.80 49.36
N TYR J 95 -34.80 48.85 48.43
CA TYR J 95 -33.49 48.32 48.00
C TYR J 95 -33.34 48.56 46.50
N CYS J 96 -32.14 48.87 46.03
CA CYS J 96 -31.92 49.21 44.60
C CYS J 96 -31.16 48.06 43.96
N ALA J 97 -31.56 47.61 42.78
CA ALA J 97 -30.89 46.41 42.23
C ALA J 97 -30.33 46.64 40.84
N ARG J 98 -29.17 46.04 40.55
CA ARG J 98 -28.53 46.22 39.22
C ARG J 98 -28.69 44.93 38.42
N ASP J 99 -29.42 44.97 37.31
CA ASP J 99 -29.71 43.70 36.59
C ASP J 99 -29.21 43.74 35.15
N SER J 100 -28.11 43.06 34.82
CA SER J 100 -27.67 42.95 33.41
C SER J 100 -28.25 41.63 32.87
N SER J 101 -29.51 41.61 32.42
CA SER J 101 -30.11 40.30 32.08
C SER J 101 -30.73 40.15 30.70
N GLY J 102 -30.19 40.79 29.68
CA GLY J 102 -30.69 40.54 28.33
C GLY J 102 -29.59 40.64 27.31
N TRP J 103 -28.34 40.59 27.75
CA TRP J 103 -27.26 40.91 26.81
C TRP J 103 -26.29 39.77 26.53
N HIS J 104 -26.66 38.52 26.67
CA HIS J 104 -25.71 37.46 26.29
C HIS J 104 -24.49 37.64 27.17
N TRP J 105 -24.67 38.25 28.31
CA TRP J 105 -23.44 38.56 29.08
C TRP J 105 -23.68 38.51 30.56
N GLY J 106 -24.91 38.76 30.98
CA GLY J 106 -25.07 38.96 32.44
C GLY J 106 -26.13 38.20 33.18
N VAL J 107 -26.14 38.36 34.52
CA VAL J 107 -27.06 37.59 35.39
C VAL J 107 -27.82 38.56 36.29
N PRO J 108 -28.99 38.19 36.83
CA PRO J 108 -29.81 39.13 37.60
C PRO J 108 -29.47 39.60 39.02
N PHE J 109 -29.83 40.83 39.37
CA PHE J 109 -29.66 41.32 40.76
C PHE J 109 -28.24 41.05 41.27
N ASP J 110 -27.21 41.36 40.49
CA ASP J 110 -25.81 41.01 40.86
C ASP J 110 -25.27 41.69 42.13
N TYR J 111 -25.51 42.98 42.38
CA TYR J 111 -24.85 43.60 43.56
C TYR J 111 -25.81 43.95 44.71
N TRP J 112 -26.89 44.67 44.46
CA TRP J 112 -27.85 45.11 45.51
C TRP J 112 -27.32 46.37 46.22
N GLY J 113 -28.06 46.92 47.18
CA GLY J 113 -27.63 48.19 47.80
C GLY J 113 -27.78 48.17 49.32
N GLN J 114 -27.09 49.07 50.02
CA GLN J 114 -27.15 49.11 51.50
C GLN J 114 -28.59 49.39 51.91
N GLY J 115 -29.28 50.28 51.20
CA GLY J 115 -30.71 50.51 51.48
C GLY J 115 -31.03 51.75 52.28
N THR J 116 -32.25 52.27 52.16
CA THR J 116 -32.68 53.48 52.90
C THR J 116 -33.90 53.14 53.76
N LEU J 117 -33.85 53.44 55.05
CA LEU J 117 -34.97 53.05 55.95
C LEU J 117 -36.15 53.99 55.77
N VAL J 118 -36.87 53.86 54.67
CA VAL J 118 -38.07 54.63 54.46
C VAL J 118 -39.01 54.36 55.61
N THR J 119 -39.88 55.31 55.91
CA THR J 119 -40.84 55.13 56.98
C THR J 119 -42.12 55.87 56.68
N VAL J 120 -43.24 55.23 56.99
CA VAL J 120 -44.54 55.86 56.96
C VAL J 120 -45.03 55.97 58.40
N SER J 121 -45.48 57.16 58.78
CA SER J 121 -45.86 57.43 60.16
C SER J 121 -47.12 58.27 60.18
N SER J 122 -47.78 58.28 61.34
CA SER J 122 -48.99 59.07 61.53
C SER J 122 -49.10 59.59 62.95
N ILE K 2 -45.30 33.41 38.04
CA ILE K 2 -45.81 34.57 38.83
C ILE K 2 -46.11 34.11 40.26
N VAL K 3 -46.27 32.80 40.50
CA VAL K 3 -46.43 32.32 41.90
C VAL K 3 -45.31 31.32 42.20
N LEU K 4 -44.50 31.58 43.23
CA LEU K 4 -43.42 30.64 43.64
C LEU K 4 -43.66 30.26 45.10
N THR K 5 -43.65 28.97 45.45
CA THR K 5 -43.79 28.57 46.87
C THR K 5 -42.57 27.75 47.33
N GLN K 6 -41.91 28.15 48.42
CA GLN K 6 -40.73 27.42 48.95
C GLN K 6 -41.22 26.55 50.12
N SER K 7 -41.18 25.22 49.99
CA SER K 7 -41.77 24.30 51.01
C SER K 7 -41.09 24.29 52.38
N PRO K 8 -39.76 24.23 52.54
CA PRO K 8 -39.15 24.08 53.87
C PRO K 8 -38.99 25.41 54.63
N SER K 9 -40.04 25.89 55.28
CA SER K 9 -39.97 27.23 55.90
C SER K 9 -38.90 27.28 56.98
N SER K 10 -38.81 26.28 57.84
CA SER K 10 -37.71 26.28 58.84
C SER K 10 -36.96 24.95 58.83
N LEU K 11 -35.64 24.97 58.67
CA LEU K 11 -34.83 23.74 58.76
C LEU K 11 -33.70 24.01 59.75
N SER K 12 -33.48 23.13 60.73
CA SER K 12 -32.33 23.33 61.64
C SER K 12 -31.29 22.26 61.35
N ALA K 13 -30.08 22.66 60.98
CA ALA K 13 -29.06 21.67 60.59
C ALA K 13 -27.75 21.92 61.36
N SER K 14 -27.17 20.88 61.94
CA SER K 14 -25.86 21.01 62.63
C SER K 14 -24.76 21.02 61.58
N VAL K 15 -23.53 21.37 61.96
CA VAL K 15 -22.44 21.49 60.96
C VAL K 15 -22.30 20.19 60.18
N GLN K 16 -22.09 20.26 58.87
CA GLN K 16 -21.84 19.08 57.98
C GLN K 16 -23.15 18.41 57.56
N ASP K 17 -24.28 18.89 58.06
CA ASP K 17 -25.57 18.33 57.59
C ASP K 17 -25.79 18.82 56.16
N ARG K 18 -26.43 18.00 55.32
CA ARG K 18 -26.79 18.47 53.96
C ARG K 18 -28.25 18.92 53.99
N VAL K 19 -28.51 20.18 53.64
CA VAL K 19 -29.90 20.71 53.71
C VAL K 19 -30.38 20.96 52.28
N THR K 20 -31.57 20.46 51.94
CA THR K 20 -32.11 20.64 50.57
C THR K 20 -33.35 21.54 50.64
N ILE K 21 -33.40 22.58 49.81
CA ILE K 21 -34.52 23.57 49.87
C ILE K 21 -35.22 23.57 48.51
N THR K 22 -36.55 23.53 48.48
CA THR K 22 -37.27 23.40 47.17
C THR K 22 -38.29 24.52 46.94
N CYS K 23 -38.28 25.15 45.76
CA CYS K 23 -39.35 26.12 45.39
C CYS K 23 -39.84 25.80 43.98
N ARG K 24 -41.15 25.75 43.77
CA ARG K 24 -41.72 25.33 42.45
C ARG K 24 -42.60 26.45 41.89
N ALA K 25 -42.77 26.50 40.56
CA ALA K 25 -43.48 27.64 39.96
C ALA K 25 -44.79 27.22 39.29
N SER K 26 -45.78 28.12 39.30
CA SER K 26 -47.12 27.82 38.72
C SER K 26 -46.99 27.54 37.22
N GLN K 27 -46.14 28.28 36.52
CA GLN K 27 -45.96 28.09 35.05
C GLN K 27 -44.48 27.81 34.80
N VAL K 28 -44.13 27.18 33.67
CA VAL K 28 -42.72 26.81 33.43
C VAL K 28 -41.89 28.10 33.40
N ILE K 29 -40.74 28.13 34.08
CA ILE K 29 -39.85 29.32 34.02
C ILE K 29 -38.62 29.00 33.18
N SER K 30 -38.54 27.80 32.62
CA SER K 30 -37.46 27.48 31.66
C SER K 30 -36.06 27.87 32.15
N ASN K 31 -35.62 27.38 33.30
CA ASN K 31 -34.24 27.63 33.77
C ASN K 31 -34.01 29.11 34.03
N TYR K 32 -35.01 29.82 34.54
CA TYR K 32 -34.80 31.24 34.89
C TYR K 32 -35.22 31.49 36.35
N LEU K 33 -34.43 31.00 37.32
CA LEU K 33 -34.77 31.17 38.77
C LEU K 33 -33.51 31.58 39.53
N ALA K 34 -33.68 32.34 40.61
CA ALA K 34 -32.50 32.85 41.36
C ALA K 34 -32.69 32.63 42.85
N TRP K 35 -31.64 32.28 43.59
CA TRP K 35 -31.76 31.98 45.05
C TRP K 35 -30.87 32.94 45.83
N PHE K 36 -31.34 33.56 46.90
CA PHE K 36 -30.52 34.57 47.58
C PHE K 36 -30.43 34.26 49.06
N GLN K 37 -29.46 34.81 49.79
CA GLN K 37 -29.28 34.46 51.21
C GLN K 37 -29.24 35.67 52.13
N GLN K 38 -30.38 36.23 52.47
CA GLN K 38 -30.32 37.50 53.22
C GLN K 38 -29.88 37.21 54.64
N LYS K 39 -28.64 37.56 54.99
CA LYS K 39 -28.25 37.37 56.40
C LYS K 39 -29.01 38.40 57.21
N PRO K 40 -29.41 38.12 58.47
CA PRO K 40 -30.18 39.10 59.19
C PRO K 40 -29.31 40.35 59.32
N GLY K 41 -29.89 41.54 59.13
CA GLY K 41 -29.11 42.78 59.35
C GLY K 41 -28.26 43.23 58.18
N LYS K 42 -28.42 42.62 57.01
CA LYS K 42 -27.67 43.08 55.80
C LYS K 42 -28.60 42.87 54.60
N ALA K 43 -28.24 43.41 53.46
CA ALA K 43 -29.04 43.21 52.24
C ALA K 43 -28.69 41.85 51.64
N PRO K 44 -29.55 41.27 50.80
CA PRO K 44 -29.29 39.97 50.25
C PRO K 44 -28.11 39.91 49.28
N LYS K 45 -27.64 38.72 48.94
CA LYS K 45 -26.59 38.53 47.91
C LYS K 45 -27.15 37.44 47.00
N LEU K 46 -26.93 37.47 45.70
CA LEU K 46 -27.58 36.46 44.83
C LEU K 46 -26.69 35.22 44.88
N LEU K 47 -27.26 34.03 45.15
CA LEU K 47 -26.44 32.79 45.30
C LEU K 47 -26.50 31.95 44.04
N ILE K 48 -27.65 31.84 43.39
CA ILE K 48 -27.59 31.08 42.11
C ILE K 48 -28.45 31.79 41.05
N TYR K 49 -28.00 31.83 39.79
CA TYR K 49 -28.76 32.46 38.70
C TYR K 49 -28.97 31.46 37.57
N ALA K 50 -30.18 31.40 36.99
CA ALA K 50 -30.53 30.44 35.91
C ALA K 50 -30.70 29.03 36.45
N ALA K 51 -30.87 28.91 37.76
CA ALA K 51 -31.14 27.63 38.42
C ALA K 51 -29.94 26.71 38.54
N SER K 52 -28.93 26.84 37.69
CA SER K 52 -27.87 25.79 37.74
C SER K 52 -26.48 26.38 37.83
N ASN K 53 -26.36 27.70 37.74
CA ASN K 53 -25.00 28.27 37.67
C ASN K 53 -24.68 29.07 38.93
N LEU K 54 -23.53 28.79 39.56
CA LEU K 54 -23.08 29.60 40.72
C LEU K 54 -22.71 30.95 40.14
N GLN K 55 -22.76 32.03 40.92
CA GLN K 55 -22.56 33.38 40.32
C GLN K 55 -21.11 33.86 40.40
N SER K 56 -20.83 34.84 41.24
CA SER K 56 -19.47 35.44 41.30
C SER K 56 -18.48 34.38 41.72
N GLY K 57 -18.99 33.31 42.32
CA GLY K 57 -18.11 32.21 42.75
C GLY K 57 -17.75 32.37 44.19
N VAL K 58 -18.20 33.44 44.83
CA VAL K 58 -17.93 33.52 46.29
C VAL K 58 -18.61 32.30 46.95
N PRO K 59 -19.87 31.94 46.65
CA PRO K 59 -20.44 30.68 47.16
C PRO K 59 -19.80 29.51 46.41
N SER K 60 -19.33 28.48 47.12
CA SER K 60 -18.61 27.38 46.44
C SER K 60 -19.31 26.02 46.59
N ARG K 61 -19.97 25.78 47.73
CA ARG K 61 -20.59 24.45 47.98
C ARG K 61 -22.10 24.50 47.77
N PHE K 62 -22.67 25.67 47.46
CA PHE K 62 -24.15 25.78 47.37
C PHE K 62 -24.63 25.33 45.99
N ARG K 63 -24.51 24.04 45.71
CA ARG K 63 -24.99 23.51 44.41
C ARG K 63 -26.51 23.53 44.39
N GLY K 64 -27.09 23.89 43.25
CA GLY K 64 -28.55 23.86 43.11
C GLY K 64 -28.87 23.39 41.72
N SER K 65 -30.05 22.82 41.50
CA SER K 65 -30.29 22.27 40.15
C SER K 65 -31.78 22.17 39.84
N GLY K 66 -32.12 21.94 38.58
CA GLY K 66 -33.53 21.76 38.19
C GLY K 66 -33.85 22.47 36.89
N SER K 67 -34.94 22.10 36.23
CA SER K 67 -35.39 22.83 35.02
C SER K 67 -36.92 22.85 35.04
N GLY K 68 -37.53 23.85 34.42
CA GLY K 68 -39.00 23.94 34.48
C GLY K 68 -39.51 24.11 35.90
N THR K 69 -40.50 23.31 36.31
CA THR K 69 -41.17 23.53 37.63
C THR K 69 -40.30 23.30 38.86
N ASP K 70 -39.49 22.24 38.92
CA ASP K 70 -38.81 21.95 40.22
C ASP K 70 -37.34 22.39 40.26
N PHE K 71 -37.02 23.30 41.18
CA PHE K 71 -35.61 23.72 41.37
C PHE K 71 -35.31 23.59 42.86
N THR K 72 -34.22 22.91 43.21
CA THR K 72 -33.88 22.68 44.64
C THR K 72 -32.43 23.08 44.87
N LEU K 73 -32.13 23.69 46.02
CA LEU K 73 -30.76 24.17 46.33
C LEU K 73 -30.22 23.29 47.46
N THR K 74 -29.34 22.35 47.14
CA THR K 74 -28.87 21.42 48.19
C THR K 74 -27.52 21.91 48.73
N ILE K 75 -27.52 22.47 49.94
CA ILE K 75 -26.23 22.90 50.55
C ILE K 75 -25.49 21.62 50.94
N SER K 76 -24.16 21.60 50.84
CA SER K 76 -23.37 20.37 51.11
C SER K 76 -22.92 20.33 52.58
N SER K 77 -21.63 20.58 52.83
CA SER K 77 -21.11 20.61 54.22
C SER K 77 -21.40 21.99 54.81
N LEU K 78 -22.63 22.22 55.28
CA LEU K 78 -23.03 23.55 55.78
C LEU K 78 -22.10 23.96 56.92
N GLN K 79 -21.61 25.19 56.91
CA GLN K 79 -20.79 25.70 58.04
C GLN K 79 -21.71 26.56 58.89
N PRO K 80 -21.45 26.83 60.19
CA PRO K 80 -22.43 27.58 61.01
C PRO K 80 -22.67 28.99 60.43
N GLU K 81 -21.65 29.58 59.83
CA GLU K 81 -21.78 30.97 59.28
C GLU K 81 -22.84 31.00 58.19
N ASP K 82 -22.91 29.95 57.36
CA ASP K 82 -23.85 30.00 56.22
C ASP K 82 -25.24 29.67 56.74
N PHE K 83 -25.71 30.41 57.74
CA PHE K 83 -27.11 30.22 58.23
C PHE K 83 -27.84 31.54 58.04
N ALA K 84 -28.86 31.56 57.18
CA ALA K 84 -29.57 32.83 56.87
C ALA K 84 -30.70 32.52 55.91
N THR K 85 -31.77 33.31 55.94
CA THR K 85 -32.96 32.96 55.14
C THR K 85 -32.59 32.82 53.66
N TYR K 86 -33.16 31.84 52.96
CA TYR K 86 -32.91 31.69 51.50
C TYR K 86 -34.18 32.03 50.71
N TYR K 87 -34.09 32.93 49.73
CA TYR K 87 -35.30 33.39 48.99
C TYR K 87 -35.12 33.10 47.49
N CYS K 88 -36.21 32.85 46.75
CA CYS K 88 -36.12 32.51 45.30
C CYS K 88 -37.04 33.40 44.45
N GLN K 89 -36.59 33.83 43.26
CA GLN K 89 -37.41 34.68 42.35
C GLN K 89 -37.16 34.32 40.87
N GLN K 90 -38.15 34.46 40.00
CA GLN K 90 -37.91 34.24 38.54
C GLN K 90 -37.10 35.44 38.05
N TYR K 91 -36.21 35.29 37.06
CA TYR K 91 -35.43 36.49 36.67
C TYR K 91 -35.75 36.97 35.25
N ASN K 92 -36.64 36.30 34.50
CA ASN K 92 -36.86 36.72 33.08
C ASN K 92 -38.28 37.14 32.79
N ILE K 93 -39.27 36.54 33.43
CA ILE K 93 -40.65 37.09 33.19
C ILE K 93 -40.67 38.39 33.98
N TYR K 94 -41.01 39.53 33.38
CA TYR K 94 -40.87 40.83 34.10
C TYR K 94 -41.79 41.11 35.29
N PRO K 95 -42.99 40.52 35.48
CA PRO K 95 -43.73 40.75 36.72
C PRO K 95 -43.02 39.80 37.69
N LEU K 96 -41.80 40.14 38.11
CA LEU K 96 -40.98 39.22 38.96
C LEU K 96 -41.62 39.06 40.34
N THR K 97 -41.44 37.90 40.97
CA THR K 97 -41.98 37.67 42.33
C THR K 97 -40.95 36.87 43.13
N PHE K 98 -41.03 36.90 44.46
CA PHE K 98 -40.09 36.17 45.34
C PHE K 98 -40.86 35.25 46.30
N GLY K 99 -40.29 34.10 46.64
CA GLY K 99 -40.95 33.13 47.55
C GLY K 99 -40.85 33.54 49.01
N GLY K 100 -41.60 32.87 49.89
CA GLY K 100 -41.63 33.25 51.33
C GLY K 100 -40.28 33.11 52.04
N GLY K 101 -39.50 32.08 51.74
CA GLY K 101 -38.15 31.98 52.31
C GLY K 101 -37.96 30.79 53.23
N THR K 102 -36.72 30.30 53.33
CA THR K 102 -36.38 29.13 54.19
C THR K 102 -35.24 29.53 55.14
N LYS K 103 -35.41 29.32 56.44
CA LYS K 103 -34.37 29.78 57.39
C LYS K 103 -33.57 28.56 57.84
N VAL K 104 -32.28 28.50 57.51
CA VAL K 104 -31.43 27.39 58.00
C VAL K 104 -30.91 27.80 59.38
N ASP K 105 -31.74 27.59 60.41
CA ASP K 105 -31.36 27.99 61.79
C ASP K 105 -30.46 26.92 62.41
N ILE K 106 -29.87 27.22 63.58
CA ILE K 106 -29.11 26.21 64.29
C ILE K 106 -30.06 25.38 65.15
N LYS K 107 -29.70 24.13 65.40
CA LYS K 107 -30.52 23.24 66.22
C LYS K 107 -30.87 23.83 67.58
N VAL L 2 -56.65 -41.91 27.33
CA VAL L 2 -57.16 -40.50 27.31
C VAL L 2 -58.68 -40.53 27.39
N GLN L 3 -59.28 -41.70 27.15
CA GLN L 3 -60.76 -41.84 27.22
C GLN L 3 -61.19 -41.60 28.68
N LEU L 4 -62.28 -40.86 28.88
CA LEU L 4 -62.77 -40.58 30.25
C LEU L 4 -64.18 -41.16 30.40
N VAL L 5 -64.42 -41.95 31.45
CA VAL L 5 -65.78 -42.50 31.69
C VAL L 5 -66.28 -42.02 33.05
N GLU L 6 -67.51 -41.49 33.09
CA GLU L 6 -68.10 -41.02 34.37
C GLU L 6 -69.38 -41.80 34.65
N SER L 7 -69.66 -42.09 35.93
CA SER L 7 -70.84 -42.92 36.28
C SER L 7 -71.23 -42.66 37.74
N GLY L 8 -72.27 -43.35 38.22
CA GLY L 8 -72.70 -43.17 39.63
C GLY L 8 -73.77 -42.10 39.76
N GLY L 9 -74.24 -41.56 38.64
CA GLY L 9 -75.35 -40.58 38.69
C GLY L 9 -76.66 -41.24 38.36
N GLY L 10 -77.68 -41.04 39.20
CA GLY L 10 -78.97 -41.72 38.99
C GLY L 10 -80.13 -40.96 39.61
N LEU L 11 -81.36 -41.36 39.29
CA LEU L 11 -82.55 -40.73 39.90
C LEU L 11 -82.45 -40.92 41.42
N ILE L 12 -82.67 -39.86 42.21
CA ILE L 12 -82.44 -39.98 43.68
C ILE L 12 -83.45 -39.10 44.45
N GLN L 13 -83.80 -39.50 45.67
CA GLN L 13 -84.73 -38.68 46.52
C GLN L 13 -84.00 -37.42 47.00
N PRO L 14 -84.70 -36.29 47.27
CA PRO L 14 -84.04 -35.04 47.65
C PRO L 14 -83.24 -35.07 48.97
N GLY L 15 -82.21 -34.24 49.08
CA GLY L 15 -81.36 -34.22 50.29
C GLY L 15 -80.33 -35.32 50.23
N GLY L 16 -80.46 -36.22 49.25
CA GLY L 16 -79.54 -37.36 49.11
C GLY L 16 -78.15 -36.91 48.71
N SER L 17 -77.12 -37.67 49.10
CA SER L 17 -75.73 -37.37 48.71
C SER L 17 -75.26 -38.43 47.71
N LEU L 18 -74.66 -38.02 46.59
CA LEU L 18 -74.30 -39.02 45.55
C LEU L 18 -72.79 -39.05 45.34
N ARG L 19 -72.26 -40.19 44.86
CA ARG L 19 -70.82 -40.28 44.54
C ARG L 19 -70.71 -40.33 43.02
N LEU L 20 -69.92 -39.44 42.42
CA LEU L 20 -69.73 -39.48 40.95
C LEU L 20 -68.34 -40.07 40.68
N SER L 21 -68.29 -41.20 39.98
CA SER L 21 -66.99 -41.87 39.77
C SER L 21 -66.48 -41.55 38.36
N CYS L 22 -65.31 -40.92 38.28
CA CYS L 22 -64.74 -40.57 36.96
C CYS L 22 -63.45 -41.36 36.79
N ALA L 23 -63.29 -42.02 35.65
CA ALA L 23 -62.03 -42.75 35.40
C ALA L 23 -61.15 -41.88 34.50
N VAL L 24 -59.93 -41.59 34.98
CA VAL L 24 -58.98 -40.79 34.15
C VAL L 24 -57.97 -41.78 33.58
N SER L 25 -57.87 -41.85 32.26
CA SER L 25 -56.98 -42.86 31.62
C SER L 25 -55.94 -42.15 30.77
N GLY L 26 -54.67 -42.53 30.90
CA GLY L 26 -53.62 -41.97 30.02
C GLY L 26 -53.11 -40.61 30.44
N PHE L 27 -53.66 -40.05 31.52
CA PHE L 27 -53.13 -38.75 32.04
C PHE L 27 -53.40 -38.61 33.54
N THR L 28 -52.66 -37.72 34.20
CA THR L 28 -52.82 -37.52 35.67
C THR L 28 -54.07 -36.70 35.96
N VAL L 29 -54.50 -36.67 37.22
CA VAL L 29 -55.68 -35.85 37.63
C VAL L 29 -55.11 -34.53 38.16
N SER L 30 -53.89 -34.17 37.75
CA SER L 30 -53.20 -32.96 38.28
C SER L 30 -54.03 -31.70 38.03
N ARG L 31 -54.58 -31.52 36.83
CA ARG L 31 -55.48 -30.35 36.63
C ARG L 31 -56.81 -30.89 36.12
N MET L 32 -57.90 -30.60 36.82
CA MET L 32 -59.23 -31.14 36.43
C MET L 32 -60.31 -30.19 36.93
N SER L 33 -61.54 -30.34 36.43
CA SER L 33 -62.64 -29.45 36.85
C SER L 33 -63.96 -30.21 36.70
N TRP L 34 -65.04 -29.68 37.28
CA TRP L 34 -66.37 -30.31 37.06
C TRP L 34 -67.25 -29.33 36.28
N VAL L 35 -67.85 -29.79 35.18
CA VAL L 35 -68.68 -28.88 34.32
C VAL L 35 -70.06 -29.52 34.14
N ARG L 36 -71.12 -28.73 34.25
CA ARG L 36 -72.46 -29.35 34.16
C ARG L 36 -73.34 -28.61 33.15
N GLN L 37 -74.11 -29.34 32.34
CA GLN L 37 -75.06 -28.67 31.41
C GLN L 37 -76.46 -29.01 31.89
N ALA L 38 -77.24 -28.00 32.27
CA ALA L 38 -78.64 -28.32 32.63
C ALA L 38 -79.35 -28.78 31.37
N PRO L 39 -80.16 -29.86 31.39
CA PRO L 39 -80.78 -30.35 30.17
C PRO L 39 -81.68 -29.24 29.61
N GLY L 40 -81.63 -29.01 28.31
CA GLY L 40 -82.41 -27.92 27.68
C GLY L 40 -82.06 -26.57 28.27
N LYS L 41 -80.78 -26.36 28.60
CA LYS L 41 -80.33 -25.07 29.21
C LYS L 41 -78.84 -24.86 28.97
N GLY L 42 -78.36 -23.63 29.19
CA GLY L 42 -76.93 -23.32 29.03
C GLY L 42 -76.08 -23.98 30.11
N LEU L 43 -74.83 -24.30 29.79
CA LEU L 43 -73.95 -25.02 30.75
C LEU L 43 -73.58 -24.11 31.93
N GLU L 44 -73.25 -24.71 33.09
CA GLU L 44 -72.81 -23.93 34.29
C GLU L 44 -71.65 -24.66 34.97
N CYS L 45 -70.49 -24.01 35.11
CA CYS L 45 -69.32 -24.62 35.81
C CYS L 45 -69.64 -24.81 37.30
N VAL L 46 -69.21 -25.92 37.92
CA VAL L 46 -69.58 -26.17 39.34
C VAL L 46 -68.36 -26.34 40.26
N SER L 47 -67.22 -26.85 39.75
CA SER L 47 -66.07 -27.11 40.67
C SER L 47 -64.74 -27.16 39.92
N VAL L 48 -63.62 -27.05 40.64
CA VAL L 48 -62.29 -27.17 39.99
C VAL L 48 -61.28 -27.76 40.98
N ILE L 49 -60.25 -28.44 40.48
CA ILE L 49 -59.17 -29.01 41.36
C ILE L 49 -57.84 -28.57 40.75
N TYR L 50 -56.75 -28.58 41.53
CA TYR L 50 -55.47 -28.05 41.00
C TYR L 50 -54.30 -28.95 41.38
N THR L 51 -53.13 -28.66 40.79
CA THR L 51 -51.91 -29.45 41.11
C THR L 51 -51.60 -29.27 42.59
N GLY L 52 -51.81 -28.08 43.13
CA GLY L 52 -51.64 -27.85 44.58
C GLY L 52 -52.66 -28.64 45.37
N GLY L 53 -53.79 -28.98 44.75
CA GLY L 53 -54.87 -29.71 45.44
C GLY L 53 -55.90 -28.74 46.00
N ASN L 54 -55.75 -27.45 45.69
CA ASN L 54 -56.72 -26.43 46.15
C ASN L 54 -58.06 -26.76 45.50
N THR L 55 -59.16 -26.59 46.25
CA THR L 55 -60.49 -26.82 45.66
C THR L 55 -61.27 -25.50 45.68
N ASP L 56 -61.80 -25.09 44.53
CA ASP L 56 -62.68 -23.89 44.51
C ASP L 56 -64.08 -24.35 44.12
N TYR L 57 -65.07 -24.12 44.98
CA TYR L 57 -66.45 -24.58 44.68
C TYR L 57 -67.20 -23.49 43.91
N ALA L 58 -68.36 -23.84 43.34
CA ALA L 58 -69.10 -22.87 42.51
C ALA L 58 -69.48 -21.68 43.39
N ASP L 59 -69.46 -20.47 42.83
CA ASP L 59 -69.94 -19.31 43.62
C ASP L 59 -71.42 -19.52 43.94
N SER L 60 -72.20 -20.00 42.97
CA SER L 60 -73.67 -20.15 43.19
C SER L 60 -73.97 -21.19 44.28
N VAL L 61 -73.28 -22.32 44.26
CA VAL L 61 -73.52 -23.39 45.28
C VAL L 61 -72.19 -23.64 46.00
N LYS L 62 -72.16 -23.43 47.32
CA LYS L 62 -70.86 -23.55 48.04
C LYS L 62 -70.90 -24.65 49.09
N GLY L 63 -70.02 -25.65 48.98
CA GLY L 63 -69.91 -26.69 50.01
C GLY L 63 -70.90 -27.82 49.84
N ARG L 64 -71.90 -27.65 48.99
CA ARG L 64 -72.82 -28.77 48.70
C ARG L 64 -72.04 -29.85 47.96
N PHE L 65 -71.16 -29.43 47.04
CA PHE L 65 -70.36 -30.41 46.27
C PHE L 65 -68.94 -30.42 46.81
N THR L 66 -68.44 -31.60 47.19
CA THR L 66 -67.03 -31.68 47.64
C THR L 66 -66.25 -32.50 46.62
N ILE L 67 -65.26 -31.87 45.97
CA ILE L 67 -64.52 -32.61 44.90
C ILE L 67 -63.54 -33.55 45.58
N SER L 68 -63.45 -34.79 45.09
CA SER L 68 -62.43 -35.72 45.64
C SER L 68 -61.44 -36.07 44.53
N ARG L 69 -60.17 -35.74 44.72
CA ARG L 69 -59.15 -36.08 43.70
C ARG L 69 -58.44 -37.37 44.13
N ASP L 70 -58.82 -38.50 43.55
CA ASP L 70 -58.08 -39.75 43.86
C ASP L 70 -56.89 -39.81 42.92
N ASN L 71 -55.86 -39.00 43.18
CA ASN L 71 -54.66 -38.95 42.30
C ASN L 71 -53.97 -40.32 42.31
N SER L 72 -53.94 -40.98 43.46
CA SER L 72 -53.30 -42.31 43.57
C SER L 72 -54.04 -43.30 42.66
N LYS L 73 -55.37 -43.20 42.61
CA LYS L 73 -56.16 -44.18 41.80
C LYS L 73 -56.41 -43.59 40.41
N ASN L 74 -55.86 -42.41 40.12
CA ASN L 74 -56.07 -41.75 38.80
C ASN L 74 -57.57 -41.61 38.55
N THR L 75 -58.35 -41.24 39.57
CA THR L 75 -59.82 -41.15 39.44
C THR L 75 -60.32 -39.88 40.12
N LEU L 76 -61.55 -39.45 39.82
CA LEU L 76 -62.12 -38.22 40.44
C LEU L 76 -63.51 -38.55 40.99
N TYR L 77 -63.88 -37.95 42.13
CA TYR L 77 -65.20 -38.20 42.75
C TYR L 77 -65.87 -36.87 43.08
N LEU L 78 -67.20 -36.80 42.99
CA LEU L 78 -67.90 -35.55 43.39
C LEU L 78 -68.95 -35.87 44.46
N GLN L 79 -68.88 -35.19 45.61
CA GLN L 79 -69.90 -35.38 46.67
C GLN L 79 -71.13 -34.52 46.34
N MET L 80 -72.28 -34.87 46.91
CA MET L 80 -73.53 -34.08 46.67
C MET L 80 -74.15 -33.73 48.02
N ASN L 81 -74.69 -32.52 48.17
CA ASN L 81 -75.42 -32.15 49.42
C ASN L 81 -76.60 -31.23 49.05
N SER L 82 -77.64 -31.16 49.89
CA SER L 82 -78.75 -30.21 49.64
C SER L 82 -79.26 -30.35 48.20
N LEU L 83 -79.75 -31.53 47.81
CA LEU L 83 -80.17 -31.77 46.41
C LEU L 83 -81.24 -30.76 46.00
N ARG L 84 -81.13 -30.21 44.78
CA ARG L 84 -82.09 -29.19 44.27
C ARG L 84 -82.39 -29.47 42.79
N ALA L 85 -83.40 -28.81 42.24
CA ALA L 85 -83.70 -28.94 40.79
C ALA L 85 -82.48 -28.46 40.00
N GLU L 86 -81.80 -27.42 40.49
CA GLU L 86 -80.62 -26.84 39.80
C GLU L 86 -79.52 -27.90 39.69
N ASP L 87 -79.37 -28.74 40.71
CA ASP L 87 -78.26 -29.74 40.71
C ASP L 87 -78.38 -30.67 39.52
N THR L 88 -79.60 -31.06 39.13
CA THR L 88 -79.76 -32.05 38.04
C THR L 88 -79.08 -31.53 36.76
N ALA L 89 -78.25 -32.35 36.11
CA ALA L 89 -77.49 -31.90 34.92
C ALA L 89 -76.60 -33.01 34.36
N LEU L 90 -75.76 -32.69 33.36
CA LEU L 90 -74.80 -33.67 32.80
C LEU L 90 -73.41 -33.26 33.30
N TYR L 91 -72.68 -34.16 33.94
CA TYR L 91 -71.38 -33.75 34.53
C TYR L 91 -70.24 -34.32 33.69
N TYR L 92 -69.32 -33.47 33.24
CA TYR L 92 -68.24 -33.93 32.34
C TYR L 92 -66.89 -33.65 33.00
N CYS L 93 -66.03 -34.67 33.06
CA CYS L 93 -64.66 -34.47 33.60
C CYS L 93 -63.85 -33.73 32.54
N VAL L 94 -63.17 -32.65 32.91
CA VAL L 94 -62.45 -31.84 31.88
C VAL L 94 -61.00 -31.59 32.29
N ARG L 95 -60.06 -31.87 31.40
CA ARG L 95 -58.64 -31.55 31.68
C ARG L 95 -58.50 -30.04 31.74
N GLY L 96 -59.23 -29.32 30.90
CA GLY L 96 -59.13 -27.85 30.83
C GLY L 96 -58.40 -27.38 29.58
N SER L 97 -58.67 -26.17 29.10
CA SER L 97 -57.90 -25.63 27.94
C SER L 97 -56.65 -24.94 28.45
N GLY L 98 -55.45 -25.39 28.05
CA GLY L 98 -54.20 -24.85 28.64
C GLY L 98 -54.23 -25.01 30.15
N GLY L 99 -54.57 -26.20 30.65
CA GLY L 99 -54.84 -26.35 32.09
C GLY L 99 -56.22 -25.76 32.22
N ILE L 100 -56.68 -25.36 33.41
CA ILE L 100 -58.01 -24.68 33.35
C ILE L 100 -57.64 -23.24 32.99
N HIS L 101 -57.10 -23.02 31.79
CA HIS L 101 -56.64 -21.66 31.41
C HIS L 101 -57.88 -20.92 30.97
N ASP L 102 -58.78 -20.66 31.94
CA ASP L 102 -60.00 -19.88 31.66
C ASP L 102 -61.09 -20.78 31.06
N ALA L 103 -60.85 -22.10 30.91
CA ALA L 103 -61.85 -22.98 30.24
C ALA L 103 -61.55 -24.48 30.39
N PHE L 104 -62.05 -25.31 29.46
CA PHE L 104 -61.93 -26.80 29.56
C PHE L 104 -61.53 -27.34 28.19
N ASP L 105 -61.07 -28.59 28.06
CA ASP L 105 -60.58 -29.16 26.76
C ASP L 105 -61.12 -30.57 26.50
N ILE L 106 -60.54 -31.61 27.10
CA ILE L 106 -61.02 -32.97 26.85
C ILE L 106 -62.22 -33.19 27.75
N TRP L 107 -63.19 -33.91 27.25
CA TRP L 107 -64.37 -34.18 28.05
C TRP L 107 -64.56 -35.68 28.19
N GLY L 108 -65.38 -36.04 29.17
CA GLY L 108 -65.82 -37.41 29.31
C GLY L 108 -67.06 -37.62 28.47
N GLN L 109 -67.90 -38.54 28.92
CA GLN L 109 -69.15 -38.80 28.22
C GLN L 109 -70.32 -38.02 28.80
N GLY L 110 -70.28 -37.67 30.08
CA GLY L 110 -71.37 -36.94 30.69
C GLY L 110 -72.37 -37.81 31.40
N THR L 111 -72.48 -37.67 32.71
CA THR L 111 -73.38 -38.47 33.52
C THR L 111 -74.64 -37.68 33.83
N MET L 112 -75.79 -38.30 33.61
CA MET L 112 -77.09 -37.77 34.00
C MET L 112 -77.29 -37.90 35.50
N VAL L 113 -77.77 -36.82 36.11
CA VAL L 113 -78.27 -36.86 37.47
C VAL L 113 -79.61 -36.14 37.51
N THR L 114 -80.60 -36.79 38.11
CA THR L 114 -81.93 -36.22 38.26
C THR L 114 -82.42 -36.48 39.68
N VAL L 115 -83.10 -35.48 40.26
CA VAL L 115 -83.69 -35.62 41.58
C VAL L 115 -85.13 -36.07 41.38
N SER L 116 -85.65 -36.82 42.35
CA SER L 116 -87.03 -37.27 42.25
C SER L 116 -87.56 -37.60 43.63
N SER L 117 -88.58 -36.88 44.06
CA SER L 117 -89.22 -37.14 45.33
C SER L 117 -90.33 -38.18 45.19
N ASP M 1 -69.35 -13.73 38.23
CA ASP M 1 -70.72 -13.97 37.67
C ASP M 1 -71.04 -12.87 36.67
N ILE M 2 -70.13 -12.60 35.74
CA ILE M 2 -70.45 -11.59 34.68
C ILE M 2 -71.63 -12.17 33.88
N GLN M 3 -72.60 -11.33 33.56
CA GLN M 3 -73.81 -11.83 32.87
C GLN M 3 -73.53 -11.77 31.37
N MET M 4 -72.96 -12.84 30.81
CA MET M 4 -72.59 -12.84 29.37
C MET M 4 -73.86 -12.72 28.54
N THR M 5 -73.82 -11.92 27.49
CA THR M 5 -75.00 -11.77 26.60
C THR M 5 -74.59 -12.14 25.17
N GLN M 6 -75.38 -12.96 24.49
CA GLN M 6 -74.98 -13.46 23.15
C GLN M 6 -76.10 -13.18 22.13
N SER M 7 -75.75 -12.83 20.90
CA SER M 7 -76.74 -12.53 19.83
C SER M 7 -76.31 -13.20 18.52
N PRO M 8 -77.21 -13.46 17.55
CA PRO M 8 -78.65 -13.54 17.78
C PRO M 8 -79.08 -14.87 18.42
N SER M 9 -80.31 -14.93 18.94
CA SER M 9 -80.82 -16.16 19.59
C SER M 9 -80.84 -17.33 18.59
N SER M 10 -81.24 -17.07 17.34
CA SER M 10 -81.28 -18.12 16.30
C SER M 10 -80.57 -17.65 15.04
N VAL M 11 -79.88 -18.55 14.34
CA VAL M 11 -79.21 -18.17 13.05
C VAL M 11 -79.51 -19.23 11.99
N SER M 12 -79.72 -18.84 10.72
CA SER M 12 -79.90 -19.87 9.66
C SER M 12 -79.05 -19.50 8.45
N ALA M 13 -78.15 -20.40 8.01
CA ALA M 13 -77.25 -20.10 6.86
C ALA M 13 -77.02 -21.39 6.06
N SER M 14 -76.61 -21.25 4.79
CA SER M 14 -76.47 -22.46 3.92
C SER M 14 -75.00 -22.79 3.63
N VAL M 15 -74.53 -22.52 2.42
CA VAL M 15 -73.14 -22.92 2.02
C VAL M 15 -72.40 -21.73 1.39
N GLY M 16 -71.06 -21.75 1.41
CA GLY M 16 -70.25 -20.65 0.84
C GLY M 16 -70.57 -19.30 1.43
N ASP M 17 -70.68 -19.19 2.76
CA ASP M 17 -71.07 -17.91 3.41
C ASP M 17 -70.41 -17.75 4.78
N ARG M 18 -70.43 -16.54 5.34
CA ARG M 18 -69.85 -16.30 6.70
C ARG M 18 -71.01 -16.09 7.69
N VAL M 19 -71.02 -16.81 8.81
CA VAL M 19 -72.16 -16.74 9.77
C VAL M 19 -71.74 -15.92 10.99
N THR M 20 -72.37 -14.75 11.22
CA THR M 20 -71.92 -13.87 12.33
C THR M 20 -72.80 -14.05 13.57
N ILE M 21 -72.18 -14.23 14.74
CA ILE M 21 -72.97 -14.36 16.00
C ILE M 21 -72.14 -13.64 17.05
N THR M 22 -72.69 -12.61 17.69
CA THR M 22 -71.85 -11.78 18.58
C THR M 22 -72.18 -11.96 20.06
N CYS M 23 -71.16 -12.11 20.90
CA CYS M 23 -71.39 -12.16 22.36
C CYS M 23 -70.82 -10.88 22.97
N ARG M 24 -71.41 -10.39 24.07
CA ARG M 24 -70.95 -9.12 24.70
C ARG M 24 -70.67 -9.36 26.19
N ALA M 25 -69.72 -8.61 26.75
CA ALA M 25 -69.30 -8.85 28.16
C ALA M 25 -69.73 -7.73 29.09
N SER M 26 -70.26 -8.07 30.27
CA SER M 26 -70.67 -7.04 31.27
C SER M 26 -69.41 -6.25 31.66
N GLN M 27 -68.30 -6.94 31.87
CA GLN M 27 -67.02 -6.23 32.14
C GLN M 27 -66.09 -6.62 31.00
N GLY M 28 -65.45 -5.64 30.36
CA GLY M 28 -64.64 -6.01 29.19
C GLY M 28 -63.37 -6.73 29.61
N ILE M 29 -63.16 -7.93 29.08
CA ILE M 29 -61.88 -8.64 29.34
C ILE M 29 -60.90 -8.11 28.30
N SER M 30 -59.68 -7.77 28.70
CA SER M 30 -58.76 -7.10 27.74
C SER M 30 -58.44 -7.98 26.53
N THR M 31 -58.09 -9.25 26.74
CA THR M 31 -57.67 -10.08 25.58
C THR M 31 -58.12 -11.53 25.73
N TRP M 32 -59.11 -11.82 26.60
CA TRP M 32 -59.44 -13.25 26.86
C TRP M 32 -60.92 -13.57 26.67
N LEU M 33 -61.27 -14.56 25.83
CA LEU M 33 -62.68 -15.03 25.70
C LEU M 33 -62.69 -16.41 25.06
N ALA M 34 -63.69 -17.24 25.32
CA ALA M 34 -63.65 -18.63 24.79
C ALA M 34 -64.91 -18.96 24.01
N TRP M 35 -64.79 -19.75 22.93
CA TRP M 35 -65.98 -20.19 22.15
C TRP M 35 -66.01 -21.72 22.13
N TYR M 36 -67.20 -22.31 22.03
CA TYR M 36 -67.32 -23.79 22.09
C TYR M 36 -68.26 -24.29 21.00
N GLN M 37 -68.12 -25.56 20.59
CA GLN M 37 -69.06 -26.14 19.60
C GLN M 37 -69.81 -27.32 20.23
N GLN M 38 -71.13 -27.31 20.15
CA GLN M 38 -71.93 -28.43 20.70
C GLN M 38 -72.91 -28.93 19.63
N LYS M 39 -72.82 -30.21 19.26
CA LYS M 39 -73.73 -30.78 18.25
C LYS M 39 -74.78 -31.62 18.99
N PRO M 40 -75.98 -31.87 18.43
CA PRO M 40 -76.95 -32.72 19.10
C PRO M 40 -76.33 -34.11 19.33
N GLY M 41 -76.48 -34.65 20.54
CA GLY M 41 -75.90 -35.97 20.88
C GLY M 41 -74.40 -35.98 20.68
N LYS M 42 -73.71 -34.88 21.00
CA LYS M 42 -72.24 -34.78 20.79
C LYS M 42 -71.60 -34.13 22.01
N ALA M 43 -70.26 -34.11 22.06
CA ALA M 43 -69.53 -33.51 23.21
C ALA M 43 -68.99 -32.13 22.80
N PRO M 44 -69.10 -31.10 23.66
CA PRO M 44 -68.54 -29.79 23.33
C PRO M 44 -67.01 -29.85 23.17
N LYS M 45 -66.48 -29.09 22.21
CA LYS M 45 -65.01 -29.08 21.95
C LYS M 45 -64.53 -27.62 21.92
N VAL M 46 -63.29 -27.36 22.33
CA VAL M 46 -62.79 -25.95 22.42
C VAL M 46 -62.74 -25.32 21.03
N LEU M 47 -63.22 -24.09 20.89
CA LEU M 47 -63.09 -23.38 19.60
C LEU M 47 -62.14 -22.20 19.77
N ILE M 48 -62.26 -21.45 20.87
CA ILE M 48 -61.31 -20.34 21.15
C ILE M 48 -60.67 -20.56 22.53
N ASN M 49 -59.34 -20.53 22.62
CA ASN M 49 -58.64 -20.87 23.90
C ASN M 49 -58.57 -19.67 24.81
N ALA M 50 -59.72 -19.18 25.25
CA ALA M 50 -59.74 -17.98 26.11
C ALA M 50 -59.01 -16.87 25.37
N ALA M 51 -59.07 -16.89 24.02
CA ALA M 51 -58.45 -15.84 23.19
C ALA M 51 -56.95 -15.66 23.47
N SER M 52 -56.24 -16.72 23.84
CA SER M 52 -54.77 -16.58 23.96
C SER M 52 -54.30 -16.30 22.53
N GLY M 53 -54.92 -16.98 21.56
CA GLY M 53 -54.62 -16.78 20.13
C GLY M 53 -55.77 -17.39 19.36
N LEU M 54 -55.76 -17.40 18.03
CA LEU M 54 -56.84 -18.13 17.33
C LEU M 54 -56.72 -19.58 17.80
N GLN M 55 -57.84 -20.27 18.05
CA GLN M 55 -57.73 -21.63 18.67
C GLN M 55 -58.21 -22.76 17.75
N SER M 56 -57.77 -23.99 18.04
CA SER M 56 -58.12 -25.18 17.22
C SER M 56 -59.49 -25.73 17.59
N GLY M 57 -59.80 -26.95 17.18
CA GLY M 57 -61.16 -27.51 17.35
C GLY M 57 -61.92 -27.22 16.07
N VAL M 58 -61.30 -26.45 15.16
CA VAL M 58 -61.91 -26.11 13.84
C VAL M 58 -60.75 -25.83 12.88
N PRO M 59 -60.93 -25.85 11.55
CA PRO M 59 -59.87 -25.46 10.62
C PRO M 59 -59.58 -23.97 10.80
N SER M 60 -58.43 -23.50 10.32
CA SER M 60 -58.04 -22.08 10.55
C SER M 60 -59.11 -21.15 10.01
N ARG M 61 -59.84 -21.56 8.97
CA ARG M 61 -60.86 -20.68 8.34
C ARG M 61 -61.92 -20.27 9.37
N PHE M 62 -62.30 -21.18 10.28
CA PHE M 62 -63.40 -20.86 11.24
C PHE M 62 -62.86 -20.08 12.44
N SER M 63 -62.56 -18.80 12.25
CA SER M 63 -62.09 -17.96 13.39
C SER M 63 -62.87 -16.65 13.45
N GLY M 64 -63.49 -16.34 14.60
CA GLY M 64 -64.15 -15.03 14.78
C GLY M 64 -63.61 -14.38 16.04
N SER M 65 -63.14 -13.13 15.95
CA SER M 65 -62.48 -12.53 17.15
C SER M 65 -63.10 -11.19 17.53
N GLY M 66 -63.35 -10.96 18.82
CA GLY M 66 -63.88 -9.67 19.30
C GLY M 66 -63.07 -9.20 20.49
N SER M 67 -63.14 -7.91 20.84
CA SER M 67 -62.41 -7.46 22.06
C SER M 67 -63.29 -6.53 22.92
N GLY M 68 -63.00 -6.47 24.21
CA GLY M 68 -63.76 -5.60 25.13
C GLY M 68 -65.24 -5.93 25.14
N THR M 69 -66.11 -4.91 25.06
CA THR M 69 -67.57 -5.16 25.15
C THR M 69 -68.05 -5.99 23.95
N ASP M 70 -67.57 -5.71 22.74
CA ASP M 70 -68.12 -6.41 21.55
C ASP M 70 -67.24 -7.60 21.15
N PHE M 71 -67.76 -8.82 21.24
CA PHE M 71 -67.00 -10.03 20.80
C PHE M 71 -67.83 -10.73 19.72
N THR M 72 -67.20 -11.24 18.67
CA THR M 72 -68.06 -11.83 17.60
C THR M 72 -67.45 -13.10 17.04
N LEU M 73 -68.30 -13.98 16.49
CA LEU M 73 -67.79 -15.22 15.87
C LEU M 73 -68.32 -15.32 14.44
N THR M 74 -67.44 -15.58 13.48
CA THR M 74 -67.89 -15.80 12.09
C THR M 74 -67.02 -16.89 11.46
N ILE M 75 -67.57 -17.68 10.54
CA ILE M 75 -66.81 -18.80 9.93
C ILE M 75 -66.63 -18.50 8.45
N SER M 76 -65.44 -18.74 7.89
CA SER M 76 -65.15 -18.38 6.48
C SER M 76 -66.02 -19.16 5.48
N SER M 77 -65.76 -18.99 4.19
CA SER M 77 -66.60 -19.62 3.13
C SER M 77 -66.47 -21.14 3.13
N LEU M 78 -65.49 -21.68 3.85
CA LEU M 78 -65.25 -23.15 3.82
C LEU M 78 -66.56 -23.85 4.20
N GLN M 79 -66.84 -24.99 3.58
CA GLN M 79 -68.17 -25.62 3.79
C GLN M 79 -68.43 -25.78 5.29
N PRO M 80 -69.59 -25.35 5.80
CA PRO M 80 -69.88 -25.40 7.23
C PRO M 80 -70.11 -26.81 7.76
N GLU M 81 -69.71 -27.06 9.01
CA GLU M 81 -70.01 -28.36 9.65
C GLU M 81 -71.51 -28.31 9.94
N ASP M 82 -72.14 -29.44 10.30
CA ASP M 82 -73.61 -29.37 10.48
C ASP M 82 -73.83 -28.19 11.43
N PHE M 83 -74.76 -27.29 11.08
CA PHE M 83 -74.89 -26.06 11.90
C PHE M 83 -75.09 -26.48 13.35
N ALA M 84 -74.30 -25.90 14.26
CA ALA M 84 -74.35 -26.35 15.66
C ALA M 84 -74.52 -25.18 16.62
N THR M 85 -75.21 -25.41 17.74
CA THR M 85 -75.35 -24.36 18.78
C THR M 85 -73.96 -24.01 19.28
N TYR M 86 -73.64 -22.71 19.38
CA TYR M 86 -72.28 -22.30 19.78
C TYR M 86 -72.36 -21.48 21.07
N TYR M 87 -71.45 -21.74 22.02
CA TYR M 87 -71.53 -21.07 23.35
C TYR M 87 -70.27 -20.24 23.58
N CYS M 88 -70.33 -19.32 24.53
CA CYS M 88 -69.18 -18.42 24.78
C CYS M 88 -68.76 -18.51 26.26
N GLN M 89 -67.52 -18.93 26.54
CA GLN M 89 -67.12 -19.14 27.95
C GLN M 89 -66.37 -17.92 28.49
N GLN M 90 -66.73 -17.44 29.68
CA GLN M 90 -66.04 -16.28 30.30
C GLN M 90 -64.57 -16.65 30.44
N ALA M 91 -63.66 -15.67 30.46
CA ALA M 91 -62.25 -16.10 30.48
C ALA M 91 -61.42 -15.42 31.57
N HIS M 92 -62.03 -14.77 32.55
CA HIS M 92 -61.16 -14.05 33.53
C HIS M 92 -61.51 -14.33 35.00
N SER M 93 -62.77 -14.25 35.38
CA SER M 93 -63.10 -14.35 36.83
C SER M 93 -63.92 -15.60 37.15
N PHE M 94 -63.51 -16.35 38.17
CA PHE M 94 -64.32 -17.51 38.60
C PHE M 94 -65.67 -16.97 39.08
N PRO M 95 -66.81 -17.60 38.70
CA PRO M 95 -66.82 -18.79 37.87
C PRO M 95 -66.72 -18.51 36.36
N PRO M 96 -65.89 -19.26 35.59
CA PRO M 96 -65.86 -19.09 34.14
C PRO M 96 -67.31 -19.43 33.79
N THR M 97 -67.96 -18.64 32.94
CA THR M 97 -69.40 -18.88 32.71
C THR M 97 -69.70 -19.15 31.24
N PHE M 98 -70.83 -19.77 30.94
CA PHE M 98 -71.18 -20.13 29.55
C PHE M 98 -72.21 -19.13 29.00
N GLY M 99 -71.99 -18.64 27.78
CA GLY M 99 -72.94 -17.72 27.14
C GLY M 99 -74.22 -18.45 26.79
N PRO M 100 -75.38 -17.77 26.64
CA PRO M 100 -76.65 -18.47 26.42
C PRO M 100 -76.54 -19.35 25.18
N GLY M 101 -75.86 -18.86 24.14
CA GLY M 101 -75.65 -19.68 22.94
C GLY M 101 -76.62 -19.35 21.82
N THR M 102 -76.24 -19.65 20.58
CA THR M 102 -77.13 -19.38 19.42
C THR M 102 -77.51 -20.72 18.78
N LYS M 103 -78.81 -21.01 18.67
CA LYS M 103 -79.25 -22.26 17.97
C LYS M 103 -78.96 -22.11 16.47
N LEU M 104 -78.53 -23.19 15.81
CA LEU M 104 -78.15 -23.09 14.38
C LEU M 104 -78.88 -24.15 13.55
N GLU M 105 -79.36 -23.78 12.36
CA GLU M 105 -79.97 -24.76 11.46
C GLU M 105 -79.62 -24.43 10.01
N ILE M 106 -80.26 -25.16 9.09
CA ILE M 106 -79.99 -25.09 7.65
C ILE M 106 -81.31 -24.88 6.92
N LYS M 107 -81.28 -24.06 5.87
CA LYS M 107 -82.44 -23.89 5.01
C LYS M 107 -81.99 -23.69 3.56
N GLN N 1 -14.91 -64.84 20.93
CA GLN N 1 -14.76 -64.09 22.20
C GLN N 1 -16.16 -63.66 22.68
N VAL N 2 -16.78 -62.72 21.98
CA VAL N 2 -18.17 -62.29 22.34
C VAL N 2 -19.07 -63.52 22.14
N GLN N 3 -19.92 -63.83 23.12
CA GLN N 3 -20.86 -64.96 22.95
C GLN N 3 -22.03 -64.78 23.89
N LEU N 4 -23.15 -65.42 23.60
CA LEU N 4 -24.29 -65.40 24.53
C LEU N 4 -24.80 -66.84 24.58
N VAL N 5 -23.97 -67.76 25.08
CA VAL N 5 -24.36 -69.20 25.05
C VAL N 5 -25.59 -69.40 25.95
N GLU N 6 -26.42 -70.37 25.61
CA GLU N 6 -27.68 -70.56 26.37
C GLU N 6 -27.75 -71.98 26.90
N SER N 7 -28.63 -72.22 27.88
CA SER N 7 -28.76 -73.56 28.51
C SER N 7 -30.22 -73.73 28.95
N GLY N 8 -30.53 -74.84 29.60
CA GLY N 8 -31.90 -75.06 30.09
C GLY N 8 -32.83 -75.50 28.98
N GLY N 9 -32.30 -76.08 27.91
CA GLY N 9 -33.16 -76.59 26.82
C GLY N 9 -33.61 -78.02 27.07
N GLY N 10 -34.90 -78.21 27.33
CA GLY N 10 -35.45 -79.57 27.55
C GLY N 10 -36.94 -79.63 27.27
N VAL N 11 -37.48 -80.83 27.06
CA VAL N 11 -38.94 -81.00 26.86
C VAL N 11 -39.67 -80.69 28.18
N VAL N 12 -40.76 -79.93 28.13
CA VAL N 12 -41.55 -79.59 29.35
C VAL N 12 -43.02 -79.88 29.08
N GLN N 13 -43.73 -80.47 30.04
CA GLN N 13 -45.19 -80.72 29.89
C GLN N 13 -45.94 -79.38 29.95
N PRO N 14 -47.12 -79.18 29.30
CA PRO N 14 -47.88 -77.93 29.44
C PRO N 14 -48.33 -77.62 30.87
N GLY N 15 -48.27 -76.35 31.27
CA GLY N 15 -48.67 -75.95 32.64
C GLY N 15 -47.52 -76.16 33.61
N ARG N 16 -46.36 -76.58 33.11
CA ARG N 16 -45.17 -76.80 33.97
C ARG N 16 -44.13 -75.74 33.60
N SER N 17 -43.39 -75.22 34.59
CA SER N 17 -42.46 -74.10 34.30
C SER N 17 -41.01 -74.54 34.37
N LEU N 18 -40.21 -74.19 33.36
CA LEU N 18 -38.74 -74.47 33.43
C LEU N 18 -38.00 -73.15 33.32
N ARG N 19 -37.12 -72.85 34.27
CA ARG N 19 -36.31 -71.62 34.14
C ARG N 19 -35.36 -71.82 32.95
N LEU N 20 -35.23 -70.81 32.09
CA LEU N 20 -34.26 -70.91 30.98
C LEU N 20 -33.11 -69.98 31.33
N SER N 21 -31.89 -70.51 31.41
CA SER N 21 -30.78 -69.65 31.85
C SER N 21 -30.01 -69.22 30.61
N CYS N 22 -29.97 -67.92 30.34
CA CYS N 22 -29.18 -67.43 29.19
C CYS N 22 -27.88 -66.85 29.74
N ALA N 23 -26.80 -67.62 29.66
CA ALA N 23 -25.53 -67.17 30.27
C ALA N 23 -24.91 -66.11 29.38
N SER N 24 -23.93 -65.37 29.90
CA SER N 24 -23.22 -64.38 29.08
C SER N 24 -21.72 -64.55 29.21
N SER N 25 -20.99 -64.20 28.16
CA SER N 25 -19.51 -64.27 28.23
C SER N 25 -18.92 -63.10 27.46
N GLY N 26 -17.76 -62.61 27.87
CA GLY N 26 -17.07 -61.54 27.10
C GLY N 26 -17.93 -60.31 26.87
N PHE N 27 -18.74 -59.91 27.86
CA PHE N 27 -19.52 -58.65 27.71
C PHE N 27 -19.73 -57.99 29.06
N THR N 28 -19.96 -56.67 29.09
CA THR N 28 -20.30 -56.02 30.37
C THR N 28 -21.80 -56.22 30.47
N PHE N 29 -22.24 -57.21 31.25
CA PHE N 29 -23.69 -57.54 31.24
C PHE N 29 -24.53 -56.34 31.67
N SER N 30 -24.07 -55.54 32.65
CA SER N 30 -24.94 -54.46 33.18
C SER N 30 -25.39 -53.45 32.12
N THR N 31 -24.47 -52.91 31.33
CA THR N 31 -24.89 -51.85 30.38
C THR N 31 -25.79 -52.43 29.29
N TYR N 32 -25.47 -53.61 28.76
CA TYR N 32 -26.25 -54.16 27.61
C TYR N 32 -27.63 -54.61 28.08
N HIS N 33 -28.66 -54.28 27.31
CA HIS N 33 -30.03 -54.76 27.62
C HIS N 33 -30.15 -56.19 27.10
N MET N 34 -31.07 -57.00 27.62
CA MET N 34 -31.27 -58.36 27.05
C MET N 34 -32.77 -58.58 26.81
N HIS N 35 -33.17 -59.20 25.69
CA HIS N 35 -34.60 -59.55 25.46
C HIS N 35 -34.76 -60.92 24.80
N TRP N 36 -35.96 -61.50 24.82
CA TRP N 36 -36.13 -62.89 24.32
C TRP N 36 -36.98 -62.99 23.05
N VAL N 37 -36.44 -63.61 22.00
CA VAL N 37 -37.16 -63.74 20.68
C VAL N 37 -37.34 -65.23 20.36
N ARG N 38 -38.56 -65.68 20.08
CA ARG N 38 -38.82 -67.13 19.89
C ARG N 38 -39.28 -67.45 18.48
N GLN N 39 -38.75 -68.52 17.88
CA GLN N 39 -39.12 -68.92 16.50
C GLN N 39 -39.83 -70.26 16.54
N PRO N 40 -41.16 -70.32 16.36
CA PRO N 40 -41.87 -71.58 16.43
C PRO N 40 -41.43 -72.38 15.22
N PRO N 41 -41.45 -73.73 15.24
CA PRO N 41 -40.94 -74.50 14.12
C PRO N 41 -41.74 -74.15 12.85
N GLY N 42 -41.05 -73.96 11.72
CA GLY N 42 -41.71 -73.57 10.47
C GLY N 42 -42.46 -72.25 10.58
N LYS N 43 -41.88 -71.27 11.26
CA LYS N 43 -42.51 -69.93 11.33
C LYS N 43 -41.44 -68.85 11.24
N GLY N 44 -41.66 -67.74 11.91
CA GLY N 44 -40.72 -66.60 11.84
C GLY N 44 -40.41 -66.05 13.21
N LEU N 45 -39.39 -65.21 13.33
CA LEU N 45 -38.99 -64.71 14.66
C LEU N 45 -40.17 -63.96 15.29
N GLU N 46 -40.41 -64.14 16.60
CA GLU N 46 -41.49 -63.43 17.34
C GLU N 46 -40.83 -62.81 18.59
N TRP N 47 -41.50 -61.92 19.32
CA TRP N 47 -40.82 -61.26 20.47
C TRP N 47 -41.59 -61.50 21.78
N VAL N 48 -40.88 -61.51 22.93
CA VAL N 48 -41.52 -61.78 24.26
C VAL N 48 -41.27 -60.64 25.25
N ALA N 49 -40.15 -60.60 25.99
CA ALA N 49 -39.99 -59.58 27.05
C ALA N 49 -38.60 -58.93 27.09
N PHE N 50 -38.47 -57.76 27.74
CA PHE N 50 -37.19 -57.00 27.74
C PHE N 50 -36.76 -56.58 29.15
N ILE N 51 -35.45 -56.61 29.45
CA ILE N 51 -34.91 -56.12 30.76
C ILE N 51 -33.86 -55.05 30.48
N SER N 52 -33.92 -53.90 31.14
CA SER N 52 -33.01 -52.77 30.80
C SER N 52 -31.62 -52.94 31.40
N TYR N 53 -30.86 -51.85 31.43
CA TYR N 53 -29.48 -51.90 31.99
C TYR N 53 -29.52 -52.05 33.51
N ASP N 54 -30.38 -51.29 34.18
CA ASP N 54 -30.45 -51.31 35.67
C ASP N 54 -31.17 -52.59 36.12
N GLY N 55 -32.00 -53.17 35.26
CA GLY N 55 -32.76 -54.36 35.68
C GLY N 55 -34.05 -53.86 36.27
N SER N 56 -34.24 -52.53 36.18
CA SER N 56 -35.46 -51.91 36.75
C SER N 56 -36.58 -51.78 35.70
N ASN N 57 -36.28 -51.95 34.41
CA ASN N 57 -37.34 -51.74 33.38
C ASN N 57 -37.73 -53.08 32.76
N TYR N 58 -39.01 -53.46 32.86
CA TYR N 58 -39.51 -54.70 32.22
C TYR N 58 -40.73 -54.39 31.35
N TYR N 59 -40.71 -54.74 30.06
CA TYR N 59 -41.91 -54.56 29.20
C TYR N 59 -42.22 -55.91 28.56
N TYR N 60 -43.49 -56.25 28.33
CA TYR N 60 -43.84 -57.63 27.85
C TYR N 60 -44.62 -57.58 26.54
N SER N 61 -44.53 -58.64 25.72
CA SER N 61 -45.32 -58.73 24.46
C SER N 61 -46.78 -58.99 24.77
N ASP N 62 -47.69 -58.50 23.93
CA ASP N 62 -49.14 -58.65 24.17
C ASP N 62 -49.56 -60.13 24.13
N SER N 63 -48.95 -60.93 23.25
CA SER N 63 -49.43 -62.33 23.06
C SER N 63 -49.37 -63.12 24.37
N VAL N 64 -48.28 -63.01 25.12
CA VAL N 64 -48.25 -63.68 26.45
C VAL N 64 -48.06 -62.58 27.49
N LYS N 65 -48.98 -62.44 28.44
CA LYS N 65 -48.88 -61.30 29.40
C LYS N 65 -48.82 -61.81 30.83
N GLY N 66 -47.77 -61.45 31.57
CA GLY N 66 -47.69 -61.82 32.99
C GLY N 66 -47.43 -63.31 33.14
N ARG N 67 -47.08 -63.99 32.05
CA ARG N 67 -46.89 -65.45 32.09
C ARG N 67 -45.38 -65.77 32.21
N PHE N 68 -44.53 -64.75 32.28
CA PHE N 68 -43.07 -65.00 32.32
C PHE N 68 -42.37 -63.91 33.14
N THR N 69 -41.28 -64.28 33.79
CA THR N 69 -40.57 -63.32 34.64
C THR N 69 -39.14 -63.27 34.12
N ILE N 70 -38.74 -62.09 33.66
CA ILE N 70 -37.39 -61.99 33.07
C ILE N 70 -36.56 -61.22 34.09
N SER N 71 -35.43 -61.78 34.54
CA SER N 71 -34.61 -61.14 35.60
C SER N 71 -33.11 -61.19 35.26
N ARG N 72 -32.39 -60.08 35.44
CA ARG N 72 -30.97 -60.02 35.04
C ARG N 72 -30.09 -59.89 36.29
N ASP N 73 -29.44 -60.96 36.71
CA ASP N 73 -28.47 -60.82 37.83
C ASP N 73 -27.11 -60.51 37.23
N ASN N 74 -26.61 -59.29 37.38
CA ASN N 74 -25.33 -58.90 36.74
C ASN N 74 -24.20 -59.74 37.32
N SER N 75 -24.21 -59.97 38.63
CA SER N 75 -23.12 -60.75 39.28
C SER N 75 -23.15 -62.17 38.73
N LYS N 76 -24.34 -62.75 38.59
CA LYS N 76 -24.46 -64.10 37.99
C LYS N 76 -24.07 -64.02 36.51
N ASN N 77 -24.29 -62.88 35.86
CA ASN N 77 -24.00 -62.70 34.40
C ASN N 77 -25.05 -63.46 33.62
N THR N 78 -26.17 -63.82 34.25
CA THR N 78 -27.17 -64.68 33.56
C THR N 78 -28.56 -64.04 33.55
N VAL N 79 -29.16 -63.85 32.37
CA VAL N 79 -30.57 -63.37 32.32
C VAL N 79 -31.43 -64.62 32.41
N TYR N 80 -32.42 -64.62 33.30
CA TYR N 80 -33.21 -65.86 33.50
C TYR N 80 -34.65 -65.63 33.06
N LEU N 81 -35.17 -66.50 32.22
CA LEU N 81 -36.61 -66.36 31.88
C LEU N 81 -37.32 -67.63 32.33
N GLN N 82 -38.40 -67.52 33.10
CA GLN N 82 -39.18 -68.72 33.46
C GLN N 82 -40.65 -68.47 33.08
N MET N 83 -41.28 -69.42 32.43
CA MET N 83 -42.68 -69.19 31.96
C MET N 83 -43.60 -69.98 32.89
N ASN N 84 -44.53 -69.32 33.56
CA ASN N 84 -45.36 -70.03 34.56
C ASN N 84 -46.15 -71.15 33.89
N SER N 85 -46.77 -70.86 32.75
CA SER N 85 -47.50 -71.93 32.01
C SER N 85 -47.04 -71.92 30.55
N LEU N 86 -46.65 -73.09 30.04
CA LEU N 86 -46.15 -73.15 28.64
C LEU N 86 -47.26 -73.72 27.76
N ARG N 87 -47.71 -72.95 26.77
CA ARG N 87 -48.76 -73.44 25.84
C ARG N 87 -48.16 -74.44 24.86
N ALA N 88 -49.00 -75.31 24.28
CA ALA N 88 -48.52 -76.29 23.28
C ALA N 88 -47.95 -75.51 22.10
N GLU N 89 -48.53 -74.35 21.79
CA GLU N 89 -48.07 -73.51 20.65
C GLU N 89 -46.60 -73.11 20.86
N ASP N 90 -46.19 -72.84 22.11
CA ASP N 90 -44.82 -72.33 22.34
C ASP N 90 -43.81 -73.49 22.37
N THR N 91 -43.58 -74.14 21.23
CA THR N 91 -42.61 -75.28 21.15
C THR N 91 -41.37 -74.74 20.47
N ALA N 92 -41.18 -73.43 20.50
CA ALA N 92 -40.09 -72.77 19.73
C ALA N 92 -38.69 -72.99 20.28
N LEU N 93 -37.69 -72.64 19.48
CA LEU N 93 -36.31 -72.66 19.98
C LEU N 93 -36.06 -71.28 20.55
N TYR N 94 -36.05 -71.10 21.87
CA TYR N 94 -35.96 -69.74 22.44
C TYR N 94 -34.60 -69.12 22.15
N TYR N 95 -34.58 -67.85 21.77
CA TYR N 95 -33.31 -67.19 21.38
C TYR N 95 -33.07 -66.00 22.30
N CYS N 96 -31.82 -65.72 22.68
CA CYS N 96 -31.52 -64.63 23.63
C CYS N 96 -30.85 -63.50 22.87
N ALA N 97 -31.24 -62.25 23.10
CA ALA N 97 -30.69 -61.18 22.26
C ALA N 97 -30.05 -60.07 23.07
N ARG N 98 -28.95 -59.51 22.57
CA ARG N 98 -28.24 -58.43 23.30
C ARG N 98 -28.49 -57.11 22.60
N ASP N 99 -29.18 -56.16 23.25
CA ASP N 99 -29.56 -54.92 22.54
C ASP N 99 -29.00 -53.67 23.22
N SER N 100 -27.97 -53.04 22.67
CA SER N 100 -27.48 -51.74 23.21
C SER N 100 -28.17 -50.64 22.39
N SER N 101 -29.41 -50.26 22.73
CA SER N 101 -30.12 -49.33 21.83
C SER N 101 -30.71 -48.07 22.43
N GLY N 102 -30.06 -47.48 23.43
CA GLY N 102 -30.53 -46.18 23.92
C GLY N 102 -29.38 -45.33 24.39
N TRP N 103 -28.16 -45.67 23.99
CA TRP N 103 -27.02 -44.98 24.63
C TRP N 103 -26.16 -44.17 23.66
N HIS N 104 -26.67 -43.69 22.55
CA HIS N 104 -25.80 -42.82 21.71
C HIS N 104 -24.60 -43.65 21.31
N TRP N 105 -24.78 -44.96 21.30
CA TRP N 105 -23.55 -45.76 21.06
C TRP N 105 -23.86 -47.04 20.32
N GLY N 106 -25.08 -47.54 20.46
CA GLY N 106 -25.26 -48.91 19.95
C GLY N 106 -26.43 -49.21 19.04
N VAL N 107 -26.46 -50.44 18.52
CA VAL N 107 -27.50 -50.85 17.53
C VAL N 107 -28.19 -52.12 18.02
N PRO N 108 -29.40 -52.44 17.56
CA PRO N 108 -30.17 -53.57 18.09
C PRO N 108 -29.83 -55.03 17.77
N PHE N 109 -30.08 -55.95 18.71
CA PHE N 109 -29.91 -57.39 18.43
C PHE N 109 -28.55 -57.68 17.80
N ASP N 110 -27.47 -57.14 18.34
CA ASP N 110 -26.13 -57.28 17.70
C ASP N 110 -25.57 -58.70 17.61
N TYR N 111 -25.69 -59.55 18.64
CA TYR N 111 -25.01 -60.88 18.53
C TYR N 111 -25.98 -62.06 18.37
N TRP N 112 -26.98 -62.21 19.24
CA TRP N 112 -27.92 -63.37 19.22
C TRP N 112 -27.30 -64.59 19.89
N GLY N 113 -28.01 -65.71 19.98
CA GLY N 113 -27.49 -66.86 20.74
C GLY N 113 -27.69 -68.18 20.00
N GLN N 114 -26.94 -69.22 20.36
CA GLN N 114 -27.05 -70.52 19.69
C GLN N 114 -28.48 -71.05 19.87
N GLY N 115 -29.05 -70.88 21.07
CA GLY N 115 -30.46 -71.25 21.29
C GLY N 115 -30.68 -72.57 22.00
N THR N 116 -31.83 -72.72 22.65
CA THR N 116 -32.17 -73.98 23.38
C THR N 116 -33.45 -74.57 22.81
N LEU N 117 -33.42 -75.84 22.42
CA LEU N 117 -34.61 -76.45 21.76
C LEU N 117 -35.68 -76.77 22.79
N VAL N 118 -36.36 -75.75 23.30
CA VAL N 118 -37.47 -75.98 24.20
C VAL N 118 -38.47 -76.87 23.51
N THR N 119 -39.26 -77.60 24.28
CA THR N 119 -40.26 -78.45 23.70
C THR N 119 -41.46 -78.58 24.63
N VAL N 120 -42.64 -78.55 24.04
CA VAL N 120 -43.88 -78.86 24.75
C VAL N 120 -44.41 -80.17 24.19
N SER N 121 -44.75 -81.09 25.08
CA SER N 121 -45.16 -82.44 24.68
C SER N 121 -46.33 -82.89 25.53
N SER N 122 -47.03 -83.91 25.06
CA SER N 122 -48.15 -84.47 25.78
C SER N 122 -48.26 -85.98 25.56
N ILE O 2 -46.16 -51.40 14.58
CA ILE O 2 -46.58 -52.66 15.26
C ILE O 2 -46.97 -53.70 14.19
N VAL O 3 -47.28 -53.26 12.97
CA VAL O 3 -47.54 -54.25 11.88
C VAL O 3 -46.55 -54.00 10.75
N LEU O 4 -45.76 -55.01 10.38
CA LEU O 4 -44.79 -54.89 9.25
C LEU O 4 -45.12 -55.99 8.24
N THR O 5 -45.25 -55.67 6.96
CA THR O 5 -45.49 -56.71 5.93
C THR O 5 -44.38 -56.69 4.87
N GLN O 6 -43.73 -57.83 4.61
CA GLN O 6 -42.66 -57.92 3.59
C GLN O 6 -43.27 -58.52 2.33
N SER O 7 -43.35 -57.75 1.22
CA SER O 7 -44.08 -58.21 0.00
C SER O 7 -43.47 -59.40 -0.76
N PRO O 8 -42.15 -59.48 -1.03
CA PRO O 8 -41.61 -60.56 -1.88
C PRO O 8 -41.34 -61.86 -1.11
N SER O 9 -42.38 -62.68 -0.89
CA SER O 9 -42.19 -63.88 -0.04
C SER O 9 -41.16 -64.83 -0.64
N SER O 10 -41.21 -65.09 -1.94
CA SER O 10 -40.16 -65.94 -2.55
C SER O 10 -39.55 -65.26 -3.77
N LEU O 11 -38.22 -65.13 -3.81
CA LEU O 11 -37.55 -64.58 -5.01
C LEU O 11 -36.43 -65.56 -5.38
N SER O 12 -36.35 -65.99 -6.64
CA SER O 12 -35.21 -66.87 -7.04
C SER O 12 -34.28 -66.06 -7.94
N ALA O 13 -33.02 -65.93 -7.54
CA ALA O 13 -32.08 -65.09 -8.32
C ALA O 13 -30.80 -65.85 -8.62
N SER O 14 -30.35 -65.85 -9.88
CA SER O 14 -29.06 -66.49 -10.23
C SER O 14 -27.92 -65.56 -9.82
N VAL O 15 -26.68 -66.06 -9.84
CA VAL O 15 -25.54 -65.23 -9.37
C VAL O 15 -25.51 -63.91 -10.13
N GLN O 16 -25.24 -62.79 -9.44
CA GLN O 16 -25.08 -61.44 -10.07
C GLN O 16 -26.43 -60.77 -10.31
N ASP O 17 -27.53 -61.45 -10.01
CA ASP O 17 -28.85 -60.79 -10.13
C ASP O 17 -28.96 -59.78 -9.00
N ARG O 18 -29.66 -58.66 -9.21
CA ARG O 18 -29.89 -57.70 -8.11
C ARG O 18 -31.30 -57.98 -7.58
N VAL O 19 -31.42 -58.29 -6.29
CA VAL O 19 -32.75 -58.63 -5.71
C VAL O 19 -33.15 -57.52 -4.75
N THR O 20 -34.37 -56.98 -4.89
CA THR O 20 -34.84 -55.88 -4.01
C THR O 20 -35.97 -56.41 -3.12
N ILE O 21 -35.89 -56.19 -1.82
CA ILE O 21 -36.90 -56.74 -0.86
C ILE O 21 -37.55 -55.57 -0.13
N THR O 22 -38.88 -55.54 -0.01
CA THR O 22 -39.55 -54.36 0.59
C THR O 22 -40.44 -54.70 1.79
N CYS O 23 -40.32 -53.98 2.91
CA CYS O 23 -41.27 -54.16 4.04
C CYS O 23 -41.73 -52.77 4.50
N ARG O 24 -43.04 -52.59 4.71
CA ARG O 24 -43.59 -51.25 5.05
C ARG O 24 -44.33 -51.31 6.39
N ALA O 25 -44.44 -50.18 7.09
CA ALA O 25 -45.00 -50.22 8.46
C ALA O 25 -46.33 -49.45 8.57
N SER O 26 -47.22 -49.92 9.44
CA SER O 26 -48.56 -49.28 9.61
C SER O 26 -48.40 -47.84 10.08
N GLN O 27 -47.45 -47.56 10.97
CA GLN O 27 -47.23 -46.19 11.51
C GLN O 27 -45.77 -45.82 11.22
N VAL O 28 -45.45 -44.52 11.20
CA VAL O 28 -44.07 -44.11 10.83
C VAL O 28 -43.12 -44.70 11.88
N ILE O 29 -42.01 -45.29 11.45
CA ILE O 29 -41.00 -45.81 12.41
C ILE O 29 -39.77 -44.89 12.42
N SER O 30 -39.80 -43.82 11.63
CA SER O 30 -38.70 -42.81 11.71
C SER O 30 -37.30 -43.40 11.67
N ASN O 31 -36.96 -44.16 10.63
CA ASN O 31 -35.58 -44.67 10.46
C ASN O 31 -35.21 -45.62 11.60
N TYR O 32 -36.16 -46.43 12.07
CA TYR O 32 -35.82 -47.43 13.11
C TYR O 32 -36.27 -48.82 12.66
N LEU O 33 -35.57 -49.42 11.67
CA LEU O 33 -35.94 -50.76 11.16
C LEU O 33 -34.68 -51.62 11.01
N ALA O 34 -34.80 -52.94 11.15
CA ALA O 34 -33.63 -53.83 11.10
C ALA O 34 -33.90 -55.03 10.21
N TRP O 35 -32.92 -55.48 9.43
CA TRP O 35 -33.13 -56.61 8.48
C TRP O 35 -32.17 -57.75 8.82
N PHE O 36 -32.62 -58.99 8.89
CA PHE O 36 -31.73 -60.07 9.35
C PHE O 36 -31.72 -61.20 8.36
N GLN O 37 -30.73 -62.09 8.38
CA GLN O 37 -30.65 -63.15 7.35
C GLN O 37 -30.52 -64.54 7.96
N GLN O 38 -31.62 -65.13 8.40
CA GLN O 38 -31.45 -66.41 9.12
C GLN O 38 -31.10 -67.50 8.14
N LYS O 39 -29.86 -67.95 8.13
CA LYS O 39 -29.53 -69.09 7.23
C LYS O 39 -30.22 -70.31 7.82
N PRO O 40 -30.69 -71.28 7.02
CA PRO O 40 -31.39 -72.39 7.59
C PRO O 40 -30.40 -73.10 8.52
N GLY O 41 -30.84 -73.53 9.70
CA GLY O 41 -29.96 -74.31 10.59
C GLY O 41 -29.02 -73.50 11.46
N LYS O 42 -29.19 -72.19 11.52
CA LYS O 42 -28.36 -71.35 12.42
C LYS O 42 -29.25 -70.21 12.92
N ALA O 43 -28.79 -69.48 13.91
CA ALA O 43 -29.56 -68.32 14.41
C ALA O 43 -29.33 -67.13 13.49
N PRO O 44 -30.21 -66.13 13.49
CA PRO O 44 -30.07 -65.00 12.60
C PRO O 44 -28.85 -64.12 12.89
N LYS O 45 -28.49 -63.23 11.98
CA LYS O 45 -27.44 -62.23 12.19
C LYS O 45 -28.06 -60.90 11.77
N LEU O 46 -27.78 -59.78 12.41
CA LEU O 46 -28.50 -58.54 12.01
C LEU O 46 -27.75 -57.97 10.83
N LEU O 47 -28.43 -57.63 9.72
CA LEU O 47 -27.76 -57.14 8.49
C LEU O 47 -27.85 -55.64 8.37
N ILE O 48 -28.98 -55.03 8.72
CA ILE O 48 -28.96 -53.54 8.67
C ILE O 48 -29.69 -52.97 9.90
N TYR O 49 -29.19 -51.88 10.49
CA TYR O 49 -29.84 -51.25 11.67
C TYR O 49 -30.10 -49.79 11.38
N ALA O 50 -31.29 -49.26 11.73
CA ALA O 50 -31.70 -47.86 11.47
C ALA O 50 -32.03 -47.65 9.99
N ALA O 51 -32.26 -48.74 9.28
CA ALA O 51 -32.68 -48.69 7.86
C ALA O 51 -31.59 -48.32 6.88
N SER O 52 -30.53 -47.64 7.29
CA SER O 52 -29.60 -47.14 6.25
C SER O 52 -28.15 -47.49 6.58
N ASN O 53 -27.90 -48.05 7.75
CA ASN O 53 -26.48 -48.26 8.13
C ASN O 53 -26.14 -49.74 8.17
N LEU O 54 -25.05 -50.13 7.50
CA LEU O 54 -24.57 -51.53 7.59
C LEU O 54 -24.03 -51.69 9.01
N GLN O 55 -24.01 -52.90 9.57
CA GLN O 55 -23.64 -53.03 11.00
C GLN O 55 -22.16 -53.30 11.22
N SER O 56 -21.82 -54.51 11.64
CA SER O 56 -20.41 -54.84 11.99
C SER O 56 -19.54 -54.68 10.75
N GLY O 57 -20.18 -54.68 9.58
CA GLY O 57 -19.44 -54.50 8.32
C GLY O 57 -19.11 -55.84 7.71
N VAL O 58 -19.49 -56.93 8.39
CA VAL O 58 -19.27 -58.23 7.72
C VAL O 58 -20.09 -58.23 6.41
N PRO O 59 -21.36 -57.80 6.38
CA PRO O 59 -22.08 -57.65 5.10
C PRO O 59 -21.54 -56.41 4.39
N SER O 60 -21.20 -56.52 3.10
CA SER O 60 -20.57 -55.37 2.39
C SER O 60 -21.41 -54.86 1.22
N ARG O 61 -22.13 -55.73 0.53
CA ARG O 61 -22.89 -55.32 -0.68
C ARG O 61 -24.38 -55.19 -0.37
N PHE O 62 -24.82 -55.49 0.86
CA PHE O 62 -26.27 -55.49 1.16
C PHE O 62 -26.74 -54.07 1.48
N ARG O 63 -26.74 -53.20 0.48
CA ARG O 63 -27.22 -51.81 0.71
C ARG O 63 -28.74 -51.83 0.91
N GLY O 64 -29.23 -51.01 1.83
CA GLY O 64 -30.68 -50.90 2.03
C GLY O 64 -30.99 -49.46 2.35
N SER O 65 -32.21 -49.01 2.07
CA SER O 65 -32.46 -47.56 2.28
C SER O 65 -33.93 -47.27 2.51
N GLY O 66 -34.25 -46.06 2.97
CA GLY O 66 -35.64 -45.65 3.14
C GLY O 66 -35.83 -44.87 4.43
N SER O 67 -36.94 -44.14 4.54
CA SER O 67 -37.26 -43.44 5.82
C SER O 67 -38.78 -43.50 5.99
N GLY O 68 -39.27 -43.45 7.22
CA GLY O 68 -40.72 -43.58 7.44
C GLY O 68 -41.27 -44.89 6.94
N THR O 69 -42.35 -44.88 6.15
CA THR O 69 -43.04 -46.14 5.78
C THR O 69 -42.24 -47.09 4.88
N ASP O 70 -41.56 -46.63 3.85
CA ASP O 70 -40.95 -47.60 2.89
C ASP O 70 -39.45 -47.83 3.10
N PHE O 71 -39.07 -49.07 3.41
CA PHE O 71 -37.64 -49.42 3.52
C PHE O 71 -37.41 -50.66 2.65
N THR O 72 -36.42 -50.61 1.77
CA THR O 72 -36.15 -51.74 0.84
C THR O 72 -34.67 -52.11 0.91
N LEU O 73 -34.36 -53.40 0.86
CA LEU O 73 -32.97 -53.90 0.97
C LEU O 73 -32.56 -54.44 -0.40
N THR O 74 -31.77 -53.68 -1.16
CA THR O 74 -31.44 -54.15 -2.52
C THR O 74 -30.08 -54.84 -2.50
N ILE O 75 -30.05 -56.16 -2.60
CA ILE O 75 -28.76 -56.88 -2.68
C ILE O 75 -28.16 -56.59 -4.05
N SER O 76 -26.84 -56.47 -4.16
CA SER O 76 -26.19 -56.10 -5.44
C SER O 76 -25.81 -57.36 -6.24
N SER O 77 -24.51 -57.67 -6.29
CA SER O 77 -24.04 -58.89 -6.99
C SER O 77 -24.22 -60.08 -6.05
N LEU O 78 -25.43 -60.62 -5.96
CA LEU O 78 -25.71 -61.72 -4.99
C LEU O 78 -24.80 -62.91 -5.30
N GLN O 79 -24.18 -63.47 -4.28
CA GLN O 79 -23.36 -64.70 -4.48
C GLN O 79 -24.23 -65.88 -4.06
N PRO O 80 -24.00 -67.15 -4.48
CA PRO O 80 -24.92 -68.23 -4.11
C PRO O 80 -25.01 -68.42 -2.59
N GLU O 81 -23.90 -68.17 -1.88
CA GLU O 81 -23.86 -68.38 -0.41
C GLU O 81 -24.86 -67.45 0.27
N ASP O 82 -25.01 -66.23 -0.23
CA ASP O 82 -25.89 -65.27 0.47
C ASP O 82 -27.33 -65.58 0.08
N PHE O 83 -27.78 -66.82 0.28
CA PHE O 83 -29.19 -67.18 0.02
C PHE O 83 -29.78 -67.67 1.34
N ALA O 84 -30.76 -66.94 1.89
CA ALA O 84 -31.32 -67.29 3.21
C ALA O 84 -32.44 -66.32 3.53
N THR O 85 -33.42 -66.75 4.33
CA THR O 85 -34.61 -65.91 4.55
C THR O 85 -34.20 -64.55 5.10
N TYR O 86 -34.84 -63.46 4.66
CA TYR O 86 -34.55 -62.11 5.21
C TYR O 86 -35.74 -61.60 6.02
N TYR O 87 -35.53 -61.20 7.27
CA TYR O 87 -36.65 -60.78 8.16
C TYR O 87 -36.45 -59.34 8.62
N CYS O 88 -37.52 -58.59 8.87
CA CYS O 88 -37.41 -57.15 9.27
C CYS O 88 -38.20 -56.86 10.56
N GLN O 89 -37.66 -56.02 11.47
CA GLN O 89 -38.35 -55.65 12.74
C GLN O 89 -38.08 -54.19 13.12
N GLN O 90 -39.03 -53.51 13.77
CA GLN O 90 -38.76 -52.13 14.27
C GLN O 90 -37.80 -52.27 15.45
N TYR O 91 -36.90 -51.32 15.71
CA TYR O 91 -35.98 -51.56 16.86
C TYR O 91 -36.19 -50.56 18.00
N ASN O 92 -37.11 -49.59 17.89
CA ASN O 92 -37.24 -48.55 18.96
C ASN O 92 -38.60 -48.53 19.62
N ILE O 93 -39.67 -48.82 18.90
CA ILE O 93 -40.97 -48.89 19.63
C ILE O 93 -40.89 -50.21 20.38
N TYR O 94 -41.09 -50.25 21.70
CA TYR O 94 -40.84 -51.51 22.46
C TYR O 94 -41.78 -52.70 22.23
N PRO O 95 -43.04 -52.60 21.75
CA PRO O 95 -43.79 -53.80 21.43
C PRO O 95 -43.23 -54.17 20.05
N LEU O 96 -42.00 -54.69 20.00
CA LEU O 96 -41.31 -54.97 18.71
C LEU O 96 -42.02 -56.10 17.97
N THR O 97 -41.99 -56.08 16.64
CA THR O 97 -42.59 -57.17 15.83
C THR O 97 -41.68 -57.47 14.64
N PHE O 98 -41.82 -58.65 14.03
CA PHE O 98 -40.98 -59.03 12.86
C PHE O 98 -41.88 -59.43 11.69
N GLY O 99 -41.45 -59.15 10.45
CA GLY O 99 -42.23 -59.49 9.25
C GLY O 99 -42.15 -60.95 8.88
N GLY O 100 -43.01 -61.42 7.95
CA GLY O 100 -43.05 -62.86 7.57
C GLY O 100 -41.76 -63.38 6.98
N GLY O 101 -41.07 -62.61 6.14
CA GLY O 101 -39.76 -63.04 5.62
C GLY O 101 -39.72 -63.26 4.12
N THR O 102 -38.55 -63.08 3.52
CA THR O 102 -38.36 -63.27 2.04
C THR O 102 -37.23 -64.27 1.81
N LYS O 103 -37.47 -65.31 1.02
CA LYS O 103 -36.42 -66.34 0.84
C LYS O 103 -35.77 -66.12 -0.53
N VAL O 104 -34.49 -65.78 -0.55
CA VAL O 104 -33.76 -65.66 -1.85
C VAL O 104 -33.26 -67.05 -2.22
N ASP O 105 -34.14 -67.85 -2.81
CA ASP O 105 -33.79 -69.26 -3.17
C ASP O 105 -33.02 -69.27 -4.51
N ILE O 106 -32.46 -70.41 -4.89
CA ILE O 106 -31.82 -70.54 -6.19
C ILE O 106 -32.89 -70.90 -7.22
N LYS O 107 -32.67 -70.50 -8.46
CA LYS O 107 -33.61 -70.79 -9.54
C LYS O 107 -33.95 -72.26 -9.67
C1 NAG P . -20.27 -43.23 26.30
C2 NAG P . -20.12 -44.68 25.88
C3 NAG P . -18.75 -45.00 25.33
C4 NAG P . -18.41 -43.99 24.27
C5 NAG P . -18.45 -42.61 24.89
C6 NAG P . -18.01 -41.54 23.91
C7 NAG P . -21.54 -45.95 27.40
C8 NAG P . -21.60 -46.70 28.69
N2 NAG P . -20.33 -45.54 27.03
O3 NAG P . -18.73 -46.30 24.75
O4 NAG P . -17.10 -44.27 23.78
O5 NAG P . -19.79 -42.34 25.29
O6 NAG P . -18.87 -41.58 22.77
O7 NAG P . -22.52 -45.72 26.73
C1 NAG Q . -20.70 42.19 24.18
C2 NAG Q . -20.53 42.56 25.66
C3 NAG Q . -19.11 42.38 26.14
C4 NAG Q . -18.64 40.99 25.77
C5 NAG Q . -18.73 40.86 24.27
C6 NAG Q . -18.17 39.53 23.79
C7 NAG Q . -22.12 44.35 26.08
C8 NAG Q . -22.34 45.83 26.11
N2 NAG Q . -20.88 43.95 25.85
O3 NAG Q . -19.05 42.51 27.57
O4 NAG Q . -17.29 40.84 26.20
O5 NAG Q . -20.10 40.94 23.89
O6 NAG Q . -18.90 38.46 24.42
O7 NAG Q . -23.03 43.56 26.24
C1 NAG R . -22.82 1.66 -48.88
C2 NAG R . -22.63 2.71 -49.97
C3 NAG R . -21.18 3.14 -50.12
C4 NAG R . -20.64 3.52 -48.76
C5 NAG R . -20.78 2.32 -47.85
C6 NAG R . -20.16 2.59 -46.49
C7 NAG R . -24.31 2.23 -51.66
C8 NAG R . -24.61 1.49 -52.92
N2 NAG R . -23.05 2.17 -51.25
O3 NAG R . -21.07 4.27 -50.99
O4 NAG R . -19.28 3.89 -48.91
O5 NAG R . -22.17 2.05 -47.67
O6 NAG R . -20.80 3.73 -45.90
O7 NAG R . -25.15 2.84 -51.04
#